data_6PW4
#
_entry.id   6PW4
#
_cell.length_a   1.00
_cell.length_b   1.00
_cell.length_c   1.00
_cell.angle_alpha   90.00
_cell.angle_beta   90.00
_cell.angle_gamma   90.00
#
_symmetry.space_group_name_H-M   'P 1'
#
loop_
_entity.id
_entity.type
_entity.pdbx_description
1 polymer 'TRP-like ion channel'
2 non-polymer '[(2R)-2-octanoyloxy-3-[oxidanyl-[(1R,2R,3S,4R,5R,6S)-2,3,6-tris(oxidanyl)-4,5-diphosphonooxy-cyclohexyl]oxy-phosphoryl]oxy-propyl] octanoate'
3 non-polymer 1,2-DIOLEOYL-SN-GLYCERO-3-PHOSPHOCHOLINE
4 non-polymer 1-PALMITOYL-2-LINOLEOYL-SN-GLYCERO-3-PHOSPHOCHOLINE
5 non-polymer '(2S)-3-{[(R)-hydroxy{[(1R,2R,3S,4R,5R,6S)-2,3,6-trihydroxy-4,5-bis(phosphonooxy)cyclohexyl]oxy}phosphoryl]oxy}propane-1,2-diyl dihexadecanoate'
#
_entity_poly.entity_id   1
_entity_poly.type   'polypeptide(L)'
_entity_poly.pdbx_seq_one_letter_code
;MKVAPAPASGQPGGGSKKPSDYGCQLHYKHARVVEPESTTDDGMKRLKDVGDKGTLITAAELGLVDKYRDLKRAGQDILT
CDWPYHYSSILYACYGNQYKILQMVEREFVGSTQELTAMHTTRCWVGKNSAMVAAYQGHLETMLYIIDLDMQGKFTEDLF
KQRDVMGKNAMMWAASQGHTDTIEVLLVRSLYRLLPEDCADPLVLKTRWKLVSLLADLASHCRDYDPGCSRSFFQEVLAS
IKYDPVEGARQEEAAAAGGGGSAREGAALHEPTWGVDDGEEEERRHGVKHSDLVGKSAASTTAAAAAGGKTASGKPGEPG
GGGAVKLKDVHITVRTLQGVIVSAYRAGMNCMGVIMYCQSLLQQARYFDDLVAQLTAWEVKLLDTCRNKQEVQAILAPTE
DDPSEPVGYALATFDKAFLSHKFVQQIFTEKWDTMGVTDYTKSLFGVVWGGCSLVVAFAAWATICPLVVVARSFLSPVQD
FMMRGKVIVDSRFPWHVPLYRWLLTQCALITFTVLLSYLVFSFDPSDPVPASVAPLNTFLAVWCAAILVDEVQEYVEEGR
AEYMSSGWNVMDVTMALSYILHYILRIIAVRVTDNLNILLVVNDLLAAAALMAWFRMVSVFELSSAIGPLIQMMKQMLIK
DVTRFALLVLVILLGFSVGMEALFQEACIERDPTTNECTKYTSWGYDWQKDGLVGGMTFLQYIALGNANPVDFEQKRVTG
VIFYLIFAIVTAILLLNLFIAMLADTYTRVSTQAMVEFRYRKAKLMASYSRRDFVCPPFNLLHLVCAAVGNGLRRLVWGP
DGFTPVSMRKNETVPLFSWYFPQGEEMRQVVVLQRRVVDDFLNSNRVALFREKLNAELPNLVHEMLKQKGKGDGGALAGG
GAAASTTVLATAVSVTAAAGH
;
_entity_poly.pdbx_strand_id   A,B,C,D
#
loop_
_chem_comp.id
_chem_comp.type
_chem_comp.name
_chem_comp.formula
CPL non-polymer 1-PALMITOYL-2-LINOLEOYL-SN-GLYCERO-3-PHOSPHOCHOLINE 'C42 H80 N O8 P'
PCW non-polymer 1,2-DIOLEOYL-SN-GLYCERO-3-PHOSPHOCHOLINE 'C44 H85 N O8 P 1'
PIK non-polymer '(2S)-3-{[(R)-hydroxy{[(1R,2R,3S,4R,5R,6S)-2,3,6-trihydroxy-4,5-bis(phosphonooxy)cyclohexyl]oxy}phosphoryl]oxy}propane-1,2-diyl dihexadecanoate' 'C41 H81 O19 P3'
PIO non-polymer '[(2R)-2-octanoyloxy-3-[oxidanyl-[(1R,2R,3S,4R,5R,6S)-2,3,6-tris(oxidanyl)-4,5-diphosphonooxy-cyclohexyl]oxy-phosphoryl]oxy-propyl] octanoate' 'C25 H49 O19 P3'
#
# COMPACT_ATOMS: atom_id res chain seq x y z
N LYS A 17 -14.06 -52.67 -1.13
CA LYS A 17 -14.30 -51.39 -0.49
C LYS A 17 -13.01 -50.86 0.13
N LYS A 18 -12.40 -49.88 -0.54
CA LYS A 18 -11.24 -49.19 -0.01
C LYS A 18 -11.58 -47.71 0.02
N PRO A 19 -11.12 -46.95 1.02
CA PRO A 19 -11.44 -45.51 1.07
C PRO A 19 -10.79 -44.76 -0.08
N SER A 20 -11.43 -43.66 -0.46
CA SER A 20 -11.05 -42.92 -1.64
C SER A 20 -9.81 -42.07 -1.39
N ASP A 21 -9.44 -41.29 -2.41
CA ASP A 21 -8.38 -40.31 -2.26
C ASP A 21 -8.75 -39.26 -1.23
N TYR A 22 -10.03 -38.91 -1.15
CA TYR A 22 -10.56 -38.00 -0.14
C TYR A 22 -10.80 -38.68 1.20
N GLY A 23 -11.17 -39.96 1.19
CA GLY A 23 -11.48 -40.69 2.39
C GLY A 23 -10.31 -40.84 3.34
N CYS A 24 -9.20 -41.43 2.88
CA CYS A 24 -8.06 -41.64 3.77
C CYS A 24 -7.09 -40.46 3.74
N GLN A 25 -7.66 -39.25 3.79
CA GLN A 25 -6.88 -38.04 3.94
C GLN A 25 -7.54 -37.16 5.00
N LEU A 26 -8.86 -37.25 5.08
CA LEU A 26 -9.66 -36.28 5.82
C LEU A 26 -10.43 -36.91 6.96
N HIS A 27 -10.80 -38.18 6.83
CA HIS A 27 -11.66 -38.86 7.78
C HIS A 27 -10.97 -39.03 9.13
N TYR A 28 -11.77 -39.38 10.13
CA TYR A 28 -11.30 -39.46 11.50
C TYR A 28 -10.37 -40.66 11.65
N LYS A 29 -9.16 -40.40 12.18
CA LYS A 29 -8.07 -41.37 12.08
C LYS A 29 -8.27 -42.55 13.02
N HIS A 30 -8.35 -42.28 14.32
CA HIS A 30 -8.46 -43.34 15.31
C HIS A 30 -9.81 -44.02 15.24
N ALA A 31 -9.84 -45.30 15.63
CA ALA A 31 -11.04 -46.12 15.54
C ALA A 31 -11.73 -46.08 16.91
N ARG A 32 -12.75 -45.24 17.01
CA ARG A 32 -13.50 -45.09 18.25
C ARG A 32 -14.45 -46.27 18.44
N VAL A 33 -15.12 -46.27 19.60
CA VAL A 33 -16.14 -47.27 19.89
C VAL A 33 -17.21 -46.65 20.78
N LYS A 53 -24.43 -39.94 48.00
CA LYS A 53 -24.25 -38.68 48.72
C LYS A 53 -25.61 -38.04 48.99
N GLY A 54 -25.69 -36.73 48.80
CA GLY A 54 -26.92 -36.02 49.06
C GLY A 54 -26.71 -34.55 49.37
N THR A 55 -27.26 -34.11 50.51
CA THR A 55 -27.03 -32.81 51.19
C THR A 55 -27.24 -31.58 50.28
N LEU A 56 -28.02 -31.79 49.22
CA LEU A 56 -28.43 -30.79 48.23
C LEU A 56 -27.25 -30.13 47.52
N ILE A 57 -26.08 -30.75 47.58
CA ILE A 57 -24.86 -30.24 46.97
C ILE A 57 -24.57 -31.03 45.70
N THR A 58 -24.55 -32.36 45.82
CA THR A 58 -24.43 -33.20 44.65
C THR A 58 -25.81 -33.67 44.18
N ALA A 59 -26.86 -33.26 44.89
CA ALA A 59 -28.21 -33.55 44.43
C ALA A 59 -28.61 -32.61 43.30
N ALA A 60 -28.19 -31.35 43.39
CA ALA A 60 -28.54 -30.38 42.36
C ALA A 60 -27.50 -30.38 41.24
N GLU A 61 -26.25 -30.69 41.58
CA GLU A 61 -25.19 -30.72 40.58
C GLU A 61 -25.38 -31.85 39.59
N LEU A 62 -25.96 -32.97 40.03
CA LEU A 62 -26.18 -34.10 39.14
C LEU A 62 -27.44 -33.89 38.31
N GLY A 63 -28.55 -33.56 38.96
CA GLY A 63 -29.78 -33.20 38.28
C GLY A 63 -31.00 -34.00 38.69
N LEU A 64 -30.93 -34.77 39.77
CA LEU A 64 -32.09 -35.50 40.23
C LEU A 64 -33.09 -34.54 40.86
N VAL A 65 -34.28 -34.45 40.27
CA VAL A 65 -35.31 -33.54 40.78
C VAL A 65 -36.02 -34.14 41.98
N ASP A 66 -36.27 -35.43 41.95
CA ASP A 66 -37.01 -36.08 43.03
C ASP A 66 -36.17 -36.18 44.30
N LYS A 67 -34.85 -36.34 44.13
CA LYS A 67 -33.98 -36.50 45.28
C LYS A 67 -33.80 -35.19 46.03
N TYR A 68 -33.89 -34.07 45.30
CA TYR A 68 -33.74 -32.76 45.92
C TYR A 68 -34.95 -32.42 46.77
N ARG A 69 -36.13 -32.92 46.38
CA ARG A 69 -37.35 -32.61 47.12
C ARG A 69 -37.45 -33.44 48.39
N ASP A 70 -37.00 -34.69 48.34
CA ASP A 70 -37.13 -35.58 49.49
C ASP A 70 -36.17 -35.20 50.61
N LEU A 71 -34.97 -34.73 50.25
CA LEU A 71 -34.02 -34.30 51.27
C LEU A 71 -34.42 -32.97 51.87
N LYS A 72 -35.17 -32.17 51.12
CA LYS A 72 -35.67 -30.89 51.64
C LYS A 72 -36.82 -31.11 52.62
N ARG A 73 -37.66 -32.10 52.35
CA ARG A 73 -38.83 -32.36 53.19
C ARG A 73 -38.43 -32.93 54.55
N ALA A 74 -37.31 -33.65 54.62
CA ALA A 74 -36.76 -34.07 55.91
C ALA A 74 -36.24 -32.86 56.67
N GLY A 75 -35.34 -32.12 56.07
CA GLY A 75 -34.91 -30.83 56.57
C GLY A 75 -33.44 -30.59 56.28
N GLN A 76 -33.16 -29.45 55.64
CA GLN A 76 -31.84 -29.12 55.12
C GLN A 76 -31.70 -27.62 55.02
N ASP A 77 -30.61 -27.14 54.40
CA ASP A 77 -30.44 -25.73 54.12
C ASP A 77 -30.33 -25.54 52.62
N ILE A 78 -31.16 -24.65 52.07
CA ILE A 78 -31.17 -24.41 50.64
C ILE A 78 -30.04 -23.49 50.19
N LEU A 79 -29.36 -22.85 51.14
CA LEU A 79 -28.16 -22.07 50.90
C LEU A 79 -26.95 -22.71 51.57
N THR A 80 -26.80 -24.02 51.40
CA THR A 80 -25.66 -24.72 51.98
C THR A 80 -24.36 -24.29 51.29
N CYS A 81 -23.39 -23.89 52.10
CA CYS A 81 -22.17 -23.29 51.61
C CYS A 81 -21.01 -24.25 51.76
N ASP A 82 -20.41 -24.61 50.63
CA ASP A 82 -19.16 -25.37 50.64
C ASP A 82 -18.00 -24.41 50.83
N TRP A 83 -16.95 -24.89 51.51
CA TRP A 83 -15.88 -23.98 51.92
C TRP A 83 -15.04 -23.43 50.77
N PRO A 84 -14.28 -24.25 50.00
CA PRO A 84 -13.17 -23.66 49.22
C PRO A 84 -13.63 -22.81 48.05
N TYR A 85 -14.87 -23.00 47.61
CA TYR A 85 -15.55 -22.07 46.73
C TYR A 85 -16.96 -21.92 47.25
N HIS A 86 -17.35 -20.69 47.60
CA HIS A 86 -18.63 -20.44 48.26
C HIS A 86 -19.73 -20.63 47.22
N TYR A 87 -20.16 -21.88 47.07
CA TYR A 87 -21.21 -22.23 46.12
C TYR A 87 -22.44 -22.72 46.88
N SER A 88 -23.54 -22.00 46.75
CA SER A 88 -24.78 -22.40 47.39
C SER A 88 -25.41 -23.58 46.65
N SER A 89 -26.49 -24.11 47.23
CA SER A 89 -27.18 -25.22 46.60
C SER A 89 -28.01 -24.76 45.41
N ILE A 90 -28.56 -23.54 45.49
CA ILE A 90 -29.28 -22.97 44.35
C ILE A 90 -28.32 -22.73 43.20
N LEU A 91 -27.11 -22.26 43.52
CA LEU A 91 -26.15 -21.83 42.52
C LEU A 91 -25.50 -23.01 41.81
N TYR A 92 -25.56 -24.21 42.38
CA TYR A 92 -25.11 -25.41 41.68
C TYR A 92 -26.01 -25.76 40.50
N ALA A 93 -27.32 -25.56 40.67
CA ALA A 93 -28.26 -25.90 39.60
C ALA A 93 -28.11 -24.97 38.40
N CYS A 94 -27.67 -23.73 38.62
CA CYS A 94 -27.35 -22.84 37.50
C CYS A 94 -26.02 -23.22 36.86
N TYR A 95 -25.19 -23.98 37.57
CA TYR A 95 -23.85 -24.29 37.07
C TYR A 95 -23.89 -25.48 36.13
N GLY A 96 -24.65 -26.51 36.46
CA GLY A 96 -24.63 -27.72 35.66
C GLY A 96 -25.74 -27.82 34.66
N ASN A 97 -26.35 -26.68 34.32
CA ASN A 97 -27.45 -26.48 33.37
C ASN A 97 -28.74 -27.19 33.77
N GLN A 98 -28.86 -27.69 34.99
CA GLN A 98 -30.13 -28.24 35.45
C GLN A 98 -30.93 -27.09 36.06
N TYR A 99 -31.55 -26.30 35.19
CA TYR A 99 -32.51 -25.29 35.59
C TYR A 99 -33.75 -25.91 36.25
N LYS A 100 -34.02 -27.20 36.00
CA LYS A 100 -35.23 -27.86 36.47
C LYS A 100 -35.34 -27.90 37.98
N ILE A 101 -34.20 -27.84 38.68
CA ILE A 101 -34.24 -27.64 40.13
C ILE A 101 -34.81 -26.25 40.45
N LEU A 102 -34.34 -25.23 39.74
CA LEU A 102 -34.72 -23.85 40.00
C LEU A 102 -36.17 -23.54 39.68
N GLN A 103 -36.82 -24.36 38.86
CA GLN A 103 -38.27 -24.29 38.75
C GLN A 103 -38.95 -25.07 39.87
N MET A 104 -38.34 -26.17 40.32
CA MET A 104 -38.92 -26.97 41.38
C MET A 104 -38.79 -26.26 42.72
N VAL A 105 -37.78 -25.40 42.87
CA VAL A 105 -37.66 -24.54 44.04
C VAL A 105 -38.84 -23.55 44.11
N GLU A 106 -39.37 -23.15 42.96
CA GLU A 106 -40.42 -22.14 42.91
C GLU A 106 -41.78 -22.67 43.36
N ARG A 107 -41.94 -23.99 43.55
CA ARG A 107 -43.27 -24.52 43.78
C ARG A 107 -43.78 -24.26 45.21
N GLU A 108 -42.95 -24.50 46.24
CA GLU A 108 -43.40 -24.32 47.61
C GLU A 108 -42.30 -23.76 48.50
N PHE A 109 -41.13 -23.48 47.96
CA PHE A 109 -39.96 -23.17 48.76
C PHE A 109 -39.57 -21.70 48.67
N VAL A 110 -40.30 -20.91 47.90
CA VAL A 110 -40.11 -19.47 47.81
C VAL A 110 -41.43 -18.80 48.18
N GLY A 111 -41.36 -17.83 49.08
CA GLY A 111 -42.54 -17.12 49.53
C GLY A 111 -42.71 -15.81 48.82
N SER A 112 -42.29 -14.72 49.46
CA SER A 112 -42.32 -13.42 48.82
C SER A 112 -41.28 -13.36 47.70
N THR A 113 -41.50 -12.43 46.76
CA THR A 113 -40.59 -12.26 45.65
C THR A 113 -39.27 -11.62 46.05
N GLN A 114 -39.14 -11.12 47.27
CA GLN A 114 -37.87 -10.68 47.83
C GLN A 114 -37.04 -11.85 48.30
N GLU A 115 -37.67 -12.96 48.69
CA GLU A 115 -36.94 -14.13 49.18
C GLU A 115 -36.18 -14.82 48.05
N LEU A 116 -36.71 -14.78 46.83
CA LEU A 116 -36.04 -15.42 45.69
C LEU A 116 -34.74 -14.70 45.34
N THR A 117 -34.74 -13.37 45.43
CA THR A 117 -33.54 -12.60 45.14
C THR A 117 -32.47 -12.80 46.20
N ALA A 118 -32.86 -13.14 47.43
CA ALA A 118 -31.88 -13.52 48.43
C ALA A 118 -31.28 -14.89 48.13
N MET A 119 -31.98 -15.71 47.34
CA MET A 119 -31.54 -17.06 47.02
C MET A 119 -30.89 -17.16 45.65
N HIS A 120 -31.12 -16.19 44.76
CA HIS A 120 -30.41 -16.23 43.50
C HIS A 120 -29.16 -15.35 43.49
N THR A 121 -29.14 -14.28 44.29
CA THR A 121 -28.00 -13.37 44.34
C THR A 121 -27.18 -13.55 45.60
N THR A 122 -27.01 -14.81 46.06
CA THR A 122 -26.46 -15.06 47.39
C THR A 122 -25.03 -14.55 47.55
N ARG A 123 -24.06 -15.22 46.93
CA ARG A 123 -22.73 -14.78 46.49
C ARG A 123 -22.01 -15.97 45.90
N CYS A 124 -20.82 -15.71 45.38
CA CYS A 124 -19.82 -16.73 45.14
C CYS A 124 -18.56 -16.29 45.87
N TRP A 125 -17.50 -17.10 45.77
CA TRP A 125 -16.25 -16.68 46.39
C TRP A 125 -15.49 -15.73 45.48
N VAL A 126 -15.79 -15.75 44.18
CA VAL A 126 -15.18 -14.78 43.28
C VAL A 126 -16.16 -13.63 43.01
N GLY A 127 -17.41 -13.78 43.40
CA GLY A 127 -18.34 -12.67 43.38
C GLY A 127 -19.59 -12.86 42.55
N LYS A 128 -19.80 -14.06 42.02
CA LYS A 128 -20.88 -14.30 41.09
C LYS A 128 -22.24 -14.36 41.80
N ASN A 129 -23.28 -14.32 40.98
CA ASN A 129 -24.64 -14.66 41.35
C ASN A 129 -25.12 -15.72 40.38
N SER A 130 -26.43 -15.97 40.37
CA SER A 130 -26.96 -17.05 39.54
C SER A 130 -26.86 -16.79 38.05
N ALA A 131 -26.99 -15.54 37.61
CA ALA A 131 -26.87 -15.24 36.20
C ALA A 131 -25.44 -14.98 35.77
N MET A 132 -24.49 -14.98 36.70
CA MET A 132 -23.11 -14.94 36.29
C MET A 132 -22.55 -16.35 36.12
N VAL A 133 -22.94 -17.27 36.99
CA VAL A 133 -22.43 -18.64 36.91
C VAL A 133 -23.07 -19.36 35.73
N ALA A 134 -24.28 -18.98 35.35
CA ALA A 134 -24.91 -19.60 34.20
C ALA A 134 -24.43 -19.01 32.89
N ALA A 135 -23.78 -17.84 32.92
CA ALA A 135 -23.11 -17.28 31.76
C ALA A 135 -21.60 -17.39 31.86
N TYR A 136 -21.09 -17.84 33.01
CA TYR A 136 -19.70 -18.23 33.17
C TYR A 136 -19.29 -19.25 32.12
N GLN A 137 -20.10 -20.28 31.94
CA GLN A 137 -20.01 -21.17 30.81
C GLN A 137 -21.37 -21.17 30.11
N GLY A 138 -21.35 -21.45 28.81
CA GLY A 138 -22.53 -21.30 27.99
C GLY A 138 -23.66 -22.23 28.35
N HIS A 139 -24.68 -21.66 28.98
CA HIS A 139 -25.80 -22.42 29.55
C HIS A 139 -27.11 -21.78 29.12
N LEU A 140 -27.30 -21.68 27.81
CA LEU A 140 -28.54 -21.26 27.14
C LEU A 140 -29.83 -21.73 27.79
N GLU A 141 -29.88 -22.98 28.24
CA GLU A 141 -31.11 -23.49 28.83
C GLU A 141 -31.35 -22.93 30.22
N THR A 142 -30.33 -22.42 30.89
CA THR A 142 -30.47 -21.79 32.20
C THR A 142 -30.48 -20.27 32.12
N MET A 143 -29.64 -19.67 31.26
CA MET A 143 -29.65 -18.23 31.10
C MET A 143 -30.89 -17.74 30.39
N LEU A 144 -31.62 -18.61 29.71
CA LEU A 144 -32.95 -18.22 29.26
C LEU A 144 -33.93 -18.25 30.41
N TYR A 145 -33.64 -19.01 31.47
CA TYR A 145 -34.56 -19.07 32.60
C TYR A 145 -34.43 -17.85 33.50
N ILE A 146 -33.20 -17.45 33.82
CA ILE A 146 -33.00 -16.28 34.67
C ILE A 146 -33.42 -15.01 33.94
N ILE A 147 -33.29 -15.00 32.62
CA ILE A 147 -33.86 -13.93 31.83
C ILE A 147 -35.38 -13.98 31.88
N ASP A 148 -35.95 -15.19 31.90
CA ASP A 148 -37.40 -15.34 31.91
C ASP A 148 -38.01 -14.84 33.21
N LEU A 149 -37.36 -15.13 34.34
CA LEU A 149 -37.84 -14.64 35.62
C LEU A 149 -37.67 -13.13 35.76
N ASP A 150 -36.71 -12.53 35.07
CA ASP A 150 -36.48 -11.10 35.12
C ASP A 150 -37.50 -10.30 34.32
N MET A 151 -37.96 -10.83 33.18
CA MET A 151 -39.01 -10.16 32.42
C MET A 151 -40.37 -10.31 33.09
N GLN A 152 -40.54 -11.32 33.95
CA GLN A 152 -41.72 -11.37 34.80
C GLN A 152 -41.68 -10.26 35.82
N GLY A 153 -40.49 -9.93 36.32
CA GLY A 153 -40.36 -9.14 37.50
C GLY A 153 -40.33 -9.95 38.77
N LYS A 154 -39.98 -11.24 38.69
CA LYS A 154 -39.89 -12.08 39.88
C LYS A 154 -38.74 -11.67 40.78
N PHE A 155 -37.75 -11.00 40.22
CA PHE A 155 -36.70 -10.42 41.04
C PHE A 155 -37.03 -8.95 41.31
N THR A 156 -36.66 -8.49 42.51
CA THR A 156 -36.78 -7.07 42.83
C THR A 156 -35.53 -6.30 42.45
N GLU A 157 -34.49 -6.98 41.98
CA GLU A 157 -33.22 -6.36 41.65
C GLU A 157 -32.94 -6.50 40.16
N ASP A 158 -32.13 -5.58 39.65
CA ASP A 158 -31.56 -5.73 38.31
C ASP A 158 -30.46 -6.79 38.40
N LEU A 159 -30.81 -8.03 38.11
CA LEU A 159 -29.94 -9.13 38.47
C LEU A 159 -28.79 -9.30 37.48
N PHE A 160 -28.91 -8.73 36.30
CA PHE A 160 -27.88 -8.82 35.27
C PHE A 160 -26.99 -7.58 35.22
N LYS A 161 -27.34 -6.54 35.98
CA LYS A 161 -26.54 -5.33 36.05
C LYS A 161 -25.57 -5.33 37.22
N GLN A 162 -25.61 -6.34 38.07
CA GLN A 162 -24.69 -6.42 39.19
C GLN A 162 -23.28 -6.73 38.70
N ARG A 163 -22.32 -6.48 39.58
CA ARG A 163 -20.92 -6.72 39.27
C ARG A 163 -20.34 -7.71 40.28
N ASP A 164 -19.22 -8.30 39.93
CA ASP A 164 -18.54 -9.22 40.83
C ASP A 164 -17.25 -8.57 41.36
N VAL A 165 -16.45 -9.34 42.10
CA VAL A 165 -15.24 -8.81 42.69
C VAL A 165 -14.16 -8.57 41.65
N MET A 166 -14.17 -9.35 40.57
CA MET A 166 -13.27 -9.08 39.45
C MET A 166 -13.64 -7.79 38.73
N GLY A 167 -14.93 -7.45 38.68
CA GLY A 167 -15.39 -6.29 37.94
C GLY A 167 -16.23 -6.64 36.73
N LYS A 168 -16.43 -7.92 36.45
CA LYS A 168 -17.15 -8.34 35.26
C LYS A 168 -18.66 -8.19 35.46
N ASN A 169 -19.39 -8.58 34.44
CA ASN A 169 -20.83 -8.44 34.37
C ASN A 169 -21.46 -9.81 34.15
N ALA A 170 -22.77 -9.84 33.92
CA ALA A 170 -23.39 -11.05 33.40
C ALA A 170 -23.16 -11.21 31.90
N MET A 171 -22.89 -10.11 31.19
CA MET A 171 -22.59 -10.13 29.77
C MET A 171 -21.11 -9.96 29.48
N MET A 172 -20.33 -9.39 30.39
CA MET A 172 -18.89 -9.41 30.24
C MET A 172 -18.32 -10.80 30.45
N TRP A 173 -19.04 -11.68 31.15
CA TRP A 173 -18.55 -13.05 31.31
C TRP A 173 -18.86 -13.89 30.08
N ALA A 174 -20.02 -13.68 29.47
CA ALA A 174 -20.36 -14.46 28.28
C ALA A 174 -19.56 -14.01 27.06
N ALA A 175 -18.96 -12.83 27.11
CA ALA A 175 -18.14 -12.36 26.00
C ALA A 175 -16.66 -12.62 26.20
N SER A 176 -16.22 -12.75 27.45
CA SER A 176 -14.81 -13.04 27.68
C SER A 176 -14.49 -14.49 27.35
N GLN A 177 -15.34 -15.42 27.78
CA GLN A 177 -15.18 -16.81 27.39
C GLN A 177 -15.46 -16.99 25.91
N GLY A 178 -16.43 -16.25 25.39
CA GLY A 178 -16.78 -16.34 24.00
C GLY A 178 -18.02 -17.12 23.72
N HIS A 179 -18.87 -17.33 24.72
CA HIS A 179 -20.08 -18.12 24.51
C HIS A 179 -21.09 -17.31 23.72
N THR A 180 -20.94 -17.36 22.39
CA THR A 180 -21.71 -16.52 21.48
C THR A 180 -23.18 -16.90 21.46
N ASP A 181 -23.54 -18.09 21.95
CA ASP A 181 -24.94 -18.47 21.96
C ASP A 181 -25.71 -17.76 23.06
N THR A 182 -25.07 -17.47 24.19
CA THR A 182 -25.75 -16.77 25.28
C THR A 182 -25.46 -15.29 25.31
N ILE A 183 -24.52 -14.81 24.49
CA ILE A 183 -24.39 -13.37 24.27
C ILE A 183 -25.64 -12.84 23.59
N GLU A 184 -26.08 -13.53 22.54
CA GLU A 184 -27.27 -13.14 21.80
C GLU A 184 -28.53 -13.19 22.64
N VAL A 185 -28.57 -14.03 23.67
CA VAL A 185 -29.72 -14.01 24.58
C VAL A 185 -29.60 -12.82 25.53
N LEU A 186 -28.39 -12.43 25.89
CA LEU A 186 -28.20 -11.25 26.71
C LEU A 186 -28.43 -9.98 25.92
N LEU A 187 -28.02 -9.95 24.65
CA LEU A 187 -28.21 -8.77 23.83
C LEU A 187 -29.66 -8.52 23.50
N VAL A 188 -30.47 -9.56 23.37
CA VAL A 188 -31.88 -9.33 23.07
C VAL A 188 -32.60 -8.75 24.28
N ARG A 189 -32.20 -9.17 25.49
CA ARG A 189 -32.78 -8.59 26.71
C ARG A 189 -32.40 -7.12 26.86
N SER A 190 -31.12 -6.79 26.63
CA SER A 190 -30.68 -5.40 26.73
C SER A 190 -31.27 -4.54 25.63
N LEU A 191 -31.61 -5.13 24.47
CA LEU A 191 -32.37 -4.43 23.46
C LEU A 191 -33.85 -4.42 23.77
N TYR A 192 -34.30 -5.21 24.73
CA TYR A 192 -35.71 -5.21 25.10
C TYR A 192 -35.98 -4.22 26.23
N ARG A 193 -35.06 -4.11 27.18
CA ARG A 193 -35.21 -3.14 28.27
C ARG A 193 -35.12 -1.70 27.76
N LEU A 194 -34.50 -1.49 26.61
CA LEU A 194 -34.41 -0.16 26.00
C LEU A 194 -35.80 0.36 25.64
N LEU A 195 -36.56 -0.42 24.89
CA LEU A 195 -37.89 0.00 24.46
C LEU A 195 -38.84 0.05 25.64
N PRO A 196 -39.62 1.12 25.78
CA PRO A 196 -40.41 1.30 27.01
C PRO A 196 -41.62 0.40 27.07
N GLU A 197 -42.05 0.10 28.28
CA GLU A 197 -43.28 -0.64 28.51
C GLU A 197 -44.49 0.28 28.46
N ASP A 198 -44.30 1.56 28.78
CA ASP A 198 -45.43 2.45 28.98
C ASP A 198 -46.04 2.91 27.66
N CYS A 199 -45.26 2.91 26.58
CA CYS A 199 -45.71 3.50 25.34
C CYS A 199 -46.74 2.60 24.64
N ALA A 200 -47.63 3.22 23.90
CA ALA A 200 -48.65 2.53 23.12
C ALA A 200 -48.56 2.98 21.67
N ASP A 201 -47.95 2.13 20.84
CA ASP A 201 -47.65 2.47 19.47
C ASP A 201 -47.48 1.15 18.71
N PRO A 202 -48.01 1.03 17.50
CA PRO A 202 -47.91 -0.26 16.79
C PRO A 202 -46.51 -0.58 16.32
N LEU A 203 -45.67 0.43 16.11
CA LEU A 203 -44.31 0.19 15.65
C LEU A 203 -43.38 -0.13 16.80
N VAL A 204 -43.80 0.17 18.03
CA VAL A 204 -42.97 -0.08 19.21
C VAL A 204 -43.48 -1.33 19.90
N LEU A 205 -44.71 -1.74 19.59
CA LEU A 205 -45.22 -2.99 20.12
C LEU A 205 -45.00 -4.15 19.17
N LYS A 206 -44.67 -3.88 17.91
CA LYS A 206 -44.33 -4.96 16.99
C LYS A 206 -42.93 -5.48 17.25
N THR A 207 -41.96 -4.60 17.49
CA THR A 207 -40.58 -4.99 17.72
C THR A 207 -40.26 -5.11 19.21
N ARG A 208 -41.27 -5.33 20.03
CA ARG A 208 -41.04 -5.90 21.35
C ARG A 208 -41.50 -7.36 21.42
N TRP A 209 -42.61 -7.68 20.77
CA TRP A 209 -43.00 -9.08 20.59
C TRP A 209 -42.07 -9.77 19.60
N LYS A 210 -41.42 -9.02 18.72
CA LYS A 210 -40.42 -9.59 17.83
C LYS A 210 -39.14 -9.97 18.56
N LEU A 211 -38.83 -9.29 19.67
CA LEU A 211 -37.64 -9.66 20.43
C LEU A 211 -37.93 -10.82 21.38
N VAL A 212 -39.08 -10.80 22.04
CA VAL A 212 -39.41 -11.85 23.00
C VAL A 212 -39.75 -13.15 22.30
N SER A 213 -40.26 -13.10 21.07
CA SER A 213 -40.41 -14.32 20.28
C SER A 213 -39.06 -14.84 19.83
N LEU A 214 -38.04 -13.99 19.75
CA LEU A 214 -36.73 -14.45 19.34
C LEU A 214 -36.00 -15.16 20.46
N LEU A 215 -36.48 -15.06 21.70
CA LEU A 215 -35.98 -15.90 22.80
C LEU A 215 -36.85 -17.12 23.03
N ALA A 216 -38.16 -17.02 22.86
CA ALA A 216 -39.04 -18.16 23.01
C ALA A 216 -38.82 -19.17 21.90
N ASP A 217 -38.58 -18.70 20.67
CA ASP A 217 -38.13 -19.59 19.61
C ASP A 217 -36.74 -20.12 19.87
N LEU A 218 -35.91 -19.37 20.62
CA LEU A 218 -34.56 -19.83 20.88
C LEU A 218 -34.55 -20.93 21.93
N ALA A 219 -35.51 -20.91 22.85
CA ALA A 219 -35.64 -22.04 23.76
C ALA A 219 -36.43 -23.16 23.09
N SER A 220 -37.73 -22.94 22.86
CA SER A 220 -38.62 -23.77 22.04
C SER A 220 -38.76 -25.22 22.47
N HIS A 221 -38.12 -25.61 23.56
CA HIS A 221 -38.10 -26.98 24.04
C HIS A 221 -37.88 -26.87 25.55
N CYS A 222 -37.45 -27.99 26.16
CA CYS A 222 -37.02 -28.08 27.55
C CYS A 222 -38.14 -27.64 28.51
N ARG A 223 -39.15 -28.50 28.57
CA ARG A 223 -40.32 -28.26 29.42
C ARG A 223 -39.96 -28.41 30.90
N ASP A 224 -40.97 -28.26 31.76
CA ASP A 224 -40.76 -28.12 33.19
C ASP A 224 -40.37 -29.46 33.83
N TYR A 225 -40.13 -29.41 35.14
CA TYR A 225 -39.89 -30.62 35.92
C TYR A 225 -41.14 -31.47 36.01
N ASP A 226 -42.32 -30.85 36.08
CA ASP A 226 -43.58 -31.56 36.15
C ASP A 226 -44.11 -31.75 34.75
N PRO A 227 -44.21 -32.96 34.23
CA PRO A 227 -44.70 -33.16 32.87
C PRO A 227 -46.19 -32.87 32.76
N GLY A 228 -46.60 -32.52 31.54
CA GLY A 228 -47.99 -32.21 31.29
C GLY A 228 -48.40 -30.87 31.86
N CYS A 229 -47.82 -29.79 31.33
CA CYS A 229 -48.17 -28.45 31.76
C CYS A 229 -47.95 -27.49 30.60
N SER A 230 -48.96 -26.66 30.31
CA SER A 230 -48.87 -25.70 29.22
C SER A 230 -47.94 -24.58 29.65
N ARG A 231 -46.64 -24.76 29.42
CA ARG A 231 -45.63 -23.79 29.80
C ARG A 231 -44.44 -24.04 28.87
N SER A 232 -44.30 -23.20 27.84
CA SER A 232 -43.26 -23.51 26.88
C SER A 232 -41.90 -23.06 27.40
N PHE A 233 -41.61 -21.76 27.33
CA PHE A 233 -40.66 -21.15 28.25
C PHE A 233 -41.00 -19.69 28.49
N PHE A 234 -41.81 -19.13 27.60
CA PHE A 234 -42.13 -17.70 27.59
C PHE A 234 -43.59 -17.58 27.21
N GLN A 235 -44.45 -17.38 28.19
CA GLN A 235 -45.88 -17.23 27.92
C GLN A 235 -46.42 -15.90 28.39
N GLU A 236 -46.11 -15.50 29.62
CA GLU A 236 -46.65 -14.28 30.20
C GLU A 236 -45.99 -13.03 29.63
N VAL A 237 -44.80 -13.17 29.06
CA VAL A 237 -44.12 -12.03 28.46
C VAL A 237 -44.57 -11.82 27.01
N LEU A 238 -44.94 -12.90 26.32
CA LEU A 238 -45.63 -12.71 25.04
C LEU A 238 -47.08 -12.28 25.24
N ALA A 239 -47.67 -12.54 26.39
CA ALA A 239 -49.08 -12.21 26.61
C ALA A 239 -49.26 -10.72 26.83
N SER A 240 -48.41 -10.11 27.64
CA SER A 240 -48.57 -8.70 28.01
C SER A 240 -47.81 -7.79 27.06
N ILE A 241 -48.11 -7.91 25.77
CA ILE A 241 -47.36 -7.17 24.76
C ILE A 241 -48.24 -6.43 23.77
N LYS A 242 -49.53 -6.77 23.63
CA LYS A 242 -50.48 -6.18 22.68
C LYS A 242 -49.96 -6.26 21.23
N TYR A 243 -49.86 -7.51 20.74
CA TYR A 243 -49.57 -7.74 19.33
C TYR A 243 -50.12 -9.09 18.91
N ASP A 244 -51.05 -9.06 17.96
CA ASP A 244 -51.62 -10.26 17.35
C ASP A 244 -51.33 -10.22 15.85
N PRO A 245 -50.52 -11.15 15.33
CA PRO A 245 -50.14 -11.08 13.92
C PRO A 245 -51.21 -11.61 12.98
N VAL A 246 -51.30 -10.97 11.82
CA VAL A 246 -52.25 -11.38 10.79
C VAL A 246 -51.73 -10.99 9.41
N ALA A 324 -38.54 -24.46 6.63
CA ALA A 324 -37.37 -23.80 6.09
C ALA A 324 -37.04 -22.52 6.89
N VAL A 325 -36.14 -22.66 7.86
CA VAL A 325 -35.71 -21.54 8.68
C VAL A 325 -34.38 -21.06 8.14
N LYS A 326 -34.29 -19.76 7.85
CA LYS A 326 -33.05 -19.17 7.38
C LYS A 326 -32.17 -18.78 8.58
N LEU A 327 -31.03 -18.18 8.27
CA LEU A 327 -30.11 -17.75 9.31
C LEU A 327 -30.38 -16.34 9.81
N LYS A 328 -31.11 -15.54 9.05
CA LYS A 328 -31.45 -14.18 9.45
C LYS A 328 -32.79 -14.11 10.18
N ASP A 329 -33.37 -15.25 10.52
CA ASP A 329 -34.62 -15.29 11.26
C ASP A 329 -34.43 -15.53 12.75
N VAL A 330 -33.29 -16.07 13.16
CA VAL A 330 -33.05 -16.41 14.56
C VAL A 330 -31.85 -15.65 15.11
N HIS A 331 -31.50 -14.51 14.52
CA HIS A 331 -30.34 -13.75 14.97
C HIS A 331 -30.60 -12.26 14.84
N ILE A 332 -29.78 -11.48 15.53
CA ILE A 332 -29.87 -10.02 15.48
C ILE A 332 -28.99 -9.54 14.33
N THR A 333 -29.60 -9.36 13.17
CA THR A 333 -28.90 -8.78 12.03
C THR A 333 -29.11 -7.27 12.03
N VAL A 334 -28.74 -6.63 10.93
CA VAL A 334 -28.89 -5.18 10.84
C VAL A 334 -30.34 -4.80 10.54
N ARG A 335 -31.16 -5.75 10.11
CA ARG A 335 -32.57 -5.46 9.88
C ARG A 335 -33.31 -5.22 11.18
N THR A 336 -32.89 -5.85 12.27
CA THR A 336 -33.56 -5.67 13.55
C THR A 336 -32.93 -4.57 14.40
N LEU A 337 -31.77 -4.05 14.02
CA LEU A 337 -31.24 -2.89 14.72
C LEU A 337 -31.83 -1.60 14.17
N GLN A 338 -32.05 -1.54 12.85
CA GLN A 338 -32.82 -0.44 12.28
C GLN A 338 -34.26 -0.47 12.78
N GLY A 339 -34.80 -1.67 13.00
CA GLY A 339 -36.13 -1.77 13.57
C GLY A 339 -36.22 -1.35 15.03
N VAL A 340 -35.10 -1.15 15.70
CA VAL A 340 -35.10 -0.68 17.08
C VAL A 340 -34.81 0.82 17.15
N ILE A 341 -33.88 1.30 16.31
CA ILE A 341 -33.50 2.71 16.29
C ILE A 341 -34.67 3.58 15.85
N VAL A 342 -35.42 3.15 14.83
CA VAL A 342 -36.61 3.90 14.43
C VAL A 342 -37.70 3.75 15.49
N SER A 343 -37.72 2.64 16.21
CA SER A 343 -38.79 2.38 17.16
C SER A 343 -38.44 2.76 18.58
N ALA A 344 -37.20 3.14 18.86
CA ALA A 344 -36.96 3.90 20.08
C ALA A 344 -37.22 5.38 19.84
N TYR A 345 -37.12 5.80 18.58
CA TYR A 345 -37.40 7.19 18.25
C TYR A 345 -38.90 7.46 18.22
N ARG A 346 -39.72 6.44 17.94
CA ARG A 346 -41.17 6.64 17.98
C ARG A 346 -41.65 6.86 19.42
N ALA A 347 -41.08 6.11 20.36
CA ALA A 347 -41.48 6.24 21.76
C ALA A 347 -40.98 7.53 22.39
N GLY A 348 -40.00 8.18 21.76
CA GLY A 348 -39.50 9.48 22.16
C GLY A 348 -38.21 9.33 22.91
N MET A 349 -37.09 9.43 22.19
CA MET A 349 -35.76 9.21 22.72
C MET A 349 -34.79 10.02 21.88
N ASN A 350 -33.58 10.16 22.38
CA ASN A 350 -32.52 10.76 21.58
C ASN A 350 -32.02 9.73 20.59
N CYS A 351 -32.26 9.96 19.29
CA CYS A 351 -31.80 9.03 18.27
C CYS A 351 -30.28 9.01 18.15
N MET A 352 -29.60 10.05 18.61
CA MET A 352 -28.15 10.01 18.68
C MET A 352 -27.69 9.29 19.94
N GLY A 353 -28.59 9.02 20.86
CA GLY A 353 -28.25 8.30 22.06
C GLY A 353 -28.47 6.82 21.93
N VAL A 354 -29.60 6.43 21.31
CA VAL A 354 -29.91 5.03 21.12
C VAL A 354 -28.93 4.38 20.15
N ILE A 355 -28.41 5.15 19.18
CA ILE A 355 -27.32 4.66 18.35
C ILE A 355 -26.03 4.55 19.17
N MET A 356 -25.77 5.52 20.03
CA MET A 356 -24.60 5.46 20.88
C MET A 356 -24.74 4.45 22.01
N TYR A 357 -25.96 4.05 22.35
CA TYR A 357 -26.12 3.04 23.39
C TYR A 357 -26.13 1.63 22.82
N CYS A 358 -26.75 1.44 21.65
CA CYS A 358 -26.73 0.12 21.03
C CYS A 358 -25.34 -0.26 20.56
N GLN A 359 -24.52 0.70 20.18
CA GLN A 359 -23.14 0.43 19.84
C GLN A 359 -22.30 0.10 21.06
N SER A 360 -22.66 0.60 22.24
CA SER A 360 -21.92 0.26 23.44
C SER A 360 -22.30 -1.09 23.99
N LEU A 361 -23.42 -1.66 23.57
CA LEU A 361 -23.71 -3.06 23.88
C LEU A 361 -22.90 -3.98 22.98
N LEU A 362 -22.96 -3.75 21.67
CA LEU A 362 -22.31 -4.63 20.71
C LEU A 362 -20.79 -4.54 20.74
N GLN A 363 -20.24 -3.47 21.30
CA GLN A 363 -18.81 -3.44 21.53
C GLN A 363 -18.43 -4.27 22.74
N GLN A 364 -19.34 -4.39 23.71
CA GLN A 364 -19.13 -5.25 24.86
C GLN A 364 -19.30 -6.72 24.51
N ALA A 365 -20.06 -7.03 23.47
CA ALA A 365 -20.32 -8.41 23.07
C ALA A 365 -19.10 -9.05 22.43
N ARG A 366 -18.22 -8.24 21.84
CA ARG A 366 -16.88 -8.61 21.36
C ARG A 366 -16.87 -9.56 20.17
N TYR A 367 -18.03 -10.03 19.73
CA TYR A 367 -18.12 -11.00 18.65
C TYR A 367 -19.04 -10.52 17.54
N PHE A 368 -19.42 -9.24 17.56
CA PHE A 368 -20.25 -8.66 16.52
C PHE A 368 -19.51 -7.42 16.02
N ASP A 369 -18.57 -7.64 15.12
CA ASP A 369 -17.88 -6.54 14.43
C ASP A 369 -18.44 -6.33 13.04
N ASP A 370 -19.50 -7.05 12.70
CA ASP A 370 -20.34 -6.71 11.56
C ASP A 370 -21.40 -5.68 11.92
N LEU A 371 -21.76 -5.58 13.20
CA LEU A 371 -22.76 -4.63 13.67
C LEU A 371 -22.18 -3.48 14.46
N VAL A 372 -20.93 -3.56 14.93
CA VAL A 372 -20.31 -2.39 15.53
C VAL A 372 -19.91 -1.40 14.44
N ALA A 373 -19.20 -1.89 13.42
CA ALA A 373 -18.74 -1.03 12.34
C ALA A 373 -19.85 -0.67 11.36
N GLN A 374 -21.06 -1.17 11.55
CA GLN A 374 -22.22 -0.65 10.85
C GLN A 374 -22.92 0.43 11.66
N LEU A 375 -23.04 0.23 12.97
CA LEU A 375 -23.59 1.25 13.84
C LEU A 375 -22.67 2.44 14.01
N THR A 376 -21.36 2.25 13.86
CA THR A 376 -20.44 3.38 13.85
C THR A 376 -20.65 4.24 12.62
N ALA A 377 -20.87 3.63 11.46
CA ALA A 377 -21.20 4.36 10.26
C ALA A 377 -22.66 4.72 10.14
N TRP A 378 -23.46 4.49 11.19
CA TRP A 378 -24.80 5.06 11.27
C TRP A 378 -24.86 6.33 12.10
N GLU A 379 -23.82 6.61 12.88
CA GLU A 379 -23.77 7.84 13.63
C GLU A 379 -22.97 8.91 12.92
N VAL A 380 -22.08 8.53 12.00
CA VAL A 380 -21.47 9.50 11.11
C VAL A 380 -22.43 9.84 9.98
N LYS A 381 -23.24 8.87 9.55
CA LYS A 381 -24.26 9.11 8.55
C LYS A 381 -25.37 10.03 9.07
N LEU A 382 -25.70 9.94 10.35
CA LEU A 382 -26.71 10.84 10.91
C LEU A 382 -26.17 12.24 11.11
N LEU A 383 -24.88 12.38 11.41
CA LEU A 383 -24.34 13.67 11.79
C LEU A 383 -24.29 14.63 10.61
N ASP A 384 -23.89 14.14 9.43
CA ASP A 384 -23.86 14.97 8.25
C ASP A 384 -25.17 14.94 7.47
N THR A 385 -26.25 14.44 8.09
CA THR A 385 -27.57 14.67 7.54
C THR A 385 -28.02 16.10 7.82
N CYS A 386 -27.46 16.71 8.87
CA CYS A 386 -27.70 18.10 9.17
C CYS A 386 -27.03 18.99 8.13
N ARG A 387 -27.51 20.24 8.04
CA ARG A 387 -26.96 21.20 7.11
C ARG A 387 -26.05 22.20 7.82
N ASN A 388 -26.57 22.89 8.83
CA ASN A 388 -25.90 24.01 9.46
C ASN A 388 -25.68 23.73 10.94
N LYS A 389 -25.20 24.76 11.64
CA LYS A 389 -24.96 24.67 13.08
C LYS A 389 -26.26 24.62 13.86
N GLN A 390 -27.33 25.24 13.33
CA GLN A 390 -28.61 25.20 14.00
C GLN A 390 -29.23 23.80 13.99
N GLU A 391 -28.88 22.99 13.01
CA GLU A 391 -29.41 21.63 12.92
C GLU A 391 -28.54 20.61 13.60
N VAL A 392 -27.25 20.90 13.81
CA VAL A 392 -26.42 19.98 14.57
C VAL A 392 -26.76 20.08 16.05
N GLN A 393 -26.87 21.29 16.57
CA GLN A 393 -27.18 21.48 17.98
C GLN A 393 -28.62 21.13 18.32
N ALA A 394 -29.48 20.86 17.33
CA ALA A 394 -30.83 20.42 17.61
C ALA A 394 -30.85 18.96 18.03
N ILE A 395 -30.26 18.08 17.22
CA ILE A 395 -30.28 16.66 17.51
C ILE A 395 -29.35 16.24 18.63
N LEU A 396 -28.39 17.09 19.00
CA LEU A 396 -27.48 16.82 20.10
C LEU A 396 -27.96 17.44 21.41
N ALA A 397 -29.19 17.98 21.43
CA ALA A 397 -29.64 18.79 22.55
C ALA A 397 -30.37 17.96 23.58
N PRO A 398 -29.95 18.00 24.82
CA PRO A 398 -30.73 17.39 25.88
C PRO A 398 -31.85 18.30 26.36
N THR A 399 -33.00 18.29 25.70
CA THR A 399 -34.11 19.09 26.18
C THR A 399 -34.73 18.45 27.42
N GLU A 400 -35.77 19.10 27.95
CA GLU A 400 -36.34 18.72 29.24
C GLU A 400 -37.09 17.40 29.18
N ASP A 401 -37.51 16.97 28.00
CA ASP A 401 -38.28 15.74 27.88
C ASP A 401 -37.38 14.51 28.00
N ASP A 402 -36.33 14.44 27.18
CA ASP A 402 -35.34 13.36 27.22
C ASP A 402 -33.99 13.95 27.59
N PRO A 403 -33.73 14.16 28.89
CA PRO A 403 -32.50 14.82 29.30
C PRO A 403 -31.28 13.93 29.16
N SER A 404 -30.90 13.63 27.92
CA SER A 404 -29.81 12.68 27.65
C SER A 404 -28.83 13.37 26.72
N GLU A 405 -27.67 13.74 27.24
CA GLU A 405 -26.66 14.34 26.39
C GLU A 405 -25.82 13.27 25.73
N PRO A 406 -25.76 13.21 24.42
CA PRO A 406 -24.89 12.23 23.77
C PRO A 406 -23.51 12.79 23.47
N VAL A 407 -23.33 14.09 23.61
CA VAL A 407 -21.97 14.65 23.59
C VAL A 407 -21.24 14.24 24.85
N GLY A 408 -21.89 14.40 26.00
CA GLY A 408 -21.30 13.99 27.25
C GLY A 408 -21.17 12.49 27.41
N TYR A 409 -21.96 11.72 26.67
CA TYR A 409 -21.78 10.27 26.69
C TYR A 409 -20.62 9.85 25.82
N ALA A 410 -20.45 10.48 24.66
CA ALA A 410 -19.47 10.01 23.69
C ALA A 410 -18.05 10.31 24.11
N LEU A 411 -17.83 11.35 24.89
CA LEU A 411 -16.53 11.57 25.49
C LEU A 411 -16.42 10.91 26.86
N ALA A 412 -17.28 9.92 27.12
CA ALA A 412 -17.12 8.99 28.22
C ALA A 412 -16.96 7.55 27.75
N THR A 413 -17.30 7.26 26.50
CA THR A 413 -16.97 5.98 25.89
C THR A 413 -15.95 6.12 24.78
N PHE A 414 -15.38 7.32 24.61
CA PHE A 414 -14.30 7.62 23.67
C PHE A 414 -14.70 7.28 22.23
N ASP A 415 -15.71 7.99 21.73
CA ASP A 415 -16.30 7.68 20.43
C ASP A 415 -15.61 8.52 19.36
N LYS A 416 -14.60 7.92 18.71
CA LYS A 416 -13.72 8.71 17.87
C LYS A 416 -14.32 9.02 16.51
N ALA A 417 -15.27 8.23 16.02
CA ALA A 417 -15.91 8.58 14.77
C ALA A 417 -16.93 9.67 14.95
N PHE A 418 -17.47 9.80 16.17
CA PHE A 418 -18.38 10.89 16.47
C PHE A 418 -17.60 12.17 16.74
N LEU A 419 -16.69 12.11 17.71
CA LEU A 419 -15.99 13.28 18.24
C LEU A 419 -15.02 13.91 17.25
N SER A 420 -14.73 13.25 16.13
CA SER A 420 -13.83 13.81 15.14
C SER A 420 -14.57 14.19 13.87
N HIS A 421 -15.89 14.32 13.92
CA HIS A 421 -16.62 14.73 12.75
C HIS A 421 -16.44 16.23 12.52
N LYS A 422 -16.68 16.67 11.29
CA LYS A 422 -16.44 18.06 10.95
C LYS A 422 -17.58 18.95 11.45
N PHE A 423 -18.68 18.36 11.92
CA PHE A 423 -19.74 19.15 12.53
C PHE A 423 -19.59 19.23 14.04
N VAL A 424 -19.15 18.15 14.69
CA VAL A 424 -18.96 18.18 16.13
C VAL A 424 -17.72 19.00 16.47
N GLN A 425 -16.77 19.10 15.54
CA GLN A 425 -15.60 19.92 15.80
C GLN A 425 -15.91 21.41 15.72
N GLN A 426 -17.04 21.82 15.17
CA GLN A 426 -17.40 23.22 15.06
C GLN A 426 -18.44 23.65 16.10
N ILE A 427 -19.06 22.72 16.81
CA ILE A 427 -19.85 23.11 17.97
C ILE A 427 -19.00 23.21 19.22
N PHE A 428 -17.78 22.66 19.20
CA PHE A 428 -16.80 22.93 20.24
C PHE A 428 -15.98 24.17 19.93
N THR A 429 -15.74 24.44 18.65
CA THR A 429 -14.94 25.60 18.25
C THR A 429 -15.66 26.90 18.55
N GLU A 430 -16.97 26.92 18.40
CA GLU A 430 -17.75 28.12 18.71
C GLU A 430 -17.80 28.41 20.21
N LYS A 431 -17.42 27.46 21.06
CA LYS A 431 -17.32 27.74 22.48
C LYS A 431 -15.91 28.07 22.95
N TRP A 432 -14.92 27.25 22.63
CA TRP A 432 -13.62 27.43 23.27
C TRP A 432 -12.80 28.54 22.63
N ASP A 433 -12.99 28.82 21.34
CA ASP A 433 -12.21 29.86 20.67
C ASP A 433 -13.08 30.99 20.15
N THR A 434 -13.94 30.73 19.16
CA THR A 434 -14.83 31.63 18.40
C THR A 434 -14.28 33.03 18.10
N MET A 435 -12.97 33.15 17.93
CA MET A 435 -12.37 34.41 17.55
C MET A 435 -11.21 34.27 16.59
N GLY A 436 -10.91 33.06 16.12
CA GLY A 436 -9.80 32.87 15.21
C GLY A 436 -8.44 33.04 15.83
N VAL A 437 -8.37 33.00 17.17
CA VAL A 437 -7.10 33.25 17.86
C VAL A 437 -6.13 32.10 17.63
N THR A 438 -6.65 30.91 17.36
CA THR A 438 -5.77 29.79 17.04
C THR A 438 -5.15 29.89 15.65
N ASP A 439 -5.66 30.79 14.80
CA ASP A 439 -5.08 30.99 13.48
C ASP A 439 -4.40 32.34 13.33
N TYR A 440 -4.05 32.99 14.44
CA TYR A 440 -3.11 34.12 14.37
C TYR A 440 -1.67 33.61 14.48
N THR A 441 -1.35 32.60 13.70
CA THR A 441 -0.07 31.91 13.66
C THR A 441 0.43 31.71 12.25
N LYS A 442 -0.47 31.42 11.31
CA LYS A 442 -0.11 31.22 9.91
C LYS A 442 -0.17 32.51 9.13
N SER A 443 0.52 33.54 9.61
CA SER A 443 0.51 34.86 8.98
C SER A 443 1.76 35.61 9.42
N LEU A 444 1.95 36.80 8.85
CA LEU A 444 3.11 37.61 9.19
C LEU A 444 2.77 38.66 10.23
N PHE A 445 1.51 39.11 10.24
CA PHE A 445 1.09 40.14 11.20
C PHE A 445 0.58 39.52 12.49
N GLY A 446 0.05 38.29 12.43
CA GLY A 446 -0.62 37.73 13.58
C GLY A 446 0.34 37.27 14.66
N VAL A 447 1.53 36.82 14.28
CA VAL A 447 2.45 36.24 15.26
C VAL A 447 3.13 37.33 16.07
N VAL A 448 3.56 38.40 15.41
CA VAL A 448 4.34 39.43 16.09
C VAL A 448 3.45 40.36 16.89
N TRP A 449 2.14 40.33 16.63
CA TRP A 449 1.23 41.17 17.40
C TRP A 449 0.40 40.35 18.37
N GLY A 450 -0.06 39.17 17.95
CA GLY A 450 -0.80 38.31 18.87
C GLY A 450 0.08 37.66 19.90
N GLY A 451 1.32 37.34 19.54
CA GLY A 451 2.27 36.85 20.53
C GLY A 451 2.76 37.94 21.47
N CYS A 452 2.79 39.18 20.99
CA CYS A 452 3.18 40.30 21.84
C CYS A 452 2.11 40.59 22.88
N SER A 453 0.84 40.39 22.54
CA SER A 453 -0.23 40.56 23.52
C SER A 453 -0.32 39.37 24.45
N LEU A 454 0.31 38.24 24.08
CA LEU A 454 0.30 37.07 24.96
C LEU A 454 1.18 37.29 26.17
N VAL A 455 2.39 37.83 25.97
CA VAL A 455 3.31 38.04 27.09
C VAL A 455 2.86 39.23 27.92
N VAL A 456 2.07 40.12 27.33
CA VAL A 456 1.49 41.22 28.10
C VAL A 456 0.37 40.69 28.99
N ALA A 457 -0.53 39.88 28.44
CA ALA A 457 -1.70 39.44 29.21
C ALA A 457 -1.32 38.38 30.23
N PHE A 458 -0.25 37.63 29.98
CA PHE A 458 0.25 36.69 30.98
C PHE A 458 0.89 37.43 32.15
N ALA A 459 1.63 38.50 31.85
CA ALA A 459 2.12 39.38 32.92
C ALA A 459 0.98 40.12 33.59
N ALA A 460 -0.08 40.40 32.83
CA ALA A 460 -1.29 40.96 33.44
C ALA A 460 -2.03 39.90 34.24
N TRP A 461 -1.82 38.63 33.93
CA TRP A 461 -2.52 37.56 34.64
C TRP A 461 -1.87 37.31 36.00
N ALA A 462 -0.55 37.11 36.02
CA ALA A 462 0.14 36.69 37.25
C ALA A 462 0.13 37.78 38.31
N THR A 463 0.03 39.05 37.90
CA THR A 463 -0.07 40.16 38.83
C THR A 463 -1.50 40.58 39.12
N ILE A 464 -2.50 39.83 38.65
CA ILE A 464 -3.88 40.10 39.05
C ILE A 464 -4.62 38.84 39.49
N CYS A 465 -4.11 37.64 39.21
CA CYS A 465 -4.88 36.43 39.50
C CYS A 465 -4.98 36.07 40.99
N PRO A 466 -3.94 36.19 41.83
CA PRO A 466 -4.20 35.98 43.27
C PRO A 466 -5.06 37.07 43.88
N LEU A 467 -5.14 38.24 43.25
CA LEU A 467 -5.99 39.31 43.77
C LEU A 467 -7.46 39.00 43.53
N VAL A 468 -7.78 38.32 42.42
CA VAL A 468 -9.18 38.05 42.11
C VAL A 468 -9.59 36.68 42.65
N VAL A 469 -8.63 35.91 43.16
CA VAL A 469 -8.98 34.66 43.85
C VAL A 469 -9.64 34.95 45.19
N VAL A 470 -9.00 35.80 46.00
CA VAL A 470 -9.53 36.07 47.34
C VAL A 470 -10.76 36.95 47.26
N ALA A 471 -10.84 37.83 46.25
CA ALA A 471 -12.02 38.66 46.06
C ALA A 471 -13.21 37.88 45.55
N ARG A 472 -12.98 36.74 44.89
CA ARG A 472 -14.09 35.91 44.42
C ARG A 472 -14.76 35.17 45.58
N SER A 473 -13.97 34.70 46.54
CA SER A 473 -14.48 33.85 47.60
C SER A 473 -15.03 34.63 48.79
N PHE A 474 -14.82 35.94 48.84
CA PHE A 474 -15.34 36.77 49.92
C PHE A 474 -16.52 37.61 49.43
N LEU A 475 -17.23 38.21 50.38
CA LEU A 475 -18.48 38.91 50.07
C LEU A 475 -18.18 40.20 49.32
N SER A 476 -18.37 40.16 48.00
CA SER A 476 -18.16 41.31 47.13
C SER A 476 -18.94 41.06 45.85
N PRO A 477 -19.36 42.12 45.15
CA PRO A 477 -20.01 41.95 43.86
C PRO A 477 -19.07 41.64 42.69
N VAL A 478 -17.78 41.41 42.96
CA VAL A 478 -16.87 41.04 41.88
C VAL A 478 -16.97 39.56 41.57
N GLN A 479 -17.61 38.78 42.46
CA GLN A 479 -17.98 37.42 42.09
C GLN A 479 -19.15 37.42 41.12
N ASP A 480 -19.99 38.45 41.18
CA ASP A 480 -21.00 38.64 40.15
C ASP A 480 -20.36 39.10 38.84
N PHE A 481 -19.29 39.90 38.94
CA PHE A 481 -18.59 40.35 37.74
C PHE A 481 -17.77 39.24 37.09
N MET A 482 -17.27 38.28 37.87
CA MET A 482 -16.61 37.14 37.28
C MET A 482 -17.59 36.16 36.67
N MET A 483 -18.85 36.17 37.12
CA MET A 483 -19.91 35.44 36.42
C MET A 483 -20.44 36.22 35.23
N ARG A 484 -20.17 37.52 35.15
CA ARG A 484 -20.52 38.32 33.98
C ARG A 484 -19.55 37.95 32.87
N GLY A 485 -19.96 36.99 32.06
CA GLY A 485 -19.13 36.33 31.09
C GLY A 485 -19.78 35.02 30.69
N LYS A 486 -18.97 34.14 30.09
CA LYS A 486 -19.23 32.72 29.83
C LYS A 486 -20.54 32.39 29.10
N VAL A 487 -21.20 33.37 28.51
CA VAL A 487 -22.34 33.11 27.64
C VAL A 487 -21.99 33.61 26.24
N ILE A 488 -21.06 34.57 26.16
CA ILE A 488 -20.41 34.93 24.92
C ILE A 488 -18.91 34.91 25.14
N VAL A 489 -18.19 34.26 24.23
CA VAL A 489 -16.76 34.12 24.39
C VAL A 489 -16.07 35.11 23.46
N ASP A 490 -15.47 36.15 24.06
CA ASP A 490 -14.73 37.14 23.29
C ASP A 490 -13.74 37.86 24.20
N SER A 491 -13.09 38.90 23.68
CA SER A 491 -12.07 39.62 24.43
C SER A 491 -12.64 40.77 25.25
N ARG A 492 -13.97 40.88 25.32
CA ARG A 492 -14.57 41.80 26.27
C ARG A 492 -14.49 41.26 27.69
N PHE A 493 -14.54 39.95 27.83
CA PHE A 493 -14.38 39.27 29.12
C PHE A 493 -13.46 38.08 28.87
N PRO A 494 -12.14 38.29 28.89
CA PRO A 494 -11.22 37.24 28.45
C PRO A 494 -11.07 36.07 29.40
N TRP A 495 -11.66 36.11 30.60
CA TRP A 495 -11.36 35.08 31.57
C TRP A 495 -12.20 33.83 31.32
N HIS A 496 -13.22 33.94 30.48
CA HIS A 496 -14.09 32.82 30.15
C HIS A 496 -13.97 32.43 28.69
N VAL A 497 -12.86 32.80 28.06
CA VAL A 497 -12.43 32.19 26.79
C VAL A 497 -11.67 30.92 27.16
N PRO A 498 -12.17 29.73 26.82
CA PRO A 498 -11.48 28.50 27.22
C PRO A 498 -10.13 28.29 26.55
N LEU A 499 -9.86 28.98 25.44
CA LEU A 499 -8.49 29.04 24.94
C LEU A 499 -7.59 29.84 25.87
N TYR A 500 -8.11 30.95 26.41
CA TYR A 500 -7.31 31.77 27.31
C TYR A 500 -7.23 31.17 28.70
N ARG A 501 -7.94 30.08 28.97
CA ARG A 501 -7.61 29.26 30.13
C ARG A 501 -6.54 28.24 29.77
N TRP A 502 -6.46 27.85 28.51
CA TRP A 502 -5.45 26.87 28.10
C TRP A 502 -4.09 27.54 27.91
N LEU A 503 -4.09 28.81 27.48
CA LEU A 503 -2.81 29.49 27.27
C LEU A 503 -2.13 29.82 28.58
N LEU A 504 -2.91 30.08 29.63
CA LEU A 504 -2.31 30.42 30.91
C LEU A 504 -1.88 29.19 31.70
N THR A 505 -2.49 28.03 31.49
CA THR A 505 -1.99 26.84 32.16
C THR A 505 -0.80 26.25 31.42
N GLN A 506 -0.57 26.66 30.18
CA GLN A 506 0.64 26.28 29.49
C GLN A 506 1.76 27.29 29.72
N CYS A 507 1.44 28.58 29.82
CA CYS A 507 2.43 29.56 30.19
C CYS A 507 2.86 29.42 31.65
N ALA A 508 2.00 28.86 32.51
CA ALA A 508 2.46 28.50 33.84
C ALA A 508 3.21 27.18 33.81
N LEU A 509 2.98 26.36 32.78
CA LEU A 509 3.71 25.11 32.69
C LEU A 509 5.13 25.34 32.19
N ILE A 510 5.30 26.25 31.23
CA ILE A 510 6.62 26.59 30.70
C ILE A 510 7.48 27.24 31.78
N THR A 511 6.85 28.04 32.66
CA THR A 511 7.57 28.68 33.76
C THR A 511 8.15 27.64 34.73
N PHE A 512 7.38 26.60 35.04
CA PHE A 512 7.87 25.53 35.91
C PHE A 512 9.00 24.73 35.27
N THR A 513 9.04 24.66 33.94
CA THR A 513 10.16 23.97 33.30
C THR A 513 11.39 24.86 33.22
N VAL A 514 11.21 26.17 33.15
CA VAL A 514 12.36 27.08 33.21
C VAL A 514 12.88 27.20 34.63
N LEU A 515 11.97 27.39 35.59
CA LEU A 515 12.38 27.71 36.95
C LEU A 515 13.00 26.50 37.65
N LEU A 516 12.68 25.28 37.19
CA LEU A 516 13.34 24.10 37.73
C LEU A 516 14.63 23.82 36.98
N SER A 517 14.73 24.23 35.71
CA SER A 517 15.99 24.12 35.00
C SER A 517 16.96 25.20 35.46
N TYR A 518 16.42 26.33 35.92
CA TYR A 518 17.25 27.38 36.50
C TYR A 518 17.81 26.94 37.85
N LEU A 519 17.14 26.00 38.53
CA LEU A 519 17.60 25.54 39.83
C LEU A 519 18.83 24.66 39.70
N VAL A 520 18.84 23.75 38.71
CA VAL A 520 19.97 22.85 38.57
C VAL A 520 21.14 23.56 37.89
N PHE A 521 20.88 24.67 37.19
CA PHE A 521 21.97 25.37 36.53
C PHE A 521 22.75 26.24 37.52
N SER A 522 22.08 26.75 38.55
CA SER A 522 22.73 27.47 39.61
C SER A 522 22.60 26.62 40.88
N PHE A 523 23.56 25.72 41.08
CA PHE A 523 23.51 24.76 42.19
C PHE A 523 24.91 24.26 42.48
N ASP A 524 25.23 24.13 43.77
CA ASP A 524 26.52 23.62 44.23
C ASP A 524 26.35 23.20 45.68
N PRO A 525 27.15 22.24 46.17
CA PRO A 525 27.08 21.85 47.58
C PRO A 525 27.74 22.82 48.55
N SER A 526 28.24 23.97 48.07
CA SER A 526 28.93 24.94 48.92
C SER A 526 28.00 25.92 49.61
N ASP A 527 26.68 25.80 49.41
CA ASP A 527 25.74 26.73 50.01
C ASP A 527 25.61 26.49 51.52
N PRO A 528 25.26 27.54 52.28
CA PRO A 528 25.10 27.36 53.73
C PRO A 528 23.80 26.67 54.13
N VAL A 529 23.54 26.65 55.44
CA VAL A 529 22.29 26.15 56.01
C VAL A 529 21.08 26.92 55.47
N PRO A 530 21.09 28.29 55.29
CA PRO A 530 19.97 28.90 54.56
C PRO A 530 19.99 28.65 53.06
N ALA A 531 19.85 27.40 52.65
CA ALA A 531 19.63 26.98 51.28
C ALA A 531 18.50 25.98 51.17
N SER A 532 18.23 25.22 52.23
CA SER A 532 17.10 24.30 52.23
C SER A 532 15.78 25.05 52.29
N VAL A 533 15.64 26.00 53.22
CA VAL A 533 14.52 26.93 53.22
C VAL A 533 15.04 28.13 52.45
N ALA A 534 14.68 28.20 51.18
CA ALA A 534 15.15 29.18 50.23
C ALA A 534 13.98 29.95 49.63
N PRO A 535 14.21 31.14 49.07
CA PRO A 535 13.14 31.81 48.32
C PRO A 535 12.82 31.17 46.98
N LEU A 536 13.62 30.21 46.51
CA LEU A 536 13.37 29.54 45.24
C LEU A 536 12.94 28.09 45.45
N ASN A 537 13.64 27.35 46.31
CA ASN A 537 13.34 25.93 46.50
C ASN A 537 12.00 25.73 47.20
N THR A 538 11.63 26.64 48.11
CA THR A 538 10.36 26.49 48.82
C THR A 538 9.18 26.91 47.96
N PHE A 539 9.38 27.84 47.02
CA PHE A 539 8.29 28.19 46.10
C PHE A 539 8.04 27.08 45.10
N LEU A 540 9.08 26.38 44.69
CA LEU A 540 8.88 25.26 43.77
C LEU A 540 8.35 24.01 44.46
N ALA A 541 8.27 24.00 45.79
CA ALA A 541 7.64 22.90 46.50
C ALA A 541 6.15 23.10 46.72
N VAL A 542 5.70 24.34 46.86
CA VAL A 542 4.26 24.58 47.00
C VAL A 542 3.61 24.48 45.62
N TRP A 543 4.40 24.59 44.56
CA TRP A 543 3.91 24.28 43.22
C TRP A 543 3.59 22.79 43.11
N CYS A 544 4.50 21.94 43.56
CA CYS A 544 4.31 20.50 43.46
C CYS A 544 3.24 19.99 44.42
N ALA A 545 2.92 20.74 45.47
CA ALA A 545 1.73 20.41 46.24
C ALA A 545 0.47 20.85 45.50
N ALA A 546 0.55 21.96 44.77
CA ALA A 546 -0.57 22.41 43.95
C ALA A 546 -0.79 21.51 42.75
N ILE A 547 0.25 20.80 42.30
CA ILE A 547 0.08 19.80 41.25
C ILE A 547 -0.59 18.56 41.81
N LEU A 548 -0.09 18.05 42.94
CA LEU A 548 -0.64 16.82 43.52
C LEU A 548 -2.06 16.99 44.04
N VAL A 549 -2.40 18.19 44.54
CA VAL A 549 -3.78 18.44 44.92
C VAL A 549 -4.67 18.52 43.68
N ASP A 550 -4.11 19.03 42.57
CA ASP A 550 -4.86 19.06 41.31
C ASP A 550 -5.11 17.67 40.75
N GLU A 551 -4.11 16.79 40.83
CA GLU A 551 -4.29 15.43 40.34
C GLU A 551 -5.20 14.59 41.23
N VAL A 552 -5.31 14.93 42.51
CA VAL A 552 -6.32 14.28 43.35
C VAL A 552 -7.72 14.74 42.94
N GLN A 553 -7.91 16.04 42.76
CA GLN A 553 -9.22 16.56 42.40
C GLN A 553 -9.46 16.55 40.90
N GLU A 554 -8.55 15.96 40.12
CA GLU A 554 -8.88 15.50 38.78
C GLU A 554 -9.10 14.01 38.74
N TYR A 555 -8.90 13.31 39.86
CA TYR A 555 -9.15 11.88 39.91
C TYR A 555 -10.56 11.55 40.37
N VAL A 556 -11.05 12.25 41.39
CA VAL A 556 -12.36 11.97 41.96
C VAL A 556 -13.45 12.78 41.28
N GLU A 557 -13.09 13.90 40.65
CA GLU A 557 -14.09 14.70 39.94
C GLU A 557 -14.45 14.05 38.61
N GLU A 558 -13.46 13.57 37.87
CA GLU A 558 -13.74 12.95 36.58
C GLU A 558 -14.00 11.45 36.73
N GLY A 559 -13.08 10.75 37.39
CA GLY A 559 -13.19 9.31 37.54
C GLY A 559 -11.86 8.63 37.35
N ARG A 560 -11.78 7.33 37.61
CA ARG A 560 -10.51 6.62 37.52
C ARG A 560 -10.10 6.40 36.07
N ALA A 561 -11.06 6.08 35.21
CA ALA A 561 -10.72 5.78 33.82
C ALA A 561 -10.56 7.03 32.98
N GLU A 562 -11.28 8.11 33.30
CA GLU A 562 -11.13 9.37 32.58
C GLU A 562 -9.90 10.16 33.02
N TYR A 563 -9.18 9.68 34.03
CA TYR A 563 -7.94 10.32 34.48
C TYR A 563 -6.70 9.57 34.02
N MET A 564 -6.68 8.25 34.13
CA MET A 564 -5.54 7.44 33.68
C MET A 564 -5.70 7.00 32.24
N SER A 565 -5.95 7.95 31.35
CA SER A 565 -6.03 7.66 29.93
C SER A 565 -5.30 8.68 29.07
N SER A 566 -4.83 9.79 29.63
CA SER A 566 -4.19 10.84 28.86
C SER A 566 -2.75 10.48 28.52
N GLY A 567 -1.98 10.01 29.51
CA GLY A 567 -0.58 9.66 29.33
C GLY A 567 0.38 10.65 29.95
N TRP A 568 -0.11 11.86 30.26
CA TRP A 568 0.70 12.83 30.98
C TRP A 568 0.30 12.96 32.45
N ASN A 569 -0.82 12.37 32.85
CA ASN A 569 -1.21 12.36 34.26
C ASN A 569 -0.32 11.48 35.12
N VAL A 570 0.52 10.64 34.51
CA VAL A 570 1.60 10.00 35.25
C VAL A 570 2.74 10.99 35.46
N MET A 571 3.10 11.75 34.42
CA MET A 571 4.24 12.66 34.52
C MET A 571 3.91 13.92 35.31
N ASP A 572 2.63 14.24 35.52
CA ASP A 572 2.32 15.29 36.48
C ASP A 572 2.62 14.83 37.89
N VAL A 573 2.28 13.58 38.21
CA VAL A 573 2.49 13.08 39.57
C VAL A 573 3.96 12.77 39.81
N THR A 574 4.66 12.26 38.80
CA THR A 574 6.01 11.74 38.99
C THR A 574 7.01 12.86 39.27
N MET A 575 6.94 13.95 38.52
CA MET A 575 7.79 15.09 38.83
C MET A 575 7.27 15.88 40.03
N ALA A 576 6.03 15.63 40.46
CA ALA A 576 5.58 16.15 41.74
C ALA A 576 5.86 15.19 42.88
N LEU A 577 6.45 14.04 42.60
CA LEU A 577 7.00 13.21 43.66
C LEU A 577 8.50 13.39 43.78
N SER A 578 9.22 13.31 42.66
CA SER A 578 10.68 13.39 42.67
C SER A 578 11.22 14.79 42.94
N TYR A 579 10.35 15.79 43.13
CA TYR A 579 10.77 17.06 43.71
C TYR A 579 10.28 17.25 45.13
N ILE A 580 9.16 16.64 45.49
CA ILE A 580 8.75 16.63 46.90
C ILE A 580 9.66 15.71 47.70
N LEU A 581 9.97 14.53 47.16
CA LEU A 581 10.97 13.67 47.78
C LEU A 581 12.41 14.06 47.41
N HIS A 582 12.63 15.28 46.92
CA HIS A 582 13.97 15.86 46.86
C HIS A 582 14.11 17.01 47.85
N TYR A 583 13.06 17.82 47.97
CA TYR A 583 13.05 18.87 48.97
C TYR A 583 12.93 18.30 50.38
N ILE A 584 12.26 17.15 50.53
CA ILE A 584 12.21 16.50 51.83
C ILE A 584 13.56 15.86 52.15
N LEU A 585 14.16 15.19 51.19
CA LEU A 585 15.50 14.64 51.41
C LEU A 585 16.60 15.70 51.31
N ARG A 586 16.25 16.98 51.13
CA ARG A 586 17.19 18.07 51.37
C ARG A 586 17.17 18.55 52.81
N ILE A 587 16.05 18.41 53.52
CA ILE A 587 16.00 18.76 54.93
C ILE A 587 16.13 17.54 55.84
N ILE A 588 15.98 16.32 55.33
CA ILE A 588 16.15 15.11 56.13
C ILE A 588 17.56 14.54 56.00
N ALA A 589 18.19 14.66 54.84
CA ALA A 589 19.49 14.02 54.63
C ALA A 589 20.66 14.98 54.43
N VAL A 590 20.43 16.20 53.96
CA VAL A 590 21.52 17.10 53.60
C VAL A 590 21.78 18.01 54.81
N ARG A 591 22.97 18.61 54.85
CA ARG A 591 23.47 19.33 56.02
C ARG A 591 22.69 20.63 56.21
N VAL A 592 21.56 20.52 56.89
CA VAL A 592 20.91 21.68 57.48
C VAL A 592 20.82 21.49 59.00
N THR A 593 20.10 20.47 59.46
CA THR A 593 20.20 19.95 60.82
C THR A 593 19.85 18.46 60.87
N ASP A 594 20.85 17.61 60.61
CA ASP A 594 20.71 16.16 60.54
C ASP A 594 22.11 15.56 60.42
N ASN A 595 22.18 14.25 60.24
CA ASN A 595 23.44 13.52 60.17
C ASN A 595 23.83 13.26 58.72
N LEU A 596 24.96 12.58 58.55
CA LEU A 596 25.55 12.34 57.24
C LEU A 596 25.32 10.90 56.80
N ASN A 597 25.01 10.72 55.53
CA ASN A 597 24.70 9.40 54.97
C ASN A 597 25.09 9.43 53.49
N ILE A 598 24.65 8.43 52.73
CA ILE A 598 24.86 8.41 51.29
C ILE A 598 23.74 9.22 50.63
N LEU A 599 24.12 10.33 50.01
CA LEU A 599 23.17 11.35 49.59
C LEU A 599 23.10 11.48 48.06
N LEU A 600 23.49 10.44 47.33
CA LEU A 600 23.43 10.49 45.87
C LEU A 600 21.99 10.51 45.39
N VAL A 601 21.08 9.86 46.11
CA VAL A 601 19.67 9.79 45.72
C VAL A 601 19.01 11.16 45.82
N VAL A 602 19.54 12.04 46.68
CA VAL A 602 18.98 13.40 46.81
C VAL A 602 19.26 14.20 45.56
N ASN A 603 20.46 14.07 45.00
CA ASN A 603 20.82 14.71 43.74
C ASN A 603 20.43 13.89 42.52
N ASP A 604 20.01 12.64 42.72
CA ASP A 604 19.54 11.81 41.62
C ASP A 604 18.08 12.08 41.29
N LEU A 605 17.26 12.30 42.32
CA LEU A 605 15.84 12.55 42.12
C LEU A 605 15.56 13.92 41.51
N LEU A 606 16.53 14.83 41.52
CA LEU A 606 16.31 16.16 40.95
C LEU A 606 16.26 16.08 39.43
N ALA A 607 17.14 15.29 38.82
CA ALA A 607 17.02 15.07 37.38
C ALA A 607 15.88 14.13 37.05
N ALA A 608 15.43 13.31 38.01
CA ALA A 608 14.23 12.53 37.81
C ALA A 608 12.99 13.42 37.75
N ALA A 609 13.05 14.61 38.33
CA ALA A 609 12.02 15.60 38.17
C ALA A 609 12.29 16.57 37.04
N ALA A 610 13.55 16.65 36.58
CA ALA A 610 13.92 17.58 35.51
C ALA A 610 13.78 16.95 34.13
N LEU A 611 13.98 15.64 34.02
CA LEU A 611 13.70 14.94 32.77
C LEU A 611 12.21 14.98 32.45
N MET A 612 11.38 14.69 33.44
CA MET A 612 9.95 14.69 33.23
C MET A 612 9.39 16.10 33.13
N ALA A 613 10.18 17.12 33.47
CA ALA A 613 9.72 18.50 33.34
C ALA A 613 9.67 18.93 31.89
N TRP A 614 10.78 18.75 31.15
CA TRP A 614 10.80 19.15 29.75
C TRP A 614 10.02 18.19 28.88
N PHE A 615 9.88 16.93 29.31
CA PHE A 615 8.97 16.01 28.62
C PHE A 615 7.53 16.46 28.79
N ARG A 616 7.20 17.07 29.93
CA ARG A 616 5.87 17.62 30.13
C ARG A 616 5.62 18.84 29.25
N MET A 617 6.66 19.52 28.80
CA MET A 617 6.54 20.71 27.97
C MET A 617 6.02 20.39 26.56
N VAL A 618 6.06 19.13 26.13
CA VAL A 618 5.58 18.77 24.81
C VAL A 618 4.06 18.81 24.72
N SER A 619 3.37 18.99 25.85
CA SER A 619 1.93 19.16 25.85
C SER A 619 1.48 20.49 25.27
N VAL A 620 2.38 21.45 25.05
CA VAL A 620 1.97 22.71 24.43
C VAL A 620 1.66 22.55 22.96
N PHE A 621 2.07 21.45 22.34
CA PHE A 621 1.68 21.10 20.98
C PHE A 621 0.56 20.06 20.95
N GLU A 622 -0.39 20.15 21.90
CA GLU A 622 -1.54 19.27 21.84
C GLU A 622 -2.57 19.74 20.83
N LEU A 623 -2.56 21.02 20.51
CA LEU A 623 -3.12 21.55 19.29
C LEU A 623 -2.05 21.39 18.19
N SER A 624 -2.18 22.13 17.09
CA SER A 624 -1.21 22.14 15.99
C SER A 624 -1.03 20.78 15.33
N SER A 625 -2.04 20.38 14.55
CA SER A 625 -1.90 19.28 13.60
C SER A 625 -0.62 19.43 12.78
N ALA A 626 -0.01 18.27 12.51
CA ALA A 626 1.33 17.99 11.99
C ALA A 626 2.44 18.17 13.02
N ILE A 627 2.15 18.69 14.20
CA ILE A 627 3.09 18.58 15.32
C ILE A 627 2.37 17.79 16.39
N GLY A 628 1.04 17.79 16.31
CA GLY A 628 0.18 17.00 17.17
C GLY A 628 0.26 15.49 16.98
N PRO A 629 -0.03 14.98 15.76
CA PRO A 629 -0.05 13.52 15.56
C PRO A 629 1.31 12.84 15.50
N LEU A 630 2.37 13.54 15.88
CA LEU A 630 3.65 12.91 16.16
C LEU A 630 3.84 12.61 17.64
N ILE A 631 3.24 13.41 18.52
CA ILE A 631 3.40 13.21 19.95
C ILE A 631 2.57 12.03 20.44
N GLN A 632 1.35 11.88 19.94
CA GLN A 632 0.57 10.68 20.22
C GLN A 632 1.26 9.45 19.66
N MET A 633 1.75 9.56 18.43
CA MET A 633 2.53 8.52 17.79
C MET A 633 3.82 8.22 18.53
N MET A 634 4.36 9.21 19.23
CA MET A 634 5.49 8.95 20.13
C MET A 634 5.04 8.25 21.40
N LYS A 635 3.86 8.59 21.90
CA LYS A 635 3.32 7.99 23.12
C LYS A 635 2.47 6.77 22.84
N GLN A 636 2.41 6.30 21.60
CA GLN A 636 1.73 5.05 21.28
C GLN A 636 2.72 3.89 21.24
N MET A 637 3.84 4.09 20.53
CA MET A 637 4.90 3.10 20.45
C MET A 637 5.89 3.22 21.60
N LEU A 638 5.47 3.79 22.73
CA LEU A 638 6.25 3.78 23.95
C LEU A 638 5.54 3.07 25.09
N ILE A 639 4.21 3.08 25.12
CA ILE A 639 3.45 2.38 26.14
C ILE A 639 3.11 0.95 25.74
N LYS A 640 3.18 0.61 24.46
CA LYS A 640 2.83 -0.73 24.02
C LYS A 640 3.94 -1.45 23.28
N ASP A 641 5.00 -0.75 22.85
CA ASP A 641 6.06 -1.37 22.09
C ASP A 641 7.44 -1.19 22.70
N VAL A 642 7.53 -0.64 23.91
CA VAL A 642 8.79 -0.49 24.60
C VAL A 642 8.84 -1.36 25.85
N THR A 643 7.79 -1.32 26.66
CA THR A 643 7.68 -2.23 27.79
C THR A 643 7.45 -3.67 27.38
N ARG A 644 7.09 -3.90 26.13
CA ARG A 644 6.77 -5.19 25.55
C ARG A 644 7.98 -5.83 24.88
N PHE A 645 8.78 -5.01 24.19
CA PHE A 645 9.99 -5.53 23.56
C PHE A 645 11.12 -5.70 24.57
N ALA A 646 11.17 -4.85 25.60
CA ALA A 646 12.21 -4.94 26.61
C ALA A 646 11.99 -6.06 27.61
N LEU A 647 10.83 -6.71 27.59
CA LEU A 647 10.65 -7.92 28.38
C LEU A 647 11.19 -9.13 27.63
N LEU A 648 10.90 -9.22 26.33
CA LEU A 648 11.40 -10.31 25.52
C LEU A 648 12.89 -10.21 25.27
N VAL A 649 13.45 -9.00 25.28
CA VAL A 649 14.90 -8.87 25.23
C VAL A 649 15.53 -9.30 26.54
N LEU A 650 14.85 -9.03 27.66
CA LEU A 650 15.40 -9.32 28.99
C LEU A 650 15.53 -10.82 29.23
N VAL A 651 14.54 -11.61 28.80
CA VAL A 651 14.62 -13.05 29.02
C VAL A 651 15.60 -13.69 28.03
N ILE A 652 15.90 -12.99 26.93
CA ILE A 652 16.95 -13.46 26.03
C ILE A 652 18.31 -13.03 26.55
N LEU A 653 18.41 -11.82 27.10
CA LEU A 653 19.68 -11.30 27.59
C LEU A 653 20.16 -12.04 28.84
N LEU A 654 19.25 -12.60 29.63
CA LEU A 654 19.67 -13.46 30.73
C LEU A 654 20.24 -14.77 30.23
N GLY A 655 19.88 -15.20 29.02
CA GLY A 655 20.48 -16.40 28.47
C GLY A 655 21.92 -16.21 28.08
N PHE A 656 22.24 -15.05 27.50
CA PHE A 656 23.61 -14.78 27.10
C PHE A 656 24.48 -14.42 28.30
N SER A 657 23.93 -13.70 29.28
CA SER A 657 24.74 -13.29 30.44
C SER A 657 25.04 -14.45 31.36
N VAL A 658 24.19 -15.48 31.38
CA VAL A 658 24.51 -16.70 32.08
C VAL A 658 25.35 -17.62 31.20
N GLY A 659 25.00 -17.72 29.91
CA GLY A 659 25.78 -18.50 28.96
C GLY A 659 27.19 -17.99 28.73
N MET A 660 27.43 -16.70 28.99
CA MET A 660 28.80 -16.20 29.00
C MET A 660 29.61 -16.77 30.14
N GLU A 661 29.00 -16.88 31.34
CA GLU A 661 29.74 -17.31 32.52
C GLU A 661 30.12 -18.77 32.46
N ALA A 662 29.30 -19.61 31.83
CA ALA A 662 29.58 -21.04 31.76
C ALA A 662 30.80 -21.34 30.92
N LEU A 663 31.21 -20.43 30.04
CA LEU A 663 32.41 -20.64 29.24
C LEU A 663 33.68 -20.43 30.06
N PHE A 664 33.69 -19.39 30.89
CA PHE A 664 34.90 -18.97 31.60
C PHE A 664 34.93 -19.44 33.06
N GLN A 665 34.45 -20.65 33.33
CA GLN A 665 34.39 -21.17 34.69
C GLN A 665 35.40 -22.27 34.95
N GLU A 666 36.03 -22.82 33.92
CA GLU A 666 36.91 -23.97 34.09
C GLU A 666 38.37 -23.64 33.77
N ARG A 717 40.99 -21.22 22.62
CA ARG A 717 40.04 -20.45 23.41
C ARG A 717 39.27 -19.45 22.56
N VAL A 718 39.98 -18.85 21.59
CA VAL A 718 39.39 -17.87 20.68
C VAL A 718 38.30 -18.49 19.82
N THR A 719 38.41 -19.78 19.48
CA THR A 719 37.34 -20.44 18.75
C THR A 719 36.14 -20.74 19.66
N GLY A 720 36.31 -20.57 20.97
CA GLY A 720 35.21 -20.71 21.89
C GLY A 720 34.43 -19.42 22.07
N VAL A 721 35.13 -18.28 22.03
CA VAL A 721 34.50 -17.00 22.35
C VAL A 721 34.15 -16.18 21.11
N ILE A 722 34.98 -16.19 20.07
CA ILE A 722 34.63 -15.45 18.86
C ILE A 722 33.49 -16.15 18.12
N PHE A 723 33.46 -17.49 18.15
CA PHE A 723 32.28 -18.19 17.68
C PHE A 723 31.10 -18.04 18.63
N TYR A 724 31.36 -17.66 19.88
CA TYR A 724 30.27 -17.25 20.76
C TYR A 724 29.83 -15.82 20.45
N LEU A 725 30.75 -14.95 20.04
CA LEU A 725 30.42 -13.55 19.85
C LEU A 725 29.62 -13.33 18.56
N ILE A 726 29.92 -14.10 17.51
CA ILE A 726 29.20 -13.96 16.24
C ILE A 726 27.76 -14.42 16.40
N PHE A 727 27.48 -15.30 17.37
CA PHE A 727 26.09 -15.60 17.71
C PHE A 727 25.42 -14.43 18.41
N ALA A 728 26.20 -13.53 19.03
CA ALA A 728 25.61 -12.41 19.75
C ALA A 728 25.42 -11.20 18.84
N ILE A 729 26.31 -11.01 17.88
CA ILE A 729 26.17 -9.89 16.95
C ILE A 729 25.04 -10.17 15.96
N VAL A 730 24.88 -11.44 15.57
CA VAL A 730 23.76 -11.82 14.71
C VAL A 730 22.43 -11.65 15.44
N THR A 731 22.36 -12.11 16.69
CA THR A 731 21.11 -12.04 17.45
C THR A 731 20.77 -10.61 17.84
N ALA A 732 21.76 -9.74 17.98
CA ALA A 732 21.45 -8.33 18.22
C ALA A 732 20.95 -7.64 16.95
N ILE A 733 21.48 -8.04 15.78
CA ILE A 733 20.97 -7.50 14.52
C ILE A 733 19.60 -8.10 14.21
N LEU A 734 19.43 -9.40 14.45
CA LEU A 734 18.16 -10.06 14.21
C LEU A 734 17.06 -9.57 15.14
N LEU A 735 17.41 -8.98 16.28
CA LEU A 735 16.44 -8.33 17.15
C LEU A 735 16.20 -6.87 16.77
N LEU A 736 17.24 -6.14 16.39
CA LEU A 736 17.07 -4.75 15.93
C LEU A 736 16.32 -4.69 14.62
N ASN A 737 16.45 -5.74 13.80
CA ASN A 737 15.60 -5.91 12.63
C ASN A 737 14.14 -6.02 13.01
N LEU A 738 13.85 -6.63 14.15
CA LEU A 738 12.49 -6.84 14.59
C LEU A 738 11.94 -5.64 15.35
N PHE A 739 12.78 -4.86 15.99
CA PHE A 739 12.35 -3.65 16.68
C PHE A 739 12.01 -2.51 15.73
N ILE A 740 12.82 -2.31 14.69
CA ILE A 740 12.56 -1.26 13.70
C ILE A 740 11.30 -1.58 12.92
N ALA A 741 11.08 -2.84 12.59
CA ALA A 741 9.83 -3.27 11.97
C ALA A 741 8.67 -3.32 12.96
N MET A 742 8.89 -3.02 14.23
CA MET A 742 7.82 -2.93 15.21
C MET A 742 7.46 -1.49 15.54
N LEU A 743 8.33 -0.54 15.17
CA LEU A 743 7.96 0.86 15.23
C LEU A 743 7.47 1.37 13.88
N ALA A 744 8.03 0.85 12.78
CA ALA A 744 7.50 1.16 11.47
C ALA A 744 6.16 0.49 11.22
N ASP A 745 5.81 -0.50 12.03
CA ASP A 745 4.46 -1.03 12.03
C ASP A 745 3.52 -0.12 12.79
N THR A 746 3.95 0.33 13.97
CA THR A 746 3.11 1.18 14.82
C THR A 746 2.97 2.59 14.25
N TYR A 747 3.99 3.08 13.54
CA TYR A 747 3.84 4.31 12.77
C TYR A 747 2.73 4.19 11.74
N THR A 748 2.72 3.08 10.98
CA THR A 748 1.71 2.89 9.95
C THR A 748 0.33 2.64 10.54
N ARG A 749 0.24 2.10 11.74
CA ARG A 749 -1.06 1.93 12.36
C ARG A 749 -1.65 3.23 12.88
N VAL A 750 -0.83 4.25 13.14
CA VAL A 750 -1.33 5.51 13.68
C VAL A 750 -1.14 6.69 12.74
N SER A 751 -0.40 6.54 11.63
CA SER A 751 -0.31 7.63 10.68
C SER A 751 -1.50 7.68 9.73
N THR A 752 -2.27 6.60 9.64
CA THR A 752 -3.45 6.61 8.80
C THR A 752 -4.63 7.27 9.50
N GLN A 753 -4.70 7.15 10.83
CA GLN A 753 -5.68 7.86 11.63
C GLN A 753 -5.13 9.16 12.17
N ALA A 754 -4.25 9.85 11.44
CA ALA A 754 -3.62 11.05 11.97
C ALA A 754 -4.57 12.23 12.05
N MET A 755 -5.69 12.19 11.33
CA MET A 755 -6.69 13.24 11.42
C MET A 755 -7.98 12.77 12.07
N VAL A 756 -7.96 11.62 12.74
CA VAL A 756 -9.08 11.18 13.55
C VAL A 756 -8.59 11.07 14.98
N GLU A 757 -7.36 10.59 15.15
CA GLU A 757 -6.77 10.51 16.47
C GLU A 757 -6.34 11.88 16.98
N PHE A 758 -6.19 12.86 16.08
CA PHE A 758 -5.87 14.21 16.52
C PHE A 758 -7.14 14.97 16.87
N ARG A 759 -8.16 14.87 16.03
CA ARG A 759 -9.39 15.61 16.27
C ARG A 759 -10.14 15.07 17.48
N TYR A 760 -9.99 13.77 17.78
CA TYR A 760 -10.55 13.24 19.01
C TYR A 760 -9.78 13.73 20.22
N ARG A 761 -8.45 13.72 20.14
CA ARG A 761 -7.65 14.22 21.25
C ARG A 761 -7.73 15.72 21.39
N LYS A 762 -8.15 16.44 20.35
CA LYS A 762 -8.42 17.86 20.49
C LYS A 762 -9.76 18.11 21.16
N ALA A 763 -10.78 17.31 20.83
CA ALA A 763 -12.10 17.49 21.41
C ALA A 763 -12.20 16.97 22.85
N LYS A 764 -11.18 16.29 23.34
CA LYS A 764 -11.16 15.91 24.75
C LYS A 764 -10.51 16.96 25.62
N LEU A 765 -9.91 18.00 25.04
CA LEU A 765 -9.45 19.14 25.81
C LEU A 765 -10.16 20.43 25.45
N MET A 766 -10.95 20.45 24.38
CA MET A 766 -11.92 21.51 24.20
C MET A 766 -13.14 21.32 25.07
N ALA A 767 -13.29 20.16 25.72
CA ALA A 767 -14.33 19.90 26.69
C ALA A 767 -13.83 19.83 28.11
N SER A 768 -12.58 19.42 28.30
CA SER A 768 -12.02 19.39 29.65
C SER A 768 -11.71 20.79 30.13
N TYR A 769 -11.26 21.67 29.23
CA TYR A 769 -10.96 23.04 29.59
C TYR A 769 -12.17 23.96 29.46
N SER A 770 -13.27 23.48 28.89
CA SER A 770 -14.46 24.31 28.81
C SER A 770 -15.29 24.26 30.06
N ARG A 771 -15.16 23.20 30.86
CA ARG A 771 -15.86 23.14 32.14
C ARG A 771 -15.08 23.83 33.24
N ARG A 772 -13.76 23.69 33.23
CA ARG A 772 -12.97 24.07 34.38
C ARG A 772 -12.72 25.58 34.43
N ASP A 773 -12.21 26.01 35.58
CA ASP A 773 -12.01 27.42 35.90
C ASP A 773 -10.79 28.00 35.19
N PHE A 774 -10.60 29.32 35.35
CA PHE A 774 -9.52 30.07 34.71
C PHE A 774 -8.25 30.10 35.54
N VAL A 775 -8.18 29.32 36.62
CA VAL A 775 -7.18 29.51 37.65
C VAL A 775 -6.47 28.17 37.87
N CYS A 776 -5.58 28.12 38.86
CA CYS A 776 -4.94 27.00 39.54
C CYS A 776 -4.12 26.03 38.69
N PRO A 777 -3.05 26.47 38.02
CA PRO A 777 -1.85 25.64 37.97
C PRO A 777 -0.98 25.78 39.22
N PRO A 778 -0.79 26.97 39.82
CA PRO A 778 -0.30 26.98 41.21
C PRO A 778 -1.34 27.29 42.28
N PHE A 779 -2.55 27.69 41.91
CA PHE A 779 -3.50 28.27 42.85
C PHE A 779 -4.50 27.26 43.38
N ASN A 780 -4.22 25.96 43.28
CA ASN A 780 -5.01 24.96 43.97
C ASN A 780 -4.62 24.80 45.43
N LEU A 781 -3.59 25.50 45.88
CA LEU A 781 -3.36 25.76 47.28
C LEU A 781 -3.58 27.22 47.66
N LEU A 782 -3.96 28.08 46.71
CA LEU A 782 -4.24 29.46 47.02
C LEU A 782 -5.74 29.76 46.95
N HIS A 783 -6.49 28.97 46.17
CA HIS A 783 -7.94 29.14 46.10
C HIS A 783 -8.67 28.13 46.97
N LEU A 784 -8.14 26.91 47.11
CA LEU A 784 -8.75 25.91 47.98
C LEU A 784 -8.66 26.30 49.45
N VAL A 785 -7.66 27.09 49.84
CA VAL A 785 -7.60 27.57 51.21
C VAL A 785 -8.56 28.72 51.45
N CYS A 786 -9.04 29.39 50.40
CA CYS A 786 -10.03 30.45 50.57
C CYS A 786 -11.44 30.02 50.18
N ALA A 787 -11.58 28.86 49.53
CA ALA A 787 -12.91 28.34 49.24
C ALA A 787 -13.54 27.67 50.45
N ALA A 788 -12.72 27.06 51.31
CA ALA A 788 -13.20 26.51 52.56
C ALA A 788 -13.43 27.60 53.59
N VAL A 789 -12.62 28.65 53.55
CA VAL A 789 -12.79 29.78 54.47
C VAL A 789 -14.06 30.57 54.12
N GLY A 790 -14.33 30.74 52.83
CA GLY A 790 -15.52 31.49 52.41
C GLY A 790 -16.82 30.81 52.78
N ASN A 791 -16.80 29.49 52.96
CA ASN A 791 -17.95 28.80 53.56
C ASN A 791 -17.88 28.85 55.07
N GLY A 792 -16.67 28.89 55.64
CA GLY A 792 -16.53 28.90 57.08
C GLY A 792 -16.92 30.22 57.71
N LEU A 793 -16.70 31.33 56.99
CA LEU A 793 -17.10 32.64 57.46
C LEU A 793 -18.47 33.01 56.89
N PRO A 805 -18.96 30.69 46.95
CA PRO A 805 -18.89 29.55 47.87
C PRO A 805 -18.61 28.24 47.14
N VAL A 806 -18.11 28.36 45.91
CA VAL A 806 -17.88 27.19 45.07
C VAL A 806 -16.41 26.77 45.14
N SER A 807 -16.17 25.47 45.31
CA SER A 807 -14.81 24.93 45.22
C SER A 807 -14.57 24.33 43.84
N MET A 808 -15.33 23.28 43.52
CA MET A 808 -15.24 22.60 42.23
C MET A 808 -16.63 22.21 41.72
N ARG A 809 -17.66 22.95 42.10
CA ARG A 809 -19.03 22.62 41.73
C ARG A 809 -19.58 23.47 40.60
N LYS A 810 -18.78 24.35 40.01
CA LYS A 810 -19.26 25.14 38.89
C LYS A 810 -18.96 24.46 37.56
N ASN A 811 -18.12 23.42 37.59
CA ASN A 811 -17.99 22.56 36.42
C ASN A 811 -19.25 21.76 36.16
N GLU A 812 -19.95 21.33 37.21
CA GLU A 812 -21.02 20.35 37.05
C GLU A 812 -22.39 21.01 36.94
N THR A 813 -22.57 22.19 37.56
CA THR A 813 -23.85 22.86 37.44
C THR A 813 -24.04 23.46 36.05
N VAL A 814 -23.04 24.14 35.52
CA VAL A 814 -23.16 24.70 34.17
C VAL A 814 -23.06 23.58 33.15
N PRO A 815 -24.05 23.39 32.29
CA PRO A 815 -24.12 22.19 31.43
C PRO A 815 -23.35 22.30 30.12
N LEU A 816 -22.09 22.70 30.19
CA LEU A 816 -21.08 22.51 29.15
C LEU A 816 -21.30 23.34 27.88
N PHE A 817 -22.45 23.98 27.73
CA PHE A 817 -22.80 24.69 26.51
C PHE A 817 -23.86 25.73 26.85
N SER A 818 -24.47 26.31 25.83
CA SER A 818 -25.58 27.22 26.00
C SER A 818 -26.81 26.84 25.21
N TRP A 819 -26.66 26.00 24.18
CA TRP A 819 -27.78 25.46 23.44
C TRP A 819 -28.30 24.15 24.02
N TYR A 820 -28.05 23.92 25.30
CA TYR A 820 -28.68 22.88 26.10
C TYR A 820 -30.07 23.34 26.53
N PHE A 821 -30.59 22.79 27.64
CA PHE A 821 -32.00 22.66 28.01
C PHE A 821 -32.78 23.95 27.73
N PRO A 822 -33.55 24.00 26.65
CA PRO A 822 -34.20 25.26 26.27
C PRO A 822 -35.58 25.40 26.88
N GLN A 823 -35.79 26.46 27.65
CA GLN A 823 -37.10 26.75 28.19
C GLN A 823 -37.88 27.58 27.19
N GLY A 824 -39.18 27.41 27.18
CA GLY A 824 -40.05 28.22 26.37
C GLY A 824 -40.19 27.70 24.95
N GLU A 825 -40.38 28.65 24.04
CA GLU A 825 -40.67 28.34 22.65
C GLU A 825 -39.42 28.23 21.78
N GLU A 826 -38.28 27.93 22.37
CA GLU A 826 -37.14 27.46 21.57
C GLU A 826 -37.05 25.94 21.59
N MET A 827 -37.54 25.31 22.66
CA MET A 827 -37.84 23.89 22.61
C MET A 827 -38.93 23.59 21.59
N ARG A 828 -39.85 24.53 21.39
CA ARG A 828 -40.88 24.40 20.36
C ARG A 828 -40.32 24.46 18.95
N GLN A 829 -39.06 24.85 18.76
CA GLN A 829 -38.41 24.83 17.46
C GLN A 829 -37.38 23.72 17.32
N VAL A 830 -36.72 23.33 18.41
CA VAL A 830 -35.70 22.29 18.33
C VAL A 830 -36.33 20.92 18.05
N VAL A 831 -37.39 20.58 18.76
CA VAL A 831 -38.09 19.32 18.52
C VAL A 831 -38.78 19.33 17.16
N VAL A 832 -39.14 20.52 16.65
CA VAL A 832 -39.58 20.62 15.27
C VAL A 832 -38.40 20.43 14.33
N LEU A 833 -37.21 20.90 14.73
CA LEU A 833 -36.05 20.80 13.85
C LEU A 833 -35.47 19.40 13.79
N GLN A 834 -35.48 18.65 14.89
CA GLN A 834 -34.88 17.32 14.85
C GLN A 834 -35.79 16.30 14.17
N ARG A 835 -37.08 16.62 14.03
CA ARG A 835 -37.98 15.78 13.26
C ARG A 835 -37.87 16.04 11.76
N ARG A 836 -37.02 16.98 11.35
CA ARG A 836 -36.68 17.13 9.94
C ARG A 836 -35.24 16.75 9.67
N VAL A 837 -34.49 16.39 10.70
CA VAL A 837 -33.16 15.81 10.51
C VAL A 837 -33.21 14.31 10.64
N VAL A 838 -33.83 13.81 11.72
CA VAL A 838 -33.88 12.38 11.96
C VAL A 838 -34.85 11.70 11.01
N ASP A 839 -36.00 12.31 10.76
CA ASP A 839 -36.91 11.73 9.78
C ASP A 839 -36.42 11.88 8.35
N ASP A 840 -35.44 12.74 8.10
CA ASP A 840 -34.74 12.77 6.82
C ASP A 840 -33.44 11.97 6.87
N PHE A 841 -33.27 11.17 7.90
CA PHE A 841 -32.20 10.18 8.04
C PHE A 841 -32.73 8.76 8.03
N LEU A 842 -33.83 8.50 8.74
CA LEU A 842 -34.41 7.18 8.83
C LEU A 842 -35.09 6.73 7.55
N ASN A 843 -35.39 7.65 6.64
CA ASN A 843 -35.80 7.27 5.30
C ASN A 843 -34.64 7.31 4.33
N SER A 844 -33.42 7.36 4.83
CA SER A 844 -32.24 7.13 4.03
C SER A 844 -31.58 5.80 4.35
N ASN A 845 -31.64 5.37 5.61
CA ASN A 845 -31.25 4.00 5.95
C ASN A 845 -32.26 3.01 5.42
N ARG A 846 -33.52 3.42 5.32
CA ARG A 846 -34.55 2.57 4.75
C ARG A 846 -34.38 2.41 3.24
N VAL A 847 -33.61 3.27 2.60
CA VAL A 847 -33.34 3.19 1.17
C VAL A 847 -32.03 2.48 0.90
N ALA A 848 -31.01 2.70 1.72
CA ALA A 848 -29.75 1.99 1.57
C ALA A 848 -29.89 0.50 1.91
N LEU A 849 -30.73 0.17 2.88
CA LEU A 849 -30.97 -1.23 3.19
C LEU A 849 -31.89 -1.90 2.18
N PHE A 850 -32.73 -1.13 1.49
CA PHE A 850 -33.56 -1.71 0.44
C PHE A 850 -32.73 -2.18 -0.73
N ARG A 851 -31.62 -1.53 -1.00
CA ARG A 851 -30.73 -2.01 -2.06
C ARG A 851 -30.04 -3.30 -1.65
N GLU A 852 -29.78 -3.49 -0.35
CA GLU A 852 -29.19 -4.75 0.12
C GLU A 852 -30.18 -5.91 0.07
N LYS A 853 -31.48 -5.62 0.14
CA LYS A 853 -32.47 -6.64 -0.16
C LYS A 853 -32.46 -6.99 -1.64
N LEU A 854 -32.13 -6.02 -2.49
CA LEU A 854 -31.99 -6.24 -3.92
C LEU A 854 -30.58 -6.68 -4.31
N ASN A 855 -29.59 -6.44 -3.45
CA ASN A 855 -28.22 -6.80 -3.78
C ASN A 855 -28.05 -8.31 -3.80
N ALA A 856 -28.60 -9.01 -2.81
CA ALA A 856 -28.58 -10.46 -2.80
C ALA A 856 -29.86 -11.04 -3.40
N GLU A 857 -30.26 -10.50 -4.55
CA GLU A 857 -31.39 -11.03 -5.29
C GLU A 857 -31.18 -10.97 -6.79
N LEU A 858 -30.01 -10.52 -7.26
CA LEU A 858 -29.83 -10.29 -8.69
C LEU A 858 -29.93 -11.53 -9.57
N PRO A 859 -29.48 -12.73 -9.17
CA PRO A 859 -29.83 -13.91 -9.97
C PRO A 859 -31.27 -14.37 -9.89
N ASN A 860 -32.18 -13.59 -9.27
CA ASN A 860 -33.61 -13.75 -9.47
C ASN A 860 -34.25 -12.53 -10.12
N LEU A 861 -33.52 -11.44 -10.28
CA LEU A 861 -34.02 -10.29 -11.03
C LEU A 861 -33.46 -10.25 -12.45
N VAL A 862 -32.21 -10.69 -12.64
CA VAL A 862 -31.65 -10.75 -13.98
C VAL A 862 -32.28 -11.91 -14.76
N HIS A 863 -32.73 -12.95 -14.06
CA HIS A 863 -33.43 -14.03 -14.74
C HIS A 863 -34.85 -13.62 -15.17
N GLU A 864 -35.45 -12.61 -14.54
CA GLU A 864 -36.79 -12.19 -14.94
C GLU A 864 -36.72 -11.23 -16.12
N MET A 865 -35.80 -10.26 -16.09
CA MET A 865 -35.62 -9.31 -17.17
C MET A 865 -35.06 -9.94 -18.43
N LEU A 866 -34.48 -11.13 -18.33
CA LEU A 866 -34.09 -11.93 -19.47
C LEU A 866 -35.14 -13.00 -19.78
N LYS A 867 -36.33 -12.86 -19.22
CA LYS A 867 -37.50 -13.65 -19.61
C LYS A 867 -38.66 -12.78 -20.08
N GLN A 868 -38.87 -11.63 -19.44
CA GLN A 868 -39.78 -10.64 -20.00
C GLN A 868 -39.24 -10.03 -21.29
N LYS A 869 -37.99 -9.53 -21.24
CA LYS A 869 -37.17 -9.01 -22.35
C LYS A 869 -37.89 -8.13 -23.38
N LYS B 17 15.20 -4.03 -51.84
CA LYS B 17 13.82 -4.48 -51.88
C LYS B 17 13.61 -5.70 -50.98
N LYS B 18 14.71 -6.41 -50.69
CA LYS B 18 14.66 -7.66 -49.95
C LYS B 18 14.33 -7.46 -48.47
N PRO B 19 15.14 -6.71 -47.65
CA PRO B 19 14.78 -6.71 -46.21
C PRO B 19 13.71 -5.68 -45.89
N SER B 20 12.45 -6.08 -46.04
CA SER B 20 11.33 -5.15 -46.03
C SER B 20 10.99 -4.61 -44.65
N ASP B 21 11.93 -3.86 -44.06
CA ASP B 21 11.77 -2.95 -42.93
C ASP B 21 11.51 -3.64 -41.60
N TYR B 22 11.30 -4.95 -41.61
CA TYR B 22 11.28 -5.71 -40.37
C TYR B 22 11.88 -7.06 -40.68
N GLY B 23 12.20 -7.27 -41.96
CA GLY B 23 13.00 -8.43 -42.33
C GLY B 23 14.38 -8.38 -41.70
N CYS B 24 15.02 -7.21 -41.73
CA CYS B 24 16.23 -7.07 -40.92
C CYS B 24 15.90 -6.48 -39.55
N GLN B 25 14.83 -6.99 -38.94
CA GLN B 25 14.54 -6.73 -37.54
C GLN B 25 14.11 -8.02 -36.86
N LEU B 26 13.42 -8.87 -37.62
CA LEU B 26 12.68 -10.00 -37.06
C LEU B 26 12.96 -11.33 -37.73
N HIS B 27 13.38 -11.37 -38.99
CA HIS B 27 13.63 -12.63 -39.66
C HIS B 27 14.87 -13.31 -39.09
N TYR B 28 14.93 -14.63 -39.27
CA TYR B 28 16.01 -15.44 -38.71
C TYR B 28 17.33 -15.10 -39.38
N LYS B 29 18.32 -14.77 -38.55
CA LYS B 29 19.50 -14.07 -39.06
C LYS B 29 20.45 -15.01 -39.80
N HIS B 30 20.85 -16.10 -39.16
CA HIS B 30 21.86 -16.99 -39.71
C HIS B 30 21.33 -17.80 -40.88
N ALA B 31 22.24 -18.49 -41.56
CA ALA B 31 21.90 -19.34 -42.69
C ALA B 31 21.88 -20.78 -42.21
N ARG B 32 20.69 -21.38 -42.21
CA ARG B 32 20.54 -22.75 -41.75
C ARG B 32 20.98 -23.73 -42.84
N VAL B 33 21.28 -24.95 -42.41
CA VAL B 33 21.63 -26.04 -43.31
C VAL B 33 20.45 -26.98 -43.36
N VAL B 34 19.78 -27.05 -44.51
CA VAL B 34 18.56 -27.83 -44.65
C VAL B 34 18.91 -29.32 -44.67
N GLU B 35 18.54 -30.03 -43.61
CA GLU B 35 18.70 -31.46 -43.58
C GLU B 35 17.72 -32.11 -44.56
N PRO B 36 18.11 -33.21 -45.21
CA PRO B 36 17.22 -33.84 -46.21
C PRO B 36 15.91 -34.40 -45.66
N GLU B 37 15.99 -35.26 -44.64
CA GLU B 37 14.79 -35.89 -44.07
C GLU B 37 14.97 -35.90 -42.55
N SER B 38 14.46 -34.88 -41.89
CA SER B 38 14.56 -34.72 -40.45
C SER B 38 13.16 -34.66 -39.85
N THR B 39 12.77 -35.71 -39.13
CA THR B 39 11.48 -35.73 -38.47
C THR B 39 11.57 -35.04 -37.12
N THR B 40 10.65 -34.12 -36.85
CA THR B 40 10.68 -33.29 -35.66
C THR B 40 9.62 -33.70 -34.64
N ASP B 41 9.18 -34.95 -34.70
CA ASP B 41 8.15 -35.46 -33.81
C ASP B 41 8.71 -35.79 -32.43
N ASP B 42 7.91 -36.42 -31.57
CA ASP B 42 8.43 -36.91 -30.30
C ASP B 42 9.16 -38.22 -30.45
N GLY B 43 8.63 -39.14 -31.25
CA GLY B 43 9.33 -40.36 -31.61
C GLY B 43 9.81 -40.23 -33.05
N MET B 44 10.71 -41.15 -33.43
CA MET B 44 11.39 -41.19 -34.74
C MET B 44 12.22 -39.92 -35.01
N LYS B 45 12.51 -39.14 -33.97
CA LYS B 45 13.34 -37.95 -34.05
C LYS B 45 14.71 -38.18 -33.44
N ARG B 46 14.76 -39.00 -32.40
CA ARG B 46 15.99 -39.25 -31.65
C ARG B 46 16.67 -40.52 -32.13
N LEU B 47 16.56 -40.80 -33.43
CA LEU B 47 17.17 -41.98 -34.04
C LEU B 47 18.68 -41.85 -34.15
N LYS B 48 19.20 -40.63 -34.11
CA LYS B 48 20.64 -40.42 -34.13
C LYS B 48 21.27 -40.42 -32.75
N ASP B 49 20.51 -40.51 -31.67
CA ASP B 49 21.07 -40.62 -30.34
C ASP B 49 20.88 -41.99 -29.71
N VAL B 50 19.77 -42.67 -30.03
CA VAL B 50 19.50 -44.00 -29.49
C VAL B 50 19.62 -44.93 -30.70
N GLY B 51 19.70 -46.22 -30.48
CA GLY B 51 19.89 -47.16 -31.59
C GLY B 51 18.57 -47.65 -32.11
N ASP B 52 18.63 -48.35 -33.24
CA ASP B 52 17.47 -48.99 -33.84
C ASP B 52 17.52 -50.50 -33.64
N LYS B 53 18.46 -50.94 -32.80
CA LYS B 53 18.82 -52.35 -32.63
C LYS B 53 17.66 -53.26 -32.23
N GLY B 54 16.87 -52.85 -31.24
CA GLY B 54 15.71 -53.62 -30.87
C GLY B 54 15.61 -53.91 -29.39
N THR B 55 15.42 -55.19 -29.06
CA THR B 55 15.28 -55.79 -27.72
C THR B 55 14.28 -55.04 -26.81
N LEU B 56 13.27 -54.44 -27.45
CA LEU B 56 12.08 -53.84 -26.85
C LEU B 56 12.37 -52.61 -25.98
N ILE B 57 13.62 -52.16 -25.94
CA ILE B 57 13.97 -50.92 -25.27
C ILE B 57 14.08 -49.82 -26.29
N THR B 58 14.88 -50.04 -27.33
CA THR B 58 15.07 -49.04 -28.38
C THR B 58 13.89 -49.00 -29.32
N ALA B 59 13.13 -50.09 -29.39
CA ALA B 59 11.93 -50.11 -30.21
C ALA B 59 10.82 -49.30 -29.56
N ALA B 60 10.89 -49.13 -28.24
CA ALA B 60 9.82 -48.45 -27.52
C ALA B 60 9.96 -46.94 -27.61
N GLU B 61 11.16 -46.42 -27.35
CA GLU B 61 11.36 -44.98 -27.33
C GLU B 61 11.28 -44.39 -28.73
N LEU B 62 11.78 -45.11 -29.73
CA LEU B 62 11.63 -44.68 -31.12
C LEU B 62 10.18 -44.76 -31.56
N GLY B 63 9.47 -45.81 -31.14
CA GLY B 63 8.04 -45.91 -31.33
C GLY B 63 7.62 -46.83 -32.44
N LEU B 64 8.49 -47.74 -32.88
CA LEU B 64 8.13 -48.71 -33.90
C LEU B 64 7.15 -49.72 -33.31
N VAL B 65 5.89 -49.66 -33.74
CA VAL B 65 4.82 -50.41 -33.11
C VAL B 65 4.83 -51.87 -33.54
N ASP B 66 4.82 -52.14 -34.85
CA ASP B 66 4.70 -53.51 -35.33
C ASP B 66 6.03 -54.26 -35.19
N LYS B 67 7.13 -53.53 -35.03
CA LYS B 67 8.39 -54.15 -34.67
C LYS B 67 8.33 -54.72 -33.25
N TYR B 68 7.71 -53.96 -32.35
CA TYR B 68 7.49 -54.41 -30.98
C TYR B 68 6.57 -55.62 -30.93
N ARG B 69 5.63 -55.70 -31.88
CA ARG B 69 4.79 -56.87 -32.02
C ARG B 69 5.60 -58.07 -32.48
N ASP B 70 6.61 -57.83 -33.33
CA ASP B 70 7.37 -58.92 -33.93
C ASP B 70 8.32 -59.57 -32.92
N LEU B 71 8.97 -58.76 -32.09
CA LEU B 71 10.04 -59.28 -31.24
C LEU B 71 9.50 -60.12 -30.09
N LYS B 72 8.39 -59.70 -29.49
CA LYS B 72 7.86 -60.42 -28.34
C LYS B 72 7.19 -61.71 -28.79
N ARG B 73 6.67 -61.73 -30.02
CA ARG B 73 5.89 -62.87 -30.51
C ARG B 73 6.76 -64.11 -30.69
N ALA B 74 7.96 -63.94 -31.25
CA ALA B 74 8.86 -65.06 -31.44
C ALA B 74 9.62 -65.40 -30.16
N GLY B 75 10.37 -64.43 -29.64
CA GLY B 75 11.30 -64.66 -28.56
C GLY B 75 10.96 -63.98 -27.24
N GLN B 76 11.57 -62.82 -27.05
CA GLN B 76 11.74 -62.00 -25.84
C GLN B 76 10.43 -61.81 -25.07
N ASP B 77 10.55 -61.62 -23.75
CA ASP B 77 9.42 -61.34 -22.87
C ASP B 77 9.20 -59.84 -22.80
N ILE B 78 8.04 -59.46 -22.25
CA ILE B 78 7.67 -58.04 -22.17
C ILE B 78 8.49 -57.30 -21.13
N LEU B 79 8.92 -57.98 -20.07
CA LEU B 79 9.73 -57.36 -19.03
C LEU B 79 11.20 -57.61 -19.26
N THR B 80 11.90 -56.62 -19.79
CA THR B 80 13.36 -56.56 -19.75
C THR B 80 13.74 -55.26 -19.05
N CYS B 81 15.04 -55.05 -18.84
CA CYS B 81 15.49 -53.89 -18.10
C CYS B 81 16.85 -53.43 -18.61
N ASP B 82 17.18 -52.18 -18.30
CA ASP B 82 18.49 -51.60 -18.55
C ASP B 82 19.24 -51.50 -17.23
N TRP B 83 20.57 -51.55 -17.29
CA TRP B 83 21.30 -51.47 -16.04
C TRP B 83 21.39 -50.06 -15.43
N PRO B 84 21.94 -49.02 -16.09
CA PRO B 84 22.26 -47.80 -15.33
C PRO B 84 21.04 -47.02 -14.90
N TYR B 85 19.98 -47.05 -15.71
CA TYR B 85 18.69 -46.46 -15.37
C TYR B 85 17.69 -47.60 -15.46
N HIS B 86 17.18 -48.05 -14.31
CA HIS B 86 16.47 -49.33 -14.23
C HIS B 86 15.06 -49.23 -14.83
N TYR B 87 15.02 -48.99 -16.14
CA TYR B 87 13.76 -48.80 -16.83
C TYR B 87 13.29 -50.11 -17.43
N SER B 88 11.98 -50.29 -17.47
CA SER B 88 11.39 -51.48 -18.07
C SER B 88 11.39 -51.36 -19.59
N SER B 89 10.60 -52.22 -20.23
CA SER B 89 10.27 -52.00 -21.63
C SER B 89 8.95 -51.26 -21.76
N ILE B 90 7.98 -51.61 -20.92
CA ILE B 90 6.69 -50.94 -20.92
C ILE B 90 6.74 -49.64 -20.11
N LEU B 91 7.83 -49.39 -19.39
CA LEU B 91 7.97 -48.10 -18.71
C LEU B 91 8.88 -47.18 -19.51
N TYR B 92 9.71 -47.76 -20.38
CA TYR B 92 10.55 -46.94 -21.25
C TYR B 92 9.78 -46.54 -22.50
N ALA B 93 8.60 -47.13 -22.70
CA ALA B 93 7.72 -46.72 -23.78
C ALA B 93 7.19 -45.32 -23.56
N CYS B 94 6.64 -45.06 -22.37
CA CYS B 94 6.01 -43.78 -22.11
C CYS B 94 7.00 -42.74 -21.59
N TYR B 95 8.27 -42.88 -21.95
CA TYR B 95 9.23 -41.82 -21.72
C TYR B 95 9.08 -40.73 -22.78
N GLY B 96 8.70 -41.12 -23.99
CA GLY B 96 8.54 -40.16 -25.07
C GLY B 96 7.12 -40.09 -25.61
N ASN B 97 6.16 -40.14 -24.69
CA ASN B 97 4.69 -40.27 -24.92
C ASN B 97 4.33 -41.25 -26.04
N GLN B 98 5.04 -42.38 -26.08
CA GLN B 98 4.66 -43.47 -26.98
C GLN B 98 3.60 -44.36 -26.33
N TYR B 99 2.42 -43.76 -26.17
CA TYR B 99 1.26 -44.47 -25.62
C TYR B 99 0.73 -45.54 -26.54
N LYS B 100 1.12 -45.50 -27.82
CA LYS B 100 0.54 -46.39 -28.82
C LYS B 100 0.91 -47.85 -28.61
N ILE B 101 2.04 -48.11 -27.95
CA ILE B 101 2.40 -49.48 -27.62
C ILE B 101 2.09 -49.82 -26.16
N LEU B 102 1.83 -48.83 -25.30
CA LEU B 102 1.17 -49.12 -24.04
C LEU B 102 -0.23 -49.63 -24.27
N GLN B 103 -0.90 -49.10 -25.31
CA GLN B 103 -2.21 -49.61 -25.69
C GLN B 103 -2.10 -51.02 -26.27
N MET B 104 -1.03 -51.29 -27.01
CA MET B 104 -0.91 -52.55 -27.75
C MET B 104 -0.73 -53.74 -26.82
N VAL B 105 0.12 -53.58 -25.79
CA VAL B 105 0.28 -54.65 -24.81
C VAL B 105 -0.94 -54.76 -23.93
N GLU B 106 -1.67 -53.66 -23.74
CA GLU B 106 -2.90 -53.72 -22.95
C GLU B 106 -4.06 -54.29 -23.76
N ARG B 107 -4.16 -53.94 -25.05
CA ARG B 107 -5.25 -54.43 -25.88
C ARG B 107 -5.18 -55.94 -26.07
N GLU B 108 -4.15 -56.42 -26.77
CA GLU B 108 -3.98 -57.87 -26.90
C GLU B 108 -2.49 -58.19 -26.76
N PHE B 109 -2.04 -58.31 -25.52
CA PHE B 109 -0.90 -59.17 -25.19
C PHE B 109 -1.04 -59.88 -23.85
N VAL B 110 -1.90 -59.41 -22.96
CA VAL B 110 -1.97 -59.89 -21.58
C VAL B 110 -3.42 -60.09 -21.20
N GLY B 111 -3.65 -60.94 -20.20
CA GLY B 111 -4.93 -61.07 -19.55
C GLY B 111 -4.73 -61.00 -18.06
N SER B 112 -5.80 -61.20 -17.28
CA SER B 112 -5.77 -61.29 -15.81
C SER B 112 -5.19 -60.02 -15.19
N THR B 113 -5.95 -58.91 -15.24
CA THR B 113 -5.39 -57.59 -14.97
C THR B 113 -5.07 -57.35 -13.49
N GLN B 114 -4.17 -58.17 -12.95
CA GLN B 114 -3.40 -57.86 -11.75
C GLN B 114 -1.96 -57.80 -12.23
N GLU B 115 -1.70 -58.54 -13.30
CA GLU B 115 -0.39 -58.49 -13.95
C GLU B 115 -0.28 -57.25 -14.83
N LEU B 116 -1.42 -56.70 -15.28
CA LEU B 116 -1.41 -55.42 -15.97
C LEU B 116 -0.90 -54.30 -15.06
N THR B 117 -1.21 -54.36 -13.78
CA THR B 117 -0.58 -53.48 -12.81
C THR B 117 0.87 -53.85 -12.57
N ALA B 118 1.22 -55.13 -12.67
CA ALA B 118 2.59 -55.56 -12.39
C ALA B 118 3.57 -55.05 -13.43
N MET B 119 3.09 -54.78 -14.65
CA MET B 119 3.94 -54.13 -15.65
C MET B 119 4.10 -52.66 -15.33
N HIS B 120 3.10 -52.04 -14.72
CA HIS B 120 3.05 -50.58 -14.67
C HIS B 120 3.76 -49.99 -13.46
N THR B 121 4.12 -50.79 -12.46
CA THR B 121 4.86 -50.30 -11.30
C THR B 121 6.21 -51.02 -11.16
N THR B 122 6.97 -51.09 -12.25
CA THR B 122 8.20 -51.88 -12.23
C THR B 122 9.37 -51.11 -11.63
N ARG B 123 9.12 -49.91 -11.09
CA ARG B 123 9.99 -49.29 -10.08
C ARG B 123 11.43 -49.01 -10.50
N CYS B 124 11.66 -47.96 -11.29
CA CYS B 124 12.98 -47.52 -11.70
C CYS B 124 13.93 -47.26 -10.53
N TRP B 125 15.20 -47.06 -10.88
CA TRP B 125 16.25 -46.89 -9.88
C TRP B 125 16.11 -45.62 -9.05
N VAL B 126 15.26 -44.68 -9.48
CA VAL B 126 14.89 -43.55 -8.63
C VAL B 126 13.49 -43.74 -8.05
N GLY B 127 12.73 -44.72 -8.51
CA GLY B 127 11.51 -45.12 -7.83
C GLY B 127 10.21 -44.88 -8.57
N LYS B 128 10.27 -44.53 -9.85
CA LYS B 128 9.09 -44.12 -10.59
C LYS B 128 8.19 -45.31 -10.93
N ASN B 129 7.10 -45.02 -11.62
CA ASN B 129 6.26 -46.03 -12.23
C ASN B 129 5.89 -45.52 -13.62
N SER B 130 4.86 -46.09 -14.22
CA SER B 130 4.45 -45.63 -15.54
C SER B 130 3.85 -44.23 -15.49
N ALA B 131 3.18 -43.87 -14.40
CA ALA B 131 2.50 -42.58 -14.34
C ALA B 131 3.36 -41.48 -13.75
N MET B 132 4.47 -41.81 -13.09
CA MET B 132 5.38 -40.77 -12.64
C MET B 132 6.42 -40.42 -13.69
N VAL B 133 6.57 -41.23 -14.72
CA VAL B 133 7.46 -40.88 -15.82
C VAL B 133 6.68 -40.22 -16.95
N ALA B 134 5.36 -40.36 -16.98
CA ALA B 134 4.55 -39.57 -17.92
C ALA B 134 4.29 -38.18 -17.36
N ALA B 135 4.12 -38.06 -16.06
CA ALA B 135 4.02 -36.76 -15.42
C ALA B 135 5.38 -36.17 -15.10
N TYR B 136 6.46 -36.84 -15.48
CA TYR B 136 7.82 -36.32 -15.36
C TYR B 136 8.05 -35.16 -16.31
N GLN B 137 7.79 -35.39 -17.59
CA GLN B 137 7.75 -34.34 -18.59
C GLN B 137 6.31 -33.98 -18.88
N GLY B 138 6.12 -33.01 -19.76
CA GLY B 138 4.78 -32.77 -20.24
C GLY B 138 4.47 -33.82 -21.27
N HIS B 139 3.67 -34.82 -20.88
CA HIS B 139 3.36 -35.94 -21.75
C HIS B 139 1.87 -36.20 -21.72
N LEU B 140 1.10 -35.13 -21.95
CA LEU B 140 -0.36 -35.13 -22.02
C LEU B 140 -0.96 -36.23 -22.88
N GLU B 141 -0.27 -36.61 -23.95
CA GLU B 141 -0.80 -37.63 -24.82
C GLU B 141 -0.82 -39.00 -24.14
N THR B 142 0.15 -39.29 -23.28
CA THR B 142 0.14 -40.55 -22.56
C THR B 142 -0.24 -40.41 -21.10
N MET B 143 -0.29 -39.18 -20.58
CA MET B 143 -0.82 -38.97 -19.24
C MET B 143 -2.30 -39.28 -19.19
N LEU B 144 -3.03 -38.92 -20.25
CA LEU B 144 -4.44 -39.26 -20.36
C LEU B 144 -4.67 -40.76 -20.47
N TYR B 145 -3.67 -41.52 -20.93
CA TYR B 145 -3.89 -42.95 -21.09
C TYR B 145 -3.86 -43.68 -19.75
N ILE B 146 -2.95 -43.31 -18.86
CA ILE B 146 -2.88 -43.98 -17.56
C ILE B 146 -4.04 -43.57 -16.67
N ILE B 147 -4.54 -42.34 -16.86
CA ILE B 147 -5.80 -41.93 -16.24
C ILE B 147 -6.96 -42.72 -16.84
N ASP B 148 -6.88 -43.08 -18.12
CA ASP B 148 -7.96 -43.81 -18.77
C ASP B 148 -8.09 -45.23 -18.23
N LEU B 149 -6.96 -45.83 -17.86
CA LEU B 149 -7.06 -47.14 -17.22
C LEU B 149 -7.51 -47.01 -15.77
N ASP B 150 -7.06 -45.98 -15.07
CA ASP B 150 -7.37 -45.82 -13.65
C ASP B 150 -8.84 -45.46 -13.43
N MET B 151 -9.44 -44.73 -14.37
CA MET B 151 -10.84 -44.36 -14.21
C MET B 151 -11.77 -45.51 -14.54
N GLN B 152 -11.38 -46.37 -15.46
CA GLN B 152 -12.22 -47.50 -15.85
C GLN B 152 -12.25 -48.60 -14.81
N GLY B 153 -11.33 -48.59 -13.86
CA GLY B 153 -11.23 -49.65 -12.89
C GLY B 153 -10.38 -50.78 -13.41
N LYS B 154 -9.46 -50.45 -14.31
CA LYS B 154 -8.58 -51.45 -14.88
C LYS B 154 -7.39 -51.75 -13.96
N PHE B 155 -6.82 -50.73 -13.34
CA PHE B 155 -5.77 -50.95 -12.37
C PHE B 155 -6.37 -51.34 -11.04
N THR B 156 -5.53 -51.96 -10.20
CA THR B 156 -5.93 -52.41 -8.88
C THR B 156 -5.21 -51.73 -7.74
N GLU B 157 -4.22 -50.87 -8.01
CA GLU B 157 -3.33 -50.40 -6.96
C GLU B 157 -3.25 -48.88 -6.84
N ASP B 158 -4.09 -48.13 -7.57
CA ASP B 158 -4.24 -46.68 -7.45
C ASP B 158 -2.90 -45.97 -7.69
N LEU B 159 -2.44 -46.06 -8.94
CA LEU B 159 -1.08 -45.67 -9.26
C LEU B 159 -0.86 -44.16 -9.37
N PHE B 160 -1.35 -43.40 -8.40
CA PHE B 160 -1.04 -41.97 -8.34
C PHE B 160 -0.74 -41.48 -6.94
N LYS B 161 -1.09 -42.22 -5.90
CA LYS B 161 -0.61 -41.95 -4.56
C LYS B 161 0.66 -42.70 -4.24
N GLN B 162 1.07 -43.63 -5.11
CA GLN B 162 2.30 -44.37 -4.94
C GLN B 162 3.48 -43.43 -5.08
N ARG B 163 4.16 -43.13 -3.98
CA ARG B 163 5.31 -42.27 -4.04
C ARG B 163 6.52 -43.03 -4.57
N ASP B 164 7.45 -42.29 -5.16
CA ASP B 164 8.75 -42.86 -5.48
C ASP B 164 9.63 -42.90 -4.24
N VAL B 165 10.86 -43.37 -4.39
CA VAL B 165 11.78 -43.16 -3.28
C VAL B 165 12.51 -41.83 -3.48
N MET B 166 11.74 -40.75 -3.36
CA MET B 166 12.27 -39.39 -3.36
C MET B 166 11.45 -38.57 -2.37
N GLY B 167 10.20 -39.01 -2.16
CA GLY B 167 9.18 -38.20 -1.54
C GLY B 167 8.23 -37.54 -2.51
N LYS B 168 8.51 -37.58 -3.81
CA LYS B 168 7.67 -36.95 -4.81
C LYS B 168 6.47 -37.83 -5.13
N ASN B 169 5.77 -37.46 -6.21
CA ASN B 169 4.52 -38.08 -6.62
C ASN B 169 4.29 -37.68 -8.07
N ALA B 170 3.36 -38.37 -8.73
CA ALA B 170 2.99 -37.99 -10.09
C ALA B 170 2.40 -36.60 -10.14
N MET B 171 1.58 -36.24 -9.16
CA MET B 171 1.06 -34.88 -9.09
C MET B 171 2.12 -33.89 -8.66
N MET B 172 3.11 -34.33 -7.89
CA MET B 172 4.17 -33.45 -7.44
C MET B 172 5.34 -33.39 -8.40
N TRP B 173 5.36 -34.23 -9.45
CA TRP B 173 6.42 -34.15 -10.44
C TRP B 173 6.14 -33.04 -11.46
N ALA B 174 4.91 -33.00 -11.98
CA ALA B 174 4.54 -31.99 -12.94
C ALA B 174 4.47 -30.60 -12.34
N ALA B 175 4.31 -30.48 -11.02
CA ALA B 175 4.30 -29.17 -10.39
C ALA B 175 5.70 -28.64 -10.16
N SER B 176 6.67 -29.52 -9.91
CA SER B 176 8.04 -29.07 -9.70
C SER B 176 8.71 -28.72 -11.02
N GLN B 177 8.41 -29.51 -12.06
CA GLN B 177 9.01 -29.28 -13.37
C GLN B 177 8.43 -28.04 -14.03
N GLY B 178 7.17 -27.73 -13.75
CA GLY B 178 6.51 -26.57 -14.30
C GLY B 178 5.48 -26.86 -15.37
N HIS B 179 5.22 -28.14 -15.69
CA HIS B 179 4.43 -28.49 -16.85
C HIS B 179 2.94 -28.30 -16.54
N THR B 180 2.47 -27.09 -16.85
CA THR B 180 1.11 -26.67 -16.48
C THR B 180 0.05 -27.44 -17.27
N ASP B 181 0.39 -27.85 -18.49
CA ASP B 181 -0.58 -28.54 -19.33
C ASP B 181 -0.91 -29.93 -18.83
N THR B 182 -0.04 -30.55 -18.03
CA THR B 182 -0.34 -31.87 -17.50
C THR B 182 -0.54 -31.87 -15.99
N ILE B 183 -0.36 -30.72 -15.34
CA ILE B 183 -0.78 -30.57 -13.95
C ILE B 183 -2.29 -30.72 -13.87
N GLU B 184 -2.99 -30.04 -14.76
CA GLU B 184 -4.43 -29.87 -14.67
C GLU B 184 -5.18 -31.17 -14.87
N VAL B 185 -4.68 -32.02 -15.76
CA VAL B 185 -5.35 -33.30 -16.04
C VAL B 185 -5.25 -34.22 -14.83
N LEU B 186 -4.23 -34.06 -14.00
CA LEU B 186 -4.16 -34.82 -12.76
C LEU B 186 -5.10 -34.25 -11.70
N LEU B 187 -5.38 -32.94 -11.74
CA LEU B 187 -6.34 -32.37 -10.81
C LEU B 187 -7.75 -32.80 -11.15
N VAL B 188 -8.12 -32.75 -12.42
CA VAL B 188 -9.47 -33.11 -12.85
C VAL B 188 -9.74 -34.59 -12.65
N ARG B 189 -8.69 -35.42 -12.62
CA ARG B 189 -8.87 -36.77 -12.11
C ARG B 189 -9.21 -36.75 -10.63
N SER B 190 -8.42 -36.01 -9.84
CA SER B 190 -8.59 -36.05 -8.39
C SER B 190 -9.86 -35.33 -7.94
N LEU B 191 -10.36 -34.39 -8.75
CA LEU B 191 -11.67 -33.82 -8.45
C LEU B 191 -12.78 -34.81 -8.80
N TYR B 192 -12.55 -35.67 -9.80
CA TYR B 192 -13.57 -36.65 -10.19
C TYR B 192 -13.63 -37.79 -9.18
N ARG B 193 -12.49 -38.18 -8.63
CA ARG B 193 -12.45 -39.20 -7.59
C ARG B 193 -12.97 -38.71 -6.25
N LEU B 194 -13.16 -37.40 -6.10
CA LEU B 194 -13.75 -36.86 -4.88
C LEU B 194 -15.20 -37.30 -4.73
N LEU B 195 -16.02 -36.95 -5.71
CA LEU B 195 -17.45 -37.25 -5.66
C LEU B 195 -17.70 -38.75 -5.72
N PRO B 196 -18.75 -39.25 -5.08
CA PRO B 196 -19.01 -40.69 -5.07
C PRO B 196 -19.52 -41.18 -6.42
N GLU B 197 -19.54 -42.50 -6.56
CA GLU B 197 -20.00 -43.14 -7.77
C GLU B 197 -21.35 -43.83 -7.59
N ASP B 198 -22.15 -43.37 -6.63
CA ASP B 198 -23.44 -43.99 -6.40
C ASP B 198 -24.53 -42.95 -6.11
N CYS B 199 -24.24 -41.66 -6.25
CA CYS B 199 -25.20 -40.62 -5.89
C CYS B 199 -26.21 -40.44 -7.02
N ALA B 200 -27.42 -40.97 -6.81
CA ALA B 200 -28.53 -40.75 -7.74
C ALA B 200 -29.06 -39.33 -7.59
N ASP B 201 -28.39 -38.37 -8.21
CA ASP B 201 -28.63 -36.96 -8.03
C ASP B 201 -28.70 -36.27 -9.38
N PRO B 202 -29.46 -35.18 -9.51
CA PRO B 202 -29.42 -34.41 -10.75
C PRO B 202 -28.19 -33.53 -10.88
N LEU B 203 -27.43 -33.32 -9.82
CA LEU B 203 -26.32 -32.38 -9.84
C LEU B 203 -24.99 -33.03 -9.55
N VAL B 204 -24.95 -34.16 -8.83
CA VAL B 204 -23.70 -34.87 -8.71
C VAL B 204 -23.37 -35.60 -10.01
N LEU B 205 -24.39 -36.11 -10.72
CA LEU B 205 -24.18 -36.71 -12.02
C LEU B 205 -23.93 -35.69 -13.12
N LYS B 206 -24.24 -34.42 -12.87
CA LYS B 206 -23.93 -33.40 -13.87
C LYS B 206 -22.45 -33.05 -13.85
N THR B 207 -21.94 -32.61 -12.70
CA THR B 207 -20.55 -32.20 -12.59
C THR B 207 -19.58 -33.36 -12.49
N ARG B 208 -20.07 -34.60 -12.50
CA ARG B 208 -19.17 -35.70 -12.82
C ARG B 208 -18.98 -35.80 -14.33
N TRP B 209 -20.04 -35.56 -15.10
CA TRP B 209 -19.94 -35.58 -16.55
C TRP B 209 -19.27 -34.32 -17.08
N LYS B 210 -19.39 -33.21 -16.35
CA LYS B 210 -18.71 -31.97 -16.73
C LYS B 210 -17.23 -31.96 -16.37
N LEU B 211 -16.74 -33.00 -15.71
CA LEU B 211 -15.33 -33.15 -15.40
C LEU B 211 -14.64 -34.17 -16.31
N VAL B 212 -15.31 -35.29 -16.58
CA VAL B 212 -14.72 -36.29 -17.46
C VAL B 212 -14.71 -35.79 -18.89
N SER B 213 -15.71 -35.00 -19.28
CA SER B 213 -15.70 -34.40 -20.61
C SER B 213 -14.67 -33.29 -20.75
N LEU B 214 -14.19 -32.73 -19.63
CA LEU B 214 -13.11 -31.77 -19.70
C LEU B 214 -11.78 -32.43 -20.06
N LEU B 215 -11.65 -33.74 -19.85
CA LEU B 215 -10.48 -34.48 -20.28
C LEU B 215 -10.64 -35.07 -21.67
N ALA B 216 -11.86 -35.48 -22.05
CA ALA B 216 -12.10 -35.93 -23.41
C ALA B 216 -12.03 -34.79 -24.42
N ASP B 217 -12.15 -33.54 -23.99
CA ASP B 217 -11.77 -32.42 -24.84
C ASP B 217 -10.27 -32.18 -24.81
N LEU B 218 -9.60 -32.53 -23.71
CA LEU B 218 -8.17 -32.29 -23.64
C LEU B 218 -7.39 -33.36 -24.38
N ALA B 219 -8.04 -34.45 -24.77
CA ALA B 219 -7.37 -35.43 -25.63
C ALA B 219 -7.69 -35.12 -27.10
N SER B 220 -8.97 -35.26 -27.49
CA SER B 220 -9.56 -34.87 -28.78
C SER B 220 -8.91 -35.52 -30.02
N HIS B 221 -7.94 -36.39 -29.82
CA HIS B 221 -7.20 -37.05 -30.88
C HIS B 221 -6.73 -38.41 -30.34
N CYS B 222 -5.59 -38.95 -30.80
CA CYS B 222 -5.06 -40.28 -30.45
C CYS B 222 -5.98 -41.38 -30.96
N ARG B 223 -6.06 -41.44 -32.29
CA ARG B 223 -6.58 -42.62 -32.98
C ARG B 223 -5.56 -43.71 -32.72
N ASP B 224 -5.90 -44.57 -31.74
CA ASP B 224 -5.01 -45.18 -30.73
C ASP B 224 -3.76 -45.82 -31.34
N TYR B 225 -3.87 -46.95 -32.02
CA TYR B 225 -2.68 -47.52 -32.66
C TYR B 225 -2.99 -48.25 -33.96
N ASP B 226 -4.22 -48.22 -34.44
CA ASP B 226 -4.69 -49.15 -35.47
C ASP B 226 -5.93 -48.56 -36.12
N PRO B 227 -6.51 -49.18 -37.15
CA PRO B 227 -7.82 -48.73 -37.65
C PRO B 227 -9.03 -49.10 -36.80
N GLY B 228 -8.84 -49.46 -35.52
CA GLY B 228 -9.93 -49.63 -34.57
C GLY B 228 -10.83 -48.42 -34.43
N CYS B 229 -12.08 -48.61 -33.96
CA CYS B 229 -13.16 -47.66 -34.21
C CYS B 229 -13.06 -46.37 -33.40
N SER B 230 -11.92 -45.69 -33.50
CA SER B 230 -11.68 -44.28 -33.22
C SER B 230 -11.71 -43.88 -31.74
N ARG B 231 -12.27 -44.74 -30.87
CA ARG B 231 -12.11 -44.86 -29.40
C ARG B 231 -11.86 -43.55 -28.68
N SER B 232 -12.79 -42.58 -28.73
CA SER B 232 -12.56 -41.13 -28.78
C SER B 232 -11.46 -40.62 -27.85
N PHE B 233 -11.65 -40.69 -26.53
CA PHE B 233 -10.56 -41.19 -25.69
C PHE B 233 -11.12 -41.95 -24.50
N PHE B 234 -12.34 -41.62 -24.09
CA PHE B 234 -12.97 -42.09 -22.85
C PHE B 234 -14.36 -42.62 -23.14
N GLN B 235 -14.50 -43.48 -24.15
CA GLN B 235 -15.82 -43.85 -24.61
C GLN B 235 -16.53 -44.84 -23.68
N GLU B 236 -15.89 -45.30 -22.61
CA GLU B 236 -16.53 -46.17 -21.63
C GLU B 236 -16.51 -45.57 -20.23
N VAL B 237 -16.26 -44.28 -20.11
CA VAL B 237 -16.44 -43.55 -18.85
C VAL B 237 -17.59 -42.54 -18.96
N LEU B 238 -17.66 -41.82 -20.09
CA LEU B 238 -18.82 -40.96 -20.36
C LEU B 238 -20.10 -41.78 -20.48
N ALA B 239 -20.02 -42.99 -21.02
CA ALA B 239 -21.17 -43.86 -21.12
C ALA B 239 -21.49 -44.60 -19.83
N SER B 240 -20.73 -44.34 -18.76
CA SER B 240 -20.98 -44.93 -17.46
C SER B 240 -21.37 -43.88 -16.42
N ILE B 241 -22.15 -42.89 -16.83
CA ILE B 241 -22.41 -41.75 -15.97
C ILE B 241 -23.90 -41.45 -15.78
N LYS B 242 -24.79 -41.96 -16.66
CA LYS B 242 -26.24 -41.76 -16.62
C LYS B 242 -26.62 -40.27 -16.58
N TYR B 243 -26.25 -39.58 -17.66
CA TYR B 243 -26.51 -38.14 -17.76
C TYR B 243 -26.64 -37.77 -19.23
N ASP B 244 -27.75 -37.13 -19.59
CA ASP B 244 -27.93 -36.60 -20.93
C ASP B 244 -28.04 -35.09 -20.85
N PRO B 245 -27.10 -34.31 -21.41
CA PRO B 245 -27.12 -32.87 -21.17
C PRO B 245 -28.02 -32.09 -22.12
N VAL B 246 -29.20 -32.61 -22.40
CA VAL B 246 -30.26 -31.88 -23.09
C VAL B 246 -31.51 -32.06 -22.24
N GLU B 247 -31.50 -33.08 -21.39
CA GLU B 247 -32.55 -33.30 -20.43
C GLU B 247 -32.22 -32.74 -19.06
N GLY B 248 -30.95 -32.46 -18.79
CA GLY B 248 -30.55 -31.88 -17.52
C GLY B 248 -30.76 -30.39 -17.48
N ALA B 249 -30.53 -29.71 -18.61
CA ALA B 249 -30.68 -28.26 -18.65
C ALA B 249 -32.14 -27.83 -18.63
N ARG B 250 -33.04 -28.63 -19.20
CA ARG B 250 -34.43 -28.19 -19.32
C ARG B 250 -35.17 -28.25 -17.99
N GLN B 251 -34.83 -29.20 -17.13
CA GLN B 251 -35.42 -29.29 -15.80
C GLN B 251 -34.63 -28.50 -14.77
N GLU B 252 -33.70 -27.66 -15.21
CA GLU B 252 -32.96 -26.76 -14.32
C GLU B 252 -33.24 -25.29 -14.59
N GLU B 253 -33.26 -24.89 -15.86
CA GLU B 253 -33.53 -23.49 -16.19
C GLU B 253 -35.00 -23.13 -16.01
N ALA B 254 -35.89 -24.12 -16.00
CA ALA B 254 -37.31 -23.87 -15.81
C ALA B 254 -37.72 -23.98 -14.36
N ALA B 255 -37.04 -24.82 -13.57
CA ALA B 255 -37.30 -24.86 -12.14
C ALA B 255 -36.69 -23.66 -11.44
N ALA B 256 -35.64 -23.08 -12.02
CA ALA B 256 -35.09 -21.82 -11.51
C ALA B 256 -35.90 -20.61 -11.94
N ALA B 257 -36.90 -20.79 -12.81
CA ALA B 257 -37.84 -19.72 -13.12
C ALA B 257 -38.98 -19.65 -12.12
N GLY B 258 -39.08 -20.63 -11.22
CA GLY B 258 -40.02 -20.57 -10.13
C GLY B 258 -39.38 -20.04 -8.87
N GLY B 259 -38.30 -19.31 -9.03
CA GLY B 259 -37.55 -18.78 -7.90
C GLY B 259 -36.50 -19.71 -7.35
N GLY B 260 -36.91 -20.92 -6.97
CA GLY B 260 -35.98 -21.84 -6.37
C GLY B 260 -36.44 -23.28 -6.47
N GLY B 261 -35.81 -24.12 -5.66
CA GLY B 261 -36.14 -25.53 -5.62
C GLY B 261 -35.55 -26.36 -6.74
N SER B 262 -34.58 -25.81 -7.48
CA SER B 262 -33.98 -26.56 -8.59
C SER B 262 -33.06 -27.64 -8.06
N ALA B 263 -31.99 -27.24 -7.38
CA ALA B 263 -31.16 -28.18 -6.64
C ALA B 263 -31.18 -27.89 -5.15
N ARG B 264 -30.74 -26.70 -4.76
CA ARG B 264 -30.69 -26.29 -3.35
C ARG B 264 -30.52 -24.78 -3.26
N GLU B 265 -31.56 -24.09 -2.75
CA GLU B 265 -31.63 -22.62 -2.68
C GLU B 265 -31.41 -21.98 -4.04
N GLY B 266 -32.29 -22.33 -4.99
CA GLY B 266 -32.37 -21.61 -6.25
C GLY B 266 -31.27 -21.89 -7.25
N ALA B 267 -31.18 -23.13 -7.73
CA ALA B 267 -30.27 -23.56 -8.80
C ALA B 267 -28.80 -23.30 -8.43
N ALA B 268 -28.34 -24.07 -7.44
CA ALA B 268 -27.11 -23.89 -6.66
C ALA B 268 -25.83 -23.79 -7.49
N LEU B 269 -25.80 -24.06 -8.80
CA LEU B 269 -24.66 -23.71 -9.64
C LEU B 269 -25.10 -23.21 -11.02
N HIS B 270 -26.34 -22.75 -11.14
CA HIS B 270 -26.84 -22.17 -12.38
C HIS B 270 -27.03 -20.68 -12.18
N GLU B 271 -26.71 -19.91 -13.21
CA GLU B 271 -26.79 -18.47 -13.17
C GLU B 271 -27.16 -17.97 -14.56
N PRO B 272 -27.93 -16.89 -14.68
CA PRO B 272 -28.45 -16.48 -15.99
C PRO B 272 -27.35 -15.89 -16.85
N THR B 273 -27.29 -16.31 -18.11
CA THR B 273 -26.28 -15.86 -19.05
C THR B 273 -26.95 -15.31 -20.31
N TRP B 274 -26.41 -14.21 -20.80
CA TRP B 274 -26.94 -13.50 -21.95
C TRP B 274 -26.17 -13.74 -23.24
N GLY B 275 -24.86 -13.51 -23.25
CA GLY B 275 -24.08 -13.63 -24.47
C GLY B 275 -23.03 -12.55 -24.61
N VAL B 276 -21.79 -12.96 -24.89
CA VAL B 276 -20.67 -12.03 -24.97
C VAL B 276 -20.32 -11.69 -26.43
N ASP B 277 -20.95 -12.35 -27.39
CA ASP B 277 -20.56 -12.30 -28.80
C ASP B 277 -21.03 -11.05 -29.53
N ASP B 278 -21.06 -11.13 -30.86
CA ASP B 278 -21.49 -10.10 -31.81
C ASP B 278 -20.56 -8.90 -31.76
N GLY B 279 -19.29 -9.11 -32.11
CA GLY B 279 -18.36 -8.00 -32.25
C GLY B 279 -18.39 -7.39 -33.63
N GLU B 280 -17.22 -7.27 -34.25
CA GLU B 280 -17.12 -6.73 -35.60
C GLU B 280 -16.71 -7.82 -36.59
N LEU B 327 -16.96 -27.58 -26.49
CA LEU B 327 -15.75 -26.91 -26.02
C LEU B 327 -15.99 -25.41 -25.93
N LYS B 328 -16.08 -24.91 -24.70
CA LYS B 328 -16.08 -23.47 -24.43
C LYS B 328 -14.80 -23.01 -23.76
N ASP B 329 -14.37 -23.71 -22.72
CA ASP B 329 -13.04 -23.54 -22.14
C ASP B 329 -12.58 -24.89 -21.62
N VAL B 330 -11.28 -25.13 -21.72
CA VAL B 330 -10.70 -26.37 -21.24
C VAL B 330 -9.65 -26.09 -20.17
N HIS B 331 -9.88 -25.03 -19.40
CA HIS B 331 -9.09 -24.75 -18.21
C HIS B 331 -10.03 -24.60 -17.02
N ILE B 332 -9.48 -24.84 -15.83
CA ILE B 332 -10.31 -24.87 -14.62
C ILE B 332 -10.63 -23.44 -14.20
N THR B 333 -11.92 -23.13 -14.14
CA THR B 333 -12.42 -21.82 -13.78
C THR B 333 -12.89 -21.89 -12.33
N VAL B 334 -13.22 -20.73 -11.73
CA VAL B 334 -13.73 -20.73 -10.37
C VAL B 334 -15.11 -21.36 -10.31
N ARG B 335 -15.88 -21.26 -11.40
CA ARG B 335 -17.25 -21.78 -11.41
C ARG B 335 -17.31 -23.30 -11.42
N THR B 336 -16.21 -23.98 -11.71
CA THR B 336 -16.21 -25.43 -11.59
C THR B 336 -15.77 -25.89 -10.22
N LEU B 337 -15.30 -24.97 -9.37
CA LEU B 337 -15.03 -25.31 -7.97
C LEU B 337 -16.22 -25.06 -7.07
N GLN B 338 -17.14 -24.17 -7.45
CA GLN B 338 -18.44 -24.23 -6.80
C GLN B 338 -19.32 -25.31 -7.40
N GLY B 339 -18.92 -25.88 -8.52
CA GLY B 339 -19.60 -27.07 -9.01
C GLY B 339 -19.15 -28.33 -8.32
N VAL B 340 -18.08 -28.25 -7.54
CA VAL B 340 -17.59 -29.39 -6.77
C VAL B 340 -17.99 -29.28 -5.31
N ILE B 341 -17.75 -28.12 -4.69
CA ILE B 341 -18.01 -27.90 -3.27
C ILE B 341 -19.49 -27.98 -2.96
N VAL B 342 -20.32 -27.41 -3.82
CA VAL B 342 -21.77 -27.60 -3.69
C VAL B 342 -22.13 -29.06 -3.90
N SER B 343 -21.64 -29.66 -4.99
CA SER B 343 -22.05 -31.01 -5.34
C SER B 343 -21.36 -32.09 -4.53
N ALA B 344 -20.30 -31.77 -3.80
CA ALA B 344 -19.84 -32.70 -2.78
C ALA B 344 -20.64 -32.57 -1.50
N TYR B 345 -21.18 -31.39 -1.22
CA TYR B 345 -22.03 -31.21 -0.06
C TYR B 345 -23.38 -31.89 -0.25
N ARG B 346 -23.93 -31.84 -1.46
CA ARG B 346 -25.18 -32.53 -1.73
C ARG B 346 -25.02 -34.04 -1.72
N ALA B 347 -23.80 -34.53 -1.96
CA ALA B 347 -23.53 -35.96 -1.96
C ALA B 347 -23.53 -36.57 -0.57
N GLY B 348 -23.35 -35.76 0.47
CA GLY B 348 -23.39 -36.25 1.83
C GLY B 348 -22.14 -35.94 2.61
N MET B 349 -21.17 -35.31 1.97
CA MET B 349 -19.87 -35.06 2.58
C MET B 349 -19.92 -33.81 3.45
N ASN B 350 -18.75 -33.42 3.94
CA ASN B 350 -18.62 -32.23 4.77
C ASN B 350 -18.19 -31.06 3.90
N CYS B 351 -19.01 -30.00 3.86
CA CYS B 351 -18.71 -28.84 3.02
C CYS B 351 -17.51 -28.04 3.52
N MET B 352 -17.12 -28.21 4.78
CA MET B 352 -15.90 -27.59 5.25
C MET B 352 -14.67 -28.42 4.89
N GLY B 353 -14.83 -29.73 4.80
CA GLY B 353 -13.70 -30.58 4.48
C GLY B 353 -13.32 -30.54 3.01
N VAL B 354 -14.33 -30.43 2.13
CA VAL B 354 -14.06 -30.40 0.70
C VAL B 354 -13.35 -29.12 0.30
N ILE B 355 -13.66 -28.01 0.95
CA ILE B 355 -12.89 -26.78 0.76
C ILE B 355 -11.48 -26.95 1.30
N MET B 356 -11.32 -27.73 2.36
CA MET B 356 -9.99 -28.02 2.87
C MET B 356 -9.25 -29.03 2.02
N TYR B 357 -9.98 -29.86 1.27
CA TYR B 357 -9.33 -30.84 0.41
C TYR B 357 -9.08 -30.30 -0.98
N CYS B 358 -10.02 -29.55 -1.55
CA CYS B 358 -9.81 -28.93 -2.85
C CYS B 358 -8.75 -27.85 -2.81
N GLN B 359 -8.44 -27.30 -1.64
CA GLN B 359 -7.36 -26.35 -1.52
C GLN B 359 -6.02 -27.02 -1.34
N SER B 360 -5.98 -28.21 -0.73
CA SER B 360 -4.72 -28.92 -0.59
C SER B 360 -4.21 -29.49 -1.92
N LEU B 361 -5.10 -29.70 -2.89
CA LEU B 361 -4.66 -30.06 -4.23
C LEU B 361 -3.98 -28.89 -4.92
N LEU B 362 -4.58 -27.71 -4.86
CA LEU B 362 -4.02 -26.56 -5.55
C LEU B 362 -2.85 -25.94 -4.81
N GLN B 363 -2.61 -26.31 -3.56
CA GLN B 363 -1.38 -25.89 -2.90
C GLN B 363 -0.18 -26.68 -3.42
N GLN B 364 -0.42 -27.91 -3.87
CA GLN B 364 0.65 -28.74 -4.43
C GLN B 364 0.64 -28.75 -5.95
N ALA B 365 -0.17 -27.91 -6.58
CA ALA B 365 -0.05 -27.67 -8.01
C ALA B 365 0.83 -26.47 -8.32
N ARG B 366 0.97 -25.55 -7.37
CA ARG B 366 1.98 -24.47 -7.33
C ARG B 366 1.76 -23.39 -8.39
N TYR B 367 0.75 -23.52 -9.26
CA TYR B 367 0.51 -22.54 -10.29
C TYR B 367 -0.89 -21.95 -10.28
N PHE B 368 -1.80 -22.50 -9.47
CA PHE B 368 -3.17 -22.01 -9.42
C PHE B 368 -3.38 -21.10 -8.22
N ASP B 369 -2.68 -19.96 -8.21
CA ASP B 369 -2.80 -19.03 -7.11
C ASP B 369 -3.99 -18.08 -7.24
N ASP B 370 -4.76 -18.20 -8.31
CA ASP B 370 -6.07 -17.56 -8.39
C ASP B 370 -7.14 -18.45 -7.77
N LEU B 371 -6.83 -19.72 -7.55
CA LEU B 371 -7.77 -20.65 -6.96
C LEU B 371 -7.32 -21.18 -5.61
N VAL B 372 -6.10 -20.89 -5.19
CA VAL B 372 -5.75 -21.03 -3.79
C VAL B 372 -6.29 -19.86 -3.00
N ALA B 373 -6.09 -18.65 -3.50
CA ALA B 373 -6.54 -17.46 -2.80
C ALA B 373 -8.03 -17.18 -2.97
N GLN B 374 -8.75 -18.02 -3.71
CA GLN B 374 -10.20 -17.98 -3.65
C GLN B 374 -10.76 -19.01 -2.70
N LEU B 375 -10.16 -20.20 -2.67
CA LEU B 375 -10.57 -21.23 -1.71
C LEU B 375 -10.20 -20.88 -0.29
N THR B 376 -9.06 -20.21 -0.09
CA THR B 376 -8.74 -19.68 1.23
C THR B 376 -9.72 -18.61 1.65
N ALA B 377 -10.18 -17.78 0.72
CA ALA B 377 -11.19 -16.77 1.00
C ALA B 377 -12.61 -17.31 0.86
N TRP B 378 -12.77 -18.62 0.72
CA TRP B 378 -14.08 -19.24 0.89
C TRP B 378 -14.21 -19.99 2.19
N GLU B 379 -13.10 -20.39 2.80
CA GLU B 379 -13.16 -21.10 4.06
C GLU B 379 -13.17 -20.13 5.24
N VAL B 380 -12.81 -18.87 5.02
CA VAL B 380 -13.03 -17.85 6.04
C VAL B 380 -14.40 -17.23 5.86
N LYS B 381 -14.93 -17.25 4.63
CA LYS B 381 -16.27 -16.74 4.40
C LYS B 381 -17.34 -17.69 4.93
N LEU B 382 -17.07 -19.00 4.93
CA LEU B 382 -18.01 -19.91 5.58
C LEU B 382 -17.95 -19.79 7.09
N LEU B 383 -16.75 -19.61 7.65
CA LEU B 383 -16.63 -19.48 9.10
C LEU B 383 -17.28 -18.22 9.61
N ASP B 384 -17.27 -17.15 8.82
CA ASP B 384 -17.93 -15.93 9.22
C ASP B 384 -19.44 -16.01 9.07
N THR B 385 -19.95 -16.99 8.32
CA THR B 385 -21.39 -17.14 8.16
C THR B 385 -22.03 -17.66 9.44
N CYS B 386 -21.28 -18.43 10.22
CA CYS B 386 -21.78 -18.90 11.51
C CYS B 386 -21.88 -17.73 12.48
N ARG B 387 -23.02 -17.63 13.16
CA ARG B 387 -23.31 -16.49 14.02
C ARG B 387 -23.12 -16.78 15.50
N ASN B 388 -23.17 -18.03 15.92
CA ASN B 388 -22.94 -18.37 17.32
C ASN B 388 -21.98 -19.56 17.42
N LYS B 389 -21.86 -20.11 18.62
CA LYS B 389 -20.89 -21.17 18.89
C LYS B 389 -21.41 -22.52 18.43
N GLN B 390 -22.72 -22.76 18.56
CA GLN B 390 -23.29 -24.05 18.18
C GLN B 390 -23.24 -24.25 16.67
N GLU B 391 -23.26 -23.17 15.90
CA GLU B 391 -23.14 -23.27 14.45
C GLU B 391 -21.70 -23.33 13.99
N VAL B 392 -20.73 -23.23 14.91
CA VAL B 392 -19.35 -23.47 14.53
C VAL B 392 -19.01 -24.93 14.69
N GLN B 393 -19.47 -25.56 15.76
CA GLN B 393 -19.24 -26.97 15.98
C GLN B 393 -20.33 -27.83 15.37
N ALA B 394 -21.15 -27.29 14.49
CA ALA B 394 -22.10 -28.10 13.73
C ALA B 394 -21.55 -28.48 12.38
N ILE B 395 -20.69 -27.62 11.81
CA ILE B 395 -20.05 -27.91 10.54
C ILE B 395 -18.66 -28.52 10.71
N LEU B 396 -18.04 -28.36 11.88
CA LEU B 396 -16.70 -28.86 12.15
C LEU B 396 -16.69 -30.17 12.91
N ALA B 397 -17.83 -30.83 13.05
CA ALA B 397 -17.92 -32.02 13.87
C ALA B 397 -18.16 -33.25 13.01
N PRO B 398 -17.42 -34.32 13.20
CA PRO B 398 -17.70 -35.54 12.46
C PRO B 398 -18.89 -36.30 13.03
N THR B 399 -19.94 -36.50 12.25
CA THR B 399 -21.06 -37.31 12.71
C THR B 399 -20.75 -38.78 12.41
N GLU B 400 -21.73 -39.65 12.61
CA GLU B 400 -21.54 -41.05 12.27
C GLU B 400 -21.69 -41.31 10.79
N ASP B 401 -22.40 -40.43 10.07
CA ASP B 401 -22.58 -40.62 8.63
C ASP B 401 -21.30 -40.31 7.88
N ASP B 402 -20.78 -39.08 8.03
CA ASP B 402 -19.55 -38.64 7.39
C ASP B 402 -18.52 -38.33 8.46
N PRO B 403 -17.74 -39.31 8.89
CA PRO B 403 -16.79 -39.11 9.99
C PRO B 403 -15.52 -38.37 9.58
N SER B 404 -15.69 -37.21 8.96
CA SER B 404 -14.59 -36.47 8.36
C SER B 404 -14.39 -35.19 9.16
N GLU B 405 -13.41 -35.19 10.04
CA GLU B 405 -13.18 -33.99 10.83
C GLU B 405 -12.35 -33.00 10.03
N PRO B 406 -12.79 -31.74 9.91
CA PRO B 406 -11.95 -30.73 9.29
C PRO B 406 -11.04 -30.00 10.27
N VAL B 407 -11.24 -30.13 11.58
CA VAL B 407 -10.32 -29.50 12.51
C VAL B 407 -8.99 -30.23 12.51
N GLY B 408 -9.03 -31.56 12.53
CA GLY B 408 -7.81 -32.34 12.54
C GLY B 408 -7.05 -32.29 11.23
N TYR B 409 -7.74 -31.99 10.13
CA TYR B 409 -7.05 -31.80 8.87
C TYR B 409 -6.39 -30.43 8.80
N ALA B 410 -6.89 -29.47 9.56
CA ALA B 410 -6.25 -28.16 9.60
C ALA B 410 -4.97 -28.18 10.42
N LEU B 411 -4.90 -29.05 11.42
CA LEU B 411 -3.65 -29.19 12.16
C LEU B 411 -2.63 -30.01 11.39
N ALA B 412 -3.08 -30.85 10.46
CA ALA B 412 -2.19 -31.73 9.74
C ALA B 412 -1.62 -31.12 8.47
N THR B 413 -2.24 -30.07 7.94
CA THR B 413 -1.70 -29.37 6.78
C THR B 413 -1.27 -27.94 7.11
N PHE B 414 -1.20 -27.59 8.38
CA PHE B 414 -0.74 -26.29 8.88
C PHE B 414 -1.54 -25.13 8.29
N ASP B 415 -2.86 -25.26 8.30
CA ASP B 415 -3.75 -24.24 7.76
C ASP B 415 -3.76 -23.04 8.69
N LYS B 416 -3.37 -21.88 8.17
CA LYS B 416 -3.26 -20.70 9.02
C LYS B 416 -4.47 -19.78 8.93
N ALA B 417 -5.10 -19.67 7.78
CA ALA B 417 -6.24 -18.78 7.64
C ALA B 417 -7.51 -19.35 8.23
N PHE B 418 -7.54 -20.65 8.52
CA PHE B 418 -8.65 -21.29 9.21
C PHE B 418 -8.42 -21.24 10.72
N LEU B 419 -7.29 -21.76 11.17
CA LEU B 419 -6.98 -21.93 12.58
C LEU B 419 -6.80 -20.63 13.33
N SER B 420 -6.63 -19.51 12.65
CA SER B 420 -6.48 -18.23 13.31
C SER B 420 -7.76 -17.41 13.34
N HIS B 421 -8.85 -17.95 12.81
CA HIS B 421 -10.12 -17.25 12.84
C HIS B 421 -10.65 -17.19 14.26
N LYS B 422 -11.51 -16.20 14.53
CA LYS B 422 -11.93 -15.96 15.91
C LYS B 422 -13.03 -16.90 16.36
N PHE B 423 -13.66 -17.64 15.46
CA PHE B 423 -14.63 -18.64 15.85
C PHE B 423 -14.01 -20.01 16.04
N VAL B 424 -12.84 -20.25 15.45
CA VAL B 424 -12.09 -21.47 15.69
C VAL B 424 -11.13 -21.26 16.87
N GLN B 425 -10.68 -20.04 17.12
CA GLN B 425 -9.88 -19.77 18.30
C GLN B 425 -10.74 -19.84 19.56
N GLN B 426 -12.06 -19.73 19.43
CA GLN B 426 -12.93 -19.85 20.59
C GLN B 426 -13.16 -21.31 20.97
N ILE B 427 -13.35 -22.19 19.99
CA ILE B 427 -13.68 -23.58 20.30
C ILE B 427 -12.50 -24.32 20.89
N PHE B 428 -11.28 -23.84 20.70
CA PHE B 428 -10.15 -24.44 21.39
C PHE B 428 -10.08 -23.95 22.83
N THR B 429 -10.34 -22.67 23.06
CA THR B 429 -10.27 -22.04 24.37
C THR B 429 -11.37 -22.55 25.33
N GLU B 430 -12.47 -23.10 24.81
CA GLU B 430 -13.50 -23.67 25.67
C GLU B 430 -13.17 -25.09 26.11
N LYS B 431 -12.33 -25.80 25.36
CA LYS B 431 -11.87 -27.11 25.79
C LYS B 431 -10.63 -26.98 26.66
N TRP B 432 -9.82 -25.96 26.39
CA TRP B 432 -8.53 -25.80 27.02
C TRP B 432 -8.57 -25.08 28.36
N ASP B 433 -9.52 -24.18 28.57
CA ASP B 433 -9.55 -23.35 29.76
C ASP B 433 -10.75 -23.62 30.65
N THR B 434 -11.96 -23.43 30.12
CA THR B 434 -13.29 -23.75 30.64
C THR B 434 -13.61 -23.26 32.06
N MET B 435 -12.75 -22.41 32.62
CA MET B 435 -13.01 -21.82 33.93
C MET B 435 -12.57 -20.38 34.04
N GLY B 436 -12.07 -19.77 32.98
CA GLY B 436 -11.60 -18.39 33.06
C GLY B 436 -10.39 -18.17 33.93
N VAL B 437 -9.52 -19.17 34.05
CA VAL B 437 -8.30 -19.01 34.85
C VAL B 437 -7.35 -18.03 34.18
N THR B 438 -7.35 -17.98 32.85
CA THR B 438 -6.61 -16.98 32.12
C THR B 438 -7.32 -15.63 32.06
N ASP B 439 -8.52 -15.52 32.64
CA ASP B 439 -9.24 -14.27 32.72
C ASP B 439 -8.98 -13.52 34.01
N TYR B 440 -8.55 -14.22 35.06
CA TYR B 440 -8.20 -13.58 36.32
C TYR B 440 -6.77 -13.04 36.29
N THR B 441 -6.45 -12.27 35.27
CA THR B 441 -5.14 -11.65 35.10
C THR B 441 -5.23 -10.16 34.82
N LYS B 442 -6.27 -9.70 34.13
CA LYS B 442 -6.47 -8.28 33.86
C LYS B 442 -7.22 -7.63 35.03
N SER B 443 -6.62 -7.71 36.20
CA SER B 443 -7.21 -7.17 37.41
C SER B 443 -6.19 -6.35 38.19
N PHE B 493 -11.77 -30.09 41.02
CA PHE B 493 -10.55 -30.89 40.95
C PHE B 493 -9.78 -30.62 39.66
N PRO B 494 -8.49 -30.32 39.78
CA PRO B 494 -7.69 -29.99 38.60
C PRO B 494 -7.11 -31.20 37.89
N TRP B 495 -6.24 -30.93 36.92
CA TRP B 495 -5.44 -31.88 36.12
C TRP B 495 -6.29 -32.72 35.17
N HIS B 496 -7.52 -32.32 34.91
CA HIS B 496 -8.26 -32.82 33.77
C HIS B 496 -8.54 -31.73 32.75
N VAL B 497 -8.25 -30.48 33.07
CA VAL B 497 -8.40 -29.35 32.16
C VAL B 497 -7.00 -28.93 31.68
N PRO B 498 -6.80 -28.72 30.38
CA PRO B 498 -5.42 -28.64 29.85
C PRO B 498 -4.65 -27.39 30.23
N LEU B 499 -5.26 -26.37 30.81
CA LEU B 499 -4.46 -25.23 31.24
C LEU B 499 -3.61 -25.59 32.44
N TYR B 500 -4.14 -26.39 33.36
CA TYR B 500 -3.37 -26.88 34.49
C TYR B 500 -2.41 -27.99 34.13
N ARG B 501 -2.41 -28.45 32.88
CA ARG B 501 -1.28 -29.21 32.37
C ARG B 501 -0.19 -28.27 31.88
N TRP B 502 -0.56 -27.16 31.26
CA TRP B 502 0.44 -26.23 30.73
C TRP B 502 1.15 -25.50 31.84
N LEU B 503 0.44 -25.16 32.92
CA LEU B 503 1.07 -24.49 34.04
C LEU B 503 2.03 -25.42 34.77
N LEU B 504 1.77 -26.72 34.75
CA LEU B 504 2.69 -27.67 35.36
C LEU B 504 3.97 -27.84 34.55
N THR B 505 3.87 -27.90 33.22
CA THR B 505 5.05 -28.07 32.39
C THR B 505 5.76 -26.77 32.08
N GLN B 506 5.22 -25.64 32.53
CA GLN B 506 6.02 -24.42 32.52
C GLN B 506 6.79 -24.26 33.82
N CYS B 507 6.18 -24.55 34.96
CA CYS B 507 6.91 -24.48 36.22
C CYS B 507 7.90 -25.62 36.38
N ALA B 508 7.81 -26.67 35.56
CA ALA B 508 8.89 -27.63 35.46
C ALA B 508 9.94 -27.19 34.47
N LEU B 509 9.61 -26.24 33.60
CA LEU B 509 10.61 -25.66 32.70
C LEU B 509 11.35 -24.52 33.39
N ILE B 510 10.65 -23.76 34.24
CA ILE B 510 11.32 -22.73 35.02
C ILE B 510 12.21 -23.37 36.09
N THR B 511 11.79 -24.53 36.62
CA THR B 511 12.60 -25.25 37.60
C THR B 511 13.89 -25.75 36.97
N PHE B 512 13.83 -26.13 35.69
CA PHE B 512 15.03 -26.60 35.00
C PHE B 512 16.01 -25.46 34.78
N THR B 513 15.54 -24.32 34.28
CA THR B 513 16.44 -23.23 33.91
C THR B 513 16.95 -22.49 35.14
N VAL B 514 16.28 -22.66 36.28
CA VAL B 514 16.82 -22.11 37.51
C VAL B 514 17.89 -23.04 38.07
N LEU B 515 17.61 -24.34 38.07
CA LEU B 515 18.58 -25.31 38.60
C LEU B 515 19.76 -25.47 37.67
N LEU B 516 19.58 -25.22 36.37
CA LEU B 516 20.70 -25.25 35.44
C LEU B 516 21.53 -23.98 35.55
N SER B 517 20.88 -22.85 35.83
CA SER B 517 21.65 -21.62 36.02
C SER B 517 22.32 -21.61 37.39
N TYR B 518 21.73 -22.27 38.37
CA TYR B 518 22.34 -22.37 39.69
C TYR B 518 23.59 -23.24 39.64
N LEU B 519 23.64 -24.19 38.71
CA LEU B 519 24.83 -24.99 38.53
C LEU B 519 25.95 -24.17 37.93
N VAL B 520 25.63 -23.13 37.17
CA VAL B 520 26.65 -22.21 36.66
C VAL B 520 26.63 -20.88 37.38
N PHE B 521 26.16 -20.84 38.63
CA PHE B 521 26.48 -19.75 39.53
C PHE B 521 27.37 -20.20 40.68
N SER B 522 27.37 -21.50 40.98
CA SER B 522 28.14 -22.08 42.07
C SER B 522 28.85 -23.35 41.62
N PHE B 523 29.56 -23.26 40.50
CA PHE B 523 30.33 -24.39 39.98
C PHE B 523 31.73 -24.34 40.58
N ASP B 524 31.97 -25.13 41.61
CA ASP B 524 33.28 -25.24 42.24
C ASP B 524 33.67 -26.70 42.40
N PRO B 525 34.24 -27.32 41.36
CA PRO B 525 34.79 -28.68 41.51
C PRO B 525 36.25 -28.67 41.92
N SER B 526 36.72 -27.52 42.43
CA SER B 526 38.15 -27.30 42.64
C SER B 526 38.70 -28.17 43.76
N ASP B 527 38.21 -27.97 44.98
CA ASP B 527 38.80 -28.67 46.11
C ASP B 527 38.35 -30.13 46.20
N PRO B 528 37.03 -30.51 46.02
CA PRO B 528 36.75 -31.93 45.80
C PRO B 528 36.68 -32.31 44.31
N VAL B 529 37.44 -33.32 43.93
CA VAL B 529 37.43 -33.87 42.57
C VAL B 529 36.18 -34.71 42.29
N PRO B 530 35.66 -35.59 43.23
CA PRO B 530 34.37 -36.25 42.91
C PRO B 530 33.14 -35.38 43.18
N ALA B 531 33.29 -34.06 43.26
CA ALA B 531 32.14 -33.16 43.32
C ALA B 531 31.37 -33.10 42.00
N SER B 532 31.94 -33.57 40.90
CA SER B 532 31.23 -33.54 39.63
C SER B 532 30.18 -34.63 39.50
N VAL B 533 30.16 -35.60 40.42
CA VAL B 533 29.13 -36.63 40.43
C VAL B 533 28.25 -36.45 41.65
N ALA B 534 28.07 -35.19 42.06
CA ALA B 534 27.24 -34.85 43.20
C ALA B 534 25.77 -35.19 42.93
N PRO B 535 24.99 -35.49 43.97
CA PRO B 535 23.59 -35.88 43.75
C PRO B 535 22.65 -34.73 43.37
N LEU B 536 23.16 -33.52 43.13
CA LEU B 536 22.36 -32.46 42.53
C LEU B 536 22.58 -32.38 41.03
N ASN B 537 23.79 -32.69 40.56
CA ASN B 537 24.02 -32.76 39.12
C ASN B 537 23.62 -34.10 38.56
N THR B 538 23.59 -35.14 39.41
CA THR B 538 23.08 -36.45 38.98
C THR B 538 21.58 -36.38 38.69
N PHE B 539 20.84 -35.66 39.54
CA PHE B 539 19.41 -35.48 39.33
C PHE B 539 19.13 -34.67 38.08
N LEU B 540 20.01 -33.72 37.75
CA LEU B 540 19.81 -32.92 36.55
C LEU B 540 20.11 -33.73 35.28
N ALA B 541 21.01 -34.71 35.39
CA ALA B 541 21.20 -35.64 34.28
C ALA B 541 20.00 -36.57 34.15
N VAL B 542 19.43 -36.97 35.28
CA VAL B 542 18.23 -37.81 35.28
C VAL B 542 17.05 -37.05 34.70
N TRP B 543 16.99 -35.73 34.95
CA TRP B 543 16.05 -34.87 34.24
C TRP B 543 16.36 -34.85 32.75
N CYS B 544 17.64 -34.70 32.40
CA CYS B 544 18.06 -34.66 30.99
C CYS B 544 18.08 -36.04 30.34
N ALA B 545 17.82 -37.10 31.08
CA ALA B 545 17.44 -38.35 30.45
C ALA B 545 15.93 -38.45 30.28
N ALA B 546 15.18 -37.90 31.22
CA ALA B 546 13.72 -37.93 31.16
C ALA B 546 13.16 -36.99 30.12
N ILE B 547 13.94 -36.00 29.66
CA ILE B 547 13.47 -35.12 28.61
C ILE B 547 13.44 -35.87 27.28
N LEU B 548 14.54 -36.53 26.93
CA LEU B 548 14.65 -37.20 25.63
C LEU B 548 13.75 -38.42 25.53
N VAL B 549 13.37 -39.01 26.67
CA VAL B 549 12.37 -40.06 26.64
C VAL B 549 11.00 -39.49 26.27
N ASP B 550 10.67 -38.31 26.82
CA ASP B 550 9.47 -37.62 26.37
C ASP B 550 9.66 -37.05 24.98
N GLU B 551 10.87 -36.59 24.66
CA GLU B 551 11.15 -36.05 23.34
C GLU B 551 11.38 -37.13 22.28
N VAL B 552 11.24 -38.40 22.62
CA VAL B 552 11.03 -39.43 21.61
C VAL B 552 9.61 -39.96 21.66
N GLN B 553 8.95 -39.84 22.82
CA GLN B 553 7.52 -40.13 22.88
C GLN B 553 6.70 -39.02 22.23
N GLU B 554 7.27 -37.82 22.14
CA GLU B 554 6.63 -36.76 21.36
C GLU B 554 6.75 -37.03 19.87
N TYR B 555 7.76 -37.83 19.48
CA TYR B 555 7.96 -38.16 18.07
C TYR B 555 7.00 -39.23 17.60
N VAL B 556 6.88 -40.32 18.36
CA VAL B 556 6.06 -41.45 17.93
C VAL B 556 4.57 -41.12 18.01
N GLU B 557 4.17 -40.31 18.99
CA GLU B 557 2.75 -40.02 19.16
C GLU B 557 2.23 -39.02 18.14
N GLU B 558 3.12 -38.28 17.47
CA GLU B 558 2.69 -37.27 16.51
C GLU B 558 3.18 -37.57 15.09
N GLY B 559 4.47 -37.80 14.91
CA GLY B 559 5.01 -38.03 13.58
C GLY B 559 6.04 -37.00 13.20
N ARG B 560 6.72 -37.22 12.06
CA ARG B 560 7.88 -36.38 11.72
C ARG B 560 7.46 -34.97 11.32
N ALA B 561 6.37 -34.84 10.57
CA ALA B 561 5.96 -33.53 10.08
C ALA B 561 5.41 -32.65 11.19
N GLU B 562 4.79 -33.25 12.21
CA GLU B 562 4.24 -32.47 13.32
C GLU B 562 5.30 -32.19 14.38
N TYR B 563 6.24 -33.10 14.59
CA TYR B 563 7.28 -32.88 15.58
C TYR B 563 8.31 -31.88 15.11
N MET B 564 8.79 -32.02 13.87
CA MET B 564 9.74 -31.07 13.32
C MET B 564 9.06 -29.87 12.69
N SER B 565 8.17 -29.22 13.45
CA SER B 565 7.47 -28.03 12.98
C SER B 565 7.21 -27.06 14.12
N SER B 566 7.85 -27.27 15.27
CA SER B 566 7.60 -26.45 16.45
C SER B 566 8.68 -25.42 16.69
N GLY B 567 9.95 -25.79 16.53
CA GLY B 567 11.05 -24.91 16.85
C GLY B 567 11.49 -24.95 18.29
N TRP B 568 10.59 -25.29 19.21
CA TRP B 568 10.97 -25.50 20.60
C TRP B 568 11.53 -26.90 20.82
N ASN B 569 11.04 -27.88 20.09
CA ASN B 569 11.54 -29.24 20.23
C ASN B 569 12.91 -29.42 19.61
N VAL B 570 13.40 -28.44 18.86
CA VAL B 570 14.82 -28.39 18.55
C VAL B 570 15.62 -28.10 19.81
N MET B 571 15.17 -27.15 20.63
CA MET B 571 15.88 -26.77 21.84
C MET B 571 15.56 -27.65 23.03
N ASP B 572 14.53 -28.50 22.96
CA ASP B 572 14.32 -29.45 24.02
C ASP B 572 15.23 -30.66 23.89
N VAL B 573 15.60 -31.02 22.67
CA VAL B 573 16.61 -32.05 22.47
C VAL B 573 18.01 -31.52 22.74
N THR B 574 18.29 -30.32 22.22
CA THR B 574 19.65 -29.77 22.25
C THR B 574 20.08 -29.44 23.68
N MET B 575 19.23 -28.75 24.44
CA MET B 575 19.55 -28.43 25.83
C MET B 575 19.57 -29.67 26.72
N ALA B 576 18.98 -30.78 26.28
CA ALA B 576 19.08 -32.02 27.02
C ALA B 576 20.29 -32.83 26.57
N LEU B 577 20.55 -32.85 25.26
CA LEU B 577 21.66 -33.65 24.74
C LEU B 577 22.99 -33.01 25.06
N SER B 578 23.04 -31.69 25.20
CA SER B 578 24.30 -31.03 25.49
C SER B 578 24.67 -31.18 26.97
N TYR B 579 23.67 -31.19 27.85
CA TYR B 579 23.98 -31.35 29.26
C TYR B 579 24.29 -32.81 29.60
N ILE B 580 23.64 -33.76 28.93
CA ILE B 580 23.93 -35.16 29.24
C ILE B 580 25.25 -35.56 28.63
N LEU B 581 25.66 -34.89 27.56
CA LEU B 581 27.01 -35.07 27.05
C LEU B 581 28.02 -34.37 27.95
N HIS B 582 27.57 -33.34 28.68
CA HIS B 582 28.44 -32.67 29.63
C HIS B 582 28.63 -33.51 30.89
N TYR B 583 27.58 -34.24 31.31
CA TYR B 583 27.70 -35.06 32.51
C TYR B 583 28.51 -36.32 32.23
N ILE B 584 28.52 -36.77 30.98
CA ILE B 584 29.43 -37.85 30.61
C ILE B 584 30.87 -37.34 30.52
N LEU B 585 31.08 -36.17 29.90
CA LEU B 585 32.44 -35.73 29.63
C LEU B 585 33.07 -35.11 30.88
N ARG B 586 32.28 -34.90 31.93
CA ARG B 586 32.85 -34.39 33.18
C ARG B 586 33.40 -35.53 34.04
N ILE B 587 32.90 -36.76 33.85
CA ILE B 587 33.47 -37.89 34.57
C ILE B 587 34.70 -38.43 33.84
N ILE B 588 34.89 -38.06 32.58
CA ILE B 588 36.13 -38.39 31.89
C ILE B 588 37.20 -37.34 32.21
N ALA B 589 36.82 -36.28 32.94
CA ALA B 589 37.76 -35.27 33.39
C ALA B 589 38.61 -35.72 34.57
N VAL B 590 38.38 -36.93 35.11
CA VAL B 590 39.28 -37.49 36.11
C VAL B 590 40.29 -38.41 35.44
N ARG B 591 40.09 -38.74 34.16
CA ARG B 591 41.01 -39.54 33.37
C ARG B 591 42.16 -38.70 32.83
N VAL B 592 42.85 -39.24 31.80
CA VAL B 592 44.03 -38.71 31.14
C VAL B 592 43.97 -37.20 30.87
N THR B 593 45.01 -36.49 31.33
CA THR B 593 45.01 -35.03 31.37
C THR B 593 45.43 -34.47 30.03
N ASP B 594 44.47 -33.96 29.26
CA ASP B 594 44.73 -33.18 28.06
C ASP B 594 44.47 -31.70 28.27
N ASN B 595 43.31 -31.37 28.86
CA ASN B 595 42.97 -30.07 29.45
C ASN B 595 42.75 -28.93 28.44
N LEU B 596 43.05 -29.17 27.17
CA LEU B 596 42.72 -28.23 26.10
C LEU B 596 41.93 -28.99 25.04
N ASN B 597 42.21 -30.29 24.92
CA ASN B 597 41.45 -31.15 24.02
C ASN B 597 40.20 -31.70 24.71
N ILE B 598 40.27 -31.90 26.03
CA ILE B 598 39.18 -32.50 26.76
C ILE B 598 38.44 -31.52 27.67
N LEU B 599 39.12 -30.62 28.35
CA LEU B 599 38.44 -29.75 29.30
C LEU B 599 37.88 -28.48 28.67
N LEU B 600 38.38 -28.07 27.51
CA LEU B 600 37.92 -26.84 26.89
C LEU B 600 36.62 -27.03 26.11
N VAL B 601 36.19 -28.27 25.90
CA VAL B 601 34.91 -28.52 25.25
C VAL B 601 33.84 -28.82 26.31
N VAL B 602 34.24 -29.10 27.55
CA VAL B 602 33.29 -29.35 28.63
C VAL B 602 32.51 -28.09 28.98
N ASN B 603 33.20 -26.97 29.15
CA ASN B 603 32.52 -25.71 29.42
C ASN B 603 31.76 -25.17 28.21
N ASP B 604 32.15 -25.55 27.01
CA ASP B 604 31.49 -25.06 25.81
C ASP B 604 30.12 -25.69 25.65
N LEU B 605 29.98 -26.97 26.03
CA LEU B 605 28.68 -27.62 25.97
C LEU B 605 27.74 -27.09 27.04
N LEU B 606 28.29 -26.68 28.19
CA LEU B 606 27.43 -26.18 29.27
C LEU B 606 26.88 -24.80 28.96
N ALA B 607 27.62 -23.98 28.21
CA ALA B 607 27.07 -22.71 27.76
C ALA B 607 25.94 -22.93 26.76
N ALA B 608 26.15 -23.85 25.81
CA ALA B 608 25.09 -24.25 24.90
C ALA B 608 23.96 -24.99 25.60
N ALA B 609 24.25 -25.59 26.76
CA ALA B 609 23.17 -26.19 27.55
C ALA B 609 22.28 -25.12 28.15
N ALA B 610 22.86 -23.98 28.53
CA ALA B 610 22.10 -22.92 29.17
C ALA B 610 21.57 -21.88 28.19
N LEU B 611 22.29 -21.63 27.10
CA LEU B 611 21.82 -20.66 26.11
C LEU B 611 20.57 -21.13 25.38
N MET B 612 20.47 -22.44 25.13
CA MET B 612 19.26 -23.02 24.60
C MET B 612 18.17 -23.16 25.64
N ALA B 613 18.51 -23.04 26.93
CA ALA B 613 17.53 -23.22 27.97
C ALA B 613 16.76 -21.94 28.27
N TRP B 614 17.40 -20.78 28.21
CA TRP B 614 16.67 -19.54 28.41
C TRP B 614 16.02 -19.03 27.13
N PHE B 615 16.47 -19.49 25.97
CA PHE B 615 15.70 -19.27 24.76
C PHE B 615 14.41 -20.07 24.82
N ARG B 616 14.45 -21.24 25.45
CA ARG B 616 13.27 -22.02 25.77
C ARG B 616 12.40 -21.34 26.81
N MET B 617 12.94 -20.38 27.55
CA MET B 617 12.14 -19.66 28.55
C MET B 617 11.25 -18.61 27.90
N VAL B 618 11.48 -18.31 26.62
CA VAL B 618 10.57 -17.47 25.86
C VAL B 618 9.22 -18.16 25.68
N SER B 619 9.19 -19.49 25.75
CA SER B 619 7.98 -20.27 25.49
C SER B 619 6.92 -20.16 26.57
N VAL B 620 7.12 -19.37 27.62
CA VAL B 620 6.02 -19.08 28.53
C VAL B 620 5.05 -18.08 27.94
N PHE B 621 5.54 -17.20 27.06
CA PHE B 621 4.73 -16.14 26.45
C PHE B 621 4.05 -16.60 25.17
N GLU B 622 3.85 -17.91 24.99
CA GLU B 622 3.22 -18.41 23.78
C GLU B 622 1.74 -18.04 23.72
N LEU B 623 1.11 -17.97 24.89
CA LEU B 623 -0.31 -17.69 24.97
C LEU B 623 -0.60 -16.21 25.12
N SER B 624 0.32 -15.46 25.68
CA SER B 624 0.09 -14.04 25.98
C SER B 624 0.09 -13.25 24.69
N SER B 625 -1.00 -12.55 24.44
CA SER B 625 -1.01 -11.58 23.35
C SER B 625 -0.05 -10.45 23.66
N ALA B 626 0.45 -9.85 22.58
CA ALA B 626 1.46 -8.80 22.49
C ALA B 626 2.88 -9.28 22.77
N ILE B 627 3.07 -10.49 23.30
CA ILE B 627 4.38 -11.11 23.28
C ILE B 627 4.40 -12.33 22.36
N GLY B 628 3.27 -13.00 22.19
CA GLY B 628 3.09 -14.03 21.21
C GLY B 628 3.44 -13.69 19.77
N PRO B 629 3.00 -12.54 19.25
CA PRO B 629 3.46 -12.14 17.91
C PRO B 629 4.94 -11.82 17.84
N LEU B 630 5.57 -11.50 18.97
CA LEU B 630 7.00 -11.24 18.96
C LEU B 630 7.79 -12.53 18.78
N ILE B 631 7.25 -13.63 19.28
CA ILE B 631 7.94 -14.91 19.16
C ILE B 631 7.71 -15.51 17.78
N GLN B 632 6.54 -15.26 17.19
CA GLN B 632 6.26 -15.81 15.87
C GLN B 632 7.02 -15.08 14.79
N MET B 633 7.24 -13.77 14.97
CA MET B 633 8.03 -13.04 13.99
C MET B 633 9.52 -13.32 14.17
N MET B 634 9.92 -13.67 15.39
CA MET B 634 11.30 -14.09 15.60
C MET B 634 11.51 -15.52 15.12
N LYS B 635 10.42 -16.23 14.86
CA LYS B 635 10.52 -17.58 14.32
C LYS B 635 10.51 -17.58 12.80
N GLN B 636 9.68 -16.71 12.20
CA GLN B 636 9.54 -16.70 10.75
C GLN B 636 10.78 -16.13 10.07
N MET B 637 11.42 -15.13 10.69
CA MET B 637 12.59 -14.55 10.06
C MET B 637 13.82 -15.45 10.23
N LEU B 638 13.75 -16.41 11.15
CA LEU B 638 14.79 -17.44 11.20
C LEU B 638 14.55 -18.50 10.14
N ILE B 639 13.31 -18.62 9.68
CA ILE B 639 13.00 -19.62 8.66
C ILE B 639 13.25 -19.05 7.27
N LYS B 640 12.72 -17.86 7.00
CA LYS B 640 12.68 -17.31 5.65
C LYS B 640 13.70 -16.21 5.40
N ASP B 641 14.25 -15.58 6.44
CA ASP B 641 15.11 -14.43 6.22
C ASP B 641 16.55 -14.70 6.63
N VAL B 642 16.83 -15.84 7.25
CA VAL B 642 18.21 -16.12 7.65
C VAL B 642 18.91 -16.98 6.60
N THR B 643 18.29 -18.09 6.19
CA THR B 643 18.94 -19.01 5.28
C THR B 643 19.09 -18.47 3.86
N ARG B 644 18.40 -17.39 3.52
CA ARG B 644 18.60 -16.74 2.24
C ARG B 644 19.48 -15.50 2.31
N PHE B 645 19.72 -14.97 3.51
CA PHE B 645 20.59 -13.81 3.66
C PHE B 645 21.95 -14.16 4.24
N ALA B 646 22.00 -15.03 5.25
CA ALA B 646 23.28 -15.32 5.90
C ALA B 646 24.20 -16.16 5.02
N LEU B 647 23.67 -16.73 3.94
CA LEU B 647 24.54 -17.33 2.92
C LEU B 647 25.09 -16.24 2.00
N LEU B 648 24.37 -15.12 1.90
CA LEU B 648 24.74 -14.09 0.95
C LEU B 648 25.56 -12.99 1.63
N VAL B 649 25.41 -12.83 2.94
CA VAL B 649 26.31 -11.96 3.69
C VAL B 649 27.66 -12.64 3.87
N LEU B 650 27.66 -13.98 3.93
CA LEU B 650 28.88 -14.74 4.13
C LEU B 650 29.79 -14.67 2.90
N VAL B 651 29.21 -14.60 1.70
CA VAL B 651 30.03 -14.53 0.50
C VAL B 651 30.58 -13.11 0.32
N ILE B 652 29.99 -12.14 1.02
CA ILE B 652 30.49 -10.77 0.96
C ILE B 652 31.61 -10.58 1.98
N LEU B 653 31.40 -11.04 3.21
CA LEU B 653 32.37 -10.81 4.28
C LEU B 653 33.62 -11.66 4.09
N LEU B 654 33.50 -12.79 3.41
CA LEU B 654 34.71 -13.54 3.06
C LEU B 654 35.51 -12.83 1.98
N GLY B 655 34.83 -12.12 1.09
CA GLY B 655 35.54 -11.34 0.08
C GLY B 655 36.21 -10.12 0.67
N PHE B 656 35.55 -9.48 1.64
CA PHE B 656 36.15 -8.31 2.27
C PHE B 656 37.26 -8.70 3.23
N SER B 657 37.16 -9.89 3.85
CA SER B 657 38.23 -10.35 4.73
C SER B 657 39.49 -10.69 3.94
N VAL B 658 39.32 -11.36 2.80
CA VAL B 658 40.45 -11.66 1.92
C VAL B 658 41.00 -10.38 1.31
N GLY B 659 40.11 -9.45 0.96
CA GLY B 659 40.57 -8.16 0.47
C GLY B 659 41.21 -7.30 1.54
N MET B 660 40.92 -7.60 2.81
CA MET B 660 41.66 -6.97 3.90
C MET B 660 42.99 -7.68 4.13
N GLU B 661 43.02 -9.00 3.93
CA GLU B 661 44.22 -9.79 4.21
C GLU B 661 45.35 -9.45 3.26
N ALA B 662 45.03 -9.16 1.99
CA ALA B 662 46.05 -8.70 1.07
C ALA B 662 46.37 -7.21 1.23
N LEU B 663 45.66 -6.50 2.11
CA LEU B 663 46.02 -5.13 2.44
C LEU B 663 46.66 -4.99 3.82
N PHE B 664 46.78 -6.08 4.58
CA PHE B 664 47.55 -6.10 5.80
C PHE B 664 48.82 -6.93 5.67
N GLN B 665 49.25 -7.19 4.43
CA GLN B 665 50.48 -7.93 4.18
C GLN B 665 51.12 -7.46 2.87
N VAL B 718 51.83 5.45 0.09
CA VAL B 718 50.47 5.51 0.61
C VAL B 718 49.49 5.95 -0.47
N THR B 719 49.70 5.45 -1.68
CA THR B 719 48.76 5.65 -2.77
C THR B 719 47.60 4.65 -2.73
N GLY B 720 47.67 3.67 -1.83
CA GLY B 720 46.64 2.67 -1.66
C GLY B 720 45.69 2.94 -0.52
N VAL B 721 45.76 4.10 0.13
CA VAL B 721 44.83 4.42 1.20
C VAL B 721 43.47 4.81 0.61
N ILE B 722 43.44 5.17 -0.68
CA ILE B 722 42.17 5.31 -1.39
C ILE B 722 41.62 3.96 -1.83
N PHE B 723 42.39 2.88 -1.67
CA PHE B 723 41.91 1.55 -2.00
C PHE B 723 41.42 0.77 -0.79
N TYR B 724 41.84 1.14 0.42
CA TYR B 724 41.22 0.55 1.60
C TYR B 724 39.87 1.20 1.87
N LEU B 725 39.77 2.50 1.63
CA LEU B 725 38.51 3.21 1.83
C LEU B 725 37.48 2.80 0.79
N ILE B 726 37.91 2.43 -0.41
CA ILE B 726 36.97 1.95 -1.40
C ILE B 726 36.58 0.50 -1.10
N PHE B 727 37.33 -0.18 -0.23
CA PHE B 727 36.90 -1.50 0.22
C PHE B 727 35.88 -1.38 1.34
N ALA B 728 36.09 -0.43 2.26
CA ALA B 728 35.22 -0.33 3.42
C ALA B 728 33.89 0.32 3.07
N ILE B 729 33.92 1.35 2.22
CA ILE B 729 32.70 2.10 1.92
C ILE B 729 31.74 1.25 1.08
N VAL B 730 32.27 0.54 0.09
CA VAL B 730 31.42 -0.26 -0.79
C VAL B 730 30.84 -1.46 -0.04
N THR B 731 31.64 -2.11 0.81
CA THR B 731 31.14 -3.24 1.58
C THR B 731 30.16 -2.81 2.65
N ALA B 732 30.29 -1.59 3.17
CA ALA B 732 29.29 -1.07 4.10
C ALA B 732 27.98 -0.75 3.38
N ILE B 733 28.07 -0.21 2.16
CA ILE B 733 26.88 -0.03 1.34
C ILE B 733 26.32 -1.38 0.93
N LEU B 734 27.18 -2.34 0.59
CA LEU B 734 26.73 -3.70 0.31
C LEU B 734 26.10 -4.37 1.52
N LEU B 735 26.47 -3.96 2.72
CA LEU B 735 25.83 -4.50 3.91
C LEU B 735 24.59 -3.73 4.33
N LEU B 736 24.57 -2.40 4.12
CA LEU B 736 23.39 -1.61 4.43
C LEU B 736 22.23 -1.97 3.51
N ASN B 737 22.51 -2.26 2.24
CA ASN B 737 21.47 -2.64 1.29
C ASN B 737 20.90 -4.01 1.60
N LEU B 738 21.59 -4.82 2.41
CA LEU B 738 21.02 -6.02 2.99
C LEU B 738 20.10 -5.72 4.17
N PHE B 739 20.40 -4.67 4.92
CA PHE B 739 19.62 -4.33 6.10
C PHE B 739 18.24 -3.82 5.72
N ILE B 740 18.17 -2.89 4.77
CA ILE B 740 16.90 -2.40 4.23
C ILE B 740 16.14 -3.53 3.54
N ALA B 741 16.84 -4.46 2.93
CA ALA B 741 16.19 -5.62 2.31
C ALA B 741 15.62 -6.58 3.34
N MET B 742 16.06 -6.51 4.60
CA MET B 742 15.48 -7.31 5.67
C MET B 742 14.50 -6.53 6.51
N LEU B 743 14.74 -5.22 6.69
CA LEU B 743 13.80 -4.35 7.40
C LEU B 743 12.47 -4.28 6.70
N ALA B 744 12.46 -4.30 5.37
CA ALA B 744 11.23 -4.21 4.63
C ALA B 744 10.70 -5.57 4.19
N ASP B 745 11.39 -6.65 4.55
CA ASP B 745 10.85 -7.98 4.32
C ASP B 745 10.22 -8.57 5.55
N THR B 746 10.55 -8.06 6.74
CA THR B 746 9.79 -8.43 7.92
C THR B 746 8.61 -7.50 8.13
N TYR B 747 8.75 -6.22 7.75
CA TYR B 747 7.63 -5.29 7.84
C TYR B 747 6.50 -5.68 6.90
N THR B 748 6.83 -6.34 5.79
CA THR B 748 5.82 -6.94 4.94
C THR B 748 5.06 -8.03 5.68
N ARG B 749 5.72 -8.70 6.61
CA ARG B 749 5.11 -9.82 7.31
C ARG B 749 4.58 -9.43 8.67
N VAL B 750 5.21 -8.45 9.34
CA VAL B 750 4.73 -7.99 10.64
C VAL B 750 3.42 -7.24 10.50
N SER B 751 3.31 -6.41 9.46
CA SER B 751 2.09 -5.64 9.27
C SER B 751 0.94 -6.52 8.80
N THR B 752 1.22 -7.45 7.88
CA THR B 752 0.15 -8.24 7.31
C THR B 752 -0.24 -9.42 8.21
N GLN B 753 0.69 -10.36 8.41
CA GLN B 753 0.37 -11.62 9.08
C GLN B 753 1.26 -11.75 10.32
N ALA B 754 0.82 -11.17 11.43
CA ALA B 754 1.49 -11.35 12.71
C ALA B 754 0.56 -11.86 13.79
N MET B 755 -0.67 -11.35 13.83
CA MET B 755 -1.66 -11.97 14.70
C MET B 755 -2.07 -13.32 14.15
N VAL B 756 -2.10 -13.46 12.82
CA VAL B 756 -2.49 -14.72 12.20
C VAL B 756 -1.43 -15.79 12.44
N GLU B 757 -0.16 -15.38 12.49
CA GLU B 757 0.89 -16.33 12.86
C GLU B 757 0.87 -16.60 14.36
N PHE B 758 0.32 -15.67 15.14
CA PHE B 758 0.25 -15.89 16.58
C PHE B 758 -0.95 -16.75 16.94
N ARG B 759 -2.11 -16.47 16.35
CA ARG B 759 -3.32 -17.18 16.71
C ARG B 759 -3.29 -18.62 16.21
N TYR B 760 -2.50 -18.89 15.17
CA TYR B 760 -2.39 -20.25 14.67
C TYR B 760 -1.50 -21.08 15.58
N ARG B 761 -0.39 -20.51 16.05
CA ARG B 761 0.49 -21.21 16.97
C ARG B 761 -0.19 -21.42 18.32
N LYS B 762 -1.05 -20.49 18.73
CA LYS B 762 -1.82 -20.68 19.95
C LYS B 762 -2.82 -21.82 19.80
N ALA B 763 -3.33 -22.05 18.59
CA ALA B 763 -4.27 -23.15 18.39
C ALA B 763 -3.58 -24.50 18.23
N LYS B 764 -2.33 -24.51 17.83
CA LYS B 764 -1.57 -25.75 17.82
C LYS B 764 -0.98 -26.08 19.18
N LEU B 765 -1.05 -25.16 20.13
CA LEU B 765 -0.60 -25.42 21.49
C LEU B 765 -1.74 -25.85 22.40
N MET B 766 -2.96 -25.38 22.13
CA MET B 766 -4.11 -25.79 22.92
C MET B 766 -4.67 -27.13 22.48
N ALA B 767 -4.27 -27.63 21.32
CA ALA B 767 -4.66 -28.95 20.85
C ALA B 767 -3.54 -29.98 20.97
N SER B 768 -2.34 -29.56 21.32
CA SER B 768 -1.30 -30.52 21.68
C SER B 768 -1.50 -31.05 23.08
N TYR B 769 -2.33 -30.39 23.89
CA TYR B 769 -2.62 -30.84 25.24
C TYR B 769 -3.98 -31.51 25.37
N SER B 770 -4.85 -31.39 24.37
CA SER B 770 -6.07 -32.17 24.35
C SER B 770 -5.84 -33.60 23.90
N ARG B 771 -4.67 -33.89 23.33
CA ARG B 771 -4.29 -35.25 22.96
C ARG B 771 -3.14 -35.78 23.78
N ARG B 772 -2.57 -34.98 24.68
CA ARG B 772 -1.40 -35.39 25.41
C ARG B 772 -1.76 -36.39 26.51
N ASP B 773 -0.81 -37.29 26.79
CA ASP B 773 -0.83 -38.21 27.92
C ASP B 773 -0.40 -37.52 29.21
N PHE B 774 0.07 -38.32 30.17
CA PHE B 774 0.42 -37.88 31.51
C PHE B 774 1.71 -37.07 31.57
N VAL B 775 2.30 -37.01 32.76
CA VAL B 775 3.17 -35.97 33.28
C VAL B 775 4.40 -35.62 32.45
N CYS B 776 4.98 -34.46 32.77
CA CYS B 776 6.17 -33.77 32.29
C CYS B 776 7.46 -34.57 32.56
N PRO B 777 8.64 -34.09 32.16
CA PRO B 777 9.92 -34.77 32.51
C PRO B 777 10.11 -35.14 33.98
N PRO B 778 9.64 -34.38 34.98
CA PRO B 778 9.64 -34.97 36.31
C PRO B 778 8.45 -35.91 36.44
N PHE B 779 8.65 -36.98 37.22
CA PHE B 779 7.81 -38.18 37.33
C PHE B 779 7.71 -38.94 36.00
N ASN B 780 8.65 -38.76 35.08
CA ASN B 780 8.64 -39.51 33.82
C ASN B 780 9.40 -40.83 33.94
N LEU B 781 10.54 -40.83 34.61
CA LEU B 781 11.27 -42.05 34.92
C LEU B 781 11.25 -42.38 36.41
N LEU B 782 10.42 -41.70 37.20
CA LEU B 782 10.31 -42.04 38.61
C LEU B 782 9.51 -43.29 38.83
N HIS B 783 8.63 -43.64 37.88
CA HIS B 783 7.89 -44.89 37.93
C HIS B 783 8.41 -45.87 36.89
N THR B 813 -6.16 -42.52 21.53
CA THR B 813 -7.30 -42.65 20.63
C THR B 813 -8.51 -41.91 21.19
N VAL B 814 -8.26 -41.01 22.14
CA VAL B 814 -9.34 -40.18 22.68
C VAL B 814 -9.72 -39.13 21.64
N PRO B 815 -10.99 -38.73 21.54
CA PRO B 815 -11.33 -37.68 20.58
C PRO B 815 -10.78 -36.33 20.99
N LEU B 816 -10.62 -35.46 19.99
CA LEU B 816 -10.06 -34.14 20.23
C LEU B 816 -11.03 -33.25 20.98
N PHE B 817 -12.33 -33.35 20.68
CA PHE B 817 -13.32 -32.48 21.28
C PHE B 817 -14.45 -33.30 21.86
N SER B 818 -15.05 -32.80 22.93
CA SER B 818 -16.15 -33.50 23.57
C SER B 818 -17.46 -33.37 22.82
N TRP B 819 -17.53 -32.51 21.80
CA TRP B 819 -18.70 -32.42 20.95
C TRP B 819 -18.51 -33.17 19.64
N TYR B 820 -17.41 -33.90 19.49
CA TYR B 820 -17.27 -34.79 18.36
C TYR B 820 -18.23 -35.97 18.51
N PHE B 821 -18.78 -36.39 17.38
CA PHE B 821 -19.72 -37.49 17.23
C PHE B 821 -20.93 -37.39 18.14
N PRO B 822 -21.88 -36.51 17.85
CA PRO B 822 -23.15 -36.55 18.57
C PRO B 822 -23.89 -37.83 18.22
N GLN B 823 -24.53 -38.43 19.22
CA GLN B 823 -25.07 -39.78 19.06
C GLN B 823 -26.55 -39.78 18.63
N GLY B 824 -27.42 -39.21 19.45
CA GLY B 824 -28.84 -39.35 19.20
C GLY B 824 -29.55 -38.08 18.81
N GLU B 825 -30.25 -37.47 19.77
CA GLU B 825 -30.95 -36.22 19.52
C GLU B 825 -30.00 -35.05 19.31
N GLU B 826 -28.77 -35.13 19.85
CA GLU B 826 -27.77 -34.10 19.57
C GLU B 826 -27.30 -34.18 18.12
N MET B 827 -27.33 -35.37 17.52
CA MET B 827 -27.02 -35.50 16.11
C MET B 827 -28.14 -34.95 15.24
N ARG B 828 -29.38 -35.10 15.68
CA ARG B 828 -30.52 -34.64 14.89
C ARG B 828 -30.57 -33.12 14.84
N GLN B 829 -30.03 -32.45 15.85
CA GLN B 829 -30.03 -30.99 15.86
C GLN B 829 -28.86 -30.42 15.05
N VAL B 830 -27.72 -31.11 15.06
CA VAL B 830 -26.54 -30.63 14.36
C VAL B 830 -26.71 -30.75 12.85
N VAL B 831 -27.30 -31.86 12.39
CA VAL B 831 -27.51 -32.05 10.95
C VAL B 831 -28.60 -31.12 10.43
N VAL B 832 -29.45 -30.62 11.33
CA VAL B 832 -30.33 -29.51 10.96
C VAL B 832 -29.56 -28.21 10.99
N LEU B 833 -28.61 -28.08 11.92
CA LEU B 833 -27.88 -26.83 12.11
C LEU B 833 -26.88 -26.55 10.99
N GLN B 834 -26.22 -27.58 10.46
CA GLN B 834 -25.25 -27.35 9.40
C GLN B 834 -25.91 -27.09 8.07
N ARG B 835 -27.19 -27.42 7.90
CA ARG B 835 -27.89 -27.03 6.69
C ARG B 835 -28.51 -25.65 6.84
N ARG B 836 -28.41 -25.05 8.02
CA ARG B 836 -28.81 -23.67 8.18
C ARG B 836 -27.65 -22.71 7.93
N VAL B 837 -26.42 -23.22 7.97
CA VAL B 837 -25.22 -22.40 7.78
C VAL B 837 -24.66 -22.58 6.38
N VAL B 838 -24.53 -23.82 5.92
CA VAL B 838 -23.95 -24.09 4.61
C VAL B 838 -24.89 -23.63 3.50
N ASP B 839 -26.18 -23.93 3.61
CA ASP B 839 -27.12 -23.54 2.57
C ASP B 839 -27.37 -22.04 2.53
N ASP B 840 -26.91 -21.27 3.51
CA ASP B 840 -26.89 -19.83 3.41
C ASP B 840 -25.54 -19.30 2.99
N PHE B 841 -24.53 -20.18 2.89
CA PHE B 841 -23.21 -19.78 2.42
C PHE B 841 -23.06 -20.08 0.93
N LEU B 842 -23.55 -21.23 0.48
CA LEU B 842 -23.58 -21.53 -0.94
C LEU B 842 -24.55 -20.63 -1.67
N ASN B 843 -25.62 -20.21 -0.99
CA ASN B 843 -26.51 -19.21 -1.55
C ASN B 843 -25.87 -17.84 -1.51
N SER B 844 -24.83 -17.65 -0.70
CA SER B 844 -24.17 -16.35 -0.66
C SER B 844 -23.11 -16.22 -1.74
N ASN B 845 -22.36 -17.30 -1.99
CA ASN B 845 -21.34 -17.28 -3.04
C ASN B 845 -21.93 -17.31 -4.44
N ARG B 846 -23.14 -17.82 -4.59
CA ARG B 846 -23.81 -17.80 -5.88
C ARG B 846 -24.16 -16.40 -6.31
N VAL B 847 -24.39 -15.49 -5.36
CA VAL B 847 -24.71 -14.12 -5.68
C VAL B 847 -23.46 -13.26 -5.75
N ALA B 848 -22.45 -13.54 -4.94
CA ALA B 848 -21.20 -12.79 -5.03
C ALA B 848 -20.33 -13.20 -6.21
N LEU B 849 -20.71 -14.24 -6.96
CA LEU B 849 -20.06 -14.54 -8.23
C LEU B 849 -20.74 -13.80 -9.38
N PHE B 850 -22.05 -13.57 -9.28
CA PHE B 850 -22.76 -12.81 -10.29
C PHE B 850 -22.47 -11.33 -10.22
N ARG B 851 -21.76 -10.85 -9.20
CA ARG B 851 -21.31 -9.47 -9.24
C ARG B 851 -20.06 -9.32 -10.09
N GLU B 852 -19.22 -10.36 -10.16
CA GLU B 852 -18.06 -10.34 -11.03
C GLU B 852 -18.39 -10.79 -12.45
N LYS B 853 -19.66 -10.97 -12.75
CA LYS B 853 -20.17 -11.21 -14.09
C LYS B 853 -21.17 -10.15 -14.51
N LEU B 854 -21.56 -9.26 -13.60
CA LEU B 854 -22.25 -8.04 -13.96
C LEU B 854 -21.34 -6.82 -13.91
N ASN B 855 -20.19 -6.90 -13.28
CA ASN B 855 -19.25 -5.78 -13.33
C ASN B 855 -18.61 -5.71 -14.71
N ALA B 856 -17.89 -6.76 -15.10
CA ALA B 856 -17.15 -6.78 -16.35
C ALA B 856 -18.01 -7.14 -17.55
N GLU B 857 -19.32 -7.29 -17.39
CA GLU B 857 -20.14 -7.67 -18.52
C GLU B 857 -21.45 -6.88 -18.51
N LEU B 858 -21.49 -5.75 -17.80
CA LEU B 858 -22.63 -4.85 -17.86
C LEU B 858 -22.94 -4.27 -19.24
N PRO B 859 -21.96 -3.91 -20.10
CA PRO B 859 -22.35 -3.47 -21.46
C PRO B 859 -22.99 -4.55 -22.32
N ASN B 860 -22.86 -5.83 -21.98
CA ASN B 860 -23.45 -6.88 -22.78
C ASN B 860 -24.84 -7.27 -22.31
N LEU B 861 -25.34 -6.67 -21.24
CA LEU B 861 -26.70 -6.89 -20.77
C LEU B 861 -27.63 -5.75 -21.17
N VAL B 862 -27.10 -4.55 -21.31
CA VAL B 862 -27.86 -3.37 -21.74
C VAL B 862 -27.88 -3.31 -23.26
N HIS B 863 -27.37 -4.35 -23.90
CA HIS B 863 -27.39 -4.51 -25.35
C HIS B 863 -28.48 -5.47 -25.81
N GLU B 864 -28.82 -6.47 -25.00
CA GLU B 864 -29.89 -7.39 -25.32
C GLU B 864 -31.25 -6.92 -24.83
N MET B 865 -31.31 -5.78 -24.16
CA MET B 865 -32.60 -5.15 -23.89
C MET B 865 -32.97 -4.19 -25.01
N LEU B 866 -32.02 -3.87 -25.89
CA LEU B 866 -32.34 -3.01 -27.03
C LEU B 866 -32.94 -3.85 -28.16
N LYS B 867 -32.13 -4.73 -28.74
CA LYS B 867 -32.38 -5.52 -29.96
C LYS B 867 -33.21 -4.85 -31.07
N LYS C 17 -17.75 48.69 -16.92
CA LYS C 17 -17.08 47.46 -17.33
C LYS C 17 -15.81 47.25 -16.51
N LYS C 18 -15.90 46.35 -15.52
CA LYS C 18 -14.74 45.95 -14.74
C LYS C 18 -14.61 44.44 -14.90
N PRO C 19 -13.40 43.90 -14.95
CA PRO C 19 -13.25 42.44 -15.08
C PRO C 19 -13.76 41.70 -13.86
N SER C 20 -14.19 40.47 -14.10
CA SER C 20 -14.88 39.68 -13.09
C SER C 20 -13.89 39.12 -12.07
N ASP C 21 -14.43 38.31 -11.15
CA ASP C 21 -13.59 37.57 -10.22
C ASP C 21 -12.70 36.58 -10.95
N TYR C 22 -13.20 36.01 -12.04
CA TYR C 22 -12.45 35.13 -12.92
C TYR C 22 -11.55 35.88 -13.89
N GLY C 23 -11.98 37.07 -14.33
CA GLY C 23 -11.24 37.86 -15.30
C GLY C 23 -9.89 38.31 -14.81
N CYS C 24 -9.84 39.04 -13.71
CA CYS C 24 -8.56 39.55 -13.22
C CYS C 24 -7.88 38.60 -12.25
N GLN C 25 -7.89 37.32 -12.63
CA GLN C 25 -7.15 36.28 -11.92
C GLN C 25 -6.42 35.42 -12.92
N LEU C 26 -7.03 35.27 -14.10
CA LEU C 26 -6.61 34.25 -15.06
C LEU C 26 -6.13 34.84 -16.38
N HIS C 27 -6.67 36.00 -16.75
CA HIS C 27 -6.41 36.60 -18.04
C HIS C 27 -4.97 37.04 -18.18
N TYR C 28 -4.58 37.33 -19.42
CA TYR C 28 -3.19 37.65 -19.73
C TYR C 28 -2.83 39.02 -19.14
N LYS C 29 -1.74 39.04 -18.36
CA LYS C 29 -1.46 40.18 -17.49
C LYS C 29 -0.98 41.40 -18.28
N HIS C 30 0.14 41.25 -18.99
CA HIS C 30 0.72 42.37 -19.70
C HIS C 30 -0.13 42.78 -20.89
N ALA C 31 -0.06 44.05 -21.24
CA ALA C 31 -0.87 44.63 -22.31
C ALA C 31 -0.05 44.61 -23.60
N ARG C 32 -0.32 43.61 -24.43
CA ARG C 32 0.39 43.45 -25.70
C ARG C 32 -0.13 44.45 -26.72
N VAL C 33 0.52 44.45 -27.89
CA VAL C 33 0.07 45.26 -29.02
C VAL C 33 0.42 44.55 -30.31
N LYS C 53 21.21 39.54 -49.83
CA LYS C 53 22.14 38.42 -49.92
C LYS C 53 21.83 37.57 -51.14
N GLY C 54 21.86 36.24 -50.97
CA GLY C 54 21.61 35.35 -52.09
C GLY C 54 22.24 33.99 -51.90
N THR C 55 23.02 33.58 -52.92
CA THR C 55 23.95 32.43 -52.94
C THR C 55 23.31 31.09 -52.51
N LEU C 56 21.97 31.04 -52.65
CA LEU C 56 21.13 29.87 -52.38
C LEU C 56 21.22 29.38 -50.94
N ILE C 57 21.75 30.21 -50.04
CA ILE C 57 21.93 29.87 -48.63
C ILE C 57 20.84 30.56 -47.82
N THR C 58 20.71 31.87 -48.00
CA THR C 58 19.61 32.60 -47.39
C THR C 58 18.45 32.75 -48.35
N ALA C 59 18.61 32.23 -49.57
CA ALA C 59 17.50 32.21 -50.51
C ALA C 59 16.52 31.10 -50.17
N ALA C 60 17.03 29.95 -49.74
CA ALA C 60 16.17 28.83 -49.40
C ALA C 60 15.74 28.90 -47.94
N GLU C 61 16.58 29.49 -47.09
CA GLU C 61 16.25 29.58 -45.67
C GLU C 61 15.10 30.56 -45.43
N LEU C 62 14.99 31.58 -46.28
CA LEU C 62 13.91 32.54 -46.11
C LEU C 62 12.61 32.04 -46.73
N GLY C 63 12.68 31.58 -47.98
CA GLY C 63 11.56 30.94 -48.63
C GLY C 63 11.15 31.53 -49.96
N LEU C 64 11.96 32.42 -50.54
CA LEU C 64 11.65 32.97 -51.84
C LEU C 64 11.87 31.91 -52.91
N VAL C 65 10.80 31.54 -53.61
CA VAL C 65 10.89 30.52 -54.65
C VAL C 65 11.43 31.10 -55.94
N ASP C 66 11.04 32.33 -56.27
CA ASP C 66 11.47 32.94 -57.53
C ASP C 66 12.94 33.33 -57.48
N LYS C 67 13.43 33.70 -56.30
CA LYS C 67 14.81 34.13 -56.16
C LYS C 67 15.77 32.96 -56.27
N TYR C 68 15.32 31.78 -55.87
CA TYR C 68 16.17 30.59 -55.92
C TYR C 68 16.36 30.11 -57.35
N ARG C 69 15.36 30.34 -58.21
CA ARG C 69 15.44 29.89 -59.59
C ARG C 69 16.32 30.82 -60.41
N ASP C 70 16.28 32.12 -60.13
CA ASP C 70 17.02 33.09 -60.93
C ASP C 70 18.51 33.01 -60.66
N LEU C 71 18.89 32.72 -59.40
CA LEU C 71 20.30 32.60 -59.07
C LEU C 71 20.86 31.28 -59.58
N LYS C 72 20.00 30.28 -59.74
CA LYS C 72 20.43 29.01 -60.29
C LYS C 72 20.65 29.10 -61.79
N ARG C 73 19.81 29.88 -62.48
CA ARG C 73 19.91 30.00 -63.94
C ARG C 73 21.15 30.77 -64.36
N ALA C 74 21.61 31.70 -63.52
CA ALA C 74 22.90 32.34 -63.78
C ALA C 74 24.04 31.34 -63.60
N GLY C 75 24.11 30.71 -62.44
CA GLY C 75 25.00 29.60 -62.20
C GLY C 75 25.51 29.60 -60.78
N GLN C 76 25.32 28.48 -60.08
CA GLN C 76 25.60 28.36 -58.66
C GLN C 76 25.87 26.89 -58.33
N ASP C 77 25.97 26.57 -57.05
CA ASP C 77 26.08 25.18 -56.60
C ASP C 77 24.91 24.86 -55.70
N ILE C 78 24.19 23.79 -56.02
CA ILE C 78 23.01 23.39 -55.27
C ILE C 78 23.37 22.65 -53.99
N LEU C 79 24.63 22.27 -53.84
CA LEU C 79 25.16 21.70 -52.60
C LEU C 79 26.20 22.62 -52.00
N THR C 80 25.89 23.91 -51.92
CA THR C 80 26.81 24.87 -51.32
C THR C 80 26.95 24.63 -49.83
N CYS C 81 28.20 24.48 -49.38
CA CYS C 81 28.50 24.08 -48.02
C CYS C 81 29.01 25.26 -47.21
N ASP C 82 28.28 25.60 -46.15
CA ASP C 82 28.77 26.57 -45.18
C ASP C 82 29.68 25.87 -44.19
N TRP C 83 30.69 26.60 -43.70
CA TRP C 83 31.74 25.96 -42.91
C TRP C 83 31.28 25.46 -41.54
N PRO C 84 30.86 26.32 -40.59
CA PRO C 84 30.85 25.87 -39.18
C PRO C 84 29.78 24.83 -38.87
N TYR C 85 28.77 24.73 -39.72
CA TYR C 85 27.85 23.61 -39.75
C TYR C 85 27.62 23.25 -41.20
N HIS C 86 27.96 22.03 -41.57
CA HIS C 86 27.93 21.61 -42.98
C HIS C 86 26.47 21.48 -43.40
N TYR C 87 25.89 22.59 -43.81
CA TYR C 87 24.51 22.65 -44.25
C TYR C 87 24.45 22.97 -45.73
N SER C 88 23.93 22.04 -46.53
CA SER C 88 23.78 22.27 -47.96
C SER C 88 22.63 23.23 -48.24
N SER C 89 22.49 23.61 -49.50
CA SER C 89 21.40 24.50 -49.89
C SER C 89 20.07 23.78 -49.93
N ILE C 90 20.08 22.50 -50.30
CA ILE C 90 18.88 21.68 -50.26
C ILE C 90 18.42 21.49 -48.82
N LEU C 91 19.38 21.30 -47.92
CA LEU C 91 19.08 20.95 -46.54
C LEU C 91 18.58 22.15 -45.73
N TYR C 92 18.82 23.37 -46.20
CA TYR C 92 18.21 24.54 -45.58
C TYR C 92 16.71 24.60 -45.79
N ALA C 93 16.23 24.18 -46.96
CA ALA C 93 14.81 24.21 -47.23
C ALA C 93 14.03 23.22 -46.39
N CYS C 94 14.67 22.11 -45.99
CA CYS C 94 14.04 21.19 -45.05
C CYS C 94 14.08 21.74 -43.63
N TYR C 95 14.96 22.71 -43.38
CA TYR C 95 15.14 23.20 -42.02
C TYR C 95 14.10 24.26 -41.67
N GLY C 96 13.80 25.16 -42.61
CA GLY C 96 12.92 26.26 -42.31
C GLY C 96 11.48 26.04 -42.76
N ASN C 97 11.11 24.78 -42.97
CA ASN C 97 9.80 24.28 -43.39
C ASN C 97 9.37 24.77 -44.77
N GLN C 98 10.26 25.36 -45.56
CA GLN C 98 9.92 25.71 -46.94
C GLN C 98 10.26 24.51 -47.81
N TYR C 99 9.36 23.53 -47.79
CA TYR C 99 9.41 22.41 -48.71
C TYR C 99 9.23 22.85 -50.17
N LYS C 100 8.65 24.03 -50.40
CA LYS C 100 8.33 24.50 -51.75
C LYS C 100 9.56 24.68 -52.63
N ILE C 101 10.72 24.91 -52.02
CA ILE C 101 11.96 24.86 -52.77
C ILE C 101 12.22 23.44 -53.27
N LEU C 102 12.04 22.45 -52.39
CA LEU C 102 12.33 21.05 -52.71
C LEU C 102 11.39 20.45 -53.75
N GLN C 103 10.22 21.04 -53.95
CA GLN C 103 9.42 20.69 -55.11
C GLN C 103 9.87 21.44 -56.36
N MET C 104 10.39 22.66 -56.19
CA MET C 104 10.86 23.42 -57.33
C MET C 104 12.18 22.87 -57.84
N VAL C 105 12.96 22.23 -56.97
CA VAL C 105 14.17 21.52 -57.40
C VAL C 105 13.81 20.34 -58.30
N GLU C 106 12.63 19.75 -58.10
CA GLU C 106 12.22 18.58 -58.86
C GLU C 106 11.86 18.89 -60.31
N ARG C 107 11.71 20.16 -60.69
CA ARG C 107 11.16 20.46 -62.01
C ARG C 107 12.19 20.26 -63.13
N GLU C 108 13.42 20.77 -62.97
CA GLU C 108 14.40 20.67 -64.05
C GLU C 108 15.82 20.45 -63.52
N PHE C 109 15.98 20.32 -62.21
CA PHE C 109 17.29 20.37 -61.60
C PHE C 109 17.75 19.01 -61.09
N VAL C 110 16.95 17.97 -61.28
CA VAL C 110 17.34 16.60 -60.98
C VAL C 110 17.08 15.75 -62.22
N GLY C 111 18.00 14.83 -62.49
CA GLY C 111 17.90 13.96 -63.64
C GLY C 111 17.40 12.58 -63.25
N SER C 112 18.33 11.65 -63.10
CA SER C 112 17.97 10.32 -62.64
C SER C 112 17.55 10.36 -61.18
N THR C 113 16.82 9.32 -60.77
CA THR C 113 16.37 9.21 -59.39
C THR C 113 17.48 8.88 -58.41
N GLN C 114 18.68 8.56 -58.89
CA GLN C 114 19.86 8.43 -58.05
C GLN C 114 20.47 9.78 -57.71
N GLU C 115 20.28 10.78 -58.56
CA GLU C 115 20.85 12.11 -58.33
C GLU C 115 20.14 12.81 -57.17
N LEU C 116 18.84 12.55 -57.00
CA LEU C 116 18.09 13.18 -55.92
C LEU C 116 18.55 12.69 -54.56
N THR C 117 18.86 11.40 -54.45
CA THR C 117 19.36 10.84 -53.20
C THR C 117 20.75 11.34 -52.87
N ALA C 118 21.53 11.73 -53.87
CA ALA C 118 22.80 12.38 -53.57
C ALA C 118 22.60 13.79 -53.05
N MET C 119 21.43 14.39 -53.31
CA MET C 119 21.14 15.75 -52.92
C MET C 119 20.28 15.83 -51.68
N HIS C 120 19.58 14.76 -51.31
CA HIS C 120 18.85 14.79 -50.05
C HIS C 120 19.63 14.16 -48.90
N THR C 121 20.51 13.20 -49.19
CA THR C 121 21.30 12.53 -48.16
C THR C 121 22.73 13.00 -48.13
N THR C 122 22.98 14.31 -48.34
CA THR C 122 24.34 14.79 -48.60
C THR C 122 25.27 14.57 -47.41
N ARG C 123 25.09 15.34 -46.34
CA ARG C 123 25.46 15.12 -44.94
C ARG C 123 25.09 16.36 -44.14
N CYS C 124 25.29 16.27 -42.84
CA CYS C 124 25.39 17.42 -41.97
C CYS C 124 26.71 17.31 -41.23
N TRP C 125 27.01 18.29 -40.38
CA TRP C 125 28.22 18.18 -39.59
C TRP C 125 28.01 17.29 -38.38
N VAL C 126 26.75 17.12 -37.96
CA VAL C 126 26.47 16.19 -36.87
C VAL C 126 25.97 14.86 -37.44
N GLY C 127 25.65 14.82 -38.72
CA GLY C 127 25.39 13.55 -39.38
C GLY C 127 24.02 13.42 -40.02
N LYS C 128 23.25 14.50 -40.07
CA LYS C 128 21.88 14.43 -40.52
C LYS C 128 21.80 14.31 -42.04
N ASN C 129 20.60 13.98 -42.50
CA ASN C 129 20.17 14.10 -43.88
C ASN C 129 18.91 14.94 -43.91
N SER C 130 18.21 14.95 -45.03
CA SER C 130 17.04 15.82 -45.17
C SER C 130 15.88 15.42 -44.29
N ALA C 131 15.68 14.13 -44.04
CA ALA C 131 14.59 13.71 -43.17
C ALA C 131 14.98 13.67 -41.71
N MET C 132 16.24 13.96 -41.38
CA MET C 132 16.58 14.13 -39.98
C MET C 132 16.45 15.59 -39.57
N VAL C 133 16.84 16.52 -40.45
CA VAL C 133 16.76 17.93 -40.13
C VAL C 133 15.30 18.40 -40.13
N ALA C 134 14.45 17.76 -40.93
CA ALA C 134 13.04 18.13 -40.93
C ALA C 134 12.29 17.49 -39.79
N ALA C 135 12.85 16.48 -39.13
CA ALA C 135 12.30 15.94 -37.91
C ALA C 135 13.11 16.33 -36.69
N TYR C 136 14.26 16.99 -36.90
CA TYR C 136 15.01 17.65 -35.83
C TYR C 136 14.13 18.61 -35.05
N GLN C 137 13.39 19.45 -35.76
CA GLN C 137 12.30 20.21 -35.19
C GLN C 137 11.04 19.88 -35.97
N GLY C 138 9.89 20.02 -35.32
CA GLY C 138 8.63 19.57 -35.88
C GLY C 138 8.21 20.30 -37.14
N HIS C 139 8.35 19.63 -38.27
CA HIS C 139 8.14 20.22 -39.58
C HIS C 139 7.24 19.30 -40.41
N LEU C 140 6.05 19.02 -39.88
CA LEU C 140 4.95 18.31 -40.54
C LEU C 140 4.77 18.60 -42.02
N GLU C 141 4.91 19.86 -42.42
CA GLU C 141 4.70 20.19 -43.83
C GLU C 141 5.86 19.74 -44.70
N THR C 142 7.04 19.51 -44.12
CA THR C 142 8.20 19.01 -44.85
C THR C 142 8.41 17.51 -44.65
N MET C 143 8.20 16.99 -43.44
CA MET C 143 8.33 15.56 -43.21
C MET C 143 7.20 14.78 -43.84
N LEU C 144 6.10 15.42 -44.20
CA LEU C 144 5.14 14.75 -45.05
C LEU C 144 5.63 14.71 -46.49
N TYR C 145 6.53 15.62 -46.87
CA TYR C 145 7.01 15.64 -48.24
C TYR C 145 8.07 14.56 -48.47
N ILE C 146 9.03 14.43 -47.55
CA ILE C 146 10.07 13.42 -47.69
C ILE C 146 9.48 12.02 -47.54
N ILE C 147 8.42 11.90 -46.74
CA ILE C 147 7.66 10.66 -46.70
C ILE C 147 6.95 10.43 -48.03
N ASP C 148 6.46 11.51 -48.65
CA ASP C 148 5.72 11.38 -49.90
C ASP C 148 6.62 10.92 -51.04
N LEU C 149 7.84 11.45 -51.10
CA LEU C 149 8.79 11.00 -52.12
C LEU C 149 9.27 9.59 -51.89
N ASP C 150 9.26 9.11 -50.65
CA ASP C 150 9.69 7.75 -50.33
C ASP C 150 8.66 6.70 -50.70
N MET C 151 7.37 7.01 -50.55
CA MET C 151 6.33 6.08 -50.98
C MET C 151 6.20 6.04 -52.49
N GLN C 152 6.65 7.09 -53.19
CA GLN C 152 6.78 7.01 -54.64
C GLN C 152 7.88 6.04 -55.02
N GLY C 153 8.94 5.99 -54.24
CA GLY C 153 10.17 5.36 -54.66
C GLY C 153 11.10 6.31 -55.37
N LYS C 154 10.96 7.61 -55.17
CA LYS C 154 11.85 8.59 -55.80
C LYS C 154 13.26 8.49 -55.24
N PHE C 155 13.41 7.97 -54.03
CA PHE C 155 14.72 7.67 -53.51
C PHE C 155 15.08 6.21 -53.77
N THR C 156 16.35 5.95 -54.04
CA THR C 156 16.84 4.58 -54.15
C THR C 156 17.28 4.02 -52.81
N GLU C 157 17.27 4.83 -51.76
CA GLU C 157 17.74 4.43 -50.44
C GLU C 157 16.58 4.45 -49.45
N ASP C 158 16.72 3.66 -48.40
CA ASP C 158 15.84 3.77 -47.24
C ASP C 158 16.26 5.01 -46.46
N LEU C 159 15.61 6.14 -46.75
CA LEU C 159 16.15 7.41 -46.30
C LEU C 159 15.84 7.70 -44.84
N PHE C 160 14.88 6.98 -44.26
CA PHE C 160 14.52 7.16 -42.87
C PHE C 160 15.13 6.10 -41.97
N LYS C 161 15.81 5.11 -42.53
CA LYS C 161 16.48 4.08 -41.76
C LYS C 161 17.95 4.37 -41.54
N GLN C 162 18.47 5.45 -42.12
CA GLN C 162 19.87 5.81 -41.93
C GLN C 162 20.09 6.34 -40.52
N ARG C 163 21.35 6.37 -40.12
CA ARG C 163 21.73 6.84 -38.80
C ARG C 163 22.70 8.01 -38.94
N ASP C 164 22.80 8.81 -37.89
CA ASP C 164 23.73 9.92 -37.86
C ASP C 164 24.95 9.55 -37.00
N VAL C 165 25.83 10.54 -36.78
CA VAL C 165 27.04 10.28 -36.02
C VAL C 165 26.73 10.12 -34.53
N MET C 166 25.68 10.77 -34.04
CA MET C 166 25.23 10.56 -32.68
C MET C 166 24.66 9.15 -32.47
N GLY C 167 24.06 8.58 -33.50
CA GLY C 167 23.40 7.29 -33.39
C GLY C 167 21.90 7.34 -33.50
N LYS C 168 21.33 8.53 -33.66
CA LYS C 168 19.89 8.68 -33.70
C LYS C 168 19.34 8.28 -35.07
N ASN C 169 18.04 8.41 -35.21
CA ASN C 169 17.29 8.00 -36.39
C ASN C 169 16.53 9.20 -36.94
N ALA C 170 15.68 8.96 -37.94
CA ALA C 170 14.71 9.97 -38.33
C ALA C 170 13.53 10.00 -37.37
N MET C 171 13.27 8.91 -36.66
CA MET C 171 12.21 8.84 -35.67
C MET C 171 12.72 8.91 -34.24
N MET C 172 13.99 8.59 -34.00
CA MET C 172 14.55 8.87 -32.69
C MET C 172 14.77 10.36 -32.47
N TRP C 173 14.83 11.16 -33.53
CA TRP C 173 14.95 12.60 -33.34
C TRP C 173 13.61 13.23 -33.07
N ALA C 174 12.55 12.75 -33.70
CA ALA C 174 11.23 13.31 -33.45
C ALA C 174 10.68 12.90 -32.10
N ALA C 175 11.23 11.87 -31.49
CA ALA C 175 10.80 11.44 -30.17
C ALA C 175 11.66 11.99 -29.06
N SER C 176 12.90 12.34 -29.35
CA SER C 176 13.76 12.93 -28.32
C SER C 176 13.34 14.36 -28.01
N GLN C 177 13.11 15.16 -29.05
CA GLN C 177 12.59 16.50 -28.86
C GLN C 177 11.15 16.46 -28.34
N GLY C 178 10.38 15.50 -28.80
CA GLY C 178 9.01 15.37 -28.40
C GLY C 178 8.02 15.87 -29.40
N HIS C 179 8.41 16.03 -30.65
CA HIS C 179 7.49 16.55 -31.66
C HIS C 179 6.47 15.48 -32.02
N THR C 180 5.40 15.41 -31.21
CA THR C 180 4.41 14.36 -31.31
C THR C 180 3.59 14.46 -32.58
N ASP C 181 3.61 15.59 -33.26
CA ASP C 181 2.85 15.71 -34.50
C ASP C 181 3.54 14.98 -35.64
N THR C 182 4.87 14.95 -35.66
CA THR C 182 5.59 14.25 -36.73
C THR C 182 6.04 12.86 -36.34
N ILE C 183 5.90 12.48 -35.07
CA ILE C 183 6.04 11.08 -34.69
C ILE C 183 4.94 10.25 -35.34
N GLU C 184 3.71 10.73 -35.25
CA GLU C 184 2.55 10.05 -35.84
C GLU C 184 2.65 9.95 -37.34
N VAL C 185 3.33 10.88 -38.00
CA VAL C 185 3.55 10.75 -39.43
C VAL C 185 4.62 9.72 -39.71
N LEU C 186 5.61 9.60 -38.82
CA LEU C 186 6.61 8.55 -38.97
C LEU C 186 6.07 7.18 -38.62
N LEU C 187 5.21 7.11 -37.61
CA LEU C 187 4.64 5.83 -37.22
C LEU C 187 3.69 5.28 -38.25
N VAL C 188 2.98 6.13 -38.98
CA VAL C 188 2.07 5.61 -40.00
C VAL C 188 2.85 5.04 -41.18
N ARG C 189 4.00 5.65 -41.51
CA ARG C 189 4.85 5.10 -42.57
C ARG C 189 5.44 3.76 -42.17
N SER C 190 5.94 3.65 -40.93
CA SER C 190 6.50 2.38 -40.46
C SER C 190 5.44 1.31 -40.30
N LEU C 191 4.18 1.70 -40.05
CA LEU C 191 3.08 0.77 -40.10
C LEU C 191 2.60 0.51 -41.51
N TYR C 192 3.05 1.31 -42.48
CA TYR C 192 2.67 1.08 -43.86
C TYR C 192 3.68 0.19 -44.58
N ARG C 193 4.96 0.35 -44.27
CA ARG C 193 5.99 -0.52 -44.86
C ARG C 193 5.89 -1.95 -44.37
N LEU C 194 5.24 -2.17 -43.22
CA LEU C 194 5.02 -3.51 -42.70
C LEU C 194 4.13 -4.32 -43.63
N LEU C 195 2.96 -3.77 -43.97
CA LEU C 195 2.01 -4.48 -44.83
C LEU C 195 2.56 -4.58 -46.24
N PRO C 196 2.50 -5.75 -46.87
CA PRO C 196 3.18 -5.95 -48.15
C PRO C 196 2.46 -5.29 -49.31
N GLU C 197 3.23 -4.95 -50.33
CA GLU C 197 2.66 -4.43 -51.57
C GLU C 197 2.20 -5.56 -52.48
N ASP C 198 2.80 -6.74 -52.35
CA ASP C 198 2.58 -7.80 -53.31
C ASP C 198 1.25 -8.51 -53.10
N CYS C 199 0.73 -8.47 -51.87
CA CYS C 199 -0.45 -9.26 -51.55
C CYS C 199 -1.72 -8.64 -52.15
N ALA C 200 -2.67 -9.50 -52.46
CA ALA C 200 -3.97 -9.09 -53.00
C ALA C 200 -5.07 -9.67 -52.12
N ASP C 201 -5.63 -8.82 -51.28
CA ASP C 201 -6.59 -9.24 -50.26
C ASP C 201 -7.39 -8.00 -49.87
N PRO C 202 -8.71 -8.11 -49.70
CA PRO C 202 -9.50 -6.91 -49.39
C PRO C 202 -9.26 -6.39 -47.99
N LEU C 203 -8.82 -7.24 -47.06
CA LEU C 203 -8.60 -6.79 -45.69
C LEU C 203 -7.21 -6.19 -45.53
N VAL C 204 -6.32 -6.42 -46.50
CA VAL C 204 -4.96 -5.90 -46.43
C VAL C 204 -4.86 -4.70 -47.37
N LEU C 205 -5.81 -4.56 -48.28
CA LEU C 205 -5.84 -3.37 -49.13
C LEU C 205 -6.77 -2.31 -48.58
N LYS C 206 -7.62 -2.65 -47.60
CA LYS C 206 -8.43 -1.63 -46.95
C LYS C 206 -7.61 -0.83 -45.95
N THR C 207 -6.78 -1.49 -45.16
CA THR C 207 -5.96 -0.82 -44.16
C THR C 207 -4.56 -0.49 -44.66
N ARG C 208 -4.40 -0.38 -45.97
CA ARG C 208 -3.28 0.37 -46.52
C ARG C 208 -3.72 1.71 -47.10
N TRP C 209 -4.89 1.75 -47.74
CA TRP C 209 -5.49 3.03 -48.12
C TRP C 209 -6.00 3.77 -46.90
N LYS C 210 -6.29 3.06 -45.81
CA LYS C 210 -6.65 3.71 -44.56
C LYS C 210 -5.47 4.40 -43.89
N LEU C 211 -4.25 3.91 -44.13
CA LEU C 211 -3.09 4.57 -43.56
C LEU C 211 -2.64 5.76 -44.42
N VAL C 212 -2.64 5.59 -45.74
CA VAL C 212 -2.18 6.67 -46.62
C VAL C 212 -3.19 7.79 -46.68
N SER C 213 -4.47 7.51 -46.47
CA SER C 213 -5.45 8.59 -46.32
C SER C 213 -5.26 9.31 -45.00
N LEU C 214 -4.67 8.66 -44.00
CA LEU C 214 -4.45 9.31 -42.73
C LEU C 214 -3.27 10.26 -42.77
N LEU C 215 -2.43 10.20 -43.80
CA LEU C 215 -1.42 11.23 -44.04
C LEU C 215 -1.87 12.29 -45.02
N ALA C 216 -2.65 11.91 -46.03
CA ALA C 216 -3.16 12.89 -46.98
C ALA C 216 -4.20 13.80 -46.33
N ASP C 217 -5.03 13.25 -45.44
CA ASP C 217 -5.87 14.09 -44.60
C ASP C 217 -5.06 14.90 -43.61
N LEU C 218 -3.88 14.40 -43.21
CA LEU C 218 -3.07 15.14 -42.25
C LEU C 218 -2.38 16.32 -42.90
N ALA C 219 -2.07 16.21 -44.19
CA ALA C 219 -1.57 17.39 -44.89
C ALA C 219 -2.74 18.27 -45.34
N SER C 220 -3.54 17.78 -46.30
CA SER C 220 -4.83 18.34 -46.71
C SER C 220 -4.81 19.78 -47.21
N HIS C 221 -3.64 20.39 -47.27
CA HIS C 221 -3.47 21.79 -47.65
C HIS C 221 -2.07 21.88 -48.23
N CYS C 222 -1.54 23.11 -48.30
CA CYS C 222 -0.16 23.42 -48.67
C CYS C 222 0.19 22.90 -50.08
N ARG C 223 -0.43 23.55 -51.05
CA ARG C 223 -0.25 23.20 -52.45
C ARG C 223 1.16 23.57 -52.93
N ASP C 224 1.42 23.32 -54.21
CA ASP C 224 2.77 23.38 -54.77
C ASP C 224 3.25 24.82 -54.91
N TYR C 225 4.48 24.97 -55.37
CA TYR C 225 5.04 26.28 -55.70
C TYR C 225 4.33 26.88 -56.90
N ASP C 226 3.94 26.06 -57.87
CA ASP C 226 3.25 26.53 -59.06
C ASP C 226 1.75 26.45 -58.80
N PRO C 227 1.04 27.57 -58.75
CA PRO C 227 -0.40 27.53 -58.48
C PRO C 227 -1.17 26.96 -59.66
N GLY C 228 -2.34 26.41 -59.34
CA GLY C 228 -3.19 25.81 -60.35
C GLY C 228 -2.66 24.49 -60.85
N CYS C 229 -2.62 23.49 -59.97
CA CYS C 229 -2.18 22.15 -60.35
C CYS C 229 -2.88 21.15 -59.47
N SER C 230 -3.47 20.12 -60.09
CA SER C 230 -4.17 19.08 -59.34
C SER C 230 -3.13 18.19 -58.66
N ARG C 231 -2.73 18.60 -57.46
CA ARG C 231 -1.71 17.88 -56.70
C ARG C 231 -1.97 18.24 -55.24
N SER C 232 -2.61 17.34 -54.49
CA SER C 232 -2.97 17.74 -53.13
C SER C 232 -1.77 17.60 -52.20
N PHE C 233 -1.45 16.38 -51.78
CA PHE C 233 -0.08 16.07 -51.38
C PHE C 233 0.23 14.60 -51.64
N PHE C 234 -0.83 13.80 -51.81
CA PHE C 234 -0.72 12.35 -51.92
C PHE C 234 -1.75 11.92 -52.97
N GLN C 235 -1.31 11.66 -54.18
CA GLN C 235 -2.22 11.23 -55.24
C GLN C 235 -1.84 9.88 -55.79
N GLU C 236 -0.57 9.68 -56.13
CA GLU C 236 -0.11 8.44 -56.75
C GLU C 236 -0.04 7.29 -55.76
N VAL C 237 0.06 7.59 -54.47
CA VAL C 237 0.09 6.54 -53.45
C VAL C 237 -1.32 6.09 -53.08
N LEU C 238 -2.30 7.00 -53.14
CA LEU C 238 -3.68 6.56 -53.05
C LEU C 238 -4.16 5.88 -54.33
N ALA C 239 -3.51 6.15 -55.46
CA ALA C 239 -3.96 5.59 -56.73
C ALA C 239 -3.60 4.12 -56.84
N SER C 240 -2.37 3.77 -56.48
CA SER C 240 -1.87 2.40 -56.66
C SER C 240 -2.13 1.56 -55.42
N ILE C 241 -3.40 1.48 -55.02
CA ILE C 241 -3.75 0.79 -53.79
C ILE C 241 -4.89 -0.20 -53.94
N LYS C 242 -5.71 -0.13 -55.00
CA LYS C 242 -6.87 -0.98 -55.25
C LYS C 242 -7.86 -0.96 -54.07
N TYR C 243 -8.46 0.22 -53.87
CA TYR C 243 -9.55 0.35 -52.90
C TYR C 243 -10.43 1.53 -53.30
N ASP C 244 -11.70 1.23 -53.60
CA ASP C 244 -12.73 2.22 -53.88
C ASP C 244 -13.84 2.08 -52.86
N PRO C 245 -14.06 3.08 -52.00
CA PRO C 245 -15.05 2.94 -50.94
C PRO C 245 -16.47 3.15 -51.43
N VAL C 246 -17.39 2.39 -50.83
CA VAL C 246 -18.81 2.50 -51.15
C VAL C 246 -19.65 2.07 -49.95
N ALA C 324 -18.00 17.39 -38.74
CA ALA C 324 -17.75 16.89 -37.40
C ALA C 324 -16.68 15.81 -37.40
N VAL C 325 -15.44 16.21 -37.15
CA VAL C 325 -14.31 15.29 -37.08
C VAL C 325 -14.01 15.00 -35.62
N LYS C 326 -13.97 13.72 -35.26
CA LYS C 326 -13.62 13.34 -33.91
C LYS C 326 -12.11 13.24 -33.74
N LEU C 327 -11.67 12.84 -32.56
CA LEU C 327 -10.26 12.69 -32.28
C LEU C 327 -9.73 11.31 -32.62
N LYS C 328 -10.59 10.31 -32.73
CA LYS C 328 -10.18 8.96 -33.10
C LYS C 328 -10.21 8.72 -34.60
N ASP C 329 -10.42 9.77 -35.40
CA ASP C 329 -10.41 9.64 -36.84
C ASP C 329 -9.09 10.07 -37.48
N VAL C 330 -8.28 10.85 -36.78
CA VAL C 330 -7.03 11.37 -37.32
C VAL C 330 -5.83 10.91 -36.49
N HIS C 331 -5.95 9.79 -35.78
CA HIS C 331 -4.85 9.32 -34.94
C HIS C 331 -4.81 7.80 -34.92
N ILE C 332 -3.69 7.27 -34.45
CA ILE C 332 -3.51 5.82 -34.34
C ILE C 332 -3.94 5.39 -32.95
N THR C 333 -5.16 4.87 -32.85
CA THR C 333 -5.65 4.31 -31.62
C THR C 333 -5.48 2.79 -31.62
N VAL C 334 -6.10 2.12 -30.64
CA VAL C 334 -6.07 0.67 -30.57
C VAL C 334 -6.86 0.05 -31.72
N ARG C 335 -7.90 0.73 -32.19
CA ARG C 335 -8.74 0.23 -33.26
C ARG C 335 -8.00 0.06 -34.57
N THR C 336 -6.96 0.86 -34.82
CA THR C 336 -6.19 0.71 -36.04
C THR C 336 -4.95 -0.15 -35.87
N LEU C 337 -4.59 -0.50 -34.64
CA LEU C 337 -3.51 -1.46 -34.45
C LEU C 337 -4.02 -2.89 -34.54
N GLN C 338 -5.23 -3.13 -34.03
CA GLN C 338 -5.90 -4.40 -34.26
C GLN C 338 -6.20 -4.60 -35.74
N GLY C 339 -6.50 -3.50 -36.45
CA GLY C 339 -6.69 -3.59 -37.89
C GLY C 339 -5.42 -3.85 -38.68
N VAL C 340 -4.26 -3.77 -38.04
CA VAL C 340 -3.01 -4.08 -38.71
C VAL C 340 -2.51 -5.49 -38.33
N ILE C 341 -2.68 -5.87 -37.07
CA ILE C 341 -2.25 -7.18 -36.58
C ILE C 341 -3.04 -8.30 -37.26
N VAL C 342 -4.35 -8.12 -37.41
CA VAL C 342 -5.13 -9.11 -38.13
C VAL C 342 -4.80 -9.06 -39.62
N SER C 343 -4.41 -7.90 -40.13
CA SER C 343 -4.18 -7.75 -41.56
C SER C 343 -2.73 -7.90 -41.96
N ALA C 344 -1.81 -8.02 -41.01
CA ALA C 344 -0.51 -8.58 -41.36
C ALA C 344 -0.56 -10.10 -41.30
N TYR C 345 -1.51 -10.63 -40.52
CA TYR C 345 -1.66 -12.07 -40.44
C TYR C 345 -2.39 -12.62 -41.67
N ARG C 346 -3.22 -11.80 -42.32
CA ARG C 346 -3.86 -12.26 -43.55
C ARG C 346 -2.84 -12.41 -44.68
N ALA C 347 -1.89 -11.48 -44.77
CA ALA C 347 -0.88 -11.53 -45.82
C ALA C 347 0.14 -12.63 -45.58
N GLY C 348 0.21 -13.15 -44.36
CA GLY C 348 1.05 -14.27 -44.01
C GLY C 348 2.30 -13.81 -43.32
N MET C 349 2.26 -13.79 -41.99
CA MET C 349 3.32 -13.27 -41.15
C MET C 349 3.24 -13.97 -39.81
N ASN C 350 4.28 -13.81 -39.02
CA ASN C 350 4.24 -14.29 -37.65
C ASN C 350 3.45 -13.29 -36.81
N CYS C 351 2.28 -13.70 -36.32
CA CYS C 351 1.47 -12.80 -35.50
C CYS C 351 2.11 -12.52 -34.15
N MET C 352 3.03 -13.37 -33.69
CA MET C 352 3.80 -13.06 -32.51
C MET C 352 4.96 -12.13 -32.84
N GLY C 353 5.25 -11.94 -34.12
CA GLY C 353 6.31 -11.04 -34.51
C GLY C 353 5.80 -9.65 -34.80
N VAL C 354 4.64 -9.55 -35.47
CA VAL C 354 4.07 -8.25 -35.80
C VAL C 354 3.61 -7.54 -34.52
N ILE C 355 3.19 -8.30 -33.50
CA ILE C 355 2.94 -7.70 -32.19
C ILE C 355 4.24 -7.27 -31.55
N MET C 356 5.28 -8.08 -31.67
CA MET C 356 6.58 -7.71 -31.12
C MET C 356 7.29 -6.64 -31.93
N TYR C 357 6.89 -6.43 -33.18
CA TYR C 357 7.50 -5.36 -33.97
C TYR C 357 6.75 -4.05 -33.83
N CYS C 358 5.42 -4.10 -33.76
CA CYS C 358 4.65 -2.88 -33.57
C CYS C 358 4.86 -2.29 -32.19
N GLN C 359 5.13 -3.12 -31.19
CA GLN C 359 5.48 -2.64 -29.87
C GLN C 359 6.87 -2.02 -29.83
N SER C 360 7.78 -2.47 -30.68
CA SER C 360 9.10 -1.87 -30.71
C SER C 360 9.14 -0.54 -31.46
N LEU C 361 8.11 -0.24 -32.25
CA LEU C 361 7.96 1.10 -32.80
C LEU C 361 7.43 2.06 -31.75
N LEU C 362 6.33 1.68 -31.09
CA LEU C 362 5.67 2.55 -30.14
C LEU C 362 6.46 2.74 -28.86
N GLN C 363 7.42 1.86 -28.57
CA GLN C 363 8.32 2.13 -27.47
C GLN C 363 9.38 3.14 -27.87
N GLN C 364 9.73 3.19 -29.15
CA GLN C 364 10.65 4.19 -29.66
C GLN C 364 10.00 5.56 -29.78
N ALA C 365 8.68 5.60 -29.93
CA ALA C 365 7.97 6.87 -30.07
C ALA C 365 7.90 7.65 -28.78
N ARG C 366 8.00 6.97 -27.64
CA ARG C 366 8.18 7.52 -26.30
C ARG C 366 6.99 8.33 -25.78
N TYR C 367 5.96 8.52 -26.59
CA TYR C 367 4.82 9.34 -26.20
C TYR C 367 3.51 8.58 -26.36
N PHE C 368 3.58 7.27 -26.56
CA PHE C 368 2.39 6.43 -26.67
C PHE C 368 2.57 5.30 -25.67
N ASP C 369 2.23 5.59 -24.41
CA ASP C 369 2.18 4.57 -23.36
C ASP C 369 0.76 4.13 -23.09
N ASP C 370 -0.18 4.56 -23.92
CA ASP C 370 -1.50 3.97 -24.01
C ASP C 370 -1.53 2.81 -25.00
N LEU C 371 -0.63 2.82 -25.99
CA LEU C 371 -0.55 1.76 -26.98
C LEU C 371 0.59 0.80 -26.75
N VAL C 372 1.59 1.15 -25.94
CA VAL C 372 2.60 0.17 -25.59
C VAL C 372 2.04 -0.83 -24.59
N ALA C 373 1.40 -0.33 -23.53
CA ALA C 373 0.84 -1.21 -22.51
C ALA C 373 -0.45 -1.87 -22.95
N GLN C 374 -0.98 -1.52 -24.12
CA GLN C 374 -2.05 -2.30 -24.73
C GLN C 374 -1.48 -3.41 -25.61
N LEU C 375 -0.38 -3.12 -26.30
CA LEU C 375 0.28 -4.14 -27.10
C LEU C 375 1.08 -5.11 -26.26
N THR C 376 1.56 -4.70 -25.09
CA THR C 376 2.24 -5.63 -24.20
C THR C 376 1.27 -6.65 -23.63
N ALA C 377 0.07 -6.22 -23.28
CA ALA C 377 -0.98 -7.14 -22.85
C ALA C 377 -1.73 -7.78 -24.00
N TRP C 378 -1.28 -7.61 -25.25
CA TRP C 378 -1.76 -8.41 -26.36
C TRP C 378 -0.84 -9.56 -26.70
N GLU C 379 0.40 -9.54 -26.21
CA GLU C 379 1.29 -10.66 -26.42
C GLU C 379 1.28 -11.63 -25.24
N VAL C 380 0.85 -11.18 -24.06
CA VAL C 380 0.58 -12.11 -22.97
C VAL C 380 -0.79 -12.74 -23.17
N LYS C 381 -1.73 -11.99 -23.73
CA LYS C 381 -3.05 -12.52 -24.06
C LYS C 381 -2.97 -13.57 -25.17
N LEU C 382 -2.08 -13.41 -26.13
CA LEU C 382 -1.93 -14.41 -27.18
C LEU C 382 -1.23 -15.65 -26.68
N LEU C 383 -0.32 -15.51 -25.73
CA LEU C 383 0.52 -16.64 -25.31
C LEU C 383 -0.29 -17.70 -24.57
N ASP C 384 -1.17 -17.27 -23.66
CA ASP C 384 -2.01 -18.20 -22.94
C ASP C 384 -3.32 -18.50 -23.65
N THR C 385 -3.42 -18.14 -24.93
CA THR C 385 -4.50 -18.67 -25.76
C THR C 385 -4.22 -20.12 -26.12
N CYS C 386 -2.94 -20.51 -26.13
CA CYS C 386 -2.54 -21.88 -26.34
C CYS C 386 -2.92 -22.73 -25.14
N ARG C 387 -3.01 -24.04 -25.37
CA ARG C 387 -3.34 -24.98 -24.32
C ARG C 387 -2.10 -25.72 -23.81
N ASN C 388 -1.37 -26.38 -24.70
CA ASN C 388 -0.30 -27.28 -24.34
C ASN C 388 1.02 -26.81 -24.95
N LYS C 389 2.04 -27.65 -24.79
CA LYS C 389 3.36 -27.37 -25.35
C LYS C 389 3.37 -27.47 -26.86
N GLN C 390 2.51 -28.34 -27.43
CA GLN C 390 2.44 -28.48 -28.88
C GLN C 390 1.86 -27.22 -29.54
N GLU C 391 1.04 -26.46 -28.82
CA GLU C 391 0.45 -25.25 -29.36
C GLU C 391 1.27 -24.01 -29.09
N VAL C 392 2.14 -24.03 -28.07
CA VAL C 392 3.03 -22.90 -27.86
C VAL C 392 4.14 -22.91 -28.90
N GLN C 393 4.75 -24.06 -29.13
CA GLN C 393 5.82 -24.15 -30.11
C GLN C 393 5.34 -24.03 -31.54
N ALA C 394 4.03 -24.03 -31.78
CA ALA C 394 3.51 -23.83 -33.13
C ALA C 394 3.58 -22.36 -33.52
N ILE C 395 3.02 -21.48 -32.69
CA ILE C 395 2.99 -20.06 -33.00
C ILE C 395 4.32 -19.37 -32.83
N LEU C 396 5.27 -19.98 -32.13
CA LEU C 396 6.61 -19.43 -31.96
C LEU C 396 7.59 -19.98 -32.98
N ALA C 397 7.12 -20.73 -33.97
CA ALA C 397 7.99 -21.50 -34.85
C ALA C 397 8.35 -20.71 -36.09
N PRO C 398 9.61 -20.53 -36.37
CA PRO C 398 10.02 -19.97 -37.65
C PRO C 398 10.04 -21.03 -38.75
N THR C 399 8.91 -21.30 -39.38
CA THR C 399 8.92 -22.24 -40.49
C THR C 399 9.54 -21.60 -41.73
N GLU C 400 9.59 -22.37 -42.82
CA GLU C 400 10.33 -21.97 -44.01
C GLU C 400 9.67 -20.82 -44.75
N ASP C 401 8.37 -20.60 -44.54
CA ASP C 401 7.66 -19.56 -45.27
C ASP C 401 7.97 -18.19 -44.70
N ASP C 402 7.80 -18.00 -43.38
CA ASP C 402 8.11 -16.76 -42.68
C ASP C 402 9.21 -17.04 -41.66
N PRO C 403 10.47 -17.05 -42.10
CA PRO C 403 11.56 -17.44 -41.19
C PRO C 403 11.88 -16.36 -40.18
N SER C 404 10.96 -16.12 -39.24
CA SER C 404 11.09 -15.02 -38.28
C SER C 404 10.91 -15.61 -36.89
N GLU C 405 12.00 -15.70 -36.14
CA GLU C 405 11.90 -16.19 -34.77
C GLU C 405 11.54 -15.05 -33.83
N PRO C 406 10.45 -15.12 -33.11
CA PRO C 406 10.15 -14.07 -32.14
C PRO C 406 10.68 -14.39 -30.76
N VAL C 407 11.13 -15.62 -30.54
CA VAL C 407 11.89 -15.91 -29.31
C VAL C 407 13.24 -15.24 -29.39
N GLY C 408 13.93 -15.40 -30.52
CA GLY C 408 15.21 -14.75 -30.71
C GLY C 408 15.13 -13.24 -30.84
N TYR C 409 13.96 -12.72 -31.21
CA TYR C 409 13.81 -11.28 -31.23
C TYR C 409 13.56 -10.73 -29.83
N ALA C 410 12.77 -11.44 -29.02
CA ALA C 410 12.34 -10.90 -27.74
C ALA C 410 13.45 -10.89 -26.71
N LEU C 411 14.43 -11.78 -26.83
CA LEU C 411 15.63 -11.68 -26.01
C LEU C 411 16.71 -10.87 -26.70
N ALA C 412 16.33 -10.05 -27.67
CA ALA C 412 17.17 -8.99 -28.20
C ALA C 412 16.58 -7.60 -27.97
N THR C 413 15.29 -7.51 -27.64
CA THR C 413 14.70 -6.26 -27.18
C THR C 413 14.28 -6.34 -25.72
N PHE C 414 14.65 -7.42 -25.02
CA PHE C 414 14.43 -7.61 -23.59
C PHE C 414 12.95 -7.51 -23.22
N ASP C 415 12.16 -8.44 -23.74
CA ASP C 415 10.71 -8.38 -23.60
C ASP C 415 10.30 -9.18 -22.38
N LYS C 416 10.15 -8.47 -21.25
CA LYS C 416 10.00 -9.17 -19.97
C LYS C 416 8.60 -9.72 -19.76
N ALA C 417 7.59 -9.17 -20.40
CA ALA C 417 6.27 -9.77 -20.26
C ALA C 417 6.12 -11.02 -21.10
N PHE C 418 6.91 -11.11 -22.17
CA PHE C 418 6.92 -12.33 -22.99
C PHE C 418 7.78 -13.39 -22.33
N LEU C 419 9.04 -13.07 -22.06
CA LEU C 419 10.05 -14.01 -21.62
C LEU C 419 9.81 -14.55 -20.21
N SER C 420 8.88 -13.98 -19.47
CA SER C 420 8.58 -14.47 -18.12
C SER C 420 7.22 -15.11 -18.05
N HIS C 421 6.63 -15.47 -19.17
CA HIS C 421 5.35 -16.14 -19.15
C HIS C 421 5.52 -17.58 -18.71
N LYS C 422 4.43 -18.19 -18.23
CA LYS C 422 4.52 -19.55 -17.72
C LYS C 422 4.56 -20.58 -18.84
N PHE C 423 4.30 -20.16 -20.07
CA PHE C 423 4.45 -21.06 -21.21
C PHE C 423 5.82 -20.95 -21.86
N VAL C 424 6.38 -19.74 -21.94
CA VAL C 424 7.70 -19.59 -22.52
C VAL C 424 8.76 -20.12 -21.56
N GLN C 425 8.46 -20.14 -20.26
CA GLN C 425 9.41 -20.70 -19.31
C GLN C 425 9.47 -22.22 -19.37
N GLN C 426 8.51 -22.88 -20.02
CA GLN C 426 8.51 -24.34 -20.11
C GLN C 426 8.96 -24.83 -21.48
N ILE C 427 9.08 -23.97 -22.48
CA ILE C 427 9.74 -24.37 -23.72
C ILE C 427 11.25 -24.18 -23.62
N PHE C 428 11.73 -23.42 -22.64
CA PHE C 428 13.15 -23.39 -22.32
C PHE C 428 13.52 -24.48 -21.33
N THR C 429 12.61 -24.83 -20.43
CA THR C 429 12.88 -25.85 -19.42
C THR C 429 13.03 -27.23 -20.06
N GLU C 430 12.25 -27.51 -21.08
CA GLU C 430 12.35 -28.79 -21.78
C GLU C 430 13.65 -28.93 -22.57
N LYS C 431 14.39 -27.84 -22.78
CA LYS C 431 15.69 -27.95 -23.40
C LYS C 431 16.84 -27.95 -22.42
N TRP C 432 16.92 -27.00 -21.49
CA TRP C 432 18.13 -26.87 -20.71
C TRP C 432 18.21 -27.85 -19.56
N ASP C 433 17.07 -28.31 -19.03
CA ASP C 433 17.08 -29.25 -17.92
C ASP C 433 16.41 -30.58 -18.27
N THR C 434 15.09 -30.60 -18.51
CA THR C 434 14.18 -31.72 -18.77
C THR C 434 14.46 -33.01 -18.01
N MET C 435 14.98 -32.90 -16.78
CA MET C 435 15.21 -34.06 -15.95
C MET C 435 14.91 -33.79 -14.49
N GLY C 436 14.48 -32.59 -14.12
CA GLY C 436 14.22 -32.29 -12.73
C GLY C 436 15.46 -32.18 -11.88
N VAL C 437 16.62 -32.01 -12.50
CA VAL C 437 17.88 -31.94 -11.75
C VAL C 437 17.93 -30.65 -10.94
N THR C 438 17.23 -29.61 -11.37
CA THR C 438 17.21 -28.38 -10.58
C THR C 438 16.34 -28.51 -9.33
N ASP C 439 15.53 -29.56 -9.22
CA ASP C 439 14.73 -29.75 -8.02
C ASP C 439 15.16 -30.98 -7.23
N TYR C 440 16.40 -31.44 -7.42
CA TYR C 440 17.01 -32.36 -6.47
C TYR C 440 17.72 -31.60 -5.36
N THR C 441 17.03 -30.63 -4.79
CA THR C 441 17.51 -29.73 -3.75
C THR C 441 16.52 -29.59 -2.61
N LYS C 442 15.22 -29.58 -2.92
CA LYS C 442 14.17 -29.46 -1.91
C LYS C 442 13.72 -30.83 -1.42
N SER C 443 14.67 -31.66 -0.98
CA SER C 443 14.38 -33.00 -0.52
C SER C 443 15.51 -33.46 0.38
N LEU C 444 15.34 -34.64 0.97
CA LEU C 444 16.35 -35.18 1.87
C LEU C 444 17.27 -36.16 1.15
N PHE C 445 16.74 -36.83 0.12
CA PHE C 445 17.53 -37.81 -0.62
C PHE C 445 18.26 -37.17 -1.79
N GLY C 446 17.72 -36.09 -2.33
CA GLY C 446 18.26 -35.53 -3.56
C GLY C 446 19.57 -34.78 -3.36
N VAL C 447 19.75 -34.16 -2.19
CA VAL C 447 20.93 -33.32 -1.99
C VAL C 447 22.16 -34.17 -1.71
N VAL C 448 22.00 -35.22 -0.88
CA VAL C 448 23.17 -35.99 -0.47
C VAL C 448 23.57 -36.99 -1.54
N TRP C 449 22.70 -37.23 -2.52
CA TRP C 449 23.06 -38.14 -3.61
C TRP C 449 23.32 -37.39 -4.91
N GLY C 450 22.52 -36.37 -5.20
CA GLY C 450 22.77 -35.57 -6.39
C GLY C 450 23.96 -34.66 -6.25
N GLY C 451 24.21 -34.15 -5.04
CA GLY C 451 25.43 -33.38 -4.81
C GLY C 451 26.65 -34.26 -4.76
N CYS C 452 26.51 -35.52 -4.35
CA CYS C 452 27.63 -36.45 -4.34
C CYS C 452 28.04 -36.82 -5.77
N SER C 453 27.08 -36.90 -6.68
CA SER C 453 27.43 -37.17 -8.07
C SER C 453 27.94 -35.91 -8.77
N LEU C 454 27.73 -34.74 -8.16
CA LEU C 454 28.25 -33.51 -8.74
C LEU C 454 29.76 -33.43 -8.60
N VAL C 455 30.28 -33.74 -7.41
CA VAL C 455 31.73 -33.65 -7.19
C VAL C 455 32.44 -34.81 -7.88
N VAL C 456 31.72 -35.90 -8.14
CA VAL C 456 32.28 -37.00 -8.92
C VAL C 456 32.39 -36.60 -10.39
N ALA C 457 31.32 -36.04 -10.96
CA ALA C 457 31.31 -35.74 -12.38
C ALA C 457 32.17 -34.52 -12.71
N PHE C 458 32.35 -33.61 -11.74
CA PHE C 458 33.27 -32.50 -11.94
C PHE C 458 34.72 -32.98 -11.93
N ALA C 459 35.03 -33.92 -11.04
CA ALA C 459 36.34 -34.57 -11.07
C ALA C 459 36.48 -35.43 -12.32
N ALA C 460 35.38 -35.99 -12.79
CA ALA C 460 35.40 -36.70 -14.07
C ALA C 460 35.52 -35.72 -15.22
N TRP C 461 35.10 -34.47 -15.02
CA TRP C 461 35.18 -33.48 -16.10
C TRP C 461 36.60 -32.96 -16.27
N ALA C 462 37.23 -32.53 -15.17
CA ALA C 462 38.53 -31.87 -15.26
C ALA C 462 39.64 -32.83 -15.72
N THR C 463 39.47 -34.12 -15.46
CA THR C 463 40.42 -35.13 -15.92
C THR C 463 40.04 -35.77 -17.24
N ILE C 464 39.01 -35.27 -17.92
CA ILE C 464 38.71 -35.74 -19.27
C ILE C 464 38.48 -34.62 -20.26
N CYS C 465 38.27 -33.38 -19.81
CA CYS C 465 37.91 -32.31 -20.75
C CYS C 465 39.06 -31.82 -21.63
N PRO C 466 40.32 -31.64 -21.17
CA PRO C 466 41.37 -31.34 -22.17
C PRO C 466 41.67 -32.50 -23.09
N LEU C 467 41.31 -33.72 -22.71
CA LEU C 467 41.53 -34.86 -23.59
C LEU C 467 40.54 -34.87 -24.74
N VAL C 468 39.32 -34.38 -24.51
CA VAL C 468 38.31 -34.41 -25.57
C VAL C 468 38.32 -33.10 -26.34
N VAL C 469 39.07 -32.11 -25.87
CA VAL C 469 39.25 -30.88 -26.66
C VAL C 469 40.11 -31.15 -27.88
N VAL C 470 41.28 -31.77 -27.67
CA VAL C 470 42.20 -31.99 -28.79
C VAL C 470 41.69 -33.09 -29.70
N ALA C 471 40.96 -34.07 -29.14
CA ALA C 471 40.38 -35.12 -29.95
C ALA C 471 39.19 -34.63 -30.79
N ARG C 472 38.53 -33.55 -30.38
CA ARG C 472 37.44 -32.99 -31.16
C ARG C 472 37.95 -32.28 -32.40
N SER C 473 39.07 -31.56 -32.28
CA SER C 473 39.56 -30.72 -33.36
C SER C 473 40.44 -31.46 -34.36
N PHE C 474 40.83 -32.69 -34.07
CA PHE C 474 41.65 -33.48 -34.98
C PHE C 474 40.81 -34.57 -35.62
N LEU C 475 41.37 -35.19 -36.68
CA LEU C 475 40.62 -36.14 -37.49
C LEU C 475 40.37 -37.42 -36.70
N SER C 476 39.15 -37.57 -36.20
CA SER C 476 38.73 -38.73 -35.43
C SER C 476 37.22 -38.79 -35.46
N PRO C 477 36.62 -39.97 -35.35
CA PRO C 477 35.16 -40.07 -35.26
C PRO C 477 34.59 -39.72 -33.89
N VAL C 478 35.40 -39.22 -32.96
CA VAL C 478 34.86 -38.79 -31.66
C VAL C 478 34.26 -37.40 -31.77
N GLN C 479 34.55 -36.69 -32.86
CA GLN C 479 33.80 -35.46 -33.13
C GLN C 479 32.40 -35.79 -33.63
N ASP C 480 32.24 -36.96 -34.26
CA ASP C 480 30.89 -37.45 -34.54
C ASP C 480 30.20 -37.88 -33.26
N PHE C 481 30.95 -38.44 -32.31
CA PHE C 481 30.38 -38.87 -31.05
C PHE C 481 30.03 -37.71 -30.15
N MET C 482 30.76 -36.59 -30.22
CA MET C 482 30.37 -35.41 -29.47
C MET C 482 29.17 -34.71 -30.10
N MET C 483 28.94 -34.91 -31.39
CA MET C 483 27.69 -34.47 -32.00
C MET C 483 26.55 -35.46 -31.76
N ARG C 484 26.86 -36.69 -31.36
CA ARG C 484 25.86 -37.65 -30.96
C ARG C 484 25.32 -37.22 -29.61
N GLY C 485 24.26 -36.45 -29.63
CA GLY C 485 23.70 -35.75 -28.49
C GLY C 485 22.80 -34.64 -28.98
N LYS C 486 22.52 -33.69 -28.07
CA LYS C 486 21.91 -32.38 -28.31
C LYS C 486 20.59 -32.38 -29.07
N VAL C 487 19.93 -33.54 -29.22
CA VAL C 487 18.58 -33.57 -29.76
C VAL C 487 17.66 -34.16 -28.69
N ILE C 488 18.24 -34.93 -27.76
CA ILE C 488 17.57 -35.28 -26.53
C ILE C 488 18.50 -34.96 -25.37
N VAL C 489 17.96 -34.30 -24.36
CA VAL C 489 18.77 -33.87 -23.23
C VAL C 489 18.52 -34.81 -22.07
N ASP C 490 19.51 -35.65 -21.76
CA ASP C 490 19.42 -36.56 -20.62
C ASP C 490 20.80 -36.97 -20.18
N SER C 491 20.88 -37.92 -19.25
CA SER C 491 22.16 -38.36 -18.69
C SER C 491 22.79 -39.50 -19.49
N ARG C 492 22.21 -39.85 -20.64
CA ARG C 492 22.90 -40.76 -21.54
C ARG C 492 24.04 -40.07 -22.27
N PHE C 493 23.89 -38.77 -22.53
CA PHE C 493 24.94 -37.95 -23.13
C PHE C 493 24.96 -36.64 -22.35
N PRO C 494 25.66 -36.60 -21.22
CA PRO C 494 25.54 -35.45 -20.30
C PRO C 494 26.22 -34.18 -20.79
N TRP C 495 26.95 -34.20 -21.91
CA TRP C 495 27.73 -33.04 -22.28
C TRP C 495 26.87 -32.00 -22.99
N HIS C 496 25.66 -32.39 -23.41
CA HIS C 496 24.75 -31.49 -24.10
C HIS C 496 23.49 -31.25 -23.28
N VAL C 497 23.57 -31.45 -21.97
CA VAL C 497 22.62 -30.91 -21.01
C VAL C 497 23.06 -29.49 -20.70
N PRO C 498 22.30 -28.47 -21.07
CA PRO C 498 22.74 -27.09 -20.82
C PRO C 498 22.80 -26.71 -19.35
N LEU C 499 22.13 -27.45 -18.47
CA LEU C 499 22.39 -27.30 -17.05
C LEU C 499 23.77 -27.82 -16.68
N TYR C 500 24.18 -28.94 -17.28
CA TYR C 500 25.49 -29.50 -16.98
C TYR C 500 26.60 -28.75 -17.70
N ARG C 501 26.28 -27.79 -18.56
CA ARG C 501 27.27 -26.81 -18.96
C ARG C 501 27.30 -25.65 -17.98
N TRP C 502 26.19 -25.38 -17.29
CA TRP C 502 26.17 -24.29 -16.33
C TRP C 502 26.80 -24.71 -15.01
N LEU C 503 26.68 -25.99 -14.65
CA LEU C 503 27.26 -26.44 -13.39
C LEU C 503 28.77 -26.50 -13.45
N LEU C 504 29.33 -26.78 -14.63
CA LEU C 504 30.77 -26.87 -14.75
C LEU C 504 31.43 -25.51 -14.92
N THR C 505 30.72 -24.51 -15.46
CA THR C 505 31.32 -23.18 -15.50
C THR C 505 31.17 -22.46 -14.17
N GLN C 506 30.31 -22.95 -13.29
CA GLN C 506 30.26 -22.42 -11.94
C GLN C 506 31.19 -23.17 -11.01
N CYS C 507 31.35 -24.48 -11.20
CA CYS C 507 32.35 -25.22 -10.44
C CYS C 507 33.77 -24.85 -10.85
N ALA C 508 33.97 -24.37 -12.08
CA ALA C 508 35.26 -23.79 -12.42
C ALA C 508 35.37 -22.36 -11.92
N LEU C 509 34.23 -21.72 -11.65
CA LEU C 509 34.27 -20.37 -11.12
C LEU C 509 34.59 -20.39 -9.63
N ILE C 510 34.03 -21.34 -8.89
CA ILE C 510 34.30 -21.48 -7.47
C ILE C 510 35.76 -21.85 -7.22
N THR C 511 36.35 -22.65 -8.12
CA THR C 511 37.75 -23.02 -8.02
C THR C 511 38.67 -21.79 -8.14
N PHE C 512 38.35 -20.88 -9.06
CA PHE C 512 39.14 -19.66 -9.22
C PHE C 512 39.00 -18.74 -8.00
N THR C 513 37.88 -18.80 -7.29
CA THR C 513 37.76 -17.99 -6.08
C THR C 513 38.47 -18.63 -4.90
N VAL C 514 38.56 -19.96 -4.88
CA VAL C 514 39.35 -20.61 -3.83
C VAL C 514 40.84 -20.50 -4.12
N LEU C 515 41.24 -20.75 -5.37
CA LEU C 515 42.66 -20.84 -5.69
C LEU C 515 43.33 -19.46 -5.66
N LEU C 516 42.55 -18.39 -5.82
CA LEU C 516 43.12 -17.05 -5.66
C LEU C 516 43.08 -16.62 -4.21
N SER C 517 42.12 -17.12 -3.43
CA SER C 517 42.12 -16.86 -2.00
C SER C 517 43.19 -17.69 -1.30
N TYR C 518 43.52 -18.85 -1.88
CA TYR C 518 44.62 -19.65 -1.36
C TYR C 518 45.97 -18.98 -1.63
N LEU C 519 46.03 -18.11 -2.65
CA LEU C 519 47.28 -17.44 -2.98
C LEU C 519 47.61 -16.36 -1.96
N VAL C 520 46.61 -15.58 -1.54
CA VAL C 520 46.87 -14.51 -0.61
C VAL C 520 47.01 -15.04 0.82
N PHE C 521 46.50 -16.25 1.07
CA PHE C 521 46.61 -16.81 2.42
C PHE C 521 47.99 -17.41 2.65
N SER C 522 48.63 -17.91 1.62
CA SER C 522 50.01 -18.38 1.69
C SER C 522 50.85 -17.45 0.83
N PHE C 523 51.33 -16.37 1.45
CA PHE C 523 52.05 -15.32 0.74
C PHE C 523 52.90 -14.54 1.71
N ASP C 524 54.12 -14.20 1.31
CA ASP C 524 55.06 -13.43 2.11
C ASP C 524 56.14 -12.89 1.17
N PRO C 525 56.77 -11.75 1.49
CA PRO C 525 57.86 -11.25 0.65
C PRO C 525 59.19 -11.97 0.82
N SER C 526 59.25 -13.05 1.61
CA SER C 526 60.49 -13.78 1.86
C SER C 526 60.79 -14.83 0.82
N ASP C 527 59.95 -14.98 -0.21
CA ASP C 527 60.16 -16.00 -1.22
C ASP C 527 61.33 -15.63 -2.13
N PRO C 528 62.01 -16.64 -2.71
CA PRO C 528 63.13 -16.35 -3.63
C PRO C 528 62.69 -15.87 -5.00
N VAL C 529 63.66 -15.75 -5.90
CA VAL C 529 63.44 -15.43 -7.32
C VAL C 529 62.53 -16.47 -7.98
N PRO C 530 62.64 -17.83 -7.75
CA PRO C 530 61.58 -18.72 -8.24
C PRO C 530 60.26 -18.62 -7.47
N ALA C 531 59.62 -17.47 -7.51
CA ALA C 531 58.27 -17.25 -7.03
C ALA C 531 57.43 -16.50 -8.04
N SER C 532 58.06 -15.69 -8.90
CA SER C 532 57.32 -15.01 -9.96
C SER C 532 56.86 -15.98 -11.03
N VAL C 533 57.76 -16.83 -11.52
CA VAL C 533 57.38 -17.95 -12.38
C VAL C 533 57.19 -19.11 -11.41
N ALA C 534 55.96 -19.36 -11.05
CA ALA C 534 55.56 -20.34 -10.05
C ALA C 534 54.64 -21.37 -10.66
N PRO C 535 54.49 -22.55 -10.04
CA PRO C 535 53.46 -23.49 -10.50
C PRO C 535 52.04 -23.07 -10.15
N LEU C 536 51.86 -22.05 -9.32
CA LEU C 536 50.53 -21.56 -8.96
C LEU C 536 50.22 -20.21 -9.59
N ASN C 537 51.16 -19.26 -9.51
CA ASN C 537 50.91 -17.91 -10.01
C ASN C 537 50.81 -17.89 -11.53
N THR C 538 51.56 -18.76 -12.22
CA THR C 538 51.51 -18.76 -13.67
C THR C 538 50.27 -19.48 -14.19
N PHE C 539 49.75 -20.46 -13.44
CA PHE C 539 48.50 -21.10 -13.85
C PHE C 539 47.31 -20.18 -13.66
N LEU C 540 47.34 -19.33 -12.63
CA LEU C 540 46.26 -18.37 -12.45
C LEU C 540 46.36 -17.18 -13.39
N ALA C 541 47.44 -17.05 -14.16
CA ALA C 541 47.52 -16.01 -15.17
C ALA C 541 47.02 -16.46 -16.52
N VAL C 542 47.14 -17.75 -16.86
CA VAL C 542 46.58 -18.23 -18.11
C VAL C 542 45.08 -18.40 -17.97
N TRP C 543 44.59 -18.48 -16.73
CA TRP C 543 43.16 -18.40 -16.49
C TRP C 543 42.62 -17.03 -16.86
N CYS C 544 43.30 -15.98 -16.41
CA CYS C 544 42.85 -14.62 -16.68
C CYS C 544 43.04 -14.21 -18.13
N ALA C 545 43.91 -14.89 -18.88
CA ALA C 545 43.91 -14.71 -20.32
C ALA C 545 42.75 -15.46 -20.96
N ALA C 546 42.38 -16.61 -20.40
CA ALA C 546 41.21 -17.34 -20.87
C ALA C 546 39.91 -16.62 -20.54
N ILE C 547 39.91 -15.79 -19.49
CA ILE C 547 38.75 -14.95 -19.20
C ILE C 547 38.66 -13.80 -20.19
N LEU C 548 39.77 -13.09 -20.41
CA LEU C 548 39.76 -11.93 -21.30
C LEU C 548 39.55 -12.31 -22.75
N VAL C 549 40.01 -13.49 -23.18
CA VAL C 549 39.70 -13.95 -24.52
C VAL C 549 38.22 -14.33 -24.62
N ASP C 550 37.65 -14.84 -23.52
CA ASP C 550 36.22 -15.15 -23.51
C ASP C 550 35.36 -13.90 -23.56
N GLU C 551 35.76 -12.84 -22.85
CA GLU C 551 34.99 -11.60 -22.89
C GLU C 551 35.14 -10.85 -24.21
N VAL C 552 36.24 -11.07 -24.95
CA VAL C 552 36.34 -10.53 -26.30
C VAL C 552 35.39 -11.27 -27.23
N GLN C 553 35.38 -12.61 -27.16
CA GLN C 553 34.52 -13.41 -28.03
C GLN C 553 33.12 -13.60 -27.46
N GLU C 554 32.80 -12.94 -26.35
CA GLU C 554 31.42 -12.69 -25.98
C GLU C 554 30.99 -11.26 -26.30
N TYR C 555 31.91 -10.44 -26.79
CA TYR C 555 31.57 -9.07 -27.18
C TYR C 555 31.20 -8.97 -28.65
N VAL C 556 31.95 -9.64 -29.52
CA VAL C 556 31.74 -9.55 -30.96
C VAL C 556 30.77 -10.62 -31.44
N GLU C 557 30.62 -11.71 -30.69
CA GLU C 557 29.68 -12.75 -31.09
C GLU C 557 28.25 -12.33 -30.78
N GLU C 558 28.02 -11.76 -29.60
CA GLU C 558 26.67 -11.33 -29.24
C GLU C 558 26.39 -9.91 -29.69
N GLY C 559 27.28 -8.97 -29.34
CA GLY C 559 27.07 -7.58 -29.66
C GLY C 559 27.45 -6.68 -28.50
N ARG C 560 27.46 -5.36 -28.71
CA ARG C 560 27.88 -4.45 -27.65
C ARG C 560 26.82 -4.31 -26.58
N ALA C 561 25.55 -4.28 -26.98
CA ALA C 561 24.48 -4.06 -26.01
C ALA C 561 24.08 -5.35 -25.29
N GLU C 562 24.20 -6.50 -25.96
CA GLU C 562 23.90 -7.77 -25.33
C GLU C 562 25.02 -8.27 -24.43
N TYR C 563 26.16 -7.56 -24.38
CA TYR C 563 27.27 -7.90 -23.51
C TYR C 563 27.35 -7.00 -22.29
N MET C 564 27.21 -5.69 -22.47
CA MET C 564 27.24 -4.74 -21.36
C MET C 564 25.85 -4.48 -20.80
N SER C 565 25.15 -5.55 -20.45
CA SER C 565 23.84 -5.44 -19.81
C SER C 565 23.66 -6.39 -18.64
N SER C 566 24.60 -7.32 -18.41
CA SER C 566 24.45 -8.30 -17.34
C SER C 566 24.81 -7.72 -15.98
N GLY C 567 25.94 -7.02 -15.89
CA GLY C 567 26.41 -6.43 -14.67
C GLY C 567 27.59 -7.16 -14.06
N TRP C 568 27.86 -8.39 -14.50
CA TRP C 568 29.04 -9.13 -14.10
C TRP C 568 30.12 -9.16 -15.17
N ASN C 569 29.79 -8.75 -16.40
CA ASN C 569 30.79 -8.67 -17.46
C ASN C 569 31.80 -7.55 -17.24
N VAL C 570 31.53 -6.64 -16.31
CA VAL C 570 32.59 -5.73 -15.83
C VAL C 570 33.51 -6.46 -14.87
N MET C 571 32.94 -7.25 -13.95
CA MET C 571 33.76 -7.92 -12.94
C MET C 571 34.50 -9.13 -13.49
N ASP C 572 34.11 -9.65 -14.65
CA ASP C 572 34.97 -10.64 -15.30
C ASP C 572 36.23 -9.97 -15.84
N VAL C 573 36.11 -8.79 -16.41
CA VAL C 573 37.26 -8.12 -17.00
C VAL C 573 38.14 -7.52 -15.91
N THR C 574 37.52 -6.99 -14.84
CA THR C 574 38.26 -6.21 -13.85
C THR C 574 39.20 -7.09 -13.03
N MET C 575 38.73 -8.25 -12.58
CA MET C 575 39.63 -9.17 -11.90
C MET C 575 40.54 -9.91 -12.88
N ALA C 576 40.24 -9.85 -14.17
CA ALA C 576 41.20 -10.31 -15.17
C ALA C 576 42.13 -9.20 -15.63
N LEU C 577 41.97 -8.00 -15.10
CA LEU C 577 42.98 -6.97 -15.28
C LEU C 577 43.86 -6.85 -14.04
N SER C 578 43.26 -6.76 -12.86
CA SER C 578 44.00 -6.56 -11.62
C SER C 578 44.75 -7.80 -11.16
N TYR C 579 44.67 -8.92 -11.87
CA TYR C 579 45.60 -10.01 -11.68
C TYR C 579 46.61 -10.14 -12.82
N ILE C 580 46.25 -9.72 -14.03
CA ILE C 580 47.24 -9.64 -15.10
C ILE C 580 48.20 -8.49 -14.84
N LEU C 581 47.67 -7.33 -14.43
CA LEU C 581 48.53 -6.24 -13.98
C LEU C 581 49.00 -6.39 -12.53
N HIS C 582 48.93 -7.58 -11.96
CA HIS C 582 49.64 -7.91 -10.72
C HIS C 582 50.77 -8.91 -11.00
N TYR C 583 50.51 -9.87 -11.88
CA TYR C 583 51.54 -10.81 -12.29
C TYR C 583 52.58 -10.12 -13.18
N ILE C 584 52.17 -9.10 -13.95
CA ILE C 584 53.12 -8.33 -14.74
C ILE C 584 53.94 -7.44 -13.82
N LEU C 585 53.29 -6.76 -12.88
CA LEU C 585 54.03 -5.96 -11.91
C LEU C 585 54.69 -6.80 -10.82
N ARG C 586 54.61 -8.12 -10.89
CA ARG C 586 55.48 -9.00 -10.10
C ARG C 586 56.79 -9.31 -10.81
N ILE C 587 56.80 -9.31 -12.14
CA ILE C 587 58.04 -9.51 -12.89
C ILE C 587 58.65 -8.20 -13.38
N ILE C 588 57.91 -7.09 -13.36
CA ILE C 588 58.45 -5.79 -13.75
C ILE C 588 58.94 -4.99 -12.56
N ALA C 589 58.28 -5.11 -11.40
CA ALA C 589 58.63 -4.27 -10.27
C ALA C 589 59.22 -5.01 -9.07
N VAL C 590 58.93 -6.29 -8.88
CA VAL C 590 59.33 -7.00 -7.67
C VAL C 590 60.65 -7.72 -7.99
N ARG C 591 61.40 -8.07 -6.94
CA ARG C 591 62.76 -8.56 -7.04
C ARG C 591 62.79 -9.96 -7.65
N VAL C 592 62.77 -9.99 -8.99
CA VAL C 592 63.18 -11.18 -9.73
C VAL C 592 64.39 -10.84 -10.60
N THR C 593 64.23 -9.93 -11.56
CA THR C 593 65.34 -9.26 -12.23
C THR C 593 64.93 -7.87 -12.72
N ASP C 594 65.04 -6.88 -11.83
CA ASP C 594 64.65 -5.49 -12.06
C ASP C 594 65.13 -4.66 -10.87
N ASN C 595 64.76 -3.39 -10.86
CA ASN C 595 65.19 -2.45 -9.83
C ASN C 595 64.10 -2.28 -8.77
N LEU C 596 64.38 -1.43 -7.79
CA LEU C 596 63.52 -1.22 -6.64
C LEU C 596 62.78 0.10 -6.77
N ASN C 597 61.50 0.08 -6.39
CA ASN C 597 60.63 1.25 -6.50
C ASN C 597 59.58 1.14 -5.40
N ILE C 598 58.53 1.95 -5.49
CA ILE C 598 57.40 1.86 -4.56
C ILE C 598 56.44 0.80 -5.09
N LEU C 599 56.32 -0.30 -4.33
CA LEU C 599 55.66 -1.51 -4.81
C LEU C 599 54.37 -1.81 -4.07
N LEU C 600 53.74 -0.79 -3.47
CA LEU C 600 52.48 -1.01 -2.76
C LEU C 600 51.36 -1.34 -3.72
N VAL C 601 51.41 -0.81 -4.94
CA VAL C 601 50.37 -1.05 -5.95
C VAL C 601 50.38 -2.50 -6.41
N VAL C 602 51.53 -3.17 -6.32
CA VAL C 602 51.63 -4.57 -6.72
C VAL C 602 50.85 -5.45 -5.74
N ASN C 603 50.94 -5.16 -4.45
CA ASN C 603 50.17 -5.85 -3.43
C ASN C 603 48.79 -5.25 -3.21
N ASP C 604 48.51 -4.08 -3.81
CA ASP C 604 47.19 -3.48 -3.72
C ASP C 604 46.25 -4.05 -4.76
N LEU C 605 46.75 -4.30 -5.97
CA LEU C 605 45.92 -4.84 -7.03
C LEU C 605 45.53 -6.29 -6.81
N LEU C 606 46.19 -7.00 -5.90
CA LEU C 606 45.84 -8.40 -5.65
C LEU C 606 44.51 -8.50 -4.92
N ALA C 607 44.28 -7.63 -3.93
CA ALA C 607 42.97 -7.58 -3.31
C ALA C 607 41.94 -6.91 -4.21
N ALA C 608 42.37 -6.09 -5.17
CA ALA C 608 41.47 -5.57 -6.17
C ALA C 608 40.97 -6.68 -7.10
N ALA C 609 41.72 -7.77 -7.22
CA ALA C 609 41.26 -8.95 -7.92
C ALA C 609 40.62 -9.96 -6.99
N ALA C 610 40.86 -9.86 -5.69
CA ALA C 610 40.31 -10.80 -4.72
C ALA C 610 38.95 -10.36 -4.19
N LEU C 611 38.72 -9.05 -4.10
CA LEU C 611 37.39 -8.55 -3.77
C LEU C 611 36.38 -8.91 -4.85
N MET C 612 36.75 -8.68 -6.11
CA MET C 612 35.87 -8.97 -7.21
C MET C 612 35.76 -10.46 -7.48
N ALA C 613 36.64 -11.27 -6.88
CA ALA C 613 36.56 -12.72 -7.06
C ALA C 613 35.38 -13.31 -6.30
N TRP C 614 35.28 -13.00 -5.01
CA TRP C 614 34.17 -13.54 -4.22
C TRP C 614 32.86 -12.83 -4.53
N PHE C 615 32.92 -11.58 -5.00
CA PHE C 615 31.72 -10.93 -5.51
C PHE C 615 31.23 -11.61 -6.78
N ARG C 616 32.15 -12.16 -7.58
CA ARG C 616 31.77 -12.92 -8.76
C ARG C 616 31.13 -14.25 -8.40
N MET C 617 31.40 -14.77 -7.19
CA MET C 617 30.84 -16.04 -6.74
C MET C 617 29.34 -15.98 -6.48
N VAL C 618 28.75 -14.79 -6.36
CA VAL C 618 27.32 -14.67 -6.12
C VAL C 618 26.51 -15.00 -7.37
N SER C 619 27.16 -15.18 -8.51
CA SER C 619 26.48 -15.60 -9.72
C SER C 619 26.02 -17.05 -9.66
N VAL C 620 26.45 -17.84 -8.68
CA VAL C 620 25.95 -19.21 -8.58
C VAL C 620 24.52 -19.27 -8.10
N PHE C 621 23.99 -18.19 -7.55
CA PHE C 621 22.57 -18.05 -7.21
C PHE C 621 21.81 -17.26 -8.26
N GLU C 622 22.15 -17.42 -9.54
CA GLU C 622 21.37 -16.79 -10.60
C GLU C 622 20.09 -17.55 -10.89
N LEU C 623 20.07 -18.83 -10.57
CA LEU C 623 18.85 -19.58 -10.35
C LEU C 623 18.43 -19.35 -8.91
N SER C 624 17.55 -20.21 -8.36
CA SER C 624 17.11 -20.16 -6.97
C SER C 624 16.39 -18.87 -6.62
N SER C 625 15.16 -18.73 -7.10
CA SER C 625 14.22 -17.75 -6.60
C SER C 625 14.19 -17.73 -5.08
N ALA C 626 14.06 -16.52 -4.53
CA ALA C 626 14.25 -16.05 -3.15
C ALA C 626 15.70 -15.92 -2.75
N ILE C 627 16.66 -16.34 -3.58
CA ILE C 627 18.05 -15.96 -3.35
C ILE C 627 18.46 -15.19 -4.59
N GLY C 628 17.79 -15.48 -5.70
CA GLY C 628 17.93 -14.79 -6.95
C GLY C 628 17.50 -13.33 -6.94
N PRO C 629 16.22 -13.03 -6.61
CA PRO C 629 15.74 -11.64 -6.68
C PRO C 629 16.20 -10.71 -5.57
N LEU C 630 17.23 -11.12 -4.82
CA LEU C 630 17.97 -10.21 -3.96
C LEU C 630 19.24 -9.71 -4.63
N ILE C 631 19.85 -10.53 -5.49
CA ILE C 631 21.09 -10.12 -6.15
C ILE C 631 20.81 -9.10 -7.24
N GLN C 632 19.69 -9.22 -7.94
CA GLN C 632 19.27 -8.17 -8.85
C GLN C 632 18.93 -6.90 -8.09
N MET C 633 18.21 -7.05 -6.98
CA MET C 633 17.94 -5.97 -6.05
C MET C 633 19.21 -5.32 -5.53
N MET C 634 20.26 -6.11 -5.29
CA MET C 634 21.52 -5.56 -4.82
C MET C 634 22.25 -4.83 -5.94
N LYS C 635 22.12 -5.33 -7.17
CA LYS C 635 22.77 -4.71 -8.32
C LYS C 635 21.86 -3.72 -9.04
N GLN C 636 20.70 -3.40 -8.48
CA GLN C 636 19.87 -2.31 -9.00
C GLN C 636 20.11 -1.02 -8.24
N MET C 637 20.11 -1.10 -6.91
CA MET C 637 20.40 0.05 -6.06
C MET C 637 21.89 0.23 -5.81
N LEU C 638 22.74 -0.27 -6.72
CA LEU C 638 24.15 0.01 -6.71
C LEU C 638 24.64 0.68 -7.97
N ILE C 639 23.99 0.43 -9.11
CA ILE C 639 24.34 1.09 -10.37
C ILE C 639 23.57 2.38 -10.59
N LYS C 640 22.45 2.59 -9.91
CA LYS C 640 21.65 3.78 -10.11
C LYS C 640 21.44 4.61 -8.86
N ASP C 641 21.73 4.09 -7.67
CA ASP C 641 21.49 4.81 -6.44
C ASP C 641 22.73 4.95 -5.57
N VAL C 642 23.90 4.57 -6.06
CA VAL C 642 25.15 4.73 -5.33
C VAL C 642 26.06 5.72 -6.03
N THR C 643 26.24 5.57 -7.35
CA THR C 643 26.98 6.56 -8.12
C THR C 643 26.24 7.88 -8.25
N ARG C 644 24.95 7.90 -7.93
CA ARG C 644 24.07 9.05 -8.04
C ARG C 644 23.98 9.83 -6.73
N PHE C 645 23.94 9.11 -5.61
CA PHE C 645 23.91 9.76 -4.31
C PHE C 645 25.29 10.24 -3.89
N ALA C 646 26.35 9.53 -4.30
CA ALA C 646 27.70 9.93 -3.93
C ALA C 646 28.24 11.07 -4.77
N LEU C 647 27.52 11.50 -5.81
CA LEU C 647 27.88 12.73 -6.50
C LEU C 647 27.29 13.93 -5.78
N LEU C 648 26.02 13.83 -5.36
CA LEU C 648 25.37 14.90 -4.64
C LEU C 648 25.92 15.06 -3.23
N VAL C 649 26.43 13.98 -2.63
CA VAL C 649 27.13 14.11 -1.36
C VAL C 649 28.47 14.79 -1.55
N LEU C 650 29.13 14.52 -2.68
CA LEU C 650 30.48 15.04 -2.93
C LEU C 650 30.48 16.56 -3.11
N VAL C 651 29.47 17.11 -3.80
CA VAL C 651 29.43 18.54 -4.00
C VAL C 651 28.94 19.24 -2.73
N ILE C 652 28.32 18.49 -1.83
CA ILE C 652 27.97 19.06 -0.53
C ILE C 652 29.16 18.95 0.42
N LEU C 653 29.89 17.83 0.35
CA LEU C 653 31.04 17.62 1.23
C LEU C 653 32.19 18.56 0.90
N LEU C 654 32.30 19.03 -0.34
CA LEU C 654 33.27 20.08 -0.65
C LEU C 654 32.87 21.41 -0.03
N GLY C 655 31.59 21.61 0.26
CA GLY C 655 31.18 22.83 0.93
C GLY C 655 31.63 22.89 2.36
N PHE C 656 31.54 21.77 3.07
CA PHE C 656 31.95 21.73 4.46
C PHE C 656 33.46 21.68 4.60
N SER C 657 34.16 20.98 3.70
CA SER C 657 35.61 20.86 3.83
C SER C 657 36.32 22.15 3.48
N VAL C 658 35.74 22.96 2.61
CA VAL C 658 36.27 24.29 2.35
C VAL C 658 35.75 25.29 3.39
N GLY C 659 34.49 25.15 3.79
CA GLY C 659 33.92 25.96 4.85
C GLY C 659 34.55 25.74 6.21
N MET C 660 35.16 24.56 6.42
CA MET C 660 35.96 24.36 7.62
C MET C 660 37.22 25.21 7.62
N GLU C 661 37.88 25.33 6.46
CA GLU C 661 39.15 26.03 6.36
C GLU C 661 38.99 27.53 6.60
N ALA C 662 37.86 28.10 6.18
CA ALA C 662 37.64 29.53 6.35
C ALA C 662 37.50 29.94 7.81
N LEU C 663 37.15 29.01 8.69
CA LEU C 663 37.03 29.32 10.10
C LEU C 663 38.39 29.44 10.78
N PHE C 664 39.28 28.50 10.51
CA PHE C 664 40.55 28.38 11.22
C PHE C 664 41.72 29.00 10.48
N GLN C 665 41.48 30.11 9.77
CA GLN C 665 42.51 30.75 8.98
C GLN C 665 43.03 32.05 9.58
N GLU C 666 42.35 32.58 10.59
CA GLU C 666 42.73 33.88 11.13
C GLU C 666 43.23 33.79 12.57
N ARG C 717 35.49 30.76 20.81
CA ARG C 717 35.85 29.92 19.67
C ARG C 717 34.93 28.70 19.58
N VAL C 718 34.58 28.16 20.75
CA VAL C 718 33.69 27.00 20.83
C VAL C 718 32.31 27.31 20.29
N THR C 719 31.84 28.55 20.43
CA THR C 719 30.56 28.93 19.83
C THR C 719 30.68 29.09 18.31
N GLY C 720 31.91 29.10 17.78
CA GLY C 720 32.11 29.12 16.35
C GLY C 720 32.13 27.74 15.74
N VAL C 721 32.66 26.75 16.48
CA VAL C 721 32.86 25.42 15.92
C VAL C 721 31.79 24.41 16.34
N ILE C 722 31.32 24.47 17.58
CA ILE C 722 30.26 23.56 17.99
C ILE C 722 28.94 23.95 17.34
N PHE C 723 28.71 25.24 17.15
CA PHE C 723 27.57 25.67 16.31
C PHE C 723 27.83 25.39 14.84
N TYR C 724 29.10 25.21 14.45
CA TYR C 724 29.37 24.70 13.12
C TYR C 724 29.16 23.19 13.04
N LEU C 725 29.43 22.47 14.14
CA LEU C 725 29.37 21.01 14.10
C LEU C 725 27.92 20.51 14.11
N ILE C 726 27.03 21.21 14.83
CA ILE C 726 25.63 20.80 14.89
C ILE C 726 24.96 21.00 13.54
N PHE C 727 25.48 21.91 12.70
CA PHE C 727 25.03 21.98 11.32
C PHE C 727 25.51 20.78 10.51
N ALA C 728 26.59 20.13 10.95
CA ALA C 728 27.12 19.00 10.19
C ALA C 728 26.48 17.68 10.63
N ILE C 729 26.14 17.56 11.91
CA ILE C 729 25.49 16.34 12.39
C ILE C 729 24.04 16.30 11.91
N VAL C 730 23.39 17.47 11.84
CA VAL C 730 22.03 17.54 11.30
C VAL C 730 22.03 17.20 9.81
N THR C 731 22.97 17.77 9.05
CA THR C 731 23.01 17.55 7.61
C THR C 731 23.44 16.13 7.26
N ALA C 732 24.21 15.48 8.13
CA ALA C 732 24.52 14.07 7.89
C ALA C 732 23.33 13.17 8.20
N ILE C 733 22.53 13.53 9.21
CA ILE C 733 21.30 12.78 9.48
C ILE C 733 20.26 13.07 8.41
N LEU C 734 20.13 14.34 8.01
CA LEU C 734 19.16 14.72 6.99
C LEU C 734 19.51 14.14 5.62
N LEU C 735 20.76 13.74 5.39
CA LEU C 735 21.14 13.02 4.19
C LEU C 735 20.97 11.51 4.32
N LEU C 736 21.29 10.95 5.50
CA LEU C 736 21.10 9.52 5.73
C LEU C 736 19.61 9.17 5.79
N ASN C 737 18.79 10.13 6.22
CA ASN C 737 17.34 10.02 6.08
C ASN C 737 16.92 9.90 4.63
N LEU C 738 17.63 10.56 3.72
CA LEU C 738 17.28 10.56 2.32
C LEU C 738 17.88 9.36 1.58
N PHE C 739 19.00 8.82 2.06
CA PHE C 739 19.58 7.65 1.45
C PHE C 739 18.83 6.36 1.78
N ILE C 740 18.38 6.21 3.03
CA ILE C 740 17.61 5.04 3.42
C ILE C 740 16.26 5.02 2.73
N ALA C 741 15.63 6.18 2.58
CA ALA C 741 14.42 6.30 1.80
C ALA C 741 14.66 6.24 0.30
N MET C 742 15.91 6.11 -0.14
CA MET C 742 16.23 5.94 -1.54
C MET C 742 16.60 4.49 -1.87
N LEU C 743 16.90 3.70 -0.85
CA LEU C 743 17.03 2.26 -1.04
C LEU C 743 15.74 1.54 -0.72
N ALA C 744 15.00 2.02 0.28
CA ALA C 744 13.67 1.48 0.54
C ALA C 744 12.67 1.87 -0.53
N ASP C 745 12.99 2.86 -1.35
CA ASP C 745 12.22 3.12 -2.55
C ASP C 745 12.56 2.13 -3.65
N THR C 746 13.86 1.90 -3.88
CA THR C 746 14.32 1.00 -4.93
C THR C 746 14.02 -0.45 -4.59
N TYR C 747 14.00 -0.80 -3.29
CA TYR C 747 13.49 -2.10 -2.86
C TYR C 747 12.05 -2.29 -3.32
N THR C 748 11.20 -1.29 -3.11
CA THR C 748 9.80 -1.40 -3.48
C THR C 748 9.60 -1.40 -4.99
N ARG C 749 10.52 -0.82 -5.76
CA ARG C 749 10.41 -0.90 -7.21
C ARG C 749 10.80 -2.27 -7.76
N VAL C 750 11.64 -3.04 -7.06
CA VAL C 750 12.12 -4.31 -7.58
C VAL C 750 11.58 -5.50 -6.80
N SER C 751 10.95 -5.30 -5.65
CA SER C 751 10.37 -6.44 -4.95
C SER C 751 8.99 -6.79 -5.46
N THR C 752 8.32 -5.87 -6.18
CA THR C 752 7.02 -6.19 -6.75
C THR C 752 7.17 -6.99 -8.04
N GLN C 753 8.21 -6.72 -8.81
CA GLN C 753 8.51 -7.50 -10.00
C GLN C 753 9.48 -8.63 -9.72
N ALA C 754 9.47 -9.20 -8.50
CA ALA C 754 10.47 -10.19 -8.14
C ALA C 754 10.27 -11.52 -8.84
N MET C 755 9.10 -11.76 -9.41
CA MET C 755 8.87 -12.96 -10.19
C MET C 755 8.70 -12.68 -11.68
N VAL C 756 9.05 -11.48 -12.13
CA VAL C 756 9.11 -11.16 -13.56
C VAL C 756 10.55 -10.79 -13.87
N GLU C 757 11.20 -10.08 -12.96
CA GLU C 757 12.60 -9.75 -13.13
C GLU C 757 13.49 -10.96 -12.91
N PHE C 758 12.98 -11.99 -12.23
CA PHE C 758 13.77 -13.20 -12.04
C PHE C 758 13.59 -14.15 -13.22
N ARG C 759 12.34 -14.34 -13.66
CA ARG C 759 12.08 -15.26 -14.75
C ARG C 759 12.64 -14.75 -16.07
N TYR C 760 12.72 -13.43 -16.23
CA TYR C 760 13.39 -12.87 -17.41
C TYR C 760 14.88 -13.10 -17.32
N ARG C 761 15.48 -12.83 -16.16
CA ARG C 761 16.91 -13.06 -16.01
C ARG C 761 17.26 -14.55 -15.98
N LYS C 762 16.30 -15.42 -15.72
CA LYS C 762 16.55 -16.85 -15.86
C LYS C 762 16.50 -17.26 -17.33
N ALA C 763 15.58 -16.71 -18.11
CA ALA C 763 15.45 -17.07 -19.51
C ALA C 763 16.53 -16.44 -20.38
N LYS C 764 17.33 -15.53 -19.86
CA LYS C 764 18.46 -15.01 -20.62
C LYS C 764 19.73 -15.81 -20.40
N LEU C 765 19.71 -16.78 -19.48
CA LEU C 765 20.81 -17.73 -19.37
C LEU C 765 20.38 -19.16 -19.65
N MET C 766 19.09 -19.43 -19.76
CA MET C 766 18.65 -20.67 -20.38
C MET C 766 18.75 -20.62 -21.89
N ALA C 767 19.02 -19.44 -22.45
CA ALA C 767 19.26 -19.27 -23.88
C ALA C 767 20.70 -18.96 -24.20
N SER C 768 21.42 -18.32 -23.28
CA SER C 768 22.83 -18.06 -23.51
C SER C 768 23.65 -19.32 -23.35
N TYR C 769 23.30 -20.16 -22.40
CA TYR C 769 24.00 -21.42 -22.19
C TYR C 769 23.47 -22.54 -23.04
N SER C 770 22.35 -22.35 -23.73
CA SER C 770 21.84 -23.39 -24.61
C SER C 770 22.49 -23.36 -25.98
N ARG C 771 23.02 -22.21 -26.39
CA ARG C 771 23.75 -22.15 -27.65
C ARG C 771 25.20 -22.56 -27.49
N ARG C 772 25.82 -22.18 -26.37
CA ARG C 772 27.26 -22.29 -26.26
C ARG C 772 27.71 -23.71 -25.92
N ASP C 773 29.01 -23.91 -26.04
CA ASP C 773 29.65 -25.22 -25.89
C ASP C 773 29.75 -25.64 -24.42
N PHE C 774 30.24 -26.87 -24.20
CA PHE C 774 30.36 -27.46 -22.87
C PHE C 774 31.71 -27.17 -22.22
N VAL C 775 32.51 -26.29 -22.81
CA VAL C 775 33.92 -26.16 -22.47
C VAL C 775 34.20 -24.70 -22.13
N CYS C 776 35.47 -24.38 -21.89
CA CYS C 776 36.16 -23.09 -21.81
C CYS C 776 35.66 -22.09 -20.78
N PRO C 777 35.71 -22.40 -19.48
CA PRO C 777 36.10 -21.36 -18.52
C PRO C 777 37.61 -21.21 -18.42
N PRO C 778 38.44 -22.27 -18.44
CA PRO C 778 39.87 -22.03 -18.74
C PRO C 778 40.32 -22.43 -20.14
N PHE C 779 39.48 -23.08 -20.94
CA PHE C 779 39.92 -23.72 -22.17
C PHE C 779 39.69 -22.86 -23.41
N ASN C 780 39.50 -21.55 -23.25
CA ASN C 780 39.51 -20.64 -24.38
C ASN C 780 40.92 -20.27 -24.82
N LEU C 781 41.93 -20.71 -24.09
CA LEU C 781 43.29 -20.78 -24.61
C LEU C 781 43.77 -22.20 -24.84
N LEU C 782 42.93 -23.20 -24.58
CA LEU C 782 43.31 -24.58 -24.84
C LEU C 782 42.56 -25.16 -26.04
N HIS C 783 41.38 -24.63 -26.35
CA HIS C 783 40.64 -25.05 -27.53
C HIS C 783 40.82 -24.11 -28.72
N LEU C 784 40.99 -22.81 -28.46
CA LEU C 784 41.23 -21.86 -29.53
C LEU C 784 42.59 -22.06 -30.17
N VAL C 785 43.56 -22.60 -29.44
CA VAL C 785 44.85 -22.91 -30.04
C VAL C 785 44.80 -24.19 -30.86
N CYS C 786 43.80 -25.05 -30.66
CA CYS C 786 43.64 -26.24 -31.47
C CYS C 786 42.54 -26.13 -32.51
N ALA C 787 41.70 -25.09 -32.43
CA ALA C 787 40.69 -24.87 -33.46
C ALA C 787 41.29 -24.20 -34.69
N ALA C 788 42.31 -23.36 -34.49
CA ALA C 788 43.03 -22.78 -35.62
C ALA C 788 44.00 -23.77 -36.23
N VAL C 789 44.56 -24.66 -35.40
CA VAL C 789 45.47 -25.70 -35.91
C VAL C 789 44.69 -26.74 -36.71
N GLY C 790 43.49 -27.10 -36.27
CA GLY C 790 42.69 -28.09 -36.97
C GLY C 790 42.24 -27.63 -38.35
N ASN C 791 42.14 -26.32 -38.56
CA ASN C 791 41.96 -25.80 -39.91
C ASN C 791 43.29 -25.66 -40.64
N GLY C 792 44.37 -25.43 -39.90
CA GLY C 792 45.68 -25.25 -40.53
C GLY C 792 46.26 -26.55 -41.04
N LEU C 793 45.97 -27.66 -40.36
CA LEU C 793 46.41 -28.98 -40.82
C LEU C 793 45.32 -29.65 -41.63
N PRO C 805 36.20 -28.53 -37.17
CA PRO C 805 36.81 -27.31 -37.70
C PRO C 805 36.08 -26.06 -37.22
N VAL C 806 35.31 -26.21 -36.14
CA VAL C 806 34.49 -25.11 -35.64
C VAL C 806 35.20 -24.42 -34.47
N SER C 807 35.22 -23.09 -34.49
CA SER C 807 35.71 -22.33 -33.35
C SER C 807 34.55 -21.83 -32.50
N MET C 808 33.70 -20.99 -33.08
CA MET C 808 32.53 -20.45 -32.42
C MET C 808 31.33 -20.37 -33.36
N ARG C 809 31.28 -21.25 -34.36
CA ARG C 809 30.23 -21.22 -35.37
C ARG C 809 29.15 -22.27 -35.16
N LYS C 810 29.22 -23.05 -34.08
CA LYS C 810 28.17 -24.03 -33.81
C LYS C 810 27.07 -23.44 -32.94
N ASN C 811 27.32 -22.27 -32.36
CA ASN C 811 26.23 -21.52 -31.73
C ASN C 811 25.24 -21.00 -32.76
N GLU C 812 25.70 -20.61 -33.94
CA GLU C 812 24.85 -19.88 -34.87
C GLU C 812 24.21 -20.78 -35.91
N THR C 813 24.87 -21.90 -36.27
CA THR C 813 24.25 -22.82 -37.22
C THR C 813 23.09 -23.58 -36.59
N VAL C 814 23.26 -24.11 -35.39
CA VAL C 814 22.16 -24.83 -34.74
C VAL C 814 21.13 -23.82 -34.24
N PRO C 815 19.88 -23.91 -34.66
CA PRO C 815 18.90 -22.85 -34.41
C PRO C 815 18.17 -22.95 -33.06
N LEU C 816 18.94 -23.10 -31.98
CA LEU C 816 18.51 -22.83 -30.60
C LEU C 816 17.49 -23.81 -30.04
N PHE C 817 16.91 -24.67 -30.88
CA PHE C 817 15.83 -25.56 -30.47
C PHE C 817 15.79 -26.74 -31.43
N SER C 818 14.73 -27.52 -31.36
CA SER C 818 14.50 -28.60 -32.30
C SER C 818 13.15 -28.55 -32.97
N TRP C 819 12.19 -27.80 -32.40
CA TRP C 819 10.90 -27.57 -33.02
C TRP C 819 10.90 -26.33 -33.90
N TYR C 820 12.07 -25.92 -34.38
CA TYR C 820 12.24 -24.93 -35.44
C TYR C 820 12.00 -25.60 -36.79
N PHE C 821 12.58 -25.03 -37.86
CA PHE C 821 12.18 -25.14 -39.27
C PHE C 821 11.79 -26.57 -39.65
N PRO C 822 10.50 -26.88 -39.74
CA PRO C 822 10.09 -28.27 -39.96
C PRO C 822 9.95 -28.60 -41.43
N GLN C 823 10.70 -29.59 -41.90
CA GLN C 823 10.57 -30.06 -43.25
C GLN C 823 9.49 -31.13 -43.32
N GLY C 824 8.80 -31.20 -44.43
CA GLY C 824 7.84 -32.24 -44.67
C GLY C 824 6.47 -31.92 -44.10
N GLU C 825 5.78 -32.97 -43.69
CA GLU C 825 4.39 -32.87 -43.24
C GLU C 825 4.25 -32.62 -41.75
N GLU C 826 5.27 -32.05 -41.12
CA GLU C 826 5.06 -31.47 -39.79
C GLU C 826 4.84 -29.97 -39.88
N MET C 827 5.39 -29.33 -40.91
CA MET C 827 4.94 -28.00 -41.29
C MET C 827 3.48 -28.02 -41.73
N ARG C 828 3.02 -29.13 -42.31
CA ARG C 828 1.62 -29.30 -42.65
C ARG C 828 0.71 -29.40 -41.43
N GLN C 829 1.25 -29.57 -40.24
CA GLN C 829 0.46 -29.57 -39.02
C GLN C 829 0.64 -28.31 -38.18
N VAL C 830 1.81 -27.68 -38.24
CA VAL C 830 2.07 -26.48 -37.44
C VAL C 830 1.26 -25.30 -37.97
N VAL C 831 1.26 -25.09 -39.29
CA VAL C 831 0.48 -24.01 -39.88
C VAL C 831 -1.01 -24.30 -39.75
N VAL C 832 -1.39 -25.57 -39.68
CA VAL C 832 -2.77 -25.91 -39.32
C VAL C 832 -3.02 -25.60 -37.85
N LEU C 833 -2.01 -25.80 -37.00
CA LEU C 833 -2.20 -25.58 -35.57
C LEU C 833 -2.22 -24.11 -35.19
N GLN C 834 -1.42 -23.26 -35.86
CA GLN C 834 -1.41 -21.85 -35.47
C GLN C 834 -2.63 -21.10 -35.99
N ARG C 835 -3.33 -21.66 -36.98
CA ARG C 835 -4.59 -21.10 -37.43
C ARG C 835 -5.76 -21.49 -36.54
N ARG C 836 -5.51 -22.29 -35.51
CA ARG C 836 -6.50 -22.52 -34.46
C ARG C 836 -6.11 -21.91 -33.14
N VAL C 837 -4.92 -21.31 -33.08
CA VAL C 837 -4.53 -20.52 -31.92
C VAL C 837 -4.73 -19.05 -32.19
N VAL C 838 -4.21 -18.56 -33.32
CA VAL C 838 -4.29 -17.14 -33.64
C VAL C 838 -5.71 -16.76 -34.05
N ASP C 839 -6.38 -17.60 -34.83
CA ASP C 839 -7.76 -17.31 -35.16
C ASP C 839 -8.71 -17.51 -33.98
N ASP C 840 -8.28 -18.20 -32.92
CA ASP C 840 -9.01 -18.23 -31.67
C ASP C 840 -8.48 -17.20 -30.67
N PHE C 841 -7.67 -16.28 -31.14
CA PHE C 841 -7.21 -15.10 -30.41
C PHE C 841 -7.75 -13.81 -31.01
N LEU C 842 -7.74 -13.69 -32.34
CA LEU C 842 -8.19 -12.48 -33.02
C LEU C 842 -9.70 -12.32 -32.98
N ASN C 843 -10.45 -13.37 -32.66
CA ASN C 843 -11.86 -13.22 -32.36
C ASN C 843 -12.10 -13.15 -30.86
N SER C 844 -11.05 -12.93 -30.08
CA SER C 844 -11.19 -12.59 -28.68
C SER C 844 -10.84 -11.13 -28.42
N ASN C 845 -9.90 -10.57 -29.18
CA ASN C 845 -9.68 -9.13 -29.17
C ASN C 845 -10.83 -8.40 -29.86
N ARG C 846 -11.48 -9.06 -30.79
CA ARG C 846 -12.65 -8.48 -31.46
C ARG C 846 -13.86 -8.46 -30.54
N VAL C 847 -13.85 -9.24 -29.46
CA VAL C 847 -14.93 -9.24 -28.49
C VAL C 847 -14.63 -8.31 -27.32
N ALA C 848 -13.37 -8.24 -26.89
CA ALA C 848 -13.00 -7.30 -25.83
C ALA C 848 -13.07 -5.86 -26.31
N LEU C 849 -12.74 -5.59 -27.57
CA LEU C 849 -12.86 -4.24 -28.09
C LEU C 849 -14.30 -3.89 -28.44
N PHE C 850 -15.15 -4.87 -28.67
CA PHE C 850 -16.56 -4.57 -28.89
C PHE C 850 -17.22 -4.06 -27.63
N ARG C 851 -16.77 -4.51 -26.47
CA ARG C 851 -17.32 -3.97 -25.24
C ARG C 851 -16.87 -2.54 -24.98
N GLU C 852 -15.68 -2.16 -25.47
CA GLU C 852 -15.22 -0.78 -25.34
C GLU C 852 -15.97 0.15 -26.28
N LYS C 853 -16.50 -0.37 -27.39
CA LYS C 853 -17.44 0.41 -28.19
C LYS C 853 -18.76 0.60 -27.45
N LEU C 854 -19.13 -0.37 -26.61
CA LEU C 854 -20.31 -0.26 -25.78
C LEU C 854 -20.02 0.37 -24.43
N ASN C 855 -18.76 0.43 -24.01
CA ASN C 855 -18.43 0.99 -22.71
C ASN C 855 -18.65 2.50 -22.71
N ALA C 856 -18.21 3.18 -23.77
CA ALA C 856 -18.47 4.61 -23.92
C ALA C 856 -19.73 4.86 -24.76
N GLU C 857 -20.79 4.13 -24.43
CA GLU C 857 -22.08 4.36 -25.07
C GLU C 857 -23.24 4.20 -24.10
N LEU C 858 -22.99 3.95 -22.82
CA LEU C 858 -24.07 3.61 -21.89
C LEU C 858 -25.08 4.72 -21.67
N PRO C 859 -24.75 6.01 -21.64
CA PRO C 859 -25.81 7.02 -21.67
C PRO C 859 -26.55 7.17 -22.99
N ASN C 860 -26.33 6.30 -23.98
CA ASN C 860 -27.24 6.14 -25.11
C ASN C 860 -27.89 4.78 -25.18
N LEU C 861 -27.45 3.82 -24.35
CA LEU C 861 -28.11 2.53 -24.25
C LEU C 861 -29.03 2.46 -23.04
N VAL C 862 -28.65 3.09 -21.93
CA VAL C 862 -29.53 3.11 -20.76
C VAL C 862 -30.71 4.04 -21.02
N HIS C 863 -30.54 5.04 -21.88
CA HIS C 863 -31.68 5.90 -22.23
C HIS C 863 -32.65 5.19 -23.17
N GLU C 864 -32.22 4.15 -23.90
CA GLU C 864 -33.16 3.45 -24.77
C GLU C 864 -33.95 2.40 -24.00
N MET C 865 -33.28 1.64 -23.14
CA MET C 865 -33.93 0.61 -22.33
C MET C 865 -34.85 1.22 -21.27
N LEU C 866 -34.69 2.49 -20.95
CA LEU C 866 -35.62 3.22 -20.11
C LEU C 866 -36.59 4.04 -20.95
N LYS C 867 -36.69 3.74 -22.24
CA LYS C 867 -37.74 4.25 -23.12
C LYS C 867 -38.55 3.15 -23.77
N GLN C 868 -37.90 2.04 -24.15
CA GLN C 868 -38.64 0.84 -24.53
C GLN C 868 -39.35 0.22 -23.34
N LYS C 869 -38.59 -0.03 -22.25
CA LYS C 869 -39.04 -0.51 -20.93
C LYS C 869 -40.11 -1.61 -20.91
N LYS D 17 -37.24 1.28 39.33
CA LYS D 17 -38.03 1.46 38.13
C LYS D 17 -37.60 2.71 37.36
N LYS D 18 -36.95 3.63 38.06
CA LYS D 18 -36.58 4.92 37.50
C LYS D 18 -35.44 4.82 36.47
N PRO D 19 -34.21 4.33 36.82
CA PRO D 19 -33.17 4.41 35.77
C PRO D 19 -33.23 3.24 34.81
N SER D 20 -34.06 3.39 33.77
CA SER D 20 -34.43 2.26 32.91
C SER D 20 -33.32 1.82 31.97
N ASP D 21 -32.22 1.33 32.54
CA ASP D 21 -31.17 0.53 31.91
C ASP D 21 -30.29 1.30 30.94
N TYR D 22 -30.65 2.53 30.62
CA TYR D 22 -29.75 3.40 29.88
C TYR D 22 -29.97 4.80 30.41
N GLY D 23 -30.93 4.93 31.32
CA GLY D 23 -31.07 6.17 32.07
C GLY D 23 -29.84 6.45 32.92
N CYS D 24 -29.34 5.43 33.59
CA CYS D 24 -28.02 5.60 34.22
C CYS D 24 -26.91 5.10 33.29
N GLN D 25 -27.02 5.46 32.01
CA GLN D 25 -25.92 5.31 31.07
C GLN D 25 -25.81 6.56 30.21
N LEU D 26 -26.96 7.18 29.93
CA LEU D 26 -27.05 8.20 28.90
C LEU D 26 -27.73 9.49 29.34
N HIS D 27 -28.59 9.47 30.35
CA HIS D 27 -29.28 10.68 30.77
C HIS D 27 -28.31 11.63 31.46
N TYR D 28 -28.68 12.91 31.46
CA TYR D 28 -27.82 13.96 32.00
C TYR D 28 -27.67 13.81 33.50
N LYS D 29 -26.42 13.76 33.96
CA LYS D 29 -26.13 13.25 35.29
C LYS D 29 -26.47 14.26 36.38
N HIS D 30 -25.93 15.47 36.27
CA HIS D 30 -26.05 16.46 37.32
C HIS D 30 -27.47 17.04 37.39
N ALA D 31 -27.73 17.80 38.45
CA ALA D 31 -29.01 18.44 38.65
C ALA D 31 -28.89 19.91 38.23
N ARG D 32 -29.59 20.26 37.17
CA ARG D 32 -29.53 21.63 36.66
C ARG D 32 -30.41 22.54 37.49
N VAL D 33 -30.13 23.84 37.39
CA VAL D 33 -30.91 24.88 38.05
C VAL D 33 -31.73 25.56 36.96
N VAL D 34 -33.04 25.36 36.99
CA VAL D 34 -33.92 25.87 35.95
C VAL D 34 -34.04 27.38 36.08
N GLU D 35 -33.43 28.11 35.15
CA GLU D 35 -33.58 29.55 35.09
C GLU D 35 -35.01 29.90 34.68
N PRO D 36 -35.58 30.99 35.24
CA PRO D 36 -36.99 31.33 34.93
C PRO D 36 -37.27 31.69 33.48
N GLU D 37 -36.55 32.66 32.93
CA GLU D 37 -36.78 33.14 31.56
C GLU D 37 -35.42 33.36 30.91
N SER D 38 -34.91 32.32 30.25
CA SER D 38 -33.59 32.34 29.61
C SER D 38 -33.77 32.08 28.13
N THR D 39 -33.55 33.11 27.31
CA THR D 39 -33.65 32.97 25.86
C THR D 39 -32.32 32.45 25.33
N THR D 40 -32.38 31.40 24.51
CA THR D 40 -31.19 30.72 24.00
C THR D 40 -30.94 31.02 22.53
N ASP D 41 -31.44 32.17 22.06
CA ASP D 41 -31.29 32.57 20.66
C ASP D 41 -29.90 33.13 20.40
N ASP D 42 -29.68 33.69 19.21
CA ASP D 42 -28.45 34.40 18.93
C ASP D 42 -28.44 35.81 19.50
N GLY D 43 -29.56 36.52 19.37
CA GLY D 43 -29.76 37.81 20.01
C GLY D 43 -30.70 37.63 21.18
N MET D 44 -30.76 38.65 22.05
CA MET D 44 -31.54 38.67 23.30
C MET D 44 -31.12 37.57 24.27
N LYS D 45 -29.96 36.96 24.06
CA LYS D 45 -29.39 35.95 24.93
C LYS D 45 -28.23 36.49 25.76
N ARG D 46 -27.48 37.42 25.18
CA ARG D 46 -26.28 37.96 25.80
C ARG D 46 -26.59 39.29 26.51
N LEU D 47 -27.81 39.40 27.05
CA LEU D 47 -28.24 40.60 27.75
C LEU D 47 -27.55 40.74 29.11
N LYS D 48 -27.04 39.65 29.66
CA LYS D 48 -26.30 39.71 30.91
C LYS D 48 -24.81 39.98 30.74
N ASP D 49 -24.30 40.03 29.52
CA ASP D 49 -22.91 40.39 29.29
C ASP D 49 -22.73 41.76 28.66
N VAL D 50 -23.67 42.18 27.82
CA VAL D 50 -23.61 43.48 27.16
C VAL D 50 -24.74 44.29 27.79
N GLY D 51 -24.76 45.59 27.61
CA GLY D 51 -25.77 46.42 28.25
C GLY D 51 -26.97 46.60 27.34
N ASP D 52 -28.03 47.18 27.90
CA ASP D 52 -29.23 47.52 27.15
C ASP D 52 -29.31 49.02 26.94
N LYS D 53 -28.23 49.72 27.26
CA LYS D 53 -28.17 51.18 27.32
C LYS D 53 -28.57 51.90 26.03
N GLY D 54 -28.03 51.45 24.90
CA GLY D 54 -28.44 52.03 23.64
C GLY D 54 -27.28 52.46 22.76
N THR D 55 -27.36 53.70 22.28
CA THR D 55 -26.40 54.40 21.40
C THR D 55 -25.96 53.58 20.18
N LEU D 56 -26.91 52.74 19.71
CA LEU D 56 -26.87 52.00 18.46
C LEU D 56 -25.76 50.94 18.37
N ILE D 57 -25.02 50.75 19.46
CA ILE D 57 -24.04 49.67 19.55
C ILE D 57 -24.66 48.49 20.29
N THR D 58 -25.19 48.76 21.48
CA THR D 58 -25.78 47.70 22.29
C THR D 58 -27.16 47.33 21.79
N ALA D 59 -27.80 48.25 21.06
CA ALA D 59 -29.09 47.95 20.46
C ALA D 59 -28.95 47.04 19.26
N ALA D 60 -27.76 47.02 18.66
CA ALA D 60 -27.54 46.23 17.45
C ALA D 60 -27.27 44.78 17.77
N GLU D 61 -26.37 44.52 18.71
CA GLU D 61 -25.97 43.15 19.03
C GLU D 61 -27.09 42.40 19.75
N LEU D 62 -27.82 43.11 20.61
CA LEU D 62 -29.00 42.51 21.26
C LEU D 62 -30.10 42.27 20.24
N GLY D 63 -30.29 43.21 19.31
CA GLY D 63 -31.18 43.02 18.19
C GLY D 63 -32.51 43.72 18.31
N LEU D 64 -32.62 44.73 19.18
CA LEU D 64 -33.84 45.50 19.29
C LEU D 64 -34.03 46.36 18.04
N VAL D 65 -34.99 46.02 17.22
CA VAL D 65 -35.13 46.63 15.89
C VAL D 65 -35.76 48.01 15.97
N ASP D 66 -36.93 48.13 16.62
CA ASP D 66 -37.64 49.40 16.62
C ASP D 66 -37.03 50.40 17.59
N LYS D 67 -36.21 49.89 18.52
CA LYS D 67 -35.40 50.79 19.35
C LYS D 67 -34.33 51.47 18.49
N TYR D 68 -33.73 50.72 17.58
CA TYR D 68 -32.75 51.27 16.63
C TYR D 68 -33.40 52.28 15.70
N ARG D 69 -34.68 52.07 15.39
CA ARG D 69 -35.44 53.05 14.62
C ARG D 69 -35.64 54.32 15.42
N ASP D 70 -35.82 54.20 16.74
CA ASP D 70 -36.15 55.34 17.57
C ASP D 70 -34.95 56.26 17.78
N LEU D 71 -33.77 55.68 17.99
CA LEU D 71 -32.61 56.47 18.41
C LEU D 71 -32.06 57.31 17.27
N LYS D 72 -32.02 56.75 16.06
CA LYS D 72 -31.45 57.48 14.93
C LYS D 72 -32.41 58.57 14.46
N ARG D 73 -33.71 58.36 14.66
CA ARG D 73 -34.72 59.28 14.14
C ARG D 73 -34.67 60.63 14.84
N ALA D 74 -34.52 60.63 16.16
CA ALA D 74 -34.45 61.87 16.91
C ALA D 74 -33.05 62.47 16.85
N GLY D 75 -32.06 61.72 17.33
CA GLY D 75 -30.72 62.23 17.53
C GLY D 75 -29.65 61.65 16.63
N GLN D 76 -28.96 60.64 17.17
CA GLN D 76 -27.69 60.01 16.78
C GLN D 76 -27.65 59.66 15.28
N ASP D 77 -26.45 59.64 14.72
CA ASP D 77 -26.21 59.25 13.34
C ASP D 77 -25.97 57.74 13.26
N ILE D 78 -26.01 57.21 12.05
CA ILE D 78 -25.87 55.77 11.84
C ILE D 78 -24.43 55.31 12.08
N LEU D 79 -23.45 56.17 11.82
CA LEU D 79 -22.05 55.82 12.03
C LEU D 79 -21.56 56.33 13.38
N THR D 80 -21.48 55.42 14.35
CA THR D 80 -20.72 55.64 15.57
C THR D 80 -19.70 54.51 15.67
N CYS D 81 -18.84 54.58 16.68
CA CYS D 81 -17.77 53.60 16.80
C CYS D 81 -17.44 53.36 18.28
N ASP D 82 -16.78 52.23 18.52
CA ASP D 82 -16.23 51.88 19.83
C ASP D 82 -14.73 52.08 19.79
N TRP D 83 -14.14 52.36 20.95
CA TRP D 83 -12.69 52.55 20.93
C TRP D 83 -11.86 51.26 20.84
N PRO D 84 -11.95 50.28 21.76
CA PRO D 84 -10.92 49.23 21.76
C PRO D 84 -11.02 48.28 20.59
N TYR D 85 -12.23 48.02 20.11
CA TYR D 85 -12.47 47.24 18.90
C TYR D 85 -13.26 48.16 17.97
N HIS D 86 -12.62 48.63 16.91
CA HIS D 86 -13.14 49.74 16.12
C HIS D 86 -14.32 49.32 15.25
N TYR D 87 -15.42 48.94 15.91
CA TYR D 87 -16.59 48.45 15.23
C TYR D 87 -17.57 49.58 15.00
N SER D 88 -18.29 49.50 13.88
CA SER D 88 -19.31 50.49 13.57
C SER D 88 -20.58 50.22 14.38
N SER D 89 -21.67 50.84 13.95
CA SER D 89 -22.98 50.41 14.41
C SER D 89 -23.61 49.43 13.44
N ILE D 90 -23.44 49.68 12.14
CA ILE D 90 -23.96 48.79 11.10
C ILE D 90 -23.01 47.61 10.87
N LEU D 91 -21.80 47.64 11.46
CA LEU D 91 -20.92 46.48 11.36
C LEU D 91 -20.98 45.67 12.64
N TYR D 92 -21.41 46.30 13.74
CA TYR D 92 -21.58 45.57 14.98
C TYR D 92 -22.94 44.89 15.02
N ALA D 93 -23.81 45.23 14.06
CA ALA D 93 -25.08 44.56 13.92
C ALA D 93 -24.89 43.10 13.49
N CYS D 94 -24.11 42.88 12.45
CA CYS D 94 -23.96 41.54 11.91
C CYS D 94 -22.84 40.76 12.60
N TYR D 95 -22.55 41.10 13.84
CA TYR D 95 -21.68 40.26 14.65
C TYR D 95 -22.45 39.06 15.19
N GLY D 96 -23.73 39.24 15.46
CA GLY D 96 -24.55 38.16 15.98
C GLY D 96 -25.69 37.77 15.06
N ASN D 97 -25.40 37.74 13.76
CA ASN D 97 -26.35 37.57 12.62
C ASN D 97 -27.66 38.34 12.79
N GLN D 98 -27.55 39.57 13.29
CA GLN D 98 -28.71 40.47 13.32
C GLN D 98 -28.85 41.21 11.99
N TYR D 99 -29.18 40.42 10.97
CA TYR D 99 -29.42 40.95 9.63
C TYR D 99 -30.67 41.81 9.54
N LYS D 100 -31.55 41.70 10.54
CA LYS D 100 -32.85 42.36 10.47
C LYS D 100 -32.76 43.87 10.52
N ILE D 101 -31.69 44.41 11.11
CA ILE D 101 -31.50 45.84 11.09
C ILE D 101 -30.47 46.27 10.05
N LEU D 102 -29.69 45.35 9.48
CA LEU D 102 -28.99 45.64 8.24
C LEU D 102 -29.99 45.86 7.11
N GLN D 103 -31.09 45.11 7.14
CA GLN D 103 -32.15 45.32 6.17
C GLN D 103 -32.86 46.65 6.42
N MET D 104 -33.01 47.04 7.68
CA MET D 104 -33.81 48.21 8.03
C MET D 104 -33.14 49.50 7.57
N VAL D 105 -31.84 49.62 7.77
CA VAL D 105 -31.12 50.80 7.30
C VAL D 105 -31.00 50.77 5.78
N GLU D 106 -31.00 49.58 5.19
CA GLU D 106 -30.94 49.49 3.74
C GLU D 106 -32.31 49.75 3.11
N ARG D 107 -33.39 49.25 3.72
CA ARG D 107 -34.73 49.43 3.17
C ARG D 107 -35.14 50.90 3.18
N GLU D 108 -35.31 51.49 4.36
CA GLU D 108 -35.60 52.92 4.43
C GLU D 108 -34.81 53.53 5.58
N PHE D 109 -33.55 53.87 5.32
CA PHE D 109 -32.88 54.96 6.01
C PHE D 109 -31.95 55.76 5.13
N VAL D 110 -31.52 55.24 3.98
CA VAL D 110 -30.48 55.84 3.16
C VAL D 110 -30.90 55.81 1.71
N GLY D 111 -30.32 56.70 0.91
CA GLY D 111 -30.43 56.64 -0.53
C GLY D 111 -29.05 56.78 -1.12
N SER D 112 -28.96 56.86 -2.46
CA SER D 112 -27.72 57.11 -3.20
C SER D 112 -26.67 56.05 -2.91
N THR D 113 -26.87 54.82 -3.39
CA THR D 113 -26.13 53.66 -2.93
C THR D 113 -24.67 53.64 -3.39
N GLN D 114 -23.91 54.66 -3.00
CA GLN D 114 -22.47 54.61 -2.93
C GLN D 114 -22.14 54.78 -1.45
N GLU D 115 -23.06 55.43 -0.75
CA GLU D 115 -22.96 55.56 0.69
C GLU D 115 -23.43 54.28 1.39
N LEU D 116 -24.28 53.50 0.72
CA LEU D 116 -24.62 52.16 1.20
C LEU D 116 -23.40 51.26 1.27
N THR D 117 -22.48 51.41 0.32
CA THR D 117 -21.18 50.76 0.43
C THR D 117 -20.32 51.39 1.49
N ALA D 118 -20.45 52.70 1.73
CA ALA D 118 -19.60 53.39 2.69
C ALA D 118 -19.90 52.97 4.12
N MET D 119 -21.13 52.52 4.39
CA MET D 119 -21.43 51.95 5.69
C MET D 119 -20.81 50.56 5.85
N HIS D 120 -20.68 49.83 4.74
CA HIS D 120 -20.39 48.41 4.85
C HIS D 120 -18.90 48.08 4.88
N THR D 121 -18.03 49.05 4.58
CA THR D 121 -16.58 48.84 4.65
C THR D 121 -15.92 49.80 5.63
N THR D 122 -16.48 49.90 6.85
CA THR D 122 -16.00 50.90 7.79
C THR D 122 -14.77 50.43 8.56
N ARG D 123 -14.21 49.28 8.20
CA ARG D 123 -12.81 48.94 8.47
C ARG D 123 -12.40 48.89 9.95
N CYS D 124 -12.76 47.83 10.65
CA CYS D 124 -12.39 47.59 12.03
C CYS D 124 -10.87 47.64 12.27
N TRP D 125 -10.50 47.65 13.55
CA TRP D 125 -9.10 47.79 13.95
C TRP D 125 -8.23 46.60 13.53
N VAL D 126 -8.83 45.48 13.13
CA VAL D 126 -8.09 44.40 12.49
C VAL D 126 -8.32 44.38 10.98
N GLY D 127 -9.28 45.15 10.48
CA GLY D 127 -9.37 45.38 9.04
C GLY D 127 -10.60 44.83 8.35
N LYS D 128 -11.59 44.36 9.10
CA LYS D 128 -12.73 43.66 8.53
C LYS D 128 -13.68 44.62 7.81
N ASN D 129 -14.75 44.07 7.28
CA ASN D 129 -15.88 44.83 6.77
C ASN D 129 -17.14 44.11 7.23
N SER D 130 -18.26 44.41 6.60
CA SER D 130 -19.50 43.75 6.99
C SER D 130 -19.50 42.27 6.61
N ALA D 131 -18.84 41.92 5.52
CA ALA D 131 -18.88 40.53 5.04
C ALA D 131 -17.75 39.68 5.58
N MET D 132 -16.70 40.28 6.15
CA MET D 132 -15.68 39.48 6.80
C MET D 132 -15.99 39.22 8.26
N VAL D 133 -16.94 39.94 8.84
CA VAL D 133 -17.37 39.64 10.20
C VAL D 133 -18.60 38.72 10.20
N ALA D 134 -19.30 38.61 9.07
CA ALA D 134 -20.34 37.60 8.95
C ALA D 134 -19.74 36.25 8.60
N ALA D 135 -18.70 36.24 7.78
CA ALA D 135 -17.96 35.02 7.50
C ALA D 135 -16.90 34.73 8.56
N TYR D 136 -16.82 35.54 9.60
CA TYR D 136 -15.95 35.32 10.73
C TYR D 136 -16.42 34.13 11.55
N GLN D 137 -17.68 34.15 11.97
CA GLN D 137 -18.36 33.02 12.57
C GLN D 137 -19.25 32.36 11.54
N GLY D 138 -19.90 31.29 11.93
CA GLY D 138 -20.93 30.75 11.07
C GLY D 138 -22.16 31.61 11.22
N HIS D 139 -22.41 32.47 10.25
CA HIS D 139 -23.51 33.42 10.31
C HIS D 139 -24.27 33.41 9.00
N LEU D 140 -24.64 32.19 8.58
CA LEU D 140 -25.42 31.91 7.38
C LEU D 140 -26.66 32.78 7.20
N GLU D 141 -27.29 33.17 8.29
CA GLU D 141 -28.49 33.98 8.18
C GLU D 141 -28.18 35.38 7.67
N THR D 142 -27.02 35.93 8.02
CA THR D 142 -26.65 37.24 7.51
C THR D 142 -25.57 37.18 6.44
N MET D 143 -24.92 36.03 6.26
CA MET D 143 -24.01 35.87 5.13
C MET D 143 -24.76 35.90 3.82
N LEU D 144 -25.96 35.30 3.79
CA LEU D 144 -26.81 35.36 2.61
C LEU D 144 -27.29 36.77 2.32
N TYR D 145 -27.33 37.65 3.33
CA TYR D 145 -27.84 38.98 3.05
C TYR D 145 -26.83 39.84 2.32
N ILE D 146 -25.55 39.76 2.67
CA ILE D 146 -24.54 40.57 1.98
C ILE D 146 -24.28 40.03 0.59
N ILE D 147 -24.46 38.72 0.39
CA ILE D 147 -24.48 38.15 -0.96
C ILE D 147 -25.70 38.64 -1.72
N ASP D 148 -26.82 38.87 -1.02
CA ASP D 148 -28.05 39.31 -1.67
C ASP D 148 -27.92 40.73 -2.21
N LEU D 149 -27.16 41.57 -1.52
CA LEU D 149 -26.90 42.90 -2.07
C LEU D 149 -25.88 42.84 -3.19
N ASP D 150 -24.86 42.00 -3.06
CA ASP D 150 -23.79 41.93 -4.04
C ASP D 150 -24.26 41.33 -5.36
N MET D 151 -25.21 40.41 -5.31
CA MET D 151 -25.70 39.79 -6.54
C MET D 151 -26.65 40.71 -7.28
N GLN D 152 -27.41 41.55 -6.56
CA GLN D 152 -28.36 42.43 -7.20
C GLN D 152 -27.69 43.62 -7.86
N GLY D 153 -26.43 43.87 -7.57
CA GLY D 153 -25.75 45.03 -8.11
C GLY D 153 -25.97 46.24 -7.24
N LYS D 154 -26.23 46.00 -5.95
CA LYS D 154 -26.47 47.08 -5.02
C LYS D 154 -25.16 47.68 -4.52
N PHE D 155 -24.17 46.85 -4.24
CA PHE D 155 -22.86 47.37 -3.86
C PHE D 155 -22.08 47.80 -5.11
N THR D 156 -21.08 48.64 -4.89
CA THR D 156 -20.25 49.14 -5.97
C THR D 156 -18.79 48.74 -5.88
N GLU D 157 -18.37 48.05 -4.81
CA GLU D 157 -16.95 47.87 -4.55
C GLU D 157 -16.53 46.41 -4.39
N ASP D 158 -17.42 45.45 -4.65
CA ASP D 158 -17.12 44.01 -4.69
C ASP D 158 -16.54 43.54 -3.34
N LEU D 159 -17.39 43.58 -2.32
CA LEU D 159 -16.91 43.42 -0.96
C LEU D 159 -16.62 41.98 -0.56
N PHE D 160 -15.89 41.24 -1.39
CA PHE D 160 -15.43 39.92 -1.01
C PHE D 160 -14.00 39.64 -1.43
N LYS D 161 -13.42 40.41 -2.34
CA LYS D 161 -11.99 40.37 -2.61
C LYS D 161 -11.23 41.38 -1.77
N GLN D 162 -11.95 42.27 -1.07
CA GLN D 162 -11.34 43.25 -0.18
C GLN D 162 -10.70 42.52 0.99
N ARG D 163 -9.38 42.48 1.02
CA ARG D 163 -8.69 41.84 2.12
C ARG D 163 -8.68 42.75 3.34
N ASP D 164 -8.58 42.15 4.51
CA ASP D 164 -8.32 42.90 5.73
C ASP D 164 -6.84 43.24 5.82
N VAL D 165 -6.44 43.92 6.89
CA VAL D 165 -5.00 43.99 7.12
C VAL D 165 -4.58 42.81 7.99
N MET D 166 -4.65 41.62 7.39
CA MET D 166 -4.13 40.41 7.98
C MET D 166 -3.54 39.54 6.87
N GLY D 167 -4.06 39.74 5.66
CA GLY D 167 -3.88 38.81 4.56
C GLY D 167 -5.05 37.88 4.33
N LYS D 168 -6.03 37.86 5.24
CA LYS D 168 -7.19 36.99 5.11
C LYS D 168 -8.22 37.61 4.16
N ASN D 169 -9.41 37.01 4.17
CA ASN D 169 -10.48 37.34 3.24
C ASN D 169 -11.75 36.73 3.84
N ALA D 170 -12.91 37.17 3.32
CA ALA D 170 -14.17 36.59 3.75
C ALA D 170 -14.25 35.11 3.42
N MET D 171 -13.75 34.71 2.25
CA MET D 171 -13.70 33.30 1.91
C MET D 171 -12.62 32.58 2.70
N MET D 172 -11.57 33.27 3.08
CA MET D 172 -10.49 32.66 3.85
C MET D 172 -10.73 32.73 5.35
N TRP D 173 -11.76 33.43 5.81
CA TRP D 173 -12.06 33.44 7.24
C TRP D 173 -12.86 32.20 7.65
N ALA D 174 -13.89 31.87 6.88
CA ALA D 174 -14.71 30.71 7.17
C ALA D 174 -13.97 29.40 6.95
N ALA D 175 -12.92 29.40 6.14
CA ALA D 175 -12.14 28.19 5.94
C ALA D 175 -11.15 27.96 7.07
N SER D 176 -10.63 29.02 7.67
CA SER D 176 -9.68 28.87 8.76
C SER D 176 -10.41 28.52 10.05
N GLN D 177 -11.58 29.11 10.25
CA GLN D 177 -12.35 28.86 11.46
C GLN D 177 -12.96 27.47 11.45
N GLY D 178 -13.30 26.97 10.26
CA GLY D 178 -13.88 25.64 10.12
C GLY D 178 -15.35 25.63 9.76
N HIS D 179 -15.98 26.78 9.58
CA HIS D 179 -17.44 26.86 9.46
C HIS D 179 -17.87 26.44 8.07
N THR D 180 -18.13 25.13 7.94
CA THR D 180 -18.42 24.51 6.65
C THR D 180 -19.75 24.98 6.08
N ASP D 181 -20.70 25.32 6.95
CA ASP D 181 -22.02 25.72 6.50
C ASP D 181 -22.02 27.07 5.80
N THR D 182 -21.02 27.92 6.07
CA THR D 182 -20.97 29.21 5.40
C THR D 182 -19.78 29.33 4.45
N ILE D 183 -18.93 28.31 4.39
CA ILE D 183 -17.93 28.23 3.32
C ILE D 183 -18.64 28.10 1.98
N GLU D 184 -19.62 27.21 1.92
CA GLU D 184 -20.21 26.79 0.67
C GLU D 184 -21.00 27.90 0.00
N VAL D 185 -21.68 28.73 0.79
CA VAL D 185 -22.47 29.82 0.23
C VAL D 185 -21.57 30.87 -0.41
N LEU D 186 -20.33 30.99 0.06
CA LEU D 186 -19.38 31.87 -0.62
C LEU D 186 -18.85 31.26 -1.90
N LEU D 187 -18.78 29.93 -1.98
CA LEU D 187 -18.35 29.29 -3.21
C LEU D 187 -19.42 29.41 -4.28
N VAL D 188 -20.68 29.16 -3.92
CA VAL D 188 -21.77 29.21 -4.89
C VAL D 188 -22.01 30.64 -5.38
N ARG D 189 -21.61 31.63 -4.59
CA ARG D 189 -21.52 32.98 -5.15
C ARG D 189 -20.42 33.05 -6.20
N SER D 190 -19.23 32.56 -5.87
CA SER D 190 -18.10 32.72 -6.76
C SER D 190 -18.20 31.82 -7.99
N LEU D 191 -18.97 30.73 -7.90
CA LEU D 191 -19.27 29.98 -9.11
C LEU D 191 -20.29 30.70 -9.97
N TYR D 192 -21.19 31.46 -9.35
CA TYR D 192 -22.19 32.18 -10.12
C TYR D 192 -21.59 33.39 -10.82
N ARG D 193 -20.62 34.04 -10.18
CA ARG D 193 -19.92 35.16 -10.79
C ARG D 193 -18.94 34.72 -11.87
N LEU D 194 -18.67 33.42 -11.99
CA LEU D 194 -17.82 32.91 -13.05
C LEU D 194 -18.49 33.10 -14.40
N LEU D 195 -19.66 32.49 -14.57
CA LEU D 195 -20.38 32.51 -15.83
C LEU D 195 -20.84 33.93 -16.17
N PRO D 196 -20.90 34.29 -17.45
CA PRO D 196 -21.29 35.65 -17.82
C PRO D 196 -22.78 35.89 -17.61
N GLU D 197 -23.15 37.16 -17.70
CA GLU D 197 -24.53 37.58 -17.52
C GLU D 197 -25.17 38.01 -18.83
N ASP D 198 -24.67 37.52 -19.97
CA ASP D 198 -25.23 37.91 -21.25
C ASP D 198 -25.33 36.72 -22.21
N CYS D 199 -25.07 35.50 -21.75
CA CYS D 199 -25.05 34.34 -22.64
C CYS D 199 -26.47 33.86 -22.90
N ALA D 200 -26.99 34.17 -24.09
CA ALA D 200 -28.29 33.65 -24.53
C ALA D 200 -28.16 32.19 -24.91
N ASP D 201 -28.17 31.31 -23.91
CA ASP D 201 -27.88 29.91 -24.06
C ASP D 201 -28.93 29.07 -23.35
N PRO D 202 -29.21 27.86 -23.81
CA PRO D 202 -30.10 26.97 -23.04
C PRO D 202 -29.43 26.33 -21.85
N LEU D 203 -28.11 26.36 -21.76
CA LEU D 203 -27.40 25.64 -20.71
C LEU D 203 -26.57 26.54 -19.81
N VAL D 204 -26.23 27.75 -20.25
CA VAL D 204 -25.64 28.69 -19.32
C VAL D 204 -26.72 29.32 -18.44
N LEU D 205 -27.91 29.56 -18.98
CA LEU D 205 -29.01 30.06 -18.19
C LEU D 205 -29.64 28.99 -17.30
N LYS D 206 -29.34 27.72 -17.55
CA LYS D 206 -29.85 26.68 -16.66
C LYS D 206 -29.03 26.63 -15.38
N THR D 207 -27.73 26.41 -15.49
CA THR D 207 -26.86 26.27 -14.33
C THR D 207 -26.51 27.61 -13.69
N ARG D 208 -27.00 28.73 -14.23
CA ARG D 208 -27.03 29.93 -13.42
C ARG D 208 -28.23 29.91 -12.48
N TRP D 209 -29.36 29.39 -12.96
CA TRP D 209 -30.55 29.27 -12.13
C TRP D 209 -30.44 28.11 -11.15
N LYS D 210 -29.67 27.09 -11.50
CA LYS D 210 -29.43 25.96 -10.61
C LYS D 210 -28.38 26.26 -9.54
N LEU D 211 -27.77 27.45 -9.57
CA LEU D 211 -26.84 27.88 -8.55
C LEU D 211 -27.46 28.91 -7.60
N VAL D 212 -28.23 29.86 -8.15
CA VAL D 212 -28.87 30.85 -7.30
C VAL D 212 -29.99 30.21 -6.49
N SER D 213 -30.67 29.21 -7.06
CA SER D 213 -31.68 28.49 -6.30
C SER D 213 -31.08 27.58 -5.24
N LEU D 214 -29.80 27.24 -5.35
CA LEU D 214 -29.14 26.50 -4.28
C LEU D 214 -28.91 27.35 -3.04
N LEU D 215 -28.91 28.68 -3.19
CA LEU D 215 -28.84 29.57 -2.05
C LEU D 215 -30.20 29.97 -1.52
N ALA D 216 -31.20 30.10 -2.40
CA ALA D 216 -32.56 30.35 -1.96
C ALA D 216 -33.17 29.15 -1.25
N ASP D 217 -32.63 27.95 -1.45
CA ASP D 217 -32.96 26.83 -0.57
C ASP D 217 -32.15 26.89 0.72
N LEU D 218 -30.94 27.46 0.67
CA LEU D 218 -30.13 27.50 1.89
C LEU D 218 -30.58 28.62 2.82
N ALA D 219 -31.43 29.52 2.35
CA ALA D 219 -32.02 30.51 3.26
C ALA D 219 -33.36 29.99 3.78
N SER D 220 -34.35 29.86 2.89
CA SER D 220 -35.66 29.23 3.09
C SER D 220 -36.51 29.84 4.21
N HIS D 221 -36.03 30.90 4.84
CA HIS D 221 -36.69 31.57 5.96
C HIS D 221 -36.24 33.04 5.93
N CYS D 222 -36.17 33.73 7.07
CA CYS D 222 -35.87 35.17 7.20
C CYS D 222 -36.96 36.02 6.58
N ARG D 223 -38.13 35.91 7.19
CA ARG D 223 -39.20 36.90 6.98
C ARG D 223 -38.68 38.19 7.60
N ASP D 224 -38.18 39.07 6.71
CA ASP D 224 -36.99 39.93 6.88
C ASP D 224 -37.01 40.73 8.18
N TYR D 225 -37.86 41.74 8.33
CA TYR D 225 -37.92 42.45 9.60
C TYR D 225 -39.31 42.97 9.94
N ASP D 226 -40.32 42.66 9.14
CA ASP D 226 -41.60 43.37 9.18
C ASP D 226 -42.65 42.49 8.52
N PRO D 227 -43.93 42.88 8.50
CA PRO D 227 -44.93 42.14 7.70
C PRO D 227 -44.87 42.37 6.19
N GLY D 228 -43.76 42.90 5.64
CA GLY D 228 -43.52 42.96 4.21
C GLY D 228 -43.63 41.62 3.51
N CYS D 229 -43.88 41.62 2.19
CA CYS D 229 -44.44 40.46 1.51
C CYS D 229 -43.47 39.31 1.29
N SER D 230 -42.86 38.85 2.39
CA SER D 230 -42.24 37.54 2.60
C SER D 230 -40.93 37.31 1.85
N ARG D 231 -40.62 38.13 0.83
CA ARG D 231 -39.32 38.44 0.19
C ARG D 231 -38.34 37.28 0.17
N SER D 232 -38.66 36.15 -0.49
CA SER D 232 -38.31 34.77 -0.11
C SER D 232 -36.89 34.58 0.39
N PHE D 233 -35.87 34.75 -0.46
CA PHE D 233 -34.71 35.54 -0.02
C PHE D 233 -34.12 36.31 -1.20
N PHE D 234 -34.32 35.79 -2.40
CA PHE D 234 -33.67 36.27 -3.63
C PHE D 234 -34.70 36.49 -4.72
N GLN D 235 -35.79 37.20 -4.40
CA GLN D 235 -36.90 37.27 -5.33
C GLN D 235 -36.65 38.20 -6.52
N GLU D 236 -35.50 38.88 -6.57
CA GLU D 236 -35.16 39.72 -7.72
C GLU D 236 -33.84 39.29 -8.36
N VAL D 237 -33.38 38.08 -8.08
CA VAL D 237 -32.27 37.47 -8.81
C VAL D 237 -32.74 36.26 -9.61
N LEU D 238 -33.60 35.42 -9.02
CA LEU D 238 -34.23 34.34 -9.77
C LEU D 238 -35.12 34.88 -10.88
N ALA D 239 -35.76 36.02 -10.66
CA ALA D 239 -36.59 36.64 -11.69
C ALA D 239 -35.78 37.44 -12.70
N SER D 240 -34.45 37.45 -12.57
CA SER D 240 -33.58 38.12 -13.53
C SER D 240 -32.70 37.13 -14.28
N ILE D 241 -33.25 35.97 -14.64
CA ILE D 241 -32.44 34.89 -15.17
C ILE D 241 -32.95 34.35 -16.51
N LYS D 242 -34.23 34.59 -16.86
CA LYS D 242 -34.88 34.12 -18.09
C LYS D 242 -34.75 32.61 -18.27
N TYR D 243 -35.35 31.88 -17.32
CA TYR D 243 -35.31 30.43 -17.34
C TYR D 243 -36.55 29.88 -16.65
N ASP D 244 -37.28 29.01 -17.34
CA ASP D 244 -38.42 28.32 -16.74
C ASP D 244 -38.11 26.83 -16.72
N PRO D 245 -37.98 26.19 -15.55
CA PRO D 245 -37.52 24.79 -15.53
C PRO D 245 -38.62 23.76 -15.73
N VAL D 246 -39.55 24.03 -16.64
CA VAL D 246 -40.52 23.04 -17.10
C VAL D 246 -40.45 23.06 -18.62
N GLU D 247 -39.91 24.16 -19.16
CA GLU D 247 -39.65 24.29 -20.58
C GLU D 247 -38.22 23.94 -20.95
N GLY D 248 -37.32 23.93 -19.97
CA GLY D 248 -35.93 23.58 -20.23
C GLY D 248 -35.73 22.09 -20.28
N ALA D 249 -36.44 21.35 -19.42
CA ALA D 249 -36.29 19.90 -19.38
C ALA D 249 -36.90 19.21 -20.58
N ARG D 250 -37.98 19.76 -21.14
CA ARG D 250 -38.69 19.06 -22.21
C ARG D 250 -37.94 19.12 -23.53
N GLN D 251 -37.22 20.21 -23.79
CA GLN D 251 -36.40 20.31 -24.99
C GLN D 251 -34.98 19.80 -24.77
N GLU D 252 -34.74 19.10 -23.66
CA GLU D 252 -33.45 18.46 -23.40
C GLU D 252 -33.55 16.95 -23.34
N GLU D 253 -34.55 16.41 -22.64
CA GLU D 253 -34.71 14.96 -22.56
C GLU D 253 -35.23 14.36 -23.85
N ALA D 254 -35.83 15.18 -24.72
CA ALA D 254 -36.33 14.69 -26.00
C ALA D 254 -35.30 14.86 -27.11
N ALA D 255 -34.44 15.87 -27.01
CA ALA D 255 -33.35 16.01 -27.98
C ALA D 255 -32.24 15.01 -27.70
N ALA D 256 -32.11 14.58 -26.45
CA ALA D 256 -31.18 13.51 -26.10
C ALA D 256 -31.73 12.12 -26.44
N ALA D 257 -33.00 12.03 -26.85
CA ALA D 257 -33.55 10.79 -27.37
C ALA D 257 -33.25 10.59 -28.84
N GLY D 258 -32.74 11.62 -29.51
CA GLY D 258 -32.29 11.49 -30.88
C GLY D 258 -30.80 11.20 -30.95
N GLY D 259 -30.25 10.68 -29.87
CA GLY D 259 -28.83 10.41 -29.77
C GLY D 259 -28.02 11.60 -29.30
N GLY D 260 -28.14 12.72 -29.99
CA GLY D 260 -27.36 13.87 -29.63
C GLY D 260 -28.00 15.16 -30.10
N GLY D 261 -27.21 16.23 -30.01
CA GLY D 261 -27.65 17.53 -30.46
C GLY D 261 -28.52 18.28 -29.49
N SER D 262 -28.52 17.91 -28.21
CA SER D 262 -29.30 18.64 -27.22
C SER D 262 -28.66 19.99 -26.94
N ALA D 263 -27.45 19.96 -26.38
CA ALA D 263 -26.63 21.14 -26.25
C ALA D 263 -25.32 21.02 -27.02
N ARG D 264 -24.53 20.00 -26.67
CA ARG D 264 -23.19 19.79 -27.21
C ARG D 264 -22.77 18.38 -26.81
N GLU D 265 -22.35 17.56 -27.80
CA GLU D 265 -22.15 16.10 -27.70
C GLU D 265 -23.24 15.38 -26.89
N GLY D 266 -24.50 15.72 -27.16
CA GLY D 266 -25.60 14.95 -26.63
C GLY D 266 -25.93 15.16 -25.17
N ALA D 267 -26.43 16.35 -24.83
CA ALA D 267 -26.88 16.72 -23.48
C ALA D 267 -25.76 16.59 -22.46
N ALA D 268 -24.77 17.50 -22.61
CA ALA D 268 -23.47 17.47 -21.92
C ALA D 268 -23.55 17.55 -20.40
N LEU D 269 -24.71 17.70 -19.76
CA LEU D 269 -24.83 17.56 -18.32
C LEU D 269 -26.13 16.85 -17.93
N HIS D 270 -26.74 16.14 -18.88
CA HIS D 270 -27.94 15.35 -18.63
C HIS D 270 -27.60 13.88 -18.79
N GLU D 271 -28.14 13.06 -17.88
CA GLU D 271 -27.88 11.64 -17.86
C GLU D 271 -29.15 10.94 -17.40
N PRO D 272 -29.43 9.72 -17.89
CA PRO D 272 -30.72 9.09 -17.63
C PRO D 272 -30.81 8.61 -16.18
N THR D 273 -31.92 8.93 -15.54
CA THR D 273 -32.15 8.58 -14.15
C THR D 273 -33.45 7.79 -14.03
N TRP D 274 -33.41 6.75 -13.19
CA TRP D 274 -34.52 5.83 -13.02
C TRP D 274 -35.30 6.05 -11.73
N GLY D 275 -34.64 6.06 -10.59
CA GLY D 275 -35.35 6.14 -9.32
C GLY D 275 -34.75 5.21 -8.28
N VAL D 276 -34.42 5.77 -7.11
CA VAL D 276 -33.72 5.04 -6.07
C VAL D 276 -34.68 4.59 -4.97
N ASP D 277 -35.87 5.18 -4.92
CA ASP D 277 -36.82 5.07 -3.81
C ASP D 277 -37.57 3.74 -3.78
N ASP D 278 -38.69 3.74 -3.03
CA ASP D 278 -39.57 2.60 -2.76
C ASP D 278 -38.87 1.52 -1.97
N GLY D 279 -38.47 1.85 -0.74
CA GLY D 279 -37.97 0.85 0.18
C GLY D 279 -39.07 0.18 0.98
N GLU D 280 -38.93 0.17 2.29
CA GLU D 280 -39.94 -0.42 3.17
C GLU D 280 -40.75 0.64 3.90
N LEU D 327 -36.02 20.96 -3.60
CA LEU D 327 -34.90 20.58 -2.74
C LEU D 327 -34.66 19.08 -2.83
N LYS D 328 -33.56 18.71 -3.50
CA LYS D 328 -33.08 17.33 -3.48
C LYS D 328 -31.79 17.19 -2.69
N ASP D 329 -30.82 18.07 -2.94
CA ASP D 329 -29.64 18.21 -2.09
C ASP D 329 -29.22 19.67 -2.11
N VAL D 330 -28.70 20.13 -0.98
CA VAL D 330 -28.24 21.51 -0.87
C VAL D 330 -26.76 21.54 -0.51
N HIS D 331 -26.03 20.55 -1.00
CA HIS D 331 -24.58 20.54 -0.90
C HIS D 331 -24.00 20.35 -2.30
N ILE D 332 -22.77 20.81 -2.48
CA ILE D 332 -22.15 20.81 -3.81
C ILE D 332 -21.69 19.40 -4.15
N THR D 333 -22.21 18.86 -5.25
CA THR D 333 -21.92 17.53 -5.72
C THR D 333 -20.93 17.66 -6.88
N VAL D 334 -20.36 16.55 -7.34
CA VAL D 334 -19.47 16.58 -8.48
C VAL D 334 -20.22 16.95 -9.75
N ARG D 335 -21.50 16.59 -9.83
CA ARG D 335 -22.27 16.85 -11.03
C ARG D 335 -22.60 18.32 -11.25
N THR D 336 -22.45 19.16 -10.24
CA THR D 336 -22.61 20.59 -10.46
C THR D 336 -21.30 21.26 -10.84
N LEU D 337 -20.18 20.54 -10.78
CA LEU D 337 -18.93 21.07 -11.31
C LEU D 337 -18.71 20.70 -12.76
N GLN D 338 -19.31 19.62 -13.25
CA GLN D 338 -19.41 19.51 -14.70
C GLN D 338 -20.56 20.34 -15.25
N GLY D 339 -21.42 20.86 -14.39
CA GLY D 339 -22.38 21.83 -14.85
C GLY D 339 -21.82 23.22 -14.95
N VAL D 340 -20.61 23.42 -14.45
CA VAL D 340 -19.93 24.71 -14.55
C VAL D 340 -18.87 24.68 -15.64
N ILE D 341 -18.00 23.66 -15.62
CA ILE D 341 -16.87 23.54 -16.55
C ILE D 341 -17.37 23.38 -17.99
N VAL D 342 -18.41 22.58 -18.18
CA VAL D 342 -19.06 22.50 -19.49
C VAL D 342 -19.69 23.84 -19.83
N SER D 343 -20.47 24.41 -18.92
CA SER D 343 -21.23 25.61 -19.24
C SER D 343 -20.41 26.88 -19.17
N ALA D 344 -19.17 26.83 -18.67
CA ALA D 344 -18.26 27.93 -18.91
C ALA D 344 -17.54 27.77 -20.24
N TYR D 345 -17.38 26.54 -20.72
CA TYR D 345 -16.78 26.32 -22.03
C TYR D 345 -17.75 26.73 -23.13
N ARG D 346 -19.04 26.46 -22.95
CA ARG D 346 -20.04 26.88 -23.94
C ARG D 346 -20.20 28.39 -23.97
N ALA D 347 -19.89 29.06 -22.86
CA ALA D 347 -20.03 30.50 -22.77
C ALA D 347 -18.96 31.25 -23.56
N GLY D 348 -17.83 30.59 -23.85
CA GLY D 348 -16.78 31.22 -24.63
C GLY D 348 -15.44 31.24 -23.94
N MET D 349 -15.38 30.73 -22.71
CA MET D 349 -14.18 30.80 -21.92
C MET D 349 -13.22 29.67 -22.28
N ASN D 350 -12.16 29.55 -21.49
CA ASN D 350 -11.17 28.50 -21.68
C ASN D 350 -11.48 27.35 -20.74
N CYS D 351 -11.72 26.16 -21.31
CA CYS D 351 -12.07 25.00 -20.50
C CYS D 351 -10.91 24.49 -19.66
N MET D 352 -9.68 24.86 -20.00
CA MET D 352 -8.56 24.53 -19.14
C MET D 352 -8.42 25.52 -18.00
N GLY D 353 -8.81 26.78 -18.22
CA GLY D 353 -8.68 27.78 -17.19
C GLY D 353 -9.73 27.66 -16.11
N VAL D 354 -10.95 27.27 -16.48
CA VAL D 354 -12.04 27.15 -15.51
C VAL D 354 -11.77 25.99 -14.57
N ILE D 355 -11.17 24.90 -15.06
CA ILE D 355 -10.73 23.83 -14.18
C ILE D 355 -9.60 24.32 -13.27
N MET D 356 -8.76 25.22 -13.77
CA MET D 356 -7.74 25.81 -12.93
C MET D 356 -8.28 26.84 -11.98
N TYR D 357 -9.43 27.43 -12.29
CA TYR D 357 -10.02 28.43 -11.40
C TYR D 357 -10.98 27.80 -10.41
N CYS D 358 -11.79 26.83 -10.84
CA CYS D 358 -12.67 26.12 -9.92
C CYS D 358 -11.91 25.27 -8.93
N GLN D 359 -10.67 24.92 -9.21
CA GLN D 359 -9.85 24.20 -8.25
C GLN D 359 -9.15 25.13 -7.28
N SER D 360 -8.84 26.36 -7.68
CA SER D 360 -8.24 27.30 -6.76
C SER D 360 -9.21 27.81 -5.70
N LEU D 361 -10.52 27.75 -5.98
CA LEU D 361 -11.51 28.04 -4.95
C LEU D 361 -11.54 26.96 -3.89
N LEU D 362 -11.56 25.69 -4.31
CA LEU D 362 -11.65 24.60 -3.35
C LEU D 362 -10.33 24.29 -2.68
N GLN D 363 -9.22 24.84 -3.16
CA GLN D 363 -7.98 24.72 -2.41
C GLN D 363 -7.97 25.66 -1.21
N GLN D 364 -8.70 26.77 -1.31
CA GLN D 364 -8.80 27.72 -0.19
C GLN D 364 -10.10 27.57 0.58
N ALA D 365 -10.88 26.53 0.30
CA ALA D 365 -11.99 26.17 1.17
C ALA D 365 -11.59 25.13 2.21
N ARG D 366 -10.54 24.35 1.93
CA ARG D 366 -9.81 23.49 2.88
C ARG D 366 -10.62 22.28 3.36
N TYR D 367 -11.87 22.13 2.94
CA TYR D 367 -12.69 21.02 3.38
C TYR D 367 -13.26 20.19 2.24
N PHE D 368 -13.12 20.63 1.00
CA PHE D 368 -13.67 19.90 -0.15
C PHE D 368 -12.58 19.11 -0.85
N ASP D 369 -12.02 18.12 -0.13
CA ASP D 369 -10.97 17.31 -0.71
C ASP D 369 -11.49 16.15 -1.55
N ASP D 370 -12.81 16.00 -1.67
CA ASP D 370 -13.40 15.13 -2.67
C ASP D 370 -13.58 15.86 -3.99
N LEU D 371 -13.48 17.18 -3.98
CA LEU D 371 -13.61 17.98 -5.18
C LEU D 371 -12.33 18.72 -5.55
N VAL D 372 -11.32 18.71 -4.70
CA VAL D 372 -9.98 19.07 -5.15
C VAL D 372 -9.36 17.91 -5.89
N ALA D 373 -9.46 16.71 -5.33
CA ALA D 373 -8.87 15.53 -5.95
C ALA D 373 -9.70 14.97 -7.09
N GLN D 374 -10.84 15.57 -7.42
CA GLN D 374 -11.50 15.27 -8.68
C GLN D 374 -11.17 16.28 -9.75
N LEU D 375 -11.06 17.55 -9.38
CA LEU D 375 -10.65 18.58 -10.34
C LEU D 375 -9.19 18.46 -10.72
N THR D 376 -8.33 18.04 -9.79
CA THR D 376 -6.95 17.72 -10.14
C THR D 376 -6.88 16.53 -11.07
N ALA D 377 -7.74 15.54 -10.89
CA ALA D 377 -7.82 14.40 -11.79
C ALA D 377 -8.73 14.65 -12.98
N TRP D 378 -9.17 15.89 -13.20
CA TRP D 378 -9.80 16.26 -14.46
C TRP D 378 -8.89 17.10 -15.33
N GLU D 379 -7.90 17.77 -14.73
CA GLU D 379 -6.98 18.58 -15.52
C GLU D 379 -5.80 17.76 -16.02
N VAL D 380 -5.57 16.58 -15.45
CA VAL D 380 -4.63 15.66 -16.07
C VAL D 380 -5.35 14.77 -17.08
N LYS D 381 -6.65 14.56 -16.89
CA LYS D 381 -7.42 13.78 -17.86
C LYS D 381 -7.68 14.57 -19.14
N LEU D 382 -7.79 15.89 -19.05
CA LEU D 382 -7.88 16.67 -20.28
C LEU D 382 -6.54 16.73 -21.01
N LEU D 383 -5.44 16.83 -20.26
CA LEU D 383 -4.12 16.89 -20.90
C LEU D 383 -3.77 15.58 -21.57
N ASP D 384 -4.25 14.46 -21.05
CA ASP D 384 -4.01 13.18 -21.69
C ASP D 384 -4.92 12.96 -22.90
N THR D 385 -5.97 13.76 -23.04
CA THR D 385 -6.85 13.61 -24.20
C THR D 385 -6.18 14.14 -25.46
N CYS D 386 -5.29 15.12 -25.33
CA CYS D 386 -4.52 15.62 -26.46
C CYS D 386 -3.54 14.57 -26.92
N ARG D 387 -3.52 14.31 -28.23
CA ARG D 387 -2.72 13.24 -28.79
C ARG D 387 -1.42 13.70 -29.43
N ASN D 388 -1.31 14.96 -29.82
CA ASN D 388 -0.08 15.50 -30.39
C ASN D 388 0.26 16.84 -29.75
N LYS D 389 1.24 17.53 -30.33
CA LYS D 389 1.74 18.77 -29.75
C LYS D 389 0.85 19.96 -30.11
N GLN D 390 0.27 19.96 -31.31
CA GLN D 390 -0.58 21.07 -31.73
C GLN D 390 -1.87 21.11 -30.93
N GLU D 391 -2.34 19.97 -30.44
CA GLU D 391 -3.52 19.95 -29.60
C GLU D 391 -3.22 20.21 -28.14
N VAL D 392 -1.94 20.40 -27.78
CA VAL D 392 -1.61 20.85 -26.44
C VAL D 392 -1.59 22.36 -26.39
N GLN D 393 -1.02 22.99 -27.40
CA GLN D 393 -0.99 24.44 -27.47
C GLN D 393 -2.20 25.02 -28.17
N ALA D 394 -3.25 24.24 -28.35
CA ALA D 394 -4.51 24.77 -28.85
C ALA D 394 -5.46 25.10 -27.72
N ILE D 395 -5.36 24.38 -26.62
CA ILE D 395 -6.17 24.64 -25.43
C ILE D 395 -5.46 25.51 -24.41
N LEU D 396 -4.13 25.60 -24.47
CA LEU D 396 -3.33 26.35 -23.52
C LEU D 396 -2.92 27.72 -24.05
N ALA D 397 -3.50 28.18 -25.15
CA ALA D 397 -3.06 29.40 -25.79
C ALA D 397 -4.14 30.46 -25.68
N PRO D 398 -3.82 31.67 -25.26
CA PRO D 398 -4.81 32.74 -25.25
C PRO D 398 -5.06 33.31 -26.63
N THR D 399 -6.28 33.22 -27.13
CA THR D 399 -6.59 33.86 -28.41
C THR D 399 -6.97 35.32 -28.15
N GLU D 400 -7.44 36.01 -29.18
CA GLU D 400 -7.89 37.37 -28.99
C GLU D 400 -9.28 37.44 -28.37
N ASP D 401 -10.08 36.38 -28.50
CA ASP D 401 -11.42 36.37 -27.94
C ASP D 401 -11.37 36.23 -26.43
N ASP D 402 -10.77 35.14 -25.94
CA ASP D 402 -10.62 34.87 -24.52
C ASP D 402 -9.13 34.88 -24.17
N PRO D 403 -8.56 36.02 -23.83
CA PRO D 403 -7.13 36.12 -23.57
C PRO D 403 -6.70 35.59 -22.20
N SER D 404 -7.10 34.37 -21.91
CA SER D 404 -6.93 33.78 -20.58
C SER D 404 -5.91 32.66 -20.69
N GLU D 405 -4.68 32.93 -20.31
CA GLU D 405 -3.67 31.89 -20.39
C GLU D 405 -3.76 30.98 -19.18
N PRO D 406 -3.84 29.67 -19.35
CA PRO D 406 -3.76 28.77 -18.21
C PRO D 406 -2.35 28.33 -17.87
N VAL D 407 -1.35 28.56 -18.73
CA VAL D 407 0.01 28.21 -18.37
C VAL D 407 0.53 29.17 -17.31
N GLY D 408 0.26 30.47 -17.49
CA GLY D 408 0.75 31.46 -16.55
C GLY D 408 0.02 31.40 -15.22
N TYR D 409 -1.20 30.88 -15.21
CA TYR D 409 -1.89 30.69 -13.95
C TYR D 409 -1.37 29.46 -13.21
N ALA D 410 -0.79 28.50 -13.93
CA ALA D 410 -0.19 27.35 -13.26
C ALA D 410 1.13 27.70 -12.60
N LEU D 411 1.86 28.67 -13.15
CA LEU D 411 3.07 29.11 -12.49
C LEU D 411 2.76 30.02 -11.31
N ALA D 412 1.61 30.66 -11.30
CA ALA D 412 1.26 31.62 -10.26
C ALA D 412 0.58 30.99 -9.06
N THR D 413 0.02 29.79 -9.20
CA THR D 413 -0.57 29.09 -8.07
C THR D 413 0.19 27.81 -7.72
N PHE D 414 1.37 27.62 -8.29
CA PHE D 414 2.27 26.49 -8.01
C PHE D 414 1.59 25.14 -8.27
N ASP D 415 0.92 25.03 -9.40
CA ASP D 415 0.21 23.81 -9.77
C ASP D 415 1.21 22.73 -10.13
N LYS D 416 1.19 21.61 -9.41
CA LYS D 416 2.18 20.56 -9.63
C LYS D 416 1.68 19.43 -10.52
N ALA D 417 0.41 19.08 -10.44
CA ALA D 417 -0.11 17.99 -11.24
C ALA D 417 -0.34 18.37 -12.69
N PHE D 418 -0.35 19.66 -13.00
CA PHE D 418 -0.43 20.15 -14.37
C PHE D 418 0.97 20.30 -14.95
N LEU D 419 1.81 21.08 -14.29
CA LEU D 419 3.14 21.45 -14.77
C LEU D 419 4.11 20.29 -14.86
N SER D 420 3.82 19.15 -14.24
CA SER D 420 4.69 18.00 -14.33
C SER D 420 4.24 16.97 -15.34
N HIS D 421 3.14 17.23 -16.05
CA HIS D 421 2.67 16.32 -17.07
C HIS D 421 3.63 16.30 -18.26
N LYS D 422 3.62 15.22 -19.01
CA LYS D 422 4.63 15.05 -20.06
C LYS D 422 4.29 15.81 -21.32
N PHE D 423 3.07 16.32 -21.47
CA PHE D 423 2.73 17.15 -22.60
C PHE D 423 2.95 18.63 -22.32
N VAL D 424 2.98 19.00 -21.05
CA VAL D 424 3.35 20.37 -20.67
C VAL D 424 4.85 20.48 -20.43
N GLN D 425 5.51 19.39 -20.06
CA GLN D 425 6.96 19.40 -19.98
C GLN D 425 7.60 19.45 -21.36
N GLN D 426 6.85 19.08 -22.39
CA GLN D 426 7.38 19.16 -23.74
C GLN D 426 7.31 20.57 -24.29
N ILE D 427 6.23 21.30 -24.03
CA ILE D 427 6.07 22.63 -24.63
C ILE D 427 7.01 23.64 -24.01
N PHE D 428 7.54 23.36 -22.82
CA PHE D 428 8.57 24.24 -22.29
C PHE D 428 9.92 23.93 -22.92
N THR D 429 10.23 22.66 -23.12
CA THR D 429 11.49 22.19 -23.68
C THR D 429 11.66 22.58 -25.16
N GLU D 430 10.58 22.86 -25.88
CA GLU D 430 10.69 23.32 -27.26
C GLU D 430 10.97 24.82 -27.36
N LYS D 431 10.61 25.59 -26.34
CA LYS D 431 10.96 27.00 -26.31
C LYS D 431 12.33 27.20 -25.69
N TRP D 432 12.70 26.33 -24.75
CA TRP D 432 13.90 26.48 -23.95
C TRP D 432 15.15 25.91 -24.61
N ASP D 433 15.02 24.87 -25.43
CA ASP D 433 16.18 24.19 -25.99
C ASP D 433 16.29 24.31 -27.50
N THR D 434 15.28 23.84 -28.23
CA THR D 434 15.00 23.96 -29.67
C THR D 434 16.14 23.56 -30.61
N MET D 435 17.19 22.95 -30.09
CA MET D 435 18.29 22.47 -30.92
C MET D 435 18.87 21.15 -30.45
N GLY D 436 18.32 20.53 -29.40
CA GLY D 436 18.85 19.27 -28.91
C GLY D 436 20.24 19.37 -28.31
N VAL D 437 20.60 20.53 -27.75
CA VAL D 437 21.91 20.69 -27.13
C VAL D 437 21.99 19.86 -25.86
N THR D 438 20.87 19.68 -25.16
CA THR D 438 20.82 18.76 -24.03
C THR D 438 20.67 17.31 -24.45
N ASP D 439 20.61 17.03 -25.76
CA ASP D 439 20.56 15.66 -26.25
C ASP D 439 21.92 15.14 -26.69
N TYR D 440 22.88 16.01 -26.93
CA TYR D 440 24.25 15.59 -27.23
C TYR D 440 25.03 15.32 -25.94
N THR D 441 24.46 14.50 -25.06
CA THR D 441 25.07 14.13 -23.79
C THR D 441 25.07 12.63 -23.57
N LYS D 442 24.05 11.93 -24.04
CA LYS D 442 24.00 10.46 -23.90
C LYS D 442 24.72 9.81 -25.08
N SER D 443 26.00 10.12 -25.19
CA SER D 443 26.84 9.61 -26.26
C SER D 443 28.16 9.07 -25.71
N PHE D 493 23.39 31.54 -34.43
CA PHE D 493 23.78 32.53 -33.44
C PHE D 493 23.11 32.27 -32.09
N PRO D 494 23.91 32.25 -31.03
CA PRO D 494 23.37 31.94 -29.70
C PRO D 494 22.82 33.16 -28.97
N TRP D 495 22.48 32.96 -27.69
CA TRP D 495 22.02 33.94 -26.72
C TRP D 495 20.64 34.50 -27.03
N HIS D 496 19.88 33.85 -27.90
CA HIS D 496 18.45 34.09 -27.97
C HIS D 496 17.65 32.86 -27.58
N VAL D 497 18.30 31.74 -27.36
CA VAL D 497 17.66 30.50 -26.90
C VAL D 497 18.03 30.31 -25.42
N PRO D 498 17.06 30.00 -24.54
CA PRO D 498 17.31 30.11 -23.10
C PRO D 498 18.25 29.08 -22.50
N LEU D 499 18.64 28.03 -23.22
CA LEU D 499 19.60 27.10 -22.64
C LEU D 499 20.98 27.74 -22.58
N TYR D 500 21.33 28.52 -23.60
CA TYR D 500 22.59 29.26 -23.59
C TYR D 500 22.55 30.49 -22.69
N ARG D 501 21.40 30.80 -22.10
CA ARG D 501 21.40 31.69 -20.95
C ARG D 501 21.71 30.93 -19.67
N TRP D 502 21.19 29.71 -19.55
CA TRP D 502 21.39 28.94 -18.33
C TRP D 502 22.83 28.46 -18.21
N LEU D 503 23.44 28.08 -19.33
CA LEU D 503 24.84 27.68 -19.30
C LEU D 503 25.76 28.84 -18.96
N LEU D 504 25.35 30.05 -19.32
CA LEU D 504 26.20 31.21 -19.09
C LEU D 504 26.06 31.74 -17.67
N THR D 505 24.95 31.44 -16.99
CA THR D 505 24.80 31.79 -15.59
C THR D 505 25.13 30.64 -14.65
N GLN D 506 25.41 29.45 -15.17
CA GLN D 506 26.01 28.44 -14.34
C GLN D 506 27.53 28.55 -14.32
N CYS D 507 28.14 28.83 -15.47
CA CYS D 507 29.59 29.04 -15.49
C CYS D 507 30.00 30.36 -14.86
N ALA D 508 29.07 31.27 -14.62
CA ALA D 508 29.35 32.40 -13.76
C ALA D 508 29.13 32.04 -12.29
N LEU D 509 28.36 30.98 -12.02
CA LEU D 509 28.21 30.50 -10.66
C LEU D 509 29.38 29.61 -10.27
N ILE D 510 29.89 28.82 -11.22
CA ILE D 510 31.07 28.01 -10.96
C ILE D 510 32.30 28.91 -10.83
N THR D 511 32.34 30.02 -11.56
CA THR D 511 33.44 30.97 -11.46
C THR D 511 33.47 31.62 -10.09
N PHE D 512 32.30 31.85 -9.49
CA PHE D 512 32.25 32.44 -8.15
C PHE D 512 32.77 31.48 -7.09
N THR D 513 32.24 30.26 -7.04
CA THR D 513 32.59 29.35 -5.96
C THR D 513 33.98 28.73 -6.16
N VAL D 514 34.56 28.92 -7.34
CA VAL D 514 35.98 28.61 -7.49
C VAL D 514 36.83 29.75 -6.95
N LEU D 515 36.48 30.99 -7.33
CA LEU D 515 37.27 32.15 -6.92
C LEU D 515 37.03 32.48 -5.46
N LEU D 516 35.86 32.12 -4.93
CA LEU D 516 35.62 32.28 -3.50
C LEU D 516 36.35 31.21 -2.70
N SER D 517 36.45 30.00 -3.26
CA SER D 517 37.22 28.97 -2.57
C SER D 517 38.71 29.20 -2.71
N TYR D 518 39.12 29.87 -3.80
CA TYR D 518 40.53 30.20 -3.96
C TYR D 518 40.96 31.27 -2.97
N LEU D 519 40.02 32.11 -2.54
CA LEU D 519 40.32 33.10 -1.51
C LEU D 519 40.52 32.44 -0.15
N VAL D 520 39.91 31.27 0.07
CA VAL D 520 40.12 30.53 1.30
C VAL D 520 40.97 29.28 1.08
N PHE D 521 41.81 29.28 0.06
CA PHE D 521 42.95 28.37 0.00
C PHE D 521 44.27 29.09 0.11
N SER D 522 44.29 30.38 -0.20
CA SER D 522 45.49 31.21 -0.21
C SER D 522 45.22 32.54 0.48
N PHE D 523 44.66 32.49 1.68
CA PHE D 523 44.40 33.69 2.47
C PHE D 523 45.61 33.96 3.35
N ASP D 524 46.44 34.92 2.93
CA ASP D 524 47.62 35.34 3.70
C ASP D 524 47.67 36.86 3.79
N PRO D 525 46.95 37.46 4.75
CA PRO D 525 47.10 38.90 5.00
C PRO D 525 48.17 39.21 6.03
N SER D 526 49.05 38.23 6.28
CA SER D 526 49.96 38.31 7.42
C SER D 526 51.03 39.38 7.20
N ASP D 527 51.86 39.22 6.17
CA ASP D 527 52.99 40.13 6.01
C ASP D 527 52.56 41.49 5.42
N PRO D 528 51.69 41.59 4.37
CA PRO D 528 51.09 42.90 4.10
C PRO D 528 49.73 43.10 4.75
N VAL D 529 49.59 44.20 5.50
CA VAL D 529 48.33 44.59 6.14
C VAL D 529 47.31 45.13 5.13
N PRO D 530 47.68 46.00 4.11
CA PRO D 530 46.66 46.36 3.11
C PRO D 530 46.44 45.31 2.01
N ALA D 531 46.82 44.06 2.25
CA ALA D 531 46.48 42.99 1.34
C ALA D 531 45.00 42.64 1.36
N SER D 532 44.24 43.09 2.36
CA SER D 532 42.83 42.78 2.43
C SER D 532 41.99 43.65 1.50
N VAL D 533 42.58 44.68 0.90
CA VAL D 533 41.89 45.50 -0.10
C VAL D 533 42.53 45.29 -1.46
N ALA D 534 43.02 44.06 -1.69
CA ALA D 534 43.64 43.70 -2.95
C ALA D 534 42.62 43.73 -4.09
N PRO D 535 43.06 43.99 -5.33
CA PRO D 535 42.11 44.08 -6.44
C PRO D 535 41.54 42.73 -6.92
N LEU D 536 41.81 41.63 -6.23
CA LEU D 536 41.09 40.38 -6.49
C LEU D 536 39.94 40.20 -5.52
N ASN D 537 40.09 40.66 -4.27
CA ASN D 537 38.98 40.62 -3.34
C ASN D 537 38.05 41.81 -3.55
N THR D 538 38.57 42.90 -4.12
CA THR D 538 37.73 44.04 -4.47
C THR D 538 36.75 43.68 -5.58
N PHE D 539 37.23 42.93 -6.58
CA PHE D 539 36.37 42.46 -7.66
C PHE D 539 35.32 41.49 -7.16
N LEU D 540 35.66 40.70 -6.13
CA LEU D 540 34.68 39.77 -5.58
C LEU D 540 33.63 40.49 -4.76
N ALA D 541 33.98 41.63 -4.17
CA ALA D 541 32.97 42.46 -3.53
C ALA D 541 32.12 43.17 -4.57
N VAL D 542 32.73 43.57 -5.68
CA VAL D 542 32.01 44.17 -6.80
C VAL D 542 31.06 43.15 -7.42
N TRP D 543 31.47 41.88 -7.44
CA TRP D 543 30.57 40.78 -7.74
C TRP D 543 29.44 40.70 -6.73
N CYS D 544 29.78 40.75 -5.44
CA CYS D 544 28.78 40.58 -4.38
C CYS D 544 27.95 41.83 -4.14
N ALA D 545 28.25 42.93 -4.84
CA ALA D 545 27.29 44.02 -4.96
C ALA D 545 26.39 43.83 -6.17
N ALA D 546 26.94 43.27 -7.25
CA ALA D 546 26.17 43.04 -8.47
C ALA D 546 25.17 41.91 -8.33
N ILE D 547 25.32 41.05 -7.32
CA ILE D 547 24.34 40.00 -7.09
C ILE D 547 23.06 40.60 -6.53
N LEU D 548 23.18 41.41 -5.48
CA LEU D 548 22.01 41.94 -4.80
C LEU D 548 21.24 42.95 -5.65
N VAL D 549 21.91 43.55 -6.64
CA VAL D 549 21.19 44.35 -7.62
C VAL D 549 20.32 43.45 -8.50
N ASP D 550 20.85 42.30 -8.92
CA ASP D 550 20.02 41.33 -9.64
C ASP D 550 19.05 40.64 -8.70
N GLU D 551 19.48 40.35 -7.48
CA GLU D 551 18.61 39.74 -6.47
C GLU D 551 17.64 40.73 -5.83
N VAL D 552 17.62 41.98 -6.26
CA VAL D 552 16.46 42.83 -6.00
C VAL D 552 15.69 43.10 -7.29
N GLN D 553 16.35 43.00 -8.45
CA GLN D 553 15.63 43.04 -9.71
C GLN D 553 14.87 41.74 -9.95
N GLU D 554 15.31 40.66 -9.32
CA GLU D 554 14.53 39.42 -9.34
C GLU D 554 13.28 39.55 -8.48
N TYR D 555 13.31 40.45 -7.49
CA TYR D 555 12.15 40.67 -6.63
C TYR D 555 11.08 41.49 -7.32
N VAL D 556 11.48 42.60 -7.95
CA VAL D 556 10.49 43.51 -8.54
C VAL D 556 9.89 42.93 -9.80
N GLU D 557 10.67 42.16 -10.56
CA GLU D 557 10.17 41.64 -11.82
C GLU D 557 9.23 40.44 -11.62
N GLU D 558 9.26 39.81 -10.45
CA GLU D 558 8.42 38.64 -10.19
C GLU D 558 7.39 38.89 -9.10
N GLY D 559 7.83 39.33 -7.92
CA GLY D 559 6.91 39.52 -6.81
C GLY D 559 7.29 38.66 -5.61
N ARG D 560 6.62 38.88 -4.48
CA ARG D 560 7.04 38.24 -3.23
C ARG D 560 6.76 36.74 -3.23
N ALA D 561 5.61 36.33 -3.76
CA ALA D 561 5.24 34.92 -3.71
C ALA D 561 6.08 34.07 -4.67
N GLU D 562 6.53 34.66 -5.78
CA GLU D 562 7.35 33.92 -6.73
C GLU D 562 8.82 33.95 -6.36
N TYR D 563 9.29 35.05 -5.76
CA TYR D 563 10.69 35.13 -5.37
C TYR D 563 10.98 34.29 -4.14
N MET D 564 10.15 34.39 -3.12
CA MET D 564 10.32 33.58 -1.91
C MET D 564 9.68 32.21 -2.05
N SER D 565 10.00 31.48 -3.12
CA SER D 565 9.48 30.15 -3.35
C SER D 565 10.51 29.28 -4.06
N SER D 566 11.76 29.72 -4.13
CA SER D 566 12.79 29.01 -4.86
C SER D 566 13.73 28.23 -3.97
N GLY D 567 14.13 28.80 -2.84
CA GLY D 567 15.11 28.17 -1.99
C GLY D 567 16.55 28.45 -2.36
N TRP D 568 16.83 28.72 -3.63
CA TRP D 568 18.16 29.13 -4.04
C TRP D 568 18.38 30.62 -3.82
N ASN D 569 17.33 31.43 -3.97
CA ASN D 569 17.46 32.86 -3.76
C ASN D 569 17.55 33.23 -2.28
N VAL D 570 17.33 32.27 -1.38
CA VAL D 570 17.78 32.45 -0.01
C VAL D 570 19.30 32.45 0.05
N MET D 571 19.94 31.53 -0.68
CA MET D 571 21.39 31.42 -0.66
C MET D 571 22.07 32.35 -1.64
N ASP D 572 21.34 32.98 -2.55
CA ASP D 572 21.97 34.00 -3.39
C ASP D 572 22.08 35.33 -2.68
N VAL D 573 21.17 35.63 -1.77
CA VAL D 573 21.32 36.80 -0.92
C VAL D 573 22.33 36.56 0.18
N THR D 574 22.25 35.39 0.82
CA THR D 574 23.06 35.11 2.01
C THR D 574 24.54 35.00 1.68
N MET D 575 24.89 34.26 0.62
CA MET D 575 26.29 34.15 0.22
C MET D 575 26.83 35.46 -0.35
N ALA D 576 25.95 36.39 -0.73
CA ALA D 576 26.41 37.70 -1.16
C ALA D 576 26.46 38.67 0.01
N LEU D 577 25.46 38.62 0.89
CA LEU D 577 25.43 39.55 2.01
C LEU D 577 26.47 39.20 3.06
N SER D 578 26.87 37.93 3.15
CA SER D 578 27.88 37.56 4.13
C SER D 578 29.27 37.95 3.66
N TYR D 579 29.53 37.85 2.37
CA TYR D 579 30.86 38.22 1.88
C TYR D 579 31.04 39.73 1.83
N ILE D 580 29.98 40.48 1.50
CA ILE D 580 30.13 41.93 1.44
C ILE D 580 30.18 42.50 2.85
N LEU D 581 29.59 41.80 3.82
CA LEU D 581 29.81 42.15 5.21
C LEU D 581 31.20 41.75 5.66
N HIS D 582 31.78 40.74 5.02
CA HIS D 582 33.14 40.32 5.35
C HIS D 582 34.15 41.29 4.76
N TYR D 583 33.88 41.81 3.55
CA TYR D 583 34.79 42.77 2.95
C TYR D 583 34.68 44.12 3.63
N ILE D 584 33.54 44.41 4.24
CA ILE D 584 33.43 45.62 5.04
C ILE D 584 34.16 45.44 6.37
N LEU D 585 33.99 44.29 7.02
CA LEU D 585 34.53 44.13 8.36
C LEU D 585 36.01 43.79 8.33
N ARG D 586 36.57 43.52 7.14
CA ARG D 586 38.00 43.26 7.04
C ARG D 586 38.79 44.56 6.93
N ILE D 587 38.16 45.65 6.48
CA ILE D 587 38.83 46.94 6.48
C ILE D 587 38.71 47.61 7.85
N ILE D 588 37.80 47.13 8.69
CA ILE D 588 37.75 47.61 10.07
C ILE D 588 38.75 46.82 10.93
N ALA D 589 39.39 45.80 10.35
CA ALA D 589 40.43 45.04 11.03
C ALA D 589 41.77 45.78 11.10
N VAL D 590 41.89 46.95 10.47
CA VAL D 590 43.07 47.78 10.66
C VAL D 590 42.83 48.80 11.77
N ARG D 591 41.60 48.94 12.23
CA ARG D 591 41.23 49.81 13.34
C ARG D 591 41.50 49.16 14.68
N VAL D 592 40.86 49.70 15.73
CA VAL D 592 40.99 49.33 17.15
C VAL D 592 41.01 47.82 17.40
N THR D 593 42.04 47.36 18.12
CA THR D 593 42.34 45.94 18.24
C THR D 593 41.53 45.33 19.36
N ASP D 594 40.49 44.57 19.00
CA ASP D 594 39.75 43.73 19.92
C ASP D 594 40.07 42.26 19.74
N ASN D 595 40.06 41.78 18.50
CA ASN D 595 40.63 40.51 18.03
C ASN D 595 39.89 39.26 18.49
N LEU D 596 38.90 39.41 19.38
CA LEU D 596 38.01 38.32 19.75
C LEU D 596 36.58 38.80 19.55
N ASN D 597 36.37 40.10 19.71
CA ASN D 597 35.07 40.71 19.44
C ASN D 597 34.94 41.10 17.98
N ILE D 598 36.04 41.43 17.33
CA ILE D 598 36.02 41.90 15.95
C ILE D 598 36.61 40.91 14.96
N LEU D 599 37.69 40.21 15.28
CA LEU D 599 38.32 39.34 14.30
C LEU D 599 37.75 37.93 14.28
N LEU D 600 37.10 37.50 15.36
CA LEU D 600 36.56 36.15 15.42
C LEU D 600 35.23 36.00 14.70
N VAL D 601 34.59 37.12 14.32
CA VAL D 601 33.37 37.06 13.53
C VAL D 601 33.69 37.25 12.05
N VAL D 602 34.88 37.73 11.71
CA VAL D 602 35.28 37.92 10.33
C VAL D 602 35.43 36.58 9.61
N ASN D 603 36.12 35.63 10.23
CA ASN D 603 36.27 34.30 9.64
C ASN D 603 34.97 33.50 9.68
N ASP D 604 34.07 33.82 10.60
CA ASP D 604 32.81 33.08 10.71
C ASP D 604 31.89 33.42 9.56
N LEU D 605 31.90 34.68 9.12
CA LEU D 605 31.08 35.08 7.98
C LEU D 605 31.62 34.49 6.69
N LEU D 606 32.94 34.30 6.60
CA LEU D 606 33.52 33.77 5.37
C LEU D 606 33.24 32.28 5.20
N ALA D 607 33.11 31.54 6.30
CA ALA D 607 32.67 30.15 6.20
C ALA D 607 31.22 30.07 5.73
N ALA D 608 30.36 30.91 6.29
CA ALA D 608 28.98 31.02 5.81
C ALA D 608 28.91 31.62 4.42
N ALA D 609 29.92 32.38 4.00
CA ALA D 609 29.98 32.84 2.62
C ALA D 609 30.25 31.70 1.67
N ALA D 610 31.05 30.72 2.10
CA ALA D 610 31.43 29.61 1.24
C ALA D 610 30.52 28.40 1.39
N LEU D 611 29.98 28.17 2.59
CA LEU D 611 29.10 27.02 2.80
C LEU D 611 27.78 27.18 2.06
N MET D 612 27.27 28.41 1.96
CA MET D 612 26.10 28.68 1.15
C MET D 612 26.44 28.74 -0.33
N ALA D 613 27.72 28.82 -0.69
CA ALA D 613 28.10 28.92 -2.08
C ALA D 613 28.21 27.56 -2.77
N TRP D 614 28.68 26.54 -2.05
CA TRP D 614 28.72 25.21 -2.64
C TRP D 614 27.42 24.45 -2.47
N PHE D 615 26.57 24.87 -1.53
CA PHE D 615 25.20 24.38 -1.55
C PHE D 615 24.46 24.92 -2.75
N ARG D 616 24.81 26.15 -3.16
CA ARG D 616 24.35 26.73 -4.41
C ARG D 616 24.92 26.02 -5.63
N MET D 617 26.00 25.25 -5.46
CA MET D 617 26.57 24.51 -6.57
C MET D 617 25.78 23.25 -6.88
N VAL D 618 24.86 22.87 -6.00
CA VAL D 618 23.92 21.80 -6.28
C VAL D 618 22.97 22.20 -7.40
N SER D 619 22.75 23.50 -7.59
CA SER D 619 21.80 24.00 -8.57
C SER D 619 22.22 23.81 -10.03
N VAL D 620 23.36 23.18 -10.31
CA VAL D 620 23.66 22.80 -11.68
C VAL D 620 22.87 21.57 -12.09
N PHE D 621 22.51 20.71 -11.14
CA PHE D 621 21.80 19.47 -11.40
C PHE D 621 20.29 19.64 -11.36
N GLU D 622 19.79 20.86 -11.58
CA GLU D 622 18.35 21.11 -11.54
C GLU D 622 17.64 20.47 -12.72
N LEU D 623 18.32 20.40 -13.86
CA LEU D 623 17.74 19.86 -15.07
C LEU D 623 17.99 18.38 -15.24
N SER D 624 19.07 17.88 -14.67
CA SER D 624 19.48 16.49 -14.87
C SER D 624 18.52 15.58 -14.13
N SER D 625 17.89 14.65 -14.84
CA SER D 625 17.15 13.60 -14.17
C SER D 625 18.11 12.71 -13.40
N ALA D 626 17.56 12.10 -12.36
CA ALA D 626 18.17 11.25 -11.33
C ALA D 626 19.02 12.02 -10.34
N ILE D 627 19.33 13.29 -10.57
CA ILE D 627 19.85 14.14 -9.52
C ILE D 627 18.85 15.24 -9.15
N GLY D 628 18.03 15.66 -10.10
CA GLY D 628 16.91 16.53 -9.85
C GLY D 628 15.92 16.11 -8.77
N PRO D 629 15.48 14.85 -8.75
CA PRO D 629 14.65 14.40 -7.62
C PRO D 629 15.39 14.36 -6.30
N LEU D 630 16.71 14.29 -6.32
CA LEU D 630 17.46 14.29 -5.06
C LEU D 630 17.46 15.68 -4.44
N ILE D 631 17.41 16.71 -5.28
CA ILE D 631 17.41 18.07 -4.76
C ILE D 631 16.02 18.47 -4.31
N GLN D 632 14.99 17.94 -4.98
CA GLN D 632 13.63 18.30 -4.59
C GLN D 632 13.22 17.60 -3.30
N MET D 633 13.71 16.39 -3.07
CA MET D 633 13.42 15.72 -1.81
C MET D 633 14.26 16.28 -0.68
N MET D 634 15.42 16.84 -0.99
CA MET D 634 16.20 17.52 0.02
C MET D 634 15.63 18.90 0.29
N LYS D 635 14.73 19.37 -0.57
CA LYS D 635 14.08 20.65 -0.35
C LYS D 635 12.78 20.48 0.43
N GLN D 636 12.03 19.42 0.12
CA GLN D 636 10.73 19.24 0.76
C GLN D 636 10.87 18.83 2.23
N MET D 637 11.90 18.04 2.55
CA MET D 637 12.06 17.63 3.94
C MET D 637 12.63 18.75 4.79
N LEU D 638 13.20 19.77 4.16
CA LEU D 638 13.56 20.97 4.90
C LEU D 638 12.35 21.86 5.13
N ILE D 639 11.32 21.70 4.31
CA ILE D 639 10.11 22.51 4.48
C ILE D 639 9.18 21.84 5.47
N LYS D 640 8.91 20.55 5.29
CA LYS D 640 7.85 19.87 6.01
C LYS D 640 8.34 18.97 7.12
N ASP D 641 9.62 18.56 7.11
CA ASP D 641 10.07 17.57 8.09
C ASP D 641 11.08 18.15 9.06
N VAL D 642 11.53 19.38 8.85
CA VAL D 642 12.49 19.96 9.78
C VAL D 642 11.80 20.81 10.83
N THR D 643 10.93 21.72 10.40
CA THR D 643 10.30 22.64 11.34
C THR D 643 9.28 21.99 12.25
N ARG D 644 8.85 20.76 11.95
CA ARG D 644 7.96 20.04 12.86
C ARG D 644 8.70 19.00 13.70
N PHE D 645 9.93 18.66 13.36
CA PHE D 645 10.70 17.70 14.14
C PHE D 645 11.81 18.35 14.95
N ALA D 646 12.54 19.30 14.38
CA ALA D 646 13.68 19.89 15.10
C ALA D 646 13.23 20.81 16.22
N LEU D 647 11.95 21.17 16.27
CA LEU D 647 11.41 21.83 17.46
C LEU D 647 11.14 20.81 18.55
N LEU D 648 10.90 19.56 18.17
CA LEU D 648 10.50 18.55 19.14
C LEU D 648 11.67 17.66 19.53
N VAL D 649 12.70 17.59 18.68
CA VAL D 649 13.95 16.98 19.13
C VAL D 649 14.67 17.93 20.09
N LEU D 650 14.46 19.23 19.93
CA LEU D 650 15.09 20.23 20.80
C LEU D 650 14.51 20.18 22.21
N VAL D 651 13.21 19.88 22.35
CA VAL D 651 12.61 19.85 23.67
C VAL D 651 12.97 18.56 24.38
N ILE D 652 13.45 17.56 23.64
CA ILE D 652 13.90 16.31 24.25
C ILE D 652 15.36 16.44 24.68
N LEU D 653 16.20 16.98 23.81
CA LEU D 653 17.63 17.04 24.11
C LEU D 653 17.94 18.09 25.18
N LEU D 654 17.08 19.10 25.31
CA LEU D 654 17.25 20.03 26.43
C LEU D 654 16.86 19.37 27.75
N GLY D 655 15.90 18.44 27.71
CA GLY D 655 15.54 17.72 28.91
C GLY D 655 16.60 16.70 29.30
N PHE D 656 17.22 16.07 28.31
CA PHE D 656 18.26 15.10 28.62
C PHE D 656 19.56 15.80 29.02
N SER D 657 19.80 17.00 28.50
CA SER D 657 20.99 17.75 28.91
C SER D 657 20.88 18.24 30.35
N VAL D 658 19.70 18.73 30.72
CA VAL D 658 19.46 19.14 32.10
C VAL D 658 19.45 17.93 33.03
N GLY D 659 18.89 16.81 32.55
CA GLY D 659 18.94 15.59 33.33
C GLY D 659 20.32 14.98 33.41
N MET D 660 21.21 15.37 32.48
CA MET D 660 22.62 15.00 32.61
C MET D 660 23.34 15.96 33.54
N GLU D 661 22.94 17.24 33.52
CA GLU D 661 23.62 18.26 34.31
C GLU D 661 23.43 18.04 35.82
N ALA D 662 22.26 17.57 36.22
CA ALA D 662 22.06 17.20 37.62
C ALA D 662 22.63 15.83 37.95
N LEU D 663 23.16 15.10 36.98
CA LEU D 663 23.88 13.87 37.25
C LEU D 663 25.39 14.00 37.10
N PHE D 664 25.89 15.16 36.69
CA PHE D 664 27.31 15.46 36.71
C PHE D 664 27.66 16.49 37.78
N GLN D 665 26.79 16.69 38.76
CA GLN D 665 27.03 17.62 39.85
C GLN D 665 26.34 17.13 41.12
N VAL D 718 26.73 4.36 44.53
CA VAL D 718 26.51 4.11 43.11
C VAL D 718 25.19 3.38 42.88
N THR D 719 24.17 3.77 43.65
CA THR D 719 22.81 3.29 43.43
C THR D 719 22.10 4.06 42.32
N GLY D 720 22.71 5.12 41.81
CA GLY D 720 22.15 5.91 40.73
C GLY D 720 22.70 5.60 39.37
N VAL D 721 23.52 4.54 39.22
CA VAL D 721 24.01 4.17 37.90
C VAL D 721 22.91 3.48 37.10
N ILE D 722 21.87 2.99 37.78
CA ILE D 722 20.67 2.54 37.08
C ILE D 722 19.77 3.70 36.70
N PHE D 723 20.09 4.92 37.15
CA PHE D 723 19.33 6.09 36.77
C PHE D 723 19.97 6.89 35.65
N TYR D 724 21.26 6.73 35.42
CA TYR D 724 21.85 7.32 34.22
C TYR D 724 21.54 6.46 33.00
N LEU D 725 21.52 5.15 33.18
CA LEU D 725 21.20 4.24 32.08
C LEU D 725 19.73 4.34 31.70
N ILE D 726 18.86 4.66 32.65
CA ILE D 726 17.46 4.85 32.31
C ILE D 726 17.26 6.22 31.67
N PHE D 727 18.24 7.11 31.78
CA PHE D 727 18.16 8.38 31.05
C PHE D 727 18.63 8.18 29.62
N ALA D 728 19.69 7.40 29.42
CA ALA D 728 20.27 7.26 28.09
C ALA D 728 19.44 6.33 27.21
N ILE D 729 18.91 5.25 27.78
CA ILE D 729 18.19 4.25 26.99
C ILE D 729 16.86 4.81 26.52
N VAL D 730 16.14 5.51 27.39
CA VAL D 730 14.83 6.04 27.05
C VAL D 730 14.95 7.18 26.04
N THR D 731 15.96 8.05 26.22
CA THR D 731 16.15 9.15 25.28
C THR D 731 16.66 8.65 23.92
N ALA D 732 17.39 7.54 23.90
CA ALA D 732 17.77 6.95 22.62
C ALA D 732 16.57 6.32 21.92
N ILE D 733 15.68 5.68 22.69
CA ILE D 733 14.43 5.20 22.13
C ILE D 733 13.54 6.37 21.72
N LEU D 734 13.53 7.43 22.52
CA LEU D 734 12.81 8.64 22.15
C LEU D 734 13.41 9.31 20.92
N LEU D 735 14.69 9.08 20.63
CA LEU D 735 15.29 9.63 19.42
C LEU D 735 15.18 8.67 18.23
N LEU D 736 15.27 7.35 18.46
CA LEU D 736 15.09 6.40 17.38
C LEU D 736 13.66 6.42 16.85
N ASN D 737 12.68 6.62 17.72
CA ASN D 737 11.29 6.68 17.29
C ASN D 737 10.99 7.96 16.51
N LEU D 738 11.88 8.95 16.58
CA LEU D 738 11.86 10.09 15.66
C LEU D 738 12.48 9.76 14.31
N PHE D 739 13.45 8.85 14.28
CA PHE D 739 14.13 8.51 13.04
C PHE D 739 13.22 7.73 12.11
N ILE D 740 12.55 6.70 12.64
CA ILE D 740 11.52 5.96 11.90
C ILE D 740 10.36 6.87 11.53
N ALA D 741 10.08 7.88 12.35
CA ALA D 741 9.06 8.87 12.04
C ALA D 741 9.44 9.74 10.85
N MET D 742 10.72 9.88 10.55
CA MET D 742 11.18 10.65 9.40
C MET D 742 11.56 9.76 8.23
N LEU D 743 12.06 8.54 8.50
CA LEU D 743 12.37 7.59 7.44
C LEU D 743 11.14 7.19 6.65
N ALA D 744 10.00 7.08 7.31
CA ALA D 744 8.78 6.69 6.63
C ALA D 744 7.87 7.85 6.30
N ASP D 745 8.28 9.07 6.62
CA ASP D 745 7.56 10.25 6.14
C ASP D 745 8.17 10.85 4.89
N THR D 746 9.44 10.55 4.62
CA THR D 746 10.00 10.91 3.31
C THR D 746 9.75 9.79 2.30
N TYR D 747 9.74 8.53 2.76
CA TYR D 747 9.44 7.41 1.86
C TYR D 747 8.01 7.49 1.35
N THR D 748 7.11 8.09 2.14
CA THR D 748 5.78 8.39 1.65
C THR D 748 5.83 9.39 0.50
N ARG D 749 6.82 10.27 0.51
CA ARG D 749 6.90 11.33 -0.48
C ARG D 749 7.86 10.99 -1.60
N VAL D 750 8.92 10.23 -1.31
CA VAL D 750 9.88 9.83 -2.34
C VAL D 750 9.24 8.83 -3.29
N SER D 751 8.47 7.89 -2.77
CA SER D 751 7.86 6.88 -3.62
C SER D 751 6.73 7.48 -4.45
N THR D 752 5.91 8.34 -3.84
CA THR D 752 4.74 8.85 -4.54
C THR D 752 5.10 10.02 -5.44
N GLN D 753 5.55 11.13 -4.87
CA GLN D 753 5.72 12.38 -5.62
C GLN D 753 7.19 12.80 -5.52
N ALA D 754 8.03 12.27 -6.41
CA ALA D 754 9.41 12.71 -6.52
C ALA D 754 9.77 13.15 -7.92
N MET D 755 9.29 12.43 -8.94
CA MET D 755 9.42 12.93 -10.29
C MET D 755 8.50 14.13 -10.50
N VAL D 756 7.33 14.12 -9.85
CA VAL D 756 6.38 15.21 -10.00
C VAL D 756 6.91 16.47 -9.33
N GLU D 757 7.65 16.32 -8.24
CA GLU D 757 8.31 17.47 -7.64
C GLU D 757 9.52 17.90 -8.46
N PHE D 758 10.09 16.97 -9.24
CA PHE D 758 11.23 17.32 -10.06
C PHE D 758 10.79 17.97 -11.36
N ARG D 759 9.76 17.42 -12.00
CA ARG D 759 9.33 17.93 -13.29
C ARG D 759 8.66 19.29 -13.16
N TYR D 760 8.12 19.59 -11.98
CA TYR D 760 7.49 20.88 -11.78
C TYR D 760 8.55 21.96 -11.57
N ARG D 761 9.60 21.65 -10.81
CA ARG D 761 10.69 22.60 -10.62
C ARG D 761 11.46 22.83 -11.92
N LYS D 762 11.55 21.80 -12.76
CA LYS D 762 12.17 21.97 -14.07
C LYS D 762 11.34 22.88 -14.96
N ALA D 763 10.02 22.89 -14.80
CA ALA D 763 9.18 23.76 -15.61
C ALA D 763 9.13 25.19 -15.08
N LYS D 764 9.40 25.40 -13.80
CA LYS D 764 9.54 26.75 -13.28
C LYS D 764 10.93 27.33 -13.52
N LEU D 765 11.87 26.51 -13.98
CA LEU D 765 13.19 26.99 -14.34
C LEU D 765 13.31 27.29 -15.82
N MET D 766 12.60 26.57 -16.66
CA MET D 766 12.61 26.85 -18.10
C MET D 766 11.71 27.99 -18.49
N ALA D 767 10.85 28.45 -17.58
CA ALA D 767 10.01 29.62 -17.81
C ALA D 767 10.46 30.84 -17.03
N SER D 768 11.44 30.69 -16.14
CA SER D 768 12.07 31.85 -15.56
C SER D 768 13.07 32.50 -16.51
N TYR D 769 13.46 31.79 -17.56
CA TYR D 769 14.38 32.31 -18.56
C TYR D 769 13.69 32.72 -19.85
N SER D 770 12.44 32.33 -20.05
CA SER D 770 11.66 32.87 -21.17
C SER D 770 11.12 34.25 -20.88
N ARG D 771 11.17 34.70 -19.63
CA ARG D 771 10.79 36.05 -19.25
C ARG D 771 11.96 36.89 -18.76
N ARG D 772 13.16 36.30 -18.66
CA ARG D 772 14.28 37.00 -18.09
C ARG D 772 14.85 38.02 -19.07
N ASP D 773 15.39 39.10 -18.51
CA ASP D 773 16.16 40.12 -19.21
C ASP D 773 17.58 39.68 -19.49
N PHE D 774 18.48 40.65 -19.67
CA PHE D 774 19.88 40.43 -19.99
C PHE D 774 20.70 39.90 -18.82
N VAL D 775 22.01 40.08 -18.92
CA VAL D 775 23.08 39.30 -18.30
C VAL D 775 23.01 39.17 -16.77
N CYS D 776 23.73 38.16 -16.29
CA CYS D 776 24.04 37.68 -14.95
C CYS D 776 24.80 38.72 -14.12
N PRO D 777 25.15 38.42 -12.86
CA PRO D 777 26.03 39.33 -12.07
C PRO D 777 27.30 39.81 -12.75
N PRO D 778 27.98 39.06 -13.63
CA PRO D 778 29.00 39.74 -14.44
C PRO D 778 28.33 40.48 -15.59
N PHE D 779 28.89 41.66 -15.89
CA PHE D 779 28.38 42.69 -16.79
C PHE D 779 27.06 43.31 -16.30
N ASN D 780 26.70 43.15 -15.02
CA ASN D 780 25.51 43.80 -14.51
C ASN D 780 25.79 45.21 -14.00
N LEU D 781 26.92 45.42 -13.36
CA LEU D 781 27.34 46.75 -12.94
C LEU D 781 28.56 47.25 -13.71
N LEU D 782 28.92 46.59 -14.81
CA LEU D 782 30.01 47.08 -15.62
C LEU D 782 29.56 48.22 -16.52
N HIS D 783 28.27 48.29 -16.83
CA HIS D 783 27.72 49.37 -17.65
C HIS D 783 26.89 50.32 -16.78
N THR D 813 7.29 42.67 -20.87
CA THR D 813 5.95 42.48 -21.40
C THR D 813 5.96 41.59 -22.64
N VAL D 814 7.04 40.86 -22.82
CA VAL D 814 7.14 39.91 -23.93
C VAL D 814 6.26 38.70 -23.61
N PRO D 815 5.62 38.06 -24.59
CA PRO D 815 4.83 36.87 -24.27
C PRO D 815 5.71 35.70 -23.87
N LEU D 816 5.10 34.77 -23.12
CA LEU D 816 5.82 33.61 -22.64
C LEU D 816 6.15 32.64 -23.76
N PHE D 817 5.23 32.45 -24.70
CA PHE D 817 5.41 31.49 -25.77
C PHE D 817 5.19 32.16 -27.12
N SER D 818 5.90 31.66 -28.12
CA SER D 818 5.77 32.20 -29.47
C SER D 818 4.50 31.75 -30.17
N TRP D 819 3.76 30.79 -29.61
CA TRP D 819 2.48 30.40 -30.16
C TRP D 819 1.32 31.02 -29.40
N TYR D 820 1.60 31.93 -28.47
CA TYR D 820 0.55 32.71 -27.86
C TYR D 820 -0.02 33.69 -28.87
N PHE D 821 -1.33 33.89 -28.80
CA PHE D 821 -2.12 34.78 -29.64
C PHE D 821 -1.93 34.53 -31.13
N PRO D 822 -2.48 33.46 -31.69
CA PRO D 822 -2.51 33.34 -33.14
C PRO D 822 -3.42 34.41 -33.73
N GLN D 823 -2.99 35.00 -34.85
CA GLN D 823 -3.65 36.18 -35.37
C GLN D 823 -4.73 35.87 -36.39
N GLY D 824 -4.37 35.23 -37.50
CA GLY D 824 -5.30 35.09 -38.59
C GLY D 824 -5.76 33.67 -38.86
N GLU D 825 -5.18 33.04 -39.89
CA GLU D 825 -5.50 31.67 -40.22
C GLU D 825 -4.99 30.68 -39.17
N GLU D 826 -3.94 31.04 -38.43
CA GLU D 826 -3.49 30.20 -37.33
C GLU D 826 -4.50 30.21 -36.18
N MET D 827 -5.25 31.30 -36.02
CA MET D 827 -6.32 31.33 -35.04
C MET D 827 -7.50 30.49 -35.48
N ARG D 828 -7.78 30.46 -36.78
CA ARG D 828 -8.92 29.71 -37.30
C ARG D 828 -8.70 28.22 -37.14
N GLN D 829 -7.45 27.77 -37.14
CA GLN D 829 -7.18 26.33 -36.99
C GLN D 829 -7.17 25.92 -35.52
N VAL D 830 -6.73 26.81 -34.63
CA VAL D 830 -6.65 26.48 -33.20
C VAL D 830 -8.05 26.41 -32.59
N VAL D 831 -8.95 27.33 -32.95
CA VAL D 831 -10.30 27.33 -32.41
C VAL D 831 -11.10 26.16 -32.97
N VAL D 832 -10.68 25.61 -34.11
CA VAL D 832 -11.21 24.33 -34.56
C VAL D 832 -10.57 23.20 -33.77
N LEU D 833 -9.29 23.35 -33.43
CA LEU D 833 -8.53 22.28 -32.78
C LEU D 833 -8.94 22.08 -31.32
N GLN D 834 -9.26 23.15 -30.59
CA GLN D 834 -9.65 22.99 -29.20
C GLN D 834 -11.06 22.47 -29.04
N ARG D 835 -11.90 22.57 -30.08
CA ARG D 835 -13.21 21.94 -30.00
C ARG D 835 -13.16 20.50 -30.47
N ARG D 836 -11.99 20.04 -30.91
CA ARG D 836 -11.81 18.62 -31.16
C ARG D 836 -11.30 17.88 -29.95
N VAL D 837 -10.67 18.58 -29.02
CA VAL D 837 -10.08 17.98 -27.82
C VAL D 837 -11.01 18.12 -26.62
N VAL D 838 -11.56 19.32 -26.41
CA VAL D 838 -12.43 19.56 -25.26
C VAL D 838 -13.75 18.82 -25.43
N ASP D 839 -14.36 18.90 -26.62
CA ASP D 839 -15.63 18.21 -26.85
C ASP D 839 -15.51 16.69 -26.86
N ASP D 840 -14.31 16.14 -26.85
CA ASP D 840 -14.14 14.72 -26.62
C ASP D 840 -13.75 14.42 -25.18
N PHE D 841 -13.35 15.45 -24.42
CA PHE D 841 -13.06 15.27 -23.00
C PHE D 841 -14.32 15.42 -22.16
N LEU D 842 -15.17 16.39 -22.50
CA LEU D 842 -16.47 16.52 -21.82
C LEU D 842 -17.39 15.37 -22.18
N ASN D 843 -17.24 14.83 -23.39
CA ASN D 843 -17.95 13.63 -23.77
C ASN D 843 -17.37 12.41 -23.06
N SER D 844 -16.15 12.50 -22.56
CA SER D 844 -15.55 11.37 -21.87
C SER D 844 -15.93 11.34 -20.40
N ASN D 845 -15.99 12.50 -19.76
CA ASN D 845 -16.39 12.58 -18.36
C ASN D 845 -17.87 12.36 -18.15
N ARG D 846 -18.69 12.60 -19.17
CA ARG D 846 -20.11 12.32 -19.07
C ARG D 846 -20.39 10.83 -18.99
N VAL D 847 -19.50 10.02 -19.56
CA VAL D 847 -19.68 8.57 -19.52
C VAL D 847 -18.96 7.96 -18.33
N ALA D 848 -17.83 8.51 -17.93
CA ALA D 848 -17.14 8.02 -16.74
C ALA D 848 -17.80 8.44 -15.43
N LEU D 849 -18.81 9.30 -15.49
CA LEU D 849 -19.63 9.58 -14.31
C LEU D 849 -20.81 8.63 -14.21
N PHE D 850 -21.33 8.17 -15.35
CA PHE D 850 -22.40 7.19 -15.35
C PHE D 850 -21.91 5.79 -14.99
N ARG D 851 -20.61 5.57 -14.85
CA ARG D 851 -20.16 4.30 -14.31
C ARG D 851 -20.22 4.30 -12.79
N GLU D 852 -20.04 5.46 -12.15
CA GLU D 852 -20.20 5.58 -10.70
C GLU D 852 -21.65 5.80 -10.29
N LYS D 853 -22.58 5.71 -11.24
CA LYS D 853 -24.01 5.70 -11.01
C LYS D 853 -24.67 4.44 -11.53
N LEU D 854 -23.92 3.60 -12.24
CA LEU D 854 -24.34 2.23 -12.52
C LEU D 854 -23.63 1.21 -11.64
N ASN D 855 -22.52 1.56 -11.01
CA ASN D 855 -21.91 0.63 -10.06
C ASN D 855 -22.76 0.54 -8.79
N ALA D 856 -23.00 1.68 -8.16
CA ALA D 856 -23.72 1.73 -6.89
C ALA D 856 -25.23 1.74 -7.05
N GLU D 857 -25.75 1.74 -8.27
CA GLU D 857 -27.20 1.72 -8.44
C GLU D 857 -27.66 0.66 -9.45
N LEU D 858 -26.83 -0.35 -9.71
CA LEU D 858 -27.28 -1.45 -10.55
C LEU D 858 -28.49 -2.23 -9.99
N PRO D 859 -28.64 -2.48 -8.67
CA PRO D 859 -29.90 -3.10 -8.22
C PRO D 859 -31.15 -2.25 -8.42
N ASN D 860 -31.03 -0.95 -8.63
CA ASN D 860 -32.21 -0.12 -8.81
C ASN D 860 -32.59 0.06 -10.27
N LEU D 861 -31.78 -0.47 -11.20
CA LEU D 861 -32.11 -0.45 -12.62
C LEU D 861 -32.71 -1.77 -13.09
N VAL D 862 -32.34 -2.88 -12.44
CA VAL D 862 -32.86 -4.20 -12.75
C VAL D 862 -34.15 -4.43 -11.98
N HIS D 863 -34.65 -3.38 -11.31
CA HIS D 863 -35.92 -3.38 -10.61
C HIS D 863 -37.03 -2.71 -11.39
N GLU D 864 -36.71 -1.70 -12.20
CA GLU D 864 -37.69 -1.05 -13.03
C GLU D 864 -37.85 -1.71 -14.40
N MET D 865 -37.07 -2.76 -14.68
CA MET D 865 -37.37 -3.58 -15.83
C MET D 865 -38.32 -4.71 -15.47
N LEU D 866 -38.53 -4.94 -14.17
CA LEU D 866 -39.50 -5.96 -13.75
C LEU D 866 -40.91 -5.38 -13.78
N LYS D 867 -41.17 -4.43 -12.88
CA LYS D 867 -42.47 -3.83 -12.55
C LYS D 867 -43.70 -4.75 -12.63
C1 PIO E . -2.11 24.83 13.65
O1 PIO E . -1.19 25.86 13.36
P1 PIO E . 0.38 25.70 13.86
C2 PIO E . -2.23 23.90 12.42
O2 PIO E . -1.31 24.30 11.44
C3 PIO E . -3.63 23.84 11.76
O3 PIO E . -3.75 24.94 10.88
C4 PIO E . -4.82 23.83 12.74
O4 PIO E . -5.27 22.50 12.82
P4 PIO E . -6.41 21.97 11.77
C5 PIO E . -4.51 24.32 14.17
O5 PIO E . -5.67 24.80 14.81
P5 PIO E . -6.73 23.70 15.44
C6 PIO E . -3.44 25.42 14.15
O6 PIO E . -3.28 25.93 15.45
O11 PIO E . 0.94 24.41 13.35
O12 PIO E . 1.20 26.83 13.30
O13 PIO E . 0.46 25.74 15.50
C1A PIO E . 2.16 25.90 18.17
O1A PIO E . 3.06 25.30 17.70
C1B PIO E . -2.29 27.90 19.36
O1B PIO E . -1.81 27.50 20.36
C1C PIO E . -0.20 26.75 16.20
C2A PIO E . 2.42 27.13 19.03
C2B PIO E . -2.82 29.33 19.28
C2C PIO E . -0.10 26.46 17.70
O2C PIO E . 0.85 25.47 17.94
C3A PIO E . 2.50 26.69 20.49
C3B PIO E . -2.00 30.25 20.18
C3C PIO E . -1.46 26.00 18.24
O3C PIO E . -2.35 27.07 18.22
O41 PIO E . -7.42 23.08 11.55
O42 PIO E . -7.10 20.76 12.35
O43 PIO E . -5.78 21.60 10.45
C4A PIO E . 2.55 27.94 21.36
C4B PIO E . -2.00 31.66 19.59
O51 PIO E . -6.02 22.39 15.65
O52 PIO E . -7.32 24.17 16.74
O53 PIO E . -7.84 23.50 14.44
C5A PIO E . 1.33 27.96 22.28
C5B PIO E . -0.81 32.46 20.14
C6A PIO E . 1.30 29.29 23.02
C6B PIO E . 0.01 33.05 19.00
C7A PIO E . 2.48 29.35 23.99
C7B PIO E . 0.84 31.96 18.34
C8A PIO E . 2.28 28.30 25.08
C8B PIO E . 2.11 31.72 19.15
C1 PCW F . -9.02 40.40 18.76
C2 PCW F . -8.29 39.44 19.72
C3 PCW F . -6.79 39.45 19.43
C4 PCW F . -13.40 40.83 19.33
C5 PCW F . -14.06 42.24 19.29
C6 PCW F . -16.13 41.57 18.32
C7 PCW F . -15.87 41.42 20.68
C8 PCW F . -16.05 43.52 19.63
C11 PCW F . -4.75 38.31 20.04
C12 PCW F . -3.94 37.27 20.86
C13 PCW F . -3.95 37.61 22.38
C14 PCW F . -3.68 36.34 23.20
C15 PCW F . -4.33 36.49 24.61
C16 PCW F . -3.96 35.27 25.51
C17 PCW F . -3.99 35.61 27.02
C18 PCW F . -5.37 36.20 27.45
C19 PCW F . -5.66 35.94 28.95
C20 PCW F . -6.45 36.78 29.64
C21 PCW F . -6.74 36.53 31.14
C22 PCW F . -7.53 37.75 31.69
C23 PCW F . -8.32 37.36 32.97
C24 PCW F . -7.43 37.17 34.22
C31 PCW F . -7.79 40.74 21.76
C32 PCW F . -6.97 40.30 23.02
C33 PCW F . -7.26 41.31 24.19
C34 PCW F . -7.51 40.51 25.51
C35 PCW F . -6.43 40.88 26.57
C36 PCW F . -7.02 41.88 27.62
C37 PCW F . -6.08 41.95 28.85
C38 PCW F . -6.84 42.58 30.07
C39 PCW F . -6.40 41.85 31.35
C40 PCW F . -7.07 42.00 32.52
C41 PCW F . -8.30 42.93 32.62
C42 PCW F . -8.27 43.61 34.02
C43 PCW F . -9.69 43.65 34.61
C44 PCW F . -9.72 42.78 35.90
C45 PCW F . -10.47 43.50 37.02
C46 PCW F . -11.96 43.61 36.66
C47 PCW F . -12.80 43.97 37.90
C48 PCW F . -13.03 45.48 37.91
N PCW F . -15.52 42.18 19.49
O2 PCW F . -8.60 39.78 21.06
O3 PCW F . -6.15 38.51 20.29
O11 PCW F . -4.22 38.95 19.21
O31 PCW F . -7.75 41.87 21.42
O1P PCW F . -11.04 39.80 16.44
O2P PCW F . -11.17 42.12 17.23
O3P PCW F . -10.43 40.28 18.91
O4P PCW F . -12.99 40.46 18.02
P PCW F . -11.39 40.67 17.61
C1 CPL G . -11.88 -19.95 40.23
C2 CPL G . -10.61 -20.74 40.50
C3 CPL G . -10.83 -22.22 40.30
C4 CPL G . -15.56 -22.80 41.24
C5 CPL G . -15.63 -24.29 41.54
C6 CPL G . -16.88 -26.29 41.36
C7 CPL G . -18.05 -24.23 41.40
C8 CPL G . -16.70 -24.87 39.54
C11 CPL G . -9.76 -24.29 40.64
C12 CPL G . -11.01 -25.16 40.81
C31 CPL G . -8.43 -19.93 40.26
C32 CPL G . -7.65 -18.71 39.79
C33 CPL G . -6.83 -18.15 40.96
C34 CPL G . -6.34 -16.76 40.61
C35 CPL G . -5.36 -16.83 39.43
C36 CPL G . -4.18 -15.90 39.70
N CPL G . -16.83 -24.90 40.97
O2 CPL G . -9.62 -20.29 39.62
O3 CPL G . -9.81 -22.92 40.94
O11 CPL G . -8.76 -24.78 40.25
O31 CPL G . -8.02 -20.58 41.17
O1P CPL G . -14.43 -20.20 41.40
O2P CPL G . -15.31 -20.39 39.12
O3P CPL G . -12.77 -20.72 39.49
O4P CPL G . -14.54 -22.51 40.35
P CPL G . -14.29 -20.92 40.09
P1 PIK H . -2.85 -13.69 30.08
O11 PIK H . -3.38 -14.85 29.27
O12 PIK H . -3.98 -12.89 30.69
O13 PIK H . -1.98 -14.32 31.34
CBG PIK H . -1.71 -4.51 23.10
CBF PIK H . -0.51 -4.15 23.97
CBE PIK H . -0.95 -4.06 25.44
CBD PIK H . 0.09 -3.28 26.23
CBC PIK H . 0.39 -4.01 27.52
CBB PIK H . 1.33 -5.18 27.24
CBA PIK H . 2.76 -4.86 27.63
CB9 PIK H . 3.19 -5.74 28.80
CB8 PIK H . 3.05 -7.21 28.43
CB7 PIK H . 3.38 -8.07 29.65
CB6 PIK H . 2.68 -9.43 29.52
CB5 PIK H . 2.86 -10.21 30.83
CB4 PIK H . 2.14 -11.54 30.69
CB3 PIK H . 3.07 -12.68 31.11
CB2 PIK H . 2.81 -13.86 30.19
CB1 PIK H . 2.16 -15.02 30.94
OB2 PIK H . 2.49 -15.24 32.06
OB1 PIK H . 1.21 -15.84 30.31
C8 PIK H . -0.15 -15.47 30.19
C7 PIK H . -0.60 -14.46 31.25
C1 PIK H . -2.22 -11.97 28.03
C2 PIK H . -1.87 -10.51 28.34
C3 PIK H . -2.23 -9.56 27.21
C4 PIK H . -3.71 -9.69 26.79
C5 PIK H . -4.10 -11.13 26.47
C6 PIK H . -3.68 -12.14 27.55
O1 PIK H . -1.86 -12.74 29.15
O2 PIK H . -2.58 -10.11 29.48
O3 PIK H . -1.96 -8.26 27.65
O4 PIK H . -3.94 -8.92 25.63
O5 PIK H . -5.50 -11.21 26.36
O6 PIK H . -3.81 -13.44 27.04
P4 PIK H . -4.38 -7.34 25.73
O41 PIK H . -3.15 -6.51 26.01
O42 PIK H . -5.36 -7.15 26.86
O43 PIK H . -5.00 -6.90 24.42
P5 PIK H . -6.18 -12.24 25.27
O51 PIK H . -7.58 -11.79 24.93
O52 PIK H . -6.23 -13.62 25.87
O53 PIK H . -5.33 -12.27 24.03
C9 PIK H . -0.96 -16.75 30.31
OA1 PIK H . -1.19 -17.05 31.66
CA1 PIK H . -2.16 -18.04 31.87
OA2 PIK H . -2.76 -18.47 30.96
CA2 PIK H . -2.42 -18.54 33.29
CA3 PIK H . -2.98 -17.41 34.15
CA4 PIK H . -2.39 -17.50 35.55
CA5 PIK H . -0.87 -17.40 35.50
CA6 PIK H . -0.37 -16.46 36.58
CA7 PIK H . 0.86 -15.71 36.07
CA8 PIK H . 0.49 -14.27 35.74
CA9 PIK H . 1.73 -13.50 35.32
CAA PIK H . 1.41 -12.00 35.24
CAB PIK H . 0.24 -11.75 34.29
CAC PIK H . -0.39 -10.41 34.62
CAD PIK H . -0.42 -9.52 33.38
CAE PIK H . -1.76 -9.71 32.66
CAF PIK H . -2.35 -8.34 32.31
CAG PIK H . -1.44 -7.61 31.33
P1 PIK I . 12.20 -24.81 13.01
O11 PIK I . 12.62 -25.85 14.00
O12 PIK I . 13.18 -24.81 11.86
O13 PIK I . 12.21 -23.32 13.73
CBG PIK I . 31.03 -22.98 18.54
CBF PIK I . 30.21 -22.27 19.61
CBE PIK I . 29.51 -23.30 20.49
CBD PIK I . 28.37 -22.64 21.26
CBC PIK I . 27.37 -22.02 20.30
CBB PIK I . 26.22 -21.39 21.08
CBA PIK I . 24.93 -21.48 20.26
CB9 PIK I . 24.48 -22.93 20.17
CB8 PIK I . 23.58 -23.09 18.94
CB7 PIK I . 22.13 -22.78 19.33
CB6 PIK I . 21.20 -23.05 18.15
CB5 PIK I . 20.16 -21.92 18.09
CB4 PIK I . 18.91 -22.40 17.37
CB3 PIK I . 17.69 -21.66 17.94
CB2 PIK I . 16.90 -21.02 16.80
CB1 PIK I . 15.79 -21.96 16.34
OB2 PIK I . 15.76 -23.08 16.73
OB1 PIK I . 14.79 -21.49 15.47
C8 PIK I . 13.65 -22.30 15.36
C7 PIK I . 13.42 -22.66 13.90
C1 PIK I . 10.40 -24.92 11.10
C2 PIK I . 9.00 -24.28 10.99
C3 PIK I . 8.38 -24.30 9.58
C4 PIK I . 8.52 -25.68 8.91
C5 PIK I . 10.00 -26.09 8.88
C6 PIK I . 10.54 -26.23 10.32
O1 PIK I . 10.69 -25.16 12.45
O2 PIK I . 8.13 -24.96 11.85
O3 PIK I . 7.03 -23.99 9.68
O4 PIK I . 8.02 -25.61 7.60
O5 PIK I . 10.17 -27.30 8.19
O6 PIK I . 11.91 -26.57 10.27
P4 PIK I . 6.48 -26.15 7.31
O41 PIK I . 6.46 -27.66 7.23
O42 PIK I . 5.57 -25.69 8.41
O43 PIK I . 6.00 -25.58 6.00
P5 PIK I . 10.97 -27.26 6.74
O51 PIK I . 12.40 -26.87 6.97
O52 PIK I . 10.91 -28.63 6.12
O53 PIK I . 10.32 -26.25 5.84
C9 PIK I . 12.45 -21.54 15.93
OA1 PIK I . 12.78 -20.93 17.14
CA1 PIK I . 11.76 -20.19 17.75
OA2 PIK I . 10.63 -20.31 17.40
CA2 PIK I . 12.08 -19.22 18.87
CA3 PIK I . 12.54 -17.89 18.30
CA4 PIK I . 12.77 -16.91 19.44
CA5 PIK I . 13.92 -17.40 20.31
CA6 PIK I . 15.15 -16.52 20.05
CA7 PIK I . 16.21 -17.34 19.33
CA8 PIK I . 17.09 -16.44 18.48
CA9 PIK I . 18.32 -17.25 18.05
CAA PIK I . 18.90 -16.70 16.75
CAB PIK I . 19.82 -17.74 16.13
CAC PIK I . 20.92 -17.04 15.32
CAD PIK I . 21.59 -18.05 14.41
CAE PIK I . 23.03 -17.63 14.14
CAF PIK I . 23.79 -18.79 13.49
CAG PIK I . 25.08 -18.26 12.86
C1 PIO J . 15.18 -23.19 -6.23
O1 PIO J . 15.58 -24.06 -5.20
P1 PIO J . 16.75 -23.56 -4.14
C2 PIO J . 13.90 -22.44 -5.80
O2 PIO J . 13.61 -22.76 -4.46
C3 PIO J . 12.63 -22.72 -6.64
O3 PIO J . 12.03 -23.90 -6.18
C4 PIO J . 12.88 -22.82 -8.17
O4 PIO J . 12.48 -21.60 -8.73
P4 PIO J . 10.92 -21.41 -9.21
C5 PIO J . 14.33 -23.10 -8.59
O5 PIO J . 14.40 -23.70 -9.86
P5 PIO J . 14.20 -22.76 -11.20
C6 PIO J . 15.05 -23.97 -7.56
O6 PIO J . 16.33 -24.29 -8.04
O11 PIO J . 16.35 -22.24 -3.54
O12 PIO J . 16.89 -24.58 -3.03
O13 PIO J . 18.19 -23.42 -4.92
C1A PIO J . 21.32 -22.98 -4.84
O1A PIO J . 21.26 -22.28 -3.89
C1B PIO J . 20.51 -25.63 -9.00
O1B PIO J . 21.53 -25.04 -9.17
C1C PIO J . 18.64 -24.46 -5.73
C2A PIO J . 22.42 -24.03 -4.93
C2B PIO J . 20.46 -27.13 -9.27
C2C PIO J . 19.91 -23.99 -6.45
O2C PIO J . 20.40 -22.81 -5.87
C3A PIO J . 23.61 -23.44 -5.67
C3B PIO J . 21.80 -27.78 -8.93
C3C PIO J . 19.61 -23.74 -7.93
O3C PIO J . 19.36 -24.95 -8.57
O41 PIO J . 10.44 -22.70 -9.84
O42 PIO J . 10.85 -20.30 -10.23
O43 PIO J . 10.05 -21.07 -8.03
C4A PIO J . 24.61 -24.55 -5.94
C4B PIO J . 21.57 -29.22 -8.48
O51 PIO J . 14.49 -21.33 -10.85
O52 PIO J . 15.10 -23.20 -12.33
O53 PIO J . 12.76 -22.88 -11.65
C5A PIO J . 24.79 -24.71 -7.44
C5B PIO J . 22.76 -29.72 -7.68
C6A PIO J . 25.66 -25.93 -7.71
C6B PIO J . 22.30 -30.27 -6.33
C7A PIO J . 27.07 -25.66 -7.22
C7B PIO J . 21.95 -29.11 -5.39
C8A PIO J . 27.70 -24.56 -8.07
C8B PIO J . 23.22 -28.55 -4.76
C1 PCW K . 19.00 -39.15 -13.08
C2 PCW K . 19.99 -37.98 -13.07
C3 PCW K . 20.49 -37.74 -11.64
C4 PCW K . 17.39 -40.33 -17.06
C5 PCW K . 17.30 -41.83 -17.44
C6 PCW K . 15.33 -41.67 -18.78
C7 PCW K . 17.44 -41.22 -19.79
C8 PCW K . 16.84 -43.42 -19.18
C11 PCW K . 21.81 -36.18 -10.36
C12 PCW K . 22.71 -34.93 -10.20
C13 PCW K . 24.06 -35.10 -10.95
C14 PCW K . 24.65 -33.72 -11.29
C15 PCW K . 25.56 -33.84 -12.55
C16 PCW K . 26.27 -32.48 -12.83
C17 PCW K . 27.61 -32.66 -13.61
C18 PCW K . 27.39 -33.45 -14.94
C19 PCW K . 28.49 -33.09 -15.99
C20 PCW K . 28.83 -33.98 -16.93
C21 PCW K . 29.92 -33.63 -17.97
C22 PCW K . 30.23 -34.92 -18.80
C23 PCW K . 30.84 -34.56 -20.18
C24 PCW K . 32.31 -34.05 -20.10
C31 PCW K . 22.22 -38.94 -13.57
C32 PCW K . 23.61 -38.23 -13.56
C33 PCW K . 24.65 -39.14 -14.31
C34 PCW K . 25.50 -38.27 -15.30
C35 PCW K . 27.00 -38.32 -14.89
C36 PCW K . 27.78 -39.29 -15.83
C37 PCW K . 29.31 -39.05 -15.65
C38 PCW K . 30.09 -39.68 -16.86
C39 PCW K . 31.25 -38.74 -17.24
C40 PCW K . 31.94 -38.89 -18.39
C41 PCW K . 31.60 -40.02 -19.39
C42 PCW K . 32.92 -40.53 -20.02
C43 PCW K . 32.73 -40.78 -21.53
C44 PCW K . 33.64 -39.79 -22.31
C45 PCW K . 34.36 -40.52 -23.45
C46 PCW K . 33.34 -40.93 -24.52
C47 PCW K . 34.04 -41.31 -25.83
C48 PCW K . 34.22 -42.83 -25.87
N PCW K . 16.74 -42.03 -18.80
O2 PCW K . 21.05 -38.23 -13.99
O3 PCW K . 21.36 -36.61 -11.65
O11 PCW K . 21.49 -36.79 -9.39
O31 PCW K . 22.16 -40.07 -13.24
O1P PCW K . 15.92 -39.19 -13.67
O2P PCW K . 16.95 -41.39 -13.95
O3P PCW K . 18.41 -39.28 -14.38
O4P PCW K . 16.42 -40.03 -16.07
P PCW K . 16.90 -39.99 -14.48
C1 CPL L . 24.57 21.54 -33.05
C2 CPL L . 25.27 22.57 -32.17
C3 CPL L . 24.70 23.96 -32.41
C4 CPL L . 23.06 23.73 -36.98
C5 CPL L . 22.99 25.22 -37.37
C6 CPL L . 21.85 26.92 -38.53
C7 CPL L . 21.69 24.69 -39.33
C8 CPL L . 20.65 25.37 -37.28
C11 CPL L . 25.13 26.21 -31.91
C12 CPL L . 24.50 26.85 -33.16
C31 CPL L . 26.29 22.16 -30.11
C32 CPL L . 26.51 21.07 -29.08
C33 CPL L . 28.01 20.80 -28.94
C34 CPL L . 28.21 19.49 -28.19
C35 CPL L . 27.68 19.63 -26.76
C36 CPL L . 28.66 18.96 -25.80
N CPL L . 21.80 25.52 -38.14
O2 CPL L . 25.10 22.22 -30.84
O3 CPL L . 25.62 24.90 -31.95
O11 CPL L . 25.20 26.84 -30.91
O31 CPL L . 27.14 22.96 -30.31
O1P CPL L . 24.23 21.44 -35.84
O2P CPL L . 21.84 21.21 -35.42
O3P CPL L . 23.34 22.03 -33.50
O4P CPL L . 22.85 23.56 -35.63
P CPL L . 23.06 22.02 -35.11
P1 PIK M . 21.58 16.01 -19.45
O11 PIK M . 20.41 16.96 -19.61
O12 PIK M . 21.68 15.08 -20.62
O13 PIK M . 22.95 16.91 -19.43
CBG PIK M . 17.92 6.53 -13.90
CBF PIK M . 19.32 6.50 -13.29
CBE PIK M . 20.36 6.49 -14.41
CBD PIK M . 21.69 6.00 -13.86
CBC PIK M . 22.81 6.90 -14.35
CBB PIK M . 22.81 8.20 -13.53
CBA PIK M . 23.91 8.19 -12.48
CB9 PIK M . 24.95 9.25 -12.82
CB8 PIK M . 24.30 10.62 -12.90
CB7 PIK M . 25.33 11.65 -13.34
CB6 PIK M . 24.64 12.84 -14.01
CB5 PIK M . 25.69 13.76 -14.62
CB4 PIK M . 24.97 14.92 -15.30
CB3 PIK M . 25.56 16.25 -14.85
CB2 PIK M . 24.42 17.26 -14.72
CB1 PIK M . 24.53 18.33 -15.78
OB2 PIK M . 25.59 18.75 -16.09
OB1 PIK M . 23.37 18.89 -16.34
C8 PIK M . 22.67 18.27 -17.41
C7 PIK M . 23.55 17.31 -18.23
C1 PIK M . 20.46 14.23 -17.67
C2 PIK M . 21.17 12.90 -17.39
C3 PIK M . 20.20 11.79 -17.01
C4 PIK M . 19.09 11.60 -18.06
C5 PIK M . 18.35 12.91 -18.37
C6 PIK M . 19.30 14.09 -18.67
O1 PIK M . 21.45 15.19 -18.02
O2 PIK M . 21.85 12.51 -18.55
O3 PIK M . 20.96 10.61 -16.88
O4 PIK M . 18.13 10.70 -17.56
O5 PIK M . 17.55 12.72 -19.51
O6 PIK M . 18.56 15.27 -18.65
P4 PIK M . 18.29 9.08 -17.82
O41 PIK M . 19.28 8.51 -16.82
O42 PIK M . 18.81 8.83 -19.22
O43 PIK M . 16.96 8.40 -17.64
P5 PIK M . 16.10 13.49 -19.63
O51 PIK M . 15.20 12.76 -20.60
O52 PIK M . 16.34 14.90 -20.12
O53 PIK M . 15.47 13.54 -18.26
C9 PIK M . 22.13 19.38 -18.29
OA1 PIK M . 23.11 19.77 -19.21
CA1 PIK M . 22.62 20.58 -20.25
OA2 PIK M . 21.47 20.81 -20.34
CA2 PIK M . 23.60 21.18 -21.26
CA3 PIK M . 24.26 20.07 -22.06
CA4 PIK M . 25.73 20.41 -22.31
CA5 PIK M . 26.45 20.60 -20.98
CA6 PIK M . 27.79 19.87 -21.00
CA7 PIK M . 28.09 19.32 -19.61
CA8 PIK M . 27.93 17.81 -19.61
CA9 PIK M . 28.31 17.24 -18.25
CAA PIK M . 28.37 15.71 -18.32
CAB PIK M . 27.03 15.16 -18.80
CAC PIK M . 27.25 13.76 -19.37
CAD PIK M . 26.35 12.75 -18.65
CAE PIK M . 25.04 12.60 -19.43
CAF PIK M . 24.70 11.12 -19.61
CAG PIK M . 24.46 10.47 -18.25
P1 PIK N . 12.45 27.88 0.99
O11 PIK N . 13.30 29.10 0.73
O12 PIK N . 11.95 27.95 2.41
O13 PIK N . 13.35 26.51 0.77
CBG PIK N . 26.80 30.19 14.30
CBF PIK N . 27.44 29.46 13.12
CBE PIK N . 27.65 30.43 11.96
CBD PIK N . 27.86 29.66 10.66
CBC PIK N . 26.65 28.76 10.38
CBB PIK N . 26.86 28.02 9.06
CBA PIK N . 25.52 27.78 8.39
CB9 PIK N . 24.94 29.10 7.90
CB8 PIK N . 23.43 28.95 7.75
CB7 PIK N . 23.10 28.43 6.35
CB6 PIK N . 21.59 28.37 6.14
CB5 PIK N . 21.25 27.08 5.41
CB4 PIK N . 19.92 27.24 4.67
CB3 PIK N . 19.93 26.36 3.43
CB2 PIK N . 18.69 25.46 3.41
CB1 PIK N . 17.57 26.12 2.60
OB2 PIK N . 17.69 27.26 2.27
OB1 PIK N . 16.43 25.39 2.26
C8 PIK N . 15.63 25.95 1.27
C7 PIK N . 14.20 26.10 1.79
C1 PIK N . 9.91 27.46 0.44
C2 PIK N . 9.25 26.56 -0.62
C3 PIK N . 7.74 26.32 -0.42
C4 PIK N . 6.98 27.62 -0.10
C5 PIK N . 7.61 28.29 1.13
C6 PIK N . 9.06 28.69 0.83
O1 PIK N . 11.16 27.89 -0.04
O2 PIK N . 9.43 27.15 -1.88
O3 PIK N . 7.21 25.77 -1.60
O4 PIK N . 5.64 27.32 0.15
O5 PIK N . 6.89 29.43 1.50
O6 PIK N . 9.64 29.26 1.97
P4 PIK N . 4.53 27.53 -1.05
O41 PIK N . 4.16 28.98 -1.20
O42 PIK N . 5.10 27.02 -2.35
O43 PIK N . 3.28 26.74 -0.73
P5 PIK N . 6.06 29.39 2.93
O51 PIK N . 7.04 29.29 4.07
O52 PIK N . 5.24 30.65 3.07
O53 PIK N . 5.16 28.19 2.96
C9 PIK N . 15.65 25.05 0.03
OA1 PIK N . 16.96 24.64 -0.25
CA1 PIK N . 17.11 23.80 -1.35
OA2 PIK N . 16.24 23.66 -2.14
CA2 PIK N . 18.41 23.03 -1.56
CA3 PIK N . 18.40 21.76 -0.73
CA4 PIK N . 19.66 20.96 -1.02
CA5 PIK N . 20.88 21.74 -0.55
CA6 PIK N . 21.43 21.09 0.72
CA7 PIK N . 21.19 22.01 1.90
CA8 PIK N . 21.07 21.20 3.19
CA9 PIK N . 21.16 22.17 4.38
CAA PIK N . 20.45 21.61 5.59
CAB PIK N . 20.17 22.74 6.59
CAC PIK N . 20.18 22.18 8.01
CAD PIK N . 19.53 23.18 8.95
CAE PIK N . 20.10 23.02 10.36
CAF PIK N . 19.72 24.23 11.21
CAG PIK N . 19.92 23.89 12.69
#